data_3JBR
#
_entry.id   3JBR
#
_cell.length_a   1
_cell.length_b   1
_cell.length_c   1
_cell.angle_alpha   90
_cell.angle_beta   90
_cell.angle_gamma   90
#
_symmetry.space_group_name_H-M   'P 1'
#
loop_
_entity.id
_entity.type
_entity.pdbx_description
1 polymer 'Voltage-dependent L-type calcium channel subunit alpha-1S'
2 polymer 'Voltage-dependent L-type calcium channel subunit beta-2'
3 polymer 'Voltage-dependent calcium channel gamma-1 subunit'
4 polymer 'Voltage-dependent calcium channel subunit alpha-2/delta-1'
5 non-polymer 'CALCIUM ION'
6 non-polymer 2-acetamido-2-deoxy-beta-D-glucopyranose
7 non-polymer beta-D-mannopyranose
#
loop_
_entity_poly.entity_id
_entity_poly.type
_entity_poly.pdbx_seq_one_letter_code
_entity_poly.pdbx_strand_id
1 'polypeptide(L)'
;MEPSSPQDEGLRKKQPKKPLPEVLPRPPRALFCLTLQNPLRKACISIVEWKPFETIILLTIFANCVALAVYLPMPEDDNN
SLNLGLEKLEYFFLTVFSIEAAMKIIAYGFLFHQDAYLRSGWNVLDFIIVFLGVFTAILEQVNVIQSNTAPMSSKGAGLD
VKALRAFRVLRPLRLVSGVPSLQVVLNSIFKAMLPLFHIALLVLFMVIIYAIIGLELFKGKMHKTCYYIGTDIVATVENE
KPSPCARTGSGRPCTINGSECRGGWPGPNHGITHFDNFGFSMLTVYQCITMEGWTDVLYWVNDAIGNEWPWIYFVTLILL
GSFFILNLVLGVLSGEFTKEREKAKSRGTFQKLREKQQLEEDLRGYMSWITQGEVMDVEDLREGKLSLEEGGSDTESLYE
IEGLNKIIQFIRHWRQWNRVFRWKCHDLVKSRVFYWLVILIVALNTLSIASEHHNQPLWLTHLQDIANRVLLSLFTIEML
LKMYGLGLRQYFMSIFNRFDCFVVCSGILELLLVESGAMTPLGISVLRCIRLLRLFKITKYWTSLSNLVASLLNSIRSIA
SLLLLLFLFIIIFALLGMQLFGGRYDFEDTEVRRSNFDNFPQALISVFQVLTGEDWNSVMYNGIMAYGGPSYPGVLVCIY
FIILFVCGNYILLNVFLAIAVDNLAEAESLTSAQKAKAEERKRRKMSRGLPDKTEEEKSVMAKKLEQKPKGEGIPTTAKL
KVDEFESNVNEVKDPYPSADFPGDDEEDEPEIPVSPRPRPLAELQLKEKAVPIPEASSFFIFSPTNKVRVLCHRIVNATW
FTNFILLFILLSSAALAAEDPIRAESVRNQILGYFDIAFTSVFTVEIVLKMTTYGAFLHKGSFCRNYFNILDLLVVAVSL
ISMGLESSTISVVKILRVLRVLRPLRAINRAKGLKHVVQCVFVAIRTIGNIVLVTTLLQFMFACIGVQLFKGKFFSCNDL
SKMTEEECRGYYYVYKDGDPTQMELRPRQWIHNDFHFDNVLSAMMSLFTVSTFEGWPQLLYRAIDSNEEDMGPVYNNRVE
MAIFFIIYIILIAFFMMNIFVGFVIVTFQEQGETEYKNCELDKNQRQCVQYALKARPLRCYIPKNPYQYQVWYVVTSSYF
EYLMFALIMLNTICLGMQHYHQSEEMNHISDILNVAFTIIFTLEMILKLLAFKARGYFGDPWNVFDFLIVIGSIIDVILS
EIDTFLASSGGLYCLGGGCGNVDPDESARISSAFFRLFRVMRLIKLLSRAEGVRTLLWTFIKSFQALPYVALLIVMLFFI
YAVIGMQMFGKIALVDGTQINRNNNFQTFPQAVLLLFRCATGEAWQEILLACSYGKLCDPESDYAPGEEYTCGTNFAYYY
FISFYMLCAFLIINLFVAVIMDNFDYLTRDWSILG(UNK)(UNK)(UNK)(UNK)(UNK)(UNK)(UNK)(UNK)(UNK)
(UNK)(UNK)(UNK)(UNK)(UNK)(UNK)(UNK)(UNK)(UNK)(UNK)(UNK)(UNK)(UNK)(UNK)(UNK)(UNK)
(UNK)(UNK)(UNK)(UNK)(UNK)(UNK)(UNK)(UNK)(UNK)(UNK)(UNK)(UNK)(UNK)(UNK)(UNK)(UNK)
(UNK)(UNK)(UNK)(UNK)(UNK)(UNK)(UNK)(UNK)(UNK)(UNK)(UNK)(UNK)(UNK)(UNK)(UNK)(UNK)
(UNK)(UNK)(UNK)(UNK)(UNK)(UNK)(UNK)(UNK)(UNK)(UNK)(UNK)(UNK)(UNK)(UNK)(UNK)(UNK)
(UNK)(UNK)(UNK)(UNK)(UNK)(UNK)(UNK)(UNK)(UNK)(UNK)(UNK)(UNK)(UNK)(UNK)(UNK)(UNK)
(UNK)(UNK)(UNK)(UNK)(UNK)(UNK)(UNK)(UNK)(UNK)(UNK)(UNK)(UNK)(UNK)(UNK)(UNK)(UNK)
(UNK)(UNK)(UNK)(UNK)(UNK)(UNK)(UNK)(UNK)(UNK)(UNK)(UNK)(UNK)(UNK)(UNK)(UNK)(UNK)
(UNK)(UNK)(UNK)(UNK)GKFYATFLIQEHFRKFMKRQEEYYGYRPKKDTVQIQAGLRTIEEEAAPEIRRTISGDLTA
EEELERAMVEAAMEERIFRRTGGLFGQVDTFLERTNSLPPVMANQRPLQFAEIEMEELESPVFLEDFPQDARTNPLARAN
TNNANANVAYGNSNHSNNQMFSSVHCEREFPGEAETPAAGRGALSHSHRALGPHSKPCAGKLNGQLVQPGMPINQAPPAP
CQQPSTDPPERGQRRTSLTGSLQDEAPQRRSSEGSTPRRPAPATALLIQEALVRGGLDTLAADAGFVTATSQALADACQM
EPEEVEVAATELLKARESVQGMASVPGSLSRRSSLGSLDQVQGSQETLIPPRP
;
A
2 'polypeptide(L)'
;GHMGSADSYTSRPSDSDVSLEEDREAVRREAERQAQAQLEKAKTKPVAFAVRTNVRYSAAQEDDVPVPGMAISFEAKDFL
HVKEKFNNDWWIGRLVKEGCEIGFIPSPVKLENMRLQHEQRAKQGKFYSSKSMSKEKRMPFFKKTEHTPPYDVVPSMRPV
VLVGPSLKGYEVTDMMQKALFDFLKHRFEGRISITRVTADISLAKRSVLNNPSKHAIIERSNTRSSLAEVQSEIERIFEL
ARTLQLVVLDADTINHPAQLSKTSLAPIIVYVKISSPKVLQRLIKSRGKSQAKHLNVQMVAADKLAQCPPQESFDVILDE
NQLEDACEHLADYLEAYWKATHPPSSNLPNPLLSRT
;
B
3 'polypeptide(L)'
;MSPTEAPKVRVTLFCILVGIVLAMTAVVSDHWAVLSPHMENHNTTCEAAHFGLWRICTKRIALGEDRSCGPITLPGEKNC
SYFRHFNPGESSEIFEFTTQKEYSISAAAISVFSLGFLIMGTICALMAFRKKRDYLLRPASMFYVFAGLCLFVSLEVMRQ
SVKRMIDSEDTVWIEYYYSWSFACACAAFVLLFLGGISLLLFSLPRMPQNPWESCMDAEPEH
;
E
4 'polypeptide(L)'
;MAAGRPLAWTLTLWQAWLILIGPSSEEPFPSAVTIKSWV(UNK)(UNK)(UNK)(UNK)(UNK)(UNK)(UNK)(UNK)
(UNK)(UNK)(UNK)(UNK)(UNK)(UNK)(UNK)(UNK)VHQLVDIYEKYQDLYTVEPNNARQLVEIAARDIEKLLSNR
SKALVRLALEAEKVQAAHQWREDFASNEVVYYNAKDDLDPEKNDSEPGSQRIKPVFIDDANFRRQVSYQHAAVHIPTDIY
EGSTIVLNELNWTSALDDVFKKNREEDPSLLWQVFGSATGLARYYPASPWVDNSRTPNKIDLYDVRRRPWYIQGAASPKD
MLILVDVSGSVSGLTLKLIRTSVSEMLETLSDDDFVNVASFNSNAQDVSCFQHLVQANVRNKKVLKDAVNNITAKGITDY
KKGFSFAFEQLLNYNVSRANCNKIIMLFTDGGEERAQEIFAKYNKDKKVRVFTFSVGQHNYDRGPIQWMACENKGYYYEI
PSIGAIRINTQEYLDVLGRPMVLAGDKAKQVQWTNVYLDALELGLVITGTLPVFNITGQFENKTNLKNQLILGVMGVDVS
LEDIKRLTPRFTLCPNGYYFAIDPNGYVLLHPNLQPKPIGVGIPTINLRKRRPNVQNPKSQEPVTLDFLDAELENDIKVE
IRNKMIDGESGEKTFRTLVKSQDERYIDKGNRTYTWTPVNGTDYSSLALVLPTYSFYYIKAKIEETITQARYSETLKPDN
FEESGY(UNK)(UNK)(UNK)(UNK)(UNK)(UNK)(UNK)(UNK)(UNK)(UNK)(UNK)(UNK)(UNK)(UNK)
(UNK)(UNK)(UNK)(UNK)(UNK)(UNK)(UNK)(UNK)(UNK)(UNK)(UNK)(UNK)(UNK)(UNK)(UNK)(UNK)
(UNK)(UNK)(UNK)(UNK)(UNK)(UNK)(UNK)(UNK)(UNK)(UNK)(UNK)(UNK)(UNK)(UNK)(UNK)(UNK)
(UNK)(UNK)(UNK)(UNK)(UNK)(UNK)(UNK)(UNK)(UNK)(UNK)(UNK)(UNK)(UNK)(UNK)(UNK)(UNK)
(UNK)(UNK)(UNK)(UNK)(UNK)(UNK)(UNK)(UNK)(UNK)(UNK)(UNK)(UNK)(UNK)(UNK)(UNK)(UNK)
(UNK)(UNK)(UNK)(UNK)(UNK)(UNK)(UNK)(UNK)(UNK)(UNK)(UNK)(UNK)(UNK)(UNK)(UNK)(UNK)
(UNK)(UNK)(UNK)(UNK)(UNK)(UNK)(UNK)(UNK)(UNK)(UNK)(UNK)(UNK)(UNK)(UNK)(UNK)(UNK)
(UNK)(UNK)(UNK)(UNK)(UNK)(UNK)(UNK)(UNK)(UNK)(UNK)(UNK)(UNK)(UNK)(UNK)(UNK)(UNK)
(UNK)(UNK)(UNK)(UNK)(UNK)(UNK)(UNK)(UNK)(UNK)(UNK)(UNK)(UNK)(UNK)(UNK)(UNK)(UNK)
(UNK)(UNK)(UNK)(UNK)(UNK)(UNK)(UNK)(UNK)(UNK)(UNK)(UNK)(UNK)(UNK)(UNK)(UNK)(UNK)
(UNK)(UNK)(UNK)(UNK)(UNK)(UNK)(UNK)(UNK)(UNK)(UNK)(UNK)(UNK)(UNK)(UNK)(UNK)(UNK)
(UNK)(UNK)(UNK)(UNK)(UNK)(UNK)(UNK)(UNK)(UNK)(UNK)(UNK)(UNK)(UNK)(UNK)(UNK)(UNK)
(UNK)(UNK)(UNK)(UNK)(UNK)(UNK)(UNK)(UNK)(UNK)(UNK)(UNK)(UNK)(UNK)(UNK)(UNK)(UNK)
(UNK)(UNK)(UNK)(UNK)(UNK)(UNK)(UNK)(UNK)(UNK)(UNK)(UNK)(UNK)(UNK)(UNK)(UNK)(UNK)
(UNK)(UNK)(UNK)(UNK)(UNK)(UNK)(UNK)(UNK)(UNK)(UNK)(UNK)(UNK)(UNK)(UNK)(UNK)(UNK)
(UNK)(UNK)(UNK)(UNK)(UNK)(UNK)(UNK)(UNK)(UNK)(UNK)(UNK)(UNK)(UNK)(UNK)(UNK)(UNK)
(UNK)(UNK)(UNK)(UNK)(UNK)(UNK)(UNK)(UNK)(UNK)(UNK)(UNK)(UNK)(UNK)(UNK)(UNK)(UNK)
(UNK)(UNK)(UNK)(UNK)(UNK)(UNK)(UNK)(UNK)(UNK)(UNK)(UNK)(UNK)(UNK)(UNK)(UNK)(UNK)
(UNK)(UNK)(UNK)(UNK)(UNK)(UNK)(UNK)(UNK)RLLEAADMEDDDFTASMSKQSCITEQTQYFFDNDSKSFSG
VLDCGNCSRIFHVEKLMNTNLIFIMVESKGTCPCDTRLLIQAEQTSDGPDPCDMVKQPRYRKGPDVCFDNNVLEDYTDCG
GVSGLNPSLWSIIGIQFVLLWLVSGSRHCLL
;
F
#
# COMPACT_ATOMS: atom_id res chain seq x y z
N PHE A 32 28.13 -32.98 36.77
CA PHE A 32 29.58 -32.91 36.89
C PHE A 32 30.00 -31.85 37.90
N CYS A 33 29.33 -30.69 37.85
CA CYS A 33 29.63 -29.55 38.72
C CYS A 33 31.07 -29.07 38.55
N LEU A 34 31.46 -28.11 39.38
CA LEU A 34 32.81 -27.56 39.35
C LEU A 34 33.18 -26.93 40.68
N THR A 35 34.47 -26.94 41.01
CA THR A 35 34.99 -26.36 42.24
C THR A 35 34.26 -26.89 43.46
N LEU A 36 33.05 -26.36 43.68
CA LEU A 36 32.16 -26.76 44.77
C LEU A 36 32.71 -26.41 46.15
N GLN A 37 31.81 -26.05 47.06
CA GLN A 37 32.19 -25.71 48.42
C GLN A 37 31.02 -25.88 49.37
N ASN A 38 31.32 -26.27 50.60
CA ASN A 38 30.29 -26.42 51.61
C ASN A 38 30.00 -25.07 52.25
N PRO A 39 30.09 -25.02 53.58
CA PRO A 39 29.91 -23.78 54.32
C PRO A 39 28.61 -23.07 54.00
N LEU A 40 28.69 -21.77 53.77
CA LEU A 40 27.52 -20.93 53.56
C LEU A 40 26.79 -21.23 52.25
N ARG A 41 27.51 -21.80 51.28
CA ARG A 41 26.95 -22.01 49.95
C ARG A 41 25.75 -22.94 49.97
N LYS A 42 25.85 -24.01 50.76
CA LYS A 42 24.75 -24.98 50.87
C LYS A 42 23.53 -24.38 51.54
N ALA A 43 23.78 -23.43 52.44
CA ALA A 43 22.69 -22.75 53.15
C ALA A 43 21.96 -21.79 52.22
N CYS A 44 22.74 -21.02 51.46
CA CYS A 44 22.14 -20.10 50.50
C CYS A 44 21.40 -20.85 49.40
N ILE A 45 21.92 -22.01 49.00
CA ILE A 45 21.26 -22.85 48.02
C ILE A 45 19.98 -23.46 48.59
N SER A 46 20.02 -23.80 49.88
CA SER A 46 18.84 -24.31 50.54
C SER A 46 17.77 -23.23 50.60
N ILE A 47 18.22 -21.98 50.75
CA ILE A 47 17.32 -20.84 50.69
C ILE A 47 16.75 -20.69 49.28
N VAL A 48 17.58 -20.99 48.28
CA VAL A 48 17.16 -20.90 46.89
C VAL A 48 16.28 -22.08 46.52
N GLU A 49 16.30 -23.11 47.38
CA GLU A 49 15.48 -24.29 47.18
C GLU A 49 14.05 -24.07 47.67
N TRP A 50 13.84 -22.92 48.30
CA TRP A 50 12.54 -22.62 48.91
C TRP A 50 11.45 -22.30 47.88
N LYS A 51 11.11 -21.02 47.77
CA LYS A 51 9.94 -20.60 47.01
C LYS A 51 9.93 -19.12 46.59
N PRO A 52 10.15 -18.18 47.53
CA PRO A 52 9.88 -16.77 47.21
C PRO A 52 10.64 -16.21 46.03
N PHE A 53 11.87 -16.69 45.84
CA PHE A 53 12.81 -16.05 44.93
C PHE A 53 12.28 -16.10 43.50
N GLU A 54 11.54 -17.17 43.22
CA GLU A 54 10.97 -17.41 41.91
C GLU A 54 10.08 -16.25 41.51
N THR A 55 9.15 -15.94 42.40
CA THR A 55 8.16 -14.92 42.15
C THR A 55 8.84 -13.59 41.96
N ILE A 56 9.93 -13.40 42.71
CA ILE A 56 10.64 -12.14 42.65
C ILE A 56 11.27 -11.96 41.28
N ILE A 57 11.95 -13.00 40.83
CA ILE A 57 12.62 -12.92 39.55
C ILE A 57 11.60 -12.77 38.42
N LEU A 58 10.45 -13.42 38.59
CA LEU A 58 9.46 -13.37 37.53
C LEU A 58 8.90 -11.96 37.45
N LEU A 59 8.49 -11.43 38.58
CA LEU A 59 7.86 -10.13 38.59
C LEU A 59 8.83 -9.04 38.19
N THR A 60 10.08 -9.18 38.53
CA THR A 60 11.06 -8.20 38.08
C THR A 60 11.30 -8.35 36.58
N ILE A 61 11.15 -9.55 36.05
CA ILE A 61 11.16 -9.71 34.60
C ILE A 61 9.98 -8.99 33.99
N PHE A 62 8.87 -9.00 34.70
CA PHE A 62 7.70 -8.30 34.23
C PHE A 62 8.03 -6.83 34.21
N ALA A 63 8.81 -6.42 35.20
CA ALA A 63 9.27 -5.04 35.27
C ALA A 63 10.15 -4.74 34.08
N ASN A 64 10.89 -5.75 33.64
CA ASN A 64 11.70 -5.60 32.46
C ASN A 64 10.82 -5.32 31.27
N CYS A 65 9.79 -6.13 31.14
CA CYS A 65 8.92 -6.04 29.98
C CYS A 65 8.29 -4.66 29.92
N VAL A 66 7.78 -4.22 31.06
CA VAL A 66 7.08 -2.96 31.10
C VAL A 66 8.04 -1.80 30.84
N ALA A 67 9.17 -1.82 31.53
CA ALA A 67 10.10 -0.72 31.46
C ALA A 67 10.64 -0.59 30.06
N LEU A 68 10.81 -1.71 29.39
CA LEU A 68 11.33 -1.67 28.03
C LEU A 68 10.25 -1.23 27.07
N ALA A 69 9.03 -1.69 27.30
CA ALA A 69 7.93 -1.34 26.44
C ALA A 69 7.74 0.15 26.47
N VAL A 70 7.99 0.73 27.63
CA VAL A 70 7.95 2.17 27.73
C VAL A 70 9.18 2.75 27.07
N TYR A 71 10.30 2.06 27.23
CA TYR A 71 11.59 2.59 26.81
C TYR A 71 11.61 2.80 25.33
N LEU A 72 10.85 1.99 24.62
CA LEU A 72 10.75 2.12 23.18
C LEU A 72 10.15 3.47 22.83
N PRO A 73 9.33 3.98 23.73
CA PRO A 73 8.73 5.30 23.54
C PRO A 73 9.53 6.33 24.30
N MET A 74 10.24 7.19 23.58
CA MET A 74 10.34 7.10 22.13
C MET A 74 11.77 6.73 21.74
N PRO A 75 12.31 7.47 20.79
CA PRO A 75 13.70 7.28 20.38
C PRO A 75 14.19 8.48 19.59
N GLU A 76 14.12 8.36 18.27
CA GLU A 76 14.54 9.43 17.36
C GLU A 76 15.95 9.89 17.65
N ASP A 77 16.87 8.93 17.73
CA ASP A 77 18.27 9.16 18.12
C ASP A 77 18.39 9.64 19.56
N ASP A 78 18.88 10.86 19.77
CA ASP A 78 19.20 11.36 21.11
C ASP A 78 17.97 11.75 21.93
N ASN A 79 17.95 12.99 22.38
CA ASN A 79 16.85 13.54 23.19
C ASN A 79 16.57 12.72 24.45
N ASN A 80 15.67 11.76 24.30
CA ASN A 80 15.18 10.92 25.41
C ASN A 80 14.45 11.74 26.47
N SER A 81 13.68 11.05 27.30
CA SER A 81 12.88 11.72 28.31
C SER A 81 12.83 10.94 29.61
N LEU A 82 11.70 10.29 29.87
CA LEU A 82 11.51 9.53 31.09
C LEU A 82 12.43 8.32 31.20
N ASN A 83 12.75 7.72 30.06
CA ASN A 83 13.54 6.49 30.02
C ASN A 83 14.95 6.74 30.53
N LEU A 84 15.32 8.01 30.49
CA LEU A 84 16.67 8.45 30.78
C LEU A 84 17.04 8.01 32.19
N GLY A 85 16.05 7.93 33.07
CA GLY A 85 16.27 7.39 34.40
C GLY A 85 16.23 5.87 34.46
N LEU A 86 15.49 5.27 33.53
CA LEU A 86 15.36 3.81 33.49
C LEU A 86 16.71 3.22 33.14
N GLU A 87 17.52 4.07 32.54
CA GLU A 87 18.83 3.68 32.05
C GLU A 87 19.70 3.10 33.16
N LYS A 88 19.48 3.58 34.38
CA LYS A 88 20.12 2.99 35.55
C LYS A 88 19.43 1.68 35.90
N LEU A 89 18.13 1.69 35.68
CA LEU A 89 17.30 0.63 36.20
C LEU A 89 17.64 -0.68 35.52
N GLU A 90 18.06 -0.63 34.26
CA GLU A 90 18.50 -1.88 33.64
C GLU A 90 19.74 -2.43 34.33
N TYR A 91 20.57 -1.53 34.85
CA TYR A 91 21.68 -1.96 35.69
C TYR A 91 21.15 -2.60 36.95
N PHE A 92 20.01 -2.09 37.43
CA PHE A 92 19.43 -2.70 38.62
C PHE A 92 19.05 -4.14 38.35
N PHE A 93 18.34 -4.36 37.24
CA PHE A 93 17.96 -5.71 36.88
C PHE A 93 19.21 -6.54 36.68
N LEU A 94 20.24 -5.88 36.16
CA LEU A 94 21.49 -6.54 35.88
C LEU A 94 22.05 -7.12 37.14
N THR A 95 22.19 -6.29 38.15
CA THR A 95 22.83 -6.72 39.38
C THR A 95 21.96 -7.76 40.08
N VAL A 96 20.64 -7.67 39.93
CA VAL A 96 19.81 -8.68 40.58
C VAL A 96 20.03 -10.04 39.92
N PHE A 97 19.97 -10.03 38.60
CA PHE A 97 20.08 -11.27 37.84
C PHE A 97 21.45 -11.86 38.08
N SER A 98 22.43 -10.96 38.23
CA SER A 98 23.80 -11.34 38.49
C SER A 98 23.94 -11.97 39.87
N ILE A 99 23.14 -11.50 40.81
CA ILE A 99 23.11 -12.11 42.12
C ILE A 99 22.56 -13.51 42.00
N GLU A 100 21.58 -13.66 41.12
CA GLU A 100 21.04 -14.99 40.89
C GLU A 100 22.09 -15.84 40.19
N ALA A 101 23.01 -15.19 39.48
CA ALA A 101 24.16 -15.89 38.91
C ALA A 101 25.10 -16.34 40.01
N ALA A 102 25.19 -15.54 41.07
CA ALA A 102 25.98 -15.93 42.22
C ALA A 102 25.33 -17.16 42.85
N MET A 103 24.00 -17.21 42.80
CA MET A 103 23.30 -18.41 43.21
C MET A 103 23.59 -19.56 42.25
N LYS A 104 23.80 -19.23 40.98
CA LYS A 104 24.05 -20.23 39.95
C LYS A 104 25.42 -20.85 40.19
N ILE A 105 26.29 -20.10 40.85
CA ILE A 105 27.57 -20.63 41.26
C ILE A 105 27.37 -21.77 42.23
N ILE A 106 26.29 -21.69 43.00
CA ILE A 106 25.94 -22.74 43.96
C ILE A 106 25.10 -23.84 43.33
N ALA A 107 24.74 -23.66 42.06
CA ALA A 107 23.84 -24.59 41.40
C ALA A 107 24.52 -25.91 41.08
N TYR A 108 24.84 -26.11 39.81
CA TYR A 108 25.44 -27.37 39.39
C TYR A 108 26.52 -27.19 38.32
N GLY A 109 26.89 -25.94 38.06
CA GLY A 109 27.97 -25.61 37.13
C GLY A 109 27.80 -26.31 35.78
N PHE A 110 28.74 -27.19 35.46
CA PHE A 110 28.71 -27.92 34.20
C PHE A 110 27.48 -28.82 34.10
N LEU A 111 27.06 -29.38 35.23
CA LEU A 111 25.83 -30.16 35.26
C LEU A 111 24.62 -29.27 35.02
N PHE A 112 24.71 -28.03 35.49
CA PHE A 112 23.62 -27.08 35.35
C PHE A 112 23.42 -26.67 33.89
N HIS A 113 24.50 -26.77 33.12
CA HIS A 113 24.48 -26.34 31.73
C HIS A 113 23.53 -27.17 30.88
N GLN A 114 23.29 -28.40 31.33
CA GLN A 114 22.50 -29.35 30.54
C GLN A 114 21.05 -28.88 30.31
N ASP A 115 20.49 -28.16 31.27
CA ASP A 115 19.12 -27.67 31.14
C ASP A 115 19.02 -26.63 30.02
N ALA A 116 17.95 -26.71 29.24
CA ALA A 116 17.78 -25.81 28.11
C ALA A 116 17.47 -24.39 28.56
N TYR A 117 16.48 -24.26 29.44
CA TYR A 117 16.07 -22.95 29.92
C TYR A 117 17.19 -22.29 30.68
N LEU A 118 17.90 -23.08 31.47
CA LEU A 118 19.04 -22.57 32.21
C LEU A 118 20.14 -22.16 31.25
N ARG A 119 20.22 -22.87 30.13
CA ARG A 119 21.25 -22.56 29.14
C ARG A 119 20.98 -21.18 28.58
N SER A 120 19.76 -20.97 28.11
CA SER A 120 19.40 -19.69 27.51
C SER A 120 19.51 -18.58 28.54
N GLY A 121 19.21 -18.91 29.79
CA GLY A 121 19.24 -17.92 30.86
C GLY A 121 20.67 -17.45 31.10
N TRP A 122 21.56 -18.41 31.18
CA TRP A 122 22.97 -18.13 31.36
C TRP A 122 23.48 -17.34 30.17
N ASN A 123 22.92 -17.66 29.01
CA ASN A 123 23.31 -16.98 27.78
C ASN A 123 22.98 -15.52 27.88
N VAL A 124 21.72 -15.25 28.23
CA VAL A 124 21.24 -13.89 28.32
C VAL A 124 22.05 -13.15 29.36
N LEU A 125 22.43 -13.89 30.40
CA LEU A 125 23.27 -13.32 31.43
C LEU A 125 24.58 -12.84 30.86
N ASP A 126 25.15 -13.64 29.96
CA ASP A 126 26.39 -13.23 29.32
C ASP A 126 26.16 -12.01 28.46
N PHE A 127 25.00 -11.94 27.82
CA PHE A 127 24.71 -10.79 26.97
C PHE A 127 24.59 -9.53 27.78
N ILE A 128 24.10 -9.65 29.00
CA ILE A 128 23.93 -8.48 29.86
C ILE A 128 25.25 -8.05 30.48
N ILE A 129 26.04 -9.03 30.91
CA ILE A 129 27.33 -8.74 31.49
C ILE A 129 28.22 -8.06 30.48
N VAL A 130 28.29 -8.65 29.29
CA VAL A 130 29.07 -8.06 28.22
C VAL A 130 28.45 -6.72 27.82
N PHE A 131 27.13 -6.64 27.93
CA PHE A 131 26.41 -5.41 27.62
C PHE A 131 26.96 -4.25 28.42
N LEU A 132 26.57 -4.18 29.69
CA LEU A 132 26.89 -2.99 30.45
C LEU A 132 28.37 -2.95 30.73
N GLY A 133 29.03 -4.10 30.64
CA GLY A 133 30.46 -4.15 30.85
C GLY A 133 31.13 -3.36 29.74
N VAL A 134 30.60 -3.49 28.53
CA VAL A 134 31.06 -2.63 27.44
C VAL A 134 30.61 -1.20 27.67
N PHE A 135 29.41 -1.04 28.24
CA PHE A 135 28.85 0.29 28.42
C PHE A 135 29.67 1.19 29.33
N THR A 136 30.28 0.59 30.35
CA THR A 136 31.06 1.35 31.31
C THR A 136 32.28 1.98 30.65
N ALA A 137 32.86 1.27 29.69
CA ALA A 137 34.01 1.77 28.96
C ALA A 137 33.61 2.96 28.08
N ILE A 138 32.37 2.95 27.64
CA ILE A 138 31.87 3.98 26.73
C ILE A 138 31.87 5.34 27.41
N LEU A 139 31.76 5.35 28.73
CA LEU A 139 31.87 6.58 29.49
C LEU A 139 33.30 7.12 29.44
N VAL A 161 27.60 0.18 19.56
CA VAL A 161 26.96 0.93 20.63
C VAL A 161 25.50 0.55 20.77
N LYS A 162 24.72 0.92 19.76
CA LYS A 162 23.29 0.64 19.75
C LYS A 162 23.02 -0.85 19.65
N ALA A 163 24.01 -1.60 19.19
CA ALA A 163 23.88 -3.04 19.09
C ALA A 163 23.68 -3.64 20.47
N LEU A 164 24.31 -3.04 21.46
CA LEU A 164 24.12 -3.45 22.84
C LEU A 164 22.66 -3.27 23.21
N ARG A 165 22.11 -2.15 22.76
CA ARG A 165 20.73 -1.80 23.03
C ARG A 165 19.80 -2.81 22.36
N ALA A 166 20.22 -3.29 21.20
CA ALA A 166 19.48 -4.33 20.52
C ALA A 166 19.54 -5.61 21.32
N PHE A 167 20.67 -5.81 21.99
CA PHE A 167 20.89 -7.02 22.77
C PHE A 167 20.09 -6.96 24.06
N ARG A 168 19.63 -5.77 24.40
CA ARG A 168 18.78 -5.57 25.57
C ARG A 168 17.43 -6.28 25.44
N VAL A 169 16.99 -6.46 24.19
CA VAL A 169 15.63 -6.88 23.92
C VAL A 169 15.53 -8.40 24.05
N LEU A 170 16.65 -9.03 24.36
CA LEU A 170 16.71 -10.47 24.52
C LEU A 170 15.99 -10.95 25.79
N ARG A 171 15.83 -10.03 26.74
CA ARG A 171 15.31 -10.33 28.07
C ARG A 171 13.95 -11.08 28.18
N PRO A 172 12.95 -10.69 27.36
CA PRO A 172 11.59 -11.22 27.58
C PRO A 172 11.48 -12.73 27.56
N LEU A 173 12.35 -13.39 26.80
CA LEU A 173 12.25 -14.85 26.65
C LEU A 173 12.34 -15.52 28.01
N ARG A 174 12.99 -14.83 28.94
CA ARG A 174 13.12 -15.32 30.30
C ARG A 174 11.75 -15.51 30.92
N LEU A 175 10.78 -14.73 30.47
CA LEU A 175 9.43 -14.88 30.97
C LEU A 175 8.91 -16.27 30.65
N VAL A 176 9.24 -16.75 29.45
CA VAL A 176 8.92 -18.10 29.09
C VAL A 176 9.75 -19.03 29.94
N SER A 177 10.97 -18.60 30.23
CA SER A 177 11.92 -19.46 30.91
C SER A 177 11.43 -19.82 32.30
N GLY A 178 10.69 -18.90 32.91
CA GLY A 178 10.16 -19.14 34.24
C GLY A 178 8.88 -19.95 34.25
N VAL A 179 8.26 -20.10 33.08
CA VAL A 179 6.93 -20.71 33.02
C VAL A 179 6.92 -22.15 32.53
N PRO A 180 6.41 -23.05 33.39
CA PRO A 180 6.13 -24.46 33.11
C PRO A 180 5.07 -24.62 32.03
N SER A 181 5.21 -25.67 31.23
CA SER A 181 4.30 -26.05 30.13
C SER A 181 4.63 -25.31 28.83
N LEU A 182 5.08 -24.06 28.94
CA LEU A 182 5.55 -23.37 27.74
C LEU A 182 6.76 -24.10 27.19
N GLN A 183 7.53 -24.69 28.09
CA GLN A 183 8.64 -25.52 27.65
C GLN A 183 8.09 -26.75 26.93
N VAL A 184 6.96 -27.25 27.38
CA VAL A 184 6.30 -28.37 26.72
C VAL A 184 5.81 -27.92 25.36
N VAL A 185 5.35 -26.69 25.30
CA VAL A 185 4.82 -26.15 24.07
C VAL A 185 5.90 -26.00 23.02
N LEU A 186 7.02 -25.39 23.42
CA LEU A 186 8.09 -25.14 22.48
C LEU A 186 8.81 -26.45 22.13
N ASN A 187 8.86 -27.37 23.08
CA ASN A 187 9.39 -28.68 22.78
C ASN A 187 8.48 -29.39 21.80
N SER A 188 7.21 -29.01 21.80
CA SER A 188 6.29 -29.53 20.80
C SER A 188 6.53 -28.89 19.44
N ILE A 189 6.72 -27.57 19.42
CA ILE A 189 6.89 -26.87 18.15
C ILE A 189 8.16 -27.31 17.46
N PHE A 190 9.19 -27.65 18.24
CA PHE A 190 10.43 -28.09 17.63
C PHE A 190 10.25 -29.40 16.88
N LYS A 191 9.39 -30.26 17.42
CA LYS A 191 9.14 -31.56 16.80
C LYS A 191 8.51 -31.38 15.44
N ALA A 192 7.73 -30.31 15.31
CA ALA A 192 6.99 -30.06 14.08
C ALA A 192 7.90 -29.75 12.90
N MET A 193 9.02 -29.10 13.16
CA MET A 193 9.87 -28.64 12.07
C MET A 193 10.51 -29.77 11.25
N LEU A 194 10.83 -30.89 11.91
CA LEU A 194 11.53 -31.97 11.23
C LEU A 194 10.76 -32.53 10.03
N PRO A 195 9.48 -32.95 10.22
CA PRO A 195 8.83 -33.56 9.07
C PRO A 195 8.37 -32.51 8.07
N LEU A 196 9.32 -31.77 7.54
CA LEU A 196 9.04 -30.64 6.68
C LEU A 196 10.32 -30.23 5.99
N PHE A 197 11.44 -30.63 6.59
CA PHE A 197 12.75 -30.15 6.18
C PHE A 197 12.97 -30.25 4.68
N HIS A 198 12.61 -31.38 4.11
CA HIS A 198 12.80 -31.63 2.68
C HIS A 198 12.18 -30.53 1.86
N ILE A 199 10.89 -30.29 2.12
CA ILE A 199 10.13 -29.35 1.33
C ILE A 199 10.70 -27.97 1.49
N ALA A 200 11.25 -27.70 2.67
CA ALA A 200 11.79 -26.38 2.92
C ALA A 200 12.91 -26.17 1.94
N LEU A 201 13.77 -27.17 1.82
CA LEU A 201 14.88 -27.09 0.90
C LEU A 201 14.35 -26.97 -0.51
N LEU A 202 13.24 -27.66 -0.77
CA LEU A 202 12.67 -27.63 -2.10
C LEU A 202 12.25 -26.22 -2.39
N VAL A 203 11.71 -25.55 -1.38
CA VAL A 203 11.31 -24.18 -1.55
C VAL A 203 12.57 -23.42 -1.85
N LEU A 204 13.58 -23.67 -1.02
CA LEU A 204 14.87 -23.05 -1.19
C LEU A 204 15.42 -23.46 -2.54
N PHE A 205 15.14 -24.69 -2.93
CA PHE A 205 15.64 -25.16 -4.21
C PHE A 205 15.02 -24.33 -5.31
N MET A 206 13.70 -24.14 -5.23
CA MET A 206 13.06 -23.34 -6.24
C MET A 206 13.60 -21.95 -6.09
N VAL A 207 13.79 -21.57 -4.82
CA VAL A 207 14.23 -20.23 -4.52
C VAL A 207 15.59 -20.06 -5.14
N ILE A 208 16.35 -21.15 -5.22
CA ILE A 208 17.62 -21.13 -5.89
C ILE A 208 17.45 -21.30 -7.39
N ILE A 209 16.62 -22.27 -7.77
CA ILE A 209 16.53 -22.66 -9.17
C ILE A 209 15.99 -21.50 -9.98
N TYR A 210 14.91 -20.91 -9.48
CA TYR A 210 14.36 -19.74 -10.13
C TYR A 210 15.33 -18.60 -10.07
N ALA A 211 16.09 -18.54 -8.99
CA ALA A 211 17.03 -17.45 -8.83
C ALA A 211 18.06 -17.53 -9.93
N ILE A 212 18.65 -18.70 -10.09
CA ILE A 212 19.65 -18.88 -11.12
C ILE A 212 19.00 -18.66 -12.47
N ILE A 213 17.73 -19.08 -12.58
CA ILE A 213 16.99 -18.83 -13.80
C ILE A 213 16.76 -17.34 -13.94
N GLY A 214 16.42 -16.70 -12.83
CA GLY A 214 16.31 -15.27 -12.81
C GLY A 214 17.69 -14.69 -13.04
N LEU A 215 18.71 -15.44 -12.64
CA LEU A 215 20.07 -14.97 -12.79
C LEU A 215 20.49 -15.16 -14.23
N GLU A 216 19.51 -15.40 -15.09
CA GLU A 216 19.78 -15.43 -16.51
C GLU A 216 18.90 -14.47 -17.29
N LEU A 217 17.68 -14.90 -17.60
CA LEU A 217 16.79 -14.06 -18.37
C LEU A 217 16.55 -12.75 -17.64
N PHE A 218 16.19 -12.87 -16.37
CA PHE A 218 15.98 -11.68 -15.58
C PHE A 218 17.30 -10.96 -15.37
N LYS A 219 18.40 -11.71 -15.30
CA LYS A 219 19.71 -11.05 -15.27
C LYS A 219 19.96 -10.40 -16.62
N GLY A 220 19.48 -11.02 -17.68
CA GLY A 220 19.53 -10.41 -19.00
C GLY A 220 18.61 -9.20 -18.97
N LYS A 221 17.59 -9.29 -18.14
CA LYS A 221 16.72 -8.16 -17.91
C LYS A 221 17.33 -7.23 -16.85
N MET A 222 18.32 -7.72 -16.12
CA MET A 222 19.00 -6.88 -15.14
C MET A 222 19.74 -5.80 -15.89
N HIS A 223 20.05 -6.10 -17.14
CA HIS A 223 20.61 -5.11 -18.05
C HIS A 223 19.56 -4.06 -18.41
N LYS A 224 18.29 -4.41 -18.29
CA LYS A 224 17.22 -3.51 -18.65
C LYS A 224 16.74 -2.70 -17.44
N THR A 225 16.51 -3.39 -16.34
CA THR A 225 15.93 -2.76 -15.17
C THR A 225 16.83 -1.68 -14.60
N CYS A 226 18.14 -1.82 -14.78
CA CYS A 226 19.08 -0.92 -14.12
C CYS A 226 19.15 0.42 -14.83
N TYR A 227 18.49 0.54 -15.96
CA TYR A 227 18.64 1.75 -16.76
C TYR A 227 17.40 2.11 -17.57
N TYR A 228 17.44 3.31 -18.11
CA TYR A 228 16.35 3.85 -18.91
C TYR A 228 16.76 5.09 -19.69
N ILE A 229 15.89 5.48 -20.61
CA ILE A 229 15.98 6.80 -21.25
C ILE A 229 14.59 7.15 -21.75
N GLY A 230 14.26 8.45 -21.67
CA GLY A 230 12.92 8.92 -22.01
C GLY A 230 12.88 10.44 -22.00
N THR A 231 11.72 10.99 -22.33
CA THR A 231 11.52 12.43 -22.35
C THR A 231 10.05 12.79 -22.39
N ASP A 232 9.76 14.07 -22.26
CA ASP A 232 8.42 14.62 -22.47
C ASP A 232 7.37 13.95 -21.61
N ILE A 233 6.12 14.07 -22.04
CA ILE A 233 5.00 13.48 -21.31
C ILE A 233 5.22 11.99 -21.19
N VAL A 234 4.85 11.43 -20.05
CA VAL A 234 5.12 10.03 -19.78
C VAL A 234 4.38 9.14 -20.76
N ALA A 235 4.84 9.16 -22.00
CA ALA A 235 4.20 8.39 -23.07
C ALA A 235 5.25 7.65 -23.89
N THR A 236 6.43 7.47 -23.32
CA THR A 236 7.47 6.72 -23.99
C THR A 236 7.05 5.27 -24.18
N VAL A 237 7.42 4.69 -25.32
CA VAL A 237 6.96 3.36 -25.68
C VAL A 237 7.49 2.30 -24.74
N GLU A 238 6.66 1.31 -24.47
CA GLU A 238 7.05 0.17 -23.64
C GLU A 238 7.48 -1.01 -24.50
N ASN A 239 8.51 -1.71 -24.05
CA ASN A 239 8.91 -3.00 -24.63
C ASN A 239 9.16 -2.99 -26.15
N GLU A 240 9.85 -1.96 -26.64
CA GLU A 240 10.17 -1.89 -28.07
C GLU A 240 11.42 -1.06 -28.31
N LYS A 241 12.52 -1.45 -27.67
CA LYS A 241 13.79 -0.71 -27.68
C LYS A 241 13.67 0.65 -27.01
N PRO A 242 14.68 0.99 -26.20
CA PRO A 242 14.69 2.21 -25.40
C PRO A 242 13.45 2.30 -24.51
N SER A 243 13.18 1.24 -23.75
CA SER A 243 12.00 1.17 -22.89
C SER A 243 12.35 0.58 -21.52
N PRO A 244 11.60 0.95 -20.49
CA PRO A 244 11.97 0.55 -19.13
C PRO A 244 10.82 0.49 -18.13
N CYS A 245 11.02 -0.29 -17.08
CA CYS A 245 10.05 -0.43 -15.99
C CYS A 245 9.87 0.90 -15.29
N ALA A 246 8.64 1.19 -14.87
CA ALA A 246 8.36 2.48 -14.28
C ALA A 246 8.03 2.40 -12.80
N ARG A 247 8.37 3.46 -12.07
CA ARG A 247 7.96 3.62 -10.68
C ARG A 247 6.44 3.75 -10.62
N THR A 248 5.82 3.17 -9.61
CA THR A 248 4.36 3.04 -9.53
C THR A 248 3.65 4.38 -9.73
N GLY A 249 3.45 5.10 -8.64
CA GLY A 249 2.99 6.48 -8.67
C GLY A 249 1.58 6.68 -9.23
N SER A 250 1.02 7.85 -8.92
CA SER A 250 -0.25 8.27 -9.48
C SER A 250 -0.01 8.98 -10.80
N GLY A 251 1.26 9.15 -11.17
CA GLY A 251 1.60 9.82 -12.41
C GLY A 251 2.90 9.29 -13.00
N ARG A 252 3.95 9.29 -12.19
CA ARG A 252 5.28 8.78 -12.56
C ARG A 252 5.98 9.58 -13.67
N PRO A 253 7.21 10.01 -13.38
CA PRO A 253 8.02 10.75 -14.33
C PRO A 253 9.50 10.66 -13.97
N CYS A 254 9.78 10.64 -12.67
CA CYS A 254 11.14 10.52 -12.15
C CYS A 254 12.13 11.52 -12.76
N THR A 255 12.18 12.71 -12.17
CA THR A 255 13.14 13.72 -12.58
C THR A 255 14.55 13.24 -12.28
N ILE A 256 15.48 13.53 -13.19
CA ILE A 256 16.83 12.99 -13.07
C ILE A 256 18.01 13.92 -13.46
N ASN A 257 17.93 14.72 -14.52
CA ASN A 257 16.79 14.88 -15.41
C ASN A 257 16.76 13.83 -16.52
N GLY A 258 17.82 13.80 -17.32
CA GLY A 258 17.83 12.94 -18.49
C GLY A 258 16.72 13.38 -19.42
N SER A 259 17.02 14.36 -20.26
CA SER A 259 16.00 15.03 -21.07
C SER A 259 14.89 15.54 -20.18
N GLU A 260 13.66 15.46 -20.65
CA GLU A 260 12.52 15.85 -19.84
C GLU A 260 12.10 14.68 -18.96
N CYS A 261 12.69 14.62 -17.76
CA CYS A 261 12.52 13.50 -16.82
C CYS A 261 13.07 12.21 -17.39
N ARG A 262 13.59 11.35 -16.52
CA ARG A 262 14.12 10.07 -16.97
C ARG A 262 12.97 9.15 -17.36
N GLY A 263 13.02 7.92 -16.89
CA GLY A 263 11.91 7.02 -17.13
C GLY A 263 12.29 5.57 -16.99
N GLY A 264 12.72 5.17 -15.80
CA GLY A 264 12.93 3.77 -15.53
C GLY A 264 14.00 3.39 -14.52
N TRP A 265 13.55 3.04 -13.32
CA TRP A 265 14.43 2.48 -12.30
C TRP A 265 13.59 1.67 -11.35
N PRO A 266 14.16 0.66 -10.72
CA PRO A 266 13.38 -0.17 -9.82
C PRO A 266 14.24 -0.90 -8.79
N GLY A 267 15.54 -0.64 -8.81
CA GLY A 267 16.45 -1.31 -7.88
C GLY A 267 16.53 -0.68 -6.51
N PRO A 268 15.95 0.50 -6.36
CA PRO A 268 16.08 1.25 -5.13
C PRO A 268 14.91 2.19 -4.94
N ASN A 269 14.48 2.84 -6.01
CA ASN A 269 13.29 3.66 -5.93
C ASN A 269 12.10 2.75 -5.70
N HIS A 270 12.12 1.59 -6.34
CA HIS A 270 11.14 0.54 -6.04
C HIS A 270 11.66 -0.25 -4.86
N GLY A 271 12.90 0.06 -4.49
CA GLY A 271 13.61 -0.69 -3.47
C GLY A 271 14.36 -1.82 -4.12
N ILE A 272 15.13 -2.57 -3.35
CA ILE A 272 15.79 -3.73 -3.89
C ILE A 272 14.78 -4.75 -4.38
N THR A 273 15.01 -5.26 -5.58
CA THR A 273 14.19 -6.25 -6.24
C THR A 273 14.88 -6.58 -7.54
N HIS A 274 15.92 -5.82 -7.82
CA HIS A 274 16.69 -5.91 -9.05
C HIS A 274 17.35 -7.27 -9.07
N PHE A 275 17.51 -7.84 -10.25
CA PHE A 275 18.05 -9.18 -10.36
C PHE A 275 19.57 -9.22 -10.47
N ASP A 276 20.21 -8.06 -10.42
CA ASP A 276 21.66 -7.94 -10.65
C ASP A 276 22.44 -8.95 -9.82
N ASN A 277 22.70 -8.64 -8.55
CA ASN A 277 23.32 -9.63 -7.70
C ASN A 277 22.43 -10.82 -7.52
N PHE A 278 23.03 -11.96 -7.29
CA PHE A 278 22.27 -13.15 -6.97
C PHE A 278 21.42 -12.94 -5.72
N GLY A 279 21.93 -12.15 -4.79
CA GLY A 279 21.23 -11.94 -3.55
C GLY A 279 19.92 -11.22 -3.77
N PHE A 280 19.95 -10.12 -4.51
CA PHE A 280 18.74 -9.33 -4.71
C PHE A 280 17.69 -10.11 -5.45
N SER A 281 18.14 -10.94 -6.37
CA SER A 281 17.21 -11.82 -7.02
C SER A 281 16.65 -12.77 -5.99
N MET A 282 17.46 -13.17 -5.02
CA MET A 282 16.93 -14.10 -4.02
C MET A 282 15.84 -13.40 -3.26
N LEU A 283 16.03 -12.11 -3.06
CA LEU A 283 15.05 -11.28 -2.37
C LEU A 283 13.74 -11.20 -3.11
N THR A 284 13.84 -10.79 -4.37
CA THR A 284 12.65 -10.54 -5.16
C THR A 284 11.91 -11.85 -5.32
N VAL A 285 12.66 -12.94 -5.35
CA VAL A 285 12.04 -14.25 -5.33
C VAL A 285 11.34 -14.51 -4.01
N TYR A 286 11.87 -14.03 -2.90
CA TYR A 286 11.11 -14.22 -1.67
C TYR A 286 9.78 -13.52 -1.77
N GLN A 287 9.79 -12.24 -2.11
CA GLN A 287 8.54 -11.52 -2.07
C GLN A 287 7.57 -12.07 -3.11
N CYS A 288 8.10 -12.53 -4.24
CA CYS A 288 7.24 -13.10 -5.26
C CYS A 288 6.62 -14.40 -4.76
N ILE A 289 7.36 -15.15 -3.97
CA ILE A 289 6.82 -16.36 -3.38
C ILE A 289 5.71 -16.01 -2.41
N THR A 290 5.82 -14.84 -1.79
CA THR A 290 4.86 -14.47 -0.78
C THR A 290 3.47 -14.24 -1.34
N MET A 291 3.37 -14.24 -2.67
CA MET A 291 2.11 -13.95 -3.35
C MET A 291 1.69 -12.57 -2.93
N GLU A 292 2.66 -11.67 -2.90
CA GLU A 292 2.40 -10.32 -2.43
C GLU A 292 3.20 -9.32 -3.23
N GLY A 293 2.51 -8.59 -4.09
CA GLY A 293 3.10 -7.46 -4.79
C GLY A 293 3.91 -7.91 -5.98
N TRP A 294 3.96 -9.21 -6.16
CA TRP A 294 4.79 -9.82 -7.19
C TRP A 294 4.37 -9.41 -8.57
N THR A 295 3.08 -9.17 -8.75
CA THR A 295 2.58 -8.90 -10.07
C THR A 295 3.19 -7.62 -10.57
N ASP A 296 3.59 -6.77 -9.63
CA ASP A 296 4.27 -5.56 -9.99
C ASP A 296 5.63 -5.89 -10.57
N VAL A 297 6.22 -7.00 -10.15
CA VAL A 297 7.47 -7.41 -10.73
C VAL A 297 7.19 -7.69 -12.18
N LEU A 298 6.03 -8.27 -12.43
CA LEU A 298 5.66 -8.68 -13.76
C LEU A 298 5.41 -7.50 -14.65
N TYR A 299 4.61 -6.55 -14.19
CA TYR A 299 4.32 -5.41 -15.02
C TYR A 299 5.56 -4.56 -15.23
N TRP A 300 6.46 -4.60 -14.26
CA TRP A 300 7.75 -3.95 -14.44
C TRP A 300 8.56 -4.58 -15.55
N VAL A 301 8.77 -5.88 -15.47
CA VAL A 301 9.63 -6.53 -16.44
C VAL A 301 9.00 -6.39 -17.80
N ASN A 302 7.69 -6.60 -17.82
CA ASN A 302 6.92 -6.58 -19.03
C ASN A 302 6.90 -5.20 -19.66
N ASP A 303 7.06 -4.18 -18.83
CA ASP A 303 7.09 -2.83 -19.35
C ASP A 303 8.30 -2.71 -20.26
N ALA A 304 9.33 -3.49 -19.95
CA ALA A 304 10.57 -3.47 -20.73
C ALA A 304 10.92 -4.84 -21.31
N ILE A 305 10.41 -5.10 -22.53
CA ILE A 305 10.60 -6.34 -23.28
C ILE A 305 10.76 -7.61 -22.43
N GLY A 306 9.67 -8.35 -22.33
CA GLY A 306 8.45 -7.97 -23.02
C GLY A 306 7.39 -9.04 -22.83
N ASN A 307 6.25 -8.86 -23.48
CA ASN A 307 5.18 -9.82 -23.32
C ASN A 307 5.42 -11.06 -24.17
N GLU A 308 6.55 -11.70 -23.96
CA GLU A 308 6.77 -13.03 -24.51
C GLU A 308 6.11 -13.96 -23.54
N TRP A 309 6.92 -14.65 -22.75
CA TRP A 309 6.38 -15.32 -21.59
C TRP A 309 7.21 -15.05 -20.35
N PRO A 310 7.22 -13.81 -19.88
CA PRO A 310 7.64 -13.66 -18.49
C PRO A 310 6.67 -14.43 -17.64
N TRP A 311 5.44 -14.43 -18.15
CA TRP A 311 4.33 -15.00 -17.44
C TRP A 311 4.56 -16.47 -17.24
N ILE A 312 5.27 -17.14 -18.14
CA ILE A 312 5.46 -18.56 -17.91
C ILE A 312 6.23 -18.71 -16.61
N TYR A 313 7.14 -17.77 -16.39
CA TYR A 313 8.04 -17.88 -15.27
C TYR A 313 7.28 -17.56 -14.01
N PHE A 314 6.57 -16.43 -14.01
CA PHE A 314 5.82 -16.07 -12.82
C PHE A 314 4.67 -17.00 -12.52
N VAL A 315 4.08 -17.58 -13.56
CA VAL A 315 2.95 -18.47 -13.36
C VAL A 315 3.44 -19.79 -12.83
N THR A 316 4.52 -20.32 -13.39
CA THR A 316 5.06 -21.54 -12.84
C THR A 316 5.48 -21.31 -11.42
N LEU A 317 5.99 -20.13 -11.15
CA LEU A 317 6.51 -19.85 -9.84
C LEU A 317 5.38 -19.76 -8.83
N ILE A 318 4.35 -19.02 -9.19
CA ILE A 318 3.20 -18.87 -8.33
C ILE A 318 2.53 -20.20 -8.09
N LEU A 319 2.30 -20.92 -9.17
CA LEU A 319 1.58 -22.17 -9.10
C LEU A 319 2.33 -23.21 -8.30
N LEU A 320 3.66 -23.18 -8.38
CA LEU A 320 4.43 -24.15 -7.63
C LEU A 320 4.55 -23.76 -6.18
N GLY A 321 4.73 -22.47 -5.92
CA GLY A 321 4.88 -22.02 -4.56
C GLY A 321 3.57 -22.35 -3.88
N SER A 322 2.51 -22.19 -4.64
CA SER A 322 1.20 -22.60 -4.21
C SER A 322 1.19 -24.09 -3.92
N PHE A 323 1.69 -24.85 -4.87
CA PHE A 323 1.61 -26.30 -4.81
C PHE A 323 2.23 -26.80 -3.52
N PHE A 324 3.42 -26.31 -3.24
CA PHE A 324 4.18 -26.84 -2.15
C PHE A 324 3.83 -26.22 -0.81
N ILE A 325 3.31 -25.00 -0.79
CA ILE A 325 2.82 -24.51 0.49
C ILE A 325 1.59 -25.34 0.83
N LEU A 326 0.86 -25.75 -0.18
CA LEU A 326 -0.27 -26.63 0.06
C LEU A 326 0.28 -27.92 0.61
N ASN A 327 1.45 -28.29 0.11
CA ASN A 327 2.12 -29.48 0.63
C ASN A 327 2.54 -29.29 2.07
N LEU A 328 2.79 -28.04 2.45
CA LEU A 328 3.17 -27.76 3.83
C LEU A 328 1.97 -28.02 4.68
N VAL A 329 0.83 -27.58 4.18
CA VAL A 329 -0.42 -27.78 4.90
C VAL A 329 -0.63 -29.27 5.03
N LEU A 330 -0.22 -29.99 3.99
CA LEU A 330 -0.32 -31.42 4.01
C LEU A 330 0.58 -32.04 5.06
N GLY A 331 1.74 -31.44 5.29
CA GLY A 331 2.65 -32.00 6.26
C GLY A 331 2.10 -31.79 7.65
N VAL A 332 1.48 -30.63 7.84
CA VAL A 332 0.95 -30.33 9.15
C VAL A 332 -0.21 -31.25 9.46
N LEU A 333 -1.11 -31.36 8.50
CA LEU A 333 -2.27 -32.21 8.67
C LEU A 333 -1.80 -33.65 8.81
N SER A 334 -0.67 -33.96 8.21
CA SER A 334 -0.09 -35.29 8.34
C SER A 334 0.36 -35.51 9.77
N GLY A 335 0.87 -34.47 10.41
CA GLY A 335 1.23 -34.59 11.81
C GLY A 335 -0.03 -34.78 12.64
N GLU A 336 -1.12 -34.17 12.18
CA GLU A 336 -2.39 -34.28 12.88
C GLU A 336 -2.88 -35.71 12.83
N PHE A 337 -2.88 -36.28 11.63
CA PHE A 337 -3.30 -37.66 11.44
C PHE A 337 -2.35 -38.60 12.15
N THR A 338 -1.11 -38.17 12.28
CA THR A 338 -0.11 -38.99 12.95
C THR A 338 -0.42 -39.12 14.42
N LYS A 339 -0.67 -37.99 15.08
CA LYS A 339 -1.03 -38.01 16.49
C LYS A 339 -2.39 -38.66 16.72
N GLU A 340 -3.29 -38.49 15.76
CA GLU A 340 -4.68 -38.90 15.95
C GLU A 340 -4.93 -40.35 15.63
N ARG A 341 -4.06 -40.96 14.82
CA ARG A 341 -4.31 -42.31 14.34
C ARG A 341 -4.35 -43.30 15.50
N GLU A 342 -3.57 -43.02 16.54
CA GLU A 342 -3.59 -43.82 17.75
C GLU A 342 -4.45 -43.17 18.83
N LYS A 343 -4.62 -41.86 18.72
CA LYS A 343 -5.38 -41.10 19.71
C LYS A 343 -6.84 -41.51 19.74
N ALA A 344 -7.35 -41.96 18.59
CA ALA A 344 -8.75 -42.33 18.47
C ALA A 344 -9.08 -43.55 19.32
N GLN A 357 -20.25 -35.72 31.76
CA GLN A 357 -21.05 -34.57 32.15
C GLN A 357 -22.51 -34.96 32.40
N GLN A 358 -22.89 -36.14 31.92
CA GLN A 358 -24.27 -36.60 32.04
C GLN A 358 -24.71 -36.71 33.49
N LEU A 359 -23.76 -37.03 34.36
CA LEU A 359 -24.05 -37.21 35.78
C LEU A 359 -24.53 -35.91 36.41
N GLU A 360 -23.73 -34.85 36.23
CA GLU A 360 -24.06 -33.54 36.78
C GLU A 360 -25.30 -32.95 36.13
N GLU A 361 -25.51 -33.24 34.85
CA GLU A 361 -26.71 -32.76 34.15
C GLU A 361 -27.94 -33.42 34.75
N ASP A 362 -27.82 -34.70 35.06
CA ASP A 362 -28.88 -35.44 35.71
C ASP A 362 -29.11 -34.86 37.11
N LEU A 363 -28.03 -34.43 37.75
CA LEU A 363 -28.12 -33.86 39.09
C LEU A 363 -28.91 -32.56 39.09
N ARG A 364 -28.50 -31.64 38.23
CA ARG A 364 -29.15 -30.33 38.13
C ARG A 364 -30.59 -30.45 37.65
N GLY A 365 -30.84 -31.33 36.69
CA GLY A 365 -32.17 -31.50 36.14
C GLY A 365 -33.14 -32.16 37.10
N TYR A 366 -32.65 -33.13 37.86
CA TYR A 366 -33.52 -33.81 38.80
C TYR A 366 -33.72 -33.00 40.09
N MET A 367 -32.73 -32.19 40.47
CA MET A 367 -32.95 -31.22 41.54
C MET A 367 -34.00 -30.22 41.11
N SER A 368 -33.98 -29.86 39.83
CA SER A 368 -35.01 -29.01 39.25
C SER A 368 -36.36 -29.73 39.26
N TRP A 369 -36.30 -31.06 39.15
CA TRP A 369 -37.52 -31.87 39.17
C TRP A 369 -38.18 -31.87 40.55
N ILE A 370 -37.39 -32.12 41.59
CA ILE A 370 -37.91 -32.10 42.96
C ILE A 370 -38.32 -30.68 43.33
N THR A 371 -37.66 -29.70 42.71
CA THR A 371 -37.91 -28.29 42.98
C THR A 371 -39.35 -27.91 42.59
N GLN A 372 -39.90 -28.63 41.62
CA GLN A 372 -41.23 -28.35 41.12
C GLN A 372 -42.31 -28.66 42.15
N CYS A 425 -53.59 -13.96 42.70
CA CYS A 425 -52.47 -14.18 43.61
C CYS A 425 -51.21 -14.55 42.84
N HIS A 426 -50.08 -14.56 43.55
CA HIS A 426 -48.82 -14.99 42.96
C HIS A 426 -48.84 -16.48 42.61
N ASP A 427 -49.69 -17.22 43.32
CA ASP A 427 -49.81 -18.66 43.10
C ASP A 427 -50.33 -18.98 41.71
N LEU A 428 -51.15 -18.10 41.15
CA LEU A 428 -51.59 -18.25 39.77
C LEU A 428 -50.41 -18.09 38.82
N VAL A 429 -49.48 -17.22 39.18
CA VAL A 429 -48.24 -17.08 38.42
C VAL A 429 -47.38 -18.33 38.57
N LYS A 430 -47.47 -18.96 39.74
CA LYS A 430 -46.79 -20.23 39.97
C LYS A 430 -47.39 -21.33 39.11
N SER A 431 -48.69 -21.24 38.85
CA SER A 431 -49.34 -22.09 37.88
C SER A 431 -48.88 -21.72 36.48
N ARG A 432 -48.50 -20.46 36.30
CA ARG A 432 -48.05 -19.94 35.02
C ARG A 432 -46.59 -20.28 34.78
N VAL A 433 -45.93 -20.82 35.80
CA VAL A 433 -44.55 -21.26 35.68
C VAL A 433 -44.42 -22.40 34.67
N PHE A 434 -45.48 -23.18 34.53
CA PHE A 434 -45.51 -24.27 33.56
C PHE A 434 -46.52 -23.98 32.45
N TYR A 435 -47.68 -23.47 32.84
CA TYR A 435 -48.72 -23.10 31.88
C TYR A 435 -48.28 -21.96 30.98
N TRP A 436 -48.67 -21.99 29.70
CA TRP A 436 -49.48 -23.07 29.13
C TRP A 436 -49.01 -23.40 27.73
N LEU A 437 -49.91 -23.90 26.91
CA LEU A 437 -49.60 -24.19 25.50
C LEU A 437 -49.29 -22.92 24.73
N VAL A 438 -49.90 -21.82 25.16
CA VAL A 438 -49.73 -20.53 24.49
C VAL A 438 -48.28 -20.07 24.57
N ILE A 439 -47.59 -20.52 25.62
CA ILE A 439 -46.18 -20.17 25.81
C ILE A 439 -45.36 -20.68 24.64
N LEU A 440 -45.83 -21.74 23.98
CA LEU A 440 -45.20 -22.19 22.75
C LEU A 440 -45.55 -21.25 21.60
N ILE A 441 -46.84 -20.95 21.45
CA ILE A 441 -47.30 -20.11 20.36
C ILE A 441 -46.71 -18.71 20.49
N VAL A 442 -46.51 -18.28 21.73
CA VAL A 442 -45.94 -16.97 22.01
C VAL A 442 -44.53 -16.87 21.47
N ALA A 443 -43.84 -18.02 21.39
CA ALA A 443 -42.50 -18.01 20.83
C ALA A 443 -42.54 -17.64 19.36
N LEU A 444 -43.59 -18.09 18.66
CA LEU A 444 -43.73 -17.74 17.25
C LEU A 444 -43.92 -16.23 17.17
N ASN A 445 -44.75 -15.72 18.07
CA ASN A 445 -44.97 -14.29 18.16
C ASN A 445 -43.67 -13.57 18.52
N THR A 446 -42.83 -14.24 19.31
CA THR A 446 -41.58 -13.64 19.72
C THR A 446 -40.70 -13.43 18.50
N LEU A 447 -40.86 -14.30 17.51
CA LEU A 447 -40.05 -14.22 16.31
C LEU A 447 -40.31 -12.90 15.61
N SER A 448 -41.52 -12.37 15.81
CA SER A 448 -41.85 -11.06 15.24
C SER A 448 -41.10 -9.94 15.97
N ILE A 449 -41.05 -10.02 17.30
CA ILE A 449 -40.53 -8.92 18.10
C ILE A 449 -39.08 -8.64 17.76
N ALA A 450 -38.26 -9.69 17.80
CA ALA A 450 -36.86 -9.56 17.45
C ALA A 450 -36.71 -9.14 16.00
N SER A 451 -37.66 -9.55 15.17
CA SER A 451 -37.61 -9.19 13.77
C SER A 451 -37.75 -7.68 13.65
N GLU A 452 -38.56 -7.10 14.53
CA GLU A 452 -38.73 -5.65 14.52
C GLU A 452 -37.42 -4.98 14.85
N HIS A 453 -36.63 -5.64 15.70
CA HIS A 453 -35.30 -5.17 16.02
C HIS A 453 -34.32 -5.46 14.89
N HIS A 454 -34.58 -6.54 14.16
CA HIS A 454 -33.66 -6.98 13.13
C HIS A 454 -33.55 -5.93 12.04
N ASN A 455 -34.65 -5.23 11.82
CA ASN A 455 -34.64 -4.08 10.93
C ASN A 455 -34.20 -2.84 11.69
N GLN A 456 -34.63 -2.75 12.95
CA GLN A 456 -34.39 -1.54 13.73
C GLN A 456 -32.90 -1.31 13.96
N PRO A 457 -32.15 -2.40 14.10
CA PRO A 457 -30.72 -2.29 14.31
C PRO A 457 -30.10 -1.64 13.10
N LEU A 458 -30.70 -1.88 11.95
CA LEU A 458 -30.35 -1.15 10.74
C LEU A 458 -31.10 0.17 10.68
N TRP A 459 -32.38 0.14 11.06
CA TRP A 459 -33.25 1.31 10.88
C TRP A 459 -32.86 2.47 11.78
N LEU A 460 -32.50 2.18 13.02
CA LEU A 460 -31.97 3.21 13.89
C LEU A 460 -30.63 3.66 13.37
N THR A 461 -29.93 2.74 12.72
CA THR A 461 -28.61 3.02 12.16
C THR A 461 -28.74 3.77 10.84
N HIS A 462 -29.58 3.27 9.94
CA HIS A 462 -29.79 3.91 8.66
C HIS A 462 -30.48 5.26 8.85
N LEU A 463 -30.11 6.26 8.05
CA LEU A 463 -29.03 6.12 7.07
C LEU A 463 -27.71 6.57 7.66
N GLN A 464 -27.22 7.72 7.20
CA GLN A 464 -25.98 8.27 7.72
C GLN A 464 -25.87 9.75 7.41
N ASP A 465 -24.96 10.43 8.11
CA ASP A 465 -24.81 11.87 7.99
C ASP A 465 -26.15 12.54 8.19
N ILE A 466 -26.87 12.05 9.19
CA ILE A 466 -28.18 12.57 9.61
C ILE A 466 -29.27 12.41 8.54
N ALA A 467 -28.94 11.73 7.44
CA ALA A 467 -29.92 11.49 6.40
C ALA A 467 -31.00 10.53 6.90
N ASN A 468 -32.25 10.81 6.53
CA ASN A 468 -33.38 9.92 6.78
C ASN A 468 -33.56 9.54 8.25
N ARG A 469 -34.45 10.23 8.94
CA ARG A 469 -34.75 9.91 10.33
C ARG A 469 -35.68 8.71 10.41
N VAL A 470 -35.15 7.55 10.08
CA VAL A 470 -35.95 6.32 10.00
C VAL A 470 -36.54 5.93 11.35
N LEU A 471 -35.83 6.24 12.43
CA LEU A 471 -36.34 5.94 13.76
C LEU A 471 -37.27 7.05 14.20
N LEU A 472 -38.25 7.36 13.36
CA LEU A 472 -39.20 8.43 13.63
C LEU A 472 -40.01 8.12 14.88
N SER A 473 -40.25 6.83 15.12
CA SER A 473 -40.98 6.40 16.29
C SER A 473 -40.57 4.99 16.69
N LEU A 474 -39.45 4.54 16.14
CA LEU A 474 -38.96 3.19 16.39
C LEU A 474 -38.57 3.01 17.85
N PHE A 475 -38.23 4.11 18.50
CA PHE A 475 -37.81 4.08 19.88
C PHE A 475 -38.94 3.55 20.78
N THR A 476 -40.17 3.90 20.43
CA THR A 476 -41.32 3.42 21.18
C THR A 476 -41.45 1.92 21.03
N ILE A 477 -41.16 1.42 19.84
CA ILE A 477 -41.18 -0.02 19.59
C ILE A 477 -40.09 -0.73 20.37
N GLU A 478 -38.94 -0.05 20.52
CA GLU A 478 -37.86 -0.60 21.31
C GLU A 478 -38.27 -0.67 22.77
N MET A 479 -39.01 0.34 23.21
CA MET A 479 -39.53 0.36 24.57
C MET A 479 -40.58 -0.74 24.76
N LEU A 480 -41.28 -1.06 23.68
CA LEU A 480 -42.32 -2.07 23.73
C LEU A 480 -41.73 -3.47 23.82
N LEU A 481 -40.73 -3.73 22.99
CA LEU A 481 -40.04 -5.02 23.04
C LEU A 481 -39.33 -5.17 24.39
N LYS A 482 -38.82 -4.05 24.90
CA LYS A 482 -38.19 -4.06 26.21
C LYS A 482 -39.24 -4.38 27.27
N MET A 483 -40.46 -3.91 27.06
CA MET A 483 -41.56 -4.18 27.97
C MET A 483 -41.97 -5.65 27.92
N TYR A 484 -41.92 -6.25 26.75
CA TYR A 484 -42.30 -7.64 26.59
C TYR A 484 -41.27 -8.57 27.23
N GLY A 485 -40.00 -8.31 26.93
CA GLY A 485 -38.93 -9.10 27.51
C GLY A 485 -38.88 -8.92 29.02
N LEU A 486 -39.18 -7.70 29.49
CA LEU A 486 -39.25 -7.46 30.92
C LEU A 486 -40.41 -8.20 31.54
N GLY A 487 -41.52 -8.31 30.81
CA GLY A 487 -42.67 -9.07 31.30
C GLY A 487 -42.34 -10.55 31.38
N LEU A 488 -41.48 -11.01 30.46
CA LEU A 488 -41.08 -12.41 30.43
C LEU A 488 -40.12 -12.73 31.58
N ARG A 489 -39.15 -11.84 31.81
CA ARG A 489 -38.22 -12.01 32.92
C ARG A 489 -38.91 -11.85 34.27
N GLN A 490 -39.99 -11.06 34.29
CA GLN A 490 -40.75 -10.85 35.51
C GLN A 490 -41.61 -12.06 35.83
N TYR A 491 -42.28 -12.59 34.81
CA TYR A 491 -43.06 -13.81 34.99
C TYR A 491 -42.16 -14.98 35.32
N PHE A 492 -40.96 -14.99 34.74
CA PHE A 492 -39.96 -16.00 35.05
C PHE A 492 -39.47 -15.84 36.49
N MET A 493 -39.42 -14.61 36.97
CA MET A 493 -39.09 -14.35 38.36
C MET A 493 -40.20 -14.88 39.25
N SER A 494 -41.43 -14.81 38.76
CA SER A 494 -42.57 -15.37 39.48
C SER A 494 -42.57 -16.91 39.44
N ILE A 495 -41.90 -17.47 38.42
CA ILE A 495 -41.91 -18.91 38.21
C ILE A 495 -41.21 -19.71 39.30
N PHE A 496 -40.16 -19.15 39.89
CA PHE A 496 -39.35 -19.87 40.86
C PHE A 496 -38.50 -18.96 41.73
N ASN A 497 -38.76 -17.66 41.65
CA ASN A 497 -38.03 -16.65 42.43
C ASN A 497 -36.52 -16.72 42.22
N ARG A 498 -35.79 -16.94 43.30
CA ARG A 498 -34.32 -16.94 43.26
C ARG A 498 -33.78 -18.05 42.38
N PHE A 499 -34.54 -19.15 42.28
CA PHE A 499 -34.12 -20.28 41.45
C PHE A 499 -34.03 -19.89 39.98
N ASP A 500 -34.90 -18.98 39.55
CA ASP A 500 -34.85 -18.45 38.20
C ASP A 500 -33.58 -17.64 37.98
N CYS A 501 -33.11 -17.00 39.06
CA CYS A 501 -31.88 -16.21 39.00
C CYS A 501 -30.65 -17.08 39.17
N PHE A 502 -30.86 -18.33 39.60
CA PHE A 502 -29.75 -19.26 39.82
C PHE A 502 -29.02 -19.52 38.51
N VAL A 503 -29.78 -19.51 37.42
CA VAL A 503 -29.19 -19.59 36.09
C VAL A 503 -28.68 -18.21 35.70
N VAL A 504 -27.41 -18.13 35.30
CA VAL A 504 -26.81 -16.85 34.94
C VAL A 504 -27.41 -16.25 33.68
N CYS A 505 -27.82 -17.10 32.74
CA CYS A 505 -28.35 -16.62 31.46
C CYS A 505 -29.67 -15.87 31.62
N SER A 506 -30.48 -16.29 32.59
CA SER A 506 -31.78 -15.68 32.81
C SER A 506 -31.63 -14.27 33.37
N GLY A 507 -30.77 -14.13 34.37
CA GLY A 507 -30.46 -12.83 34.94
C GLY A 507 -29.72 -11.96 33.94
N ILE A 508 -29.01 -12.59 33.01
CA ILE A 508 -28.29 -11.85 31.98
C ILE A 508 -29.28 -11.23 30.99
N LEU A 509 -30.20 -12.04 30.49
CA LEU A 509 -31.21 -11.55 29.57
C LEU A 509 -32.13 -10.54 30.25
N GLU A 510 -32.40 -10.77 31.53
CA GLU A 510 -33.23 -9.85 32.29
C GLU A 510 -32.52 -8.52 32.48
N LEU A 511 -31.21 -8.58 32.70
CA LEU A 511 -30.40 -7.37 32.85
C LEU A 511 -30.31 -6.63 31.52
N LEU A 512 -30.39 -7.38 30.44
CA LEU A 512 -30.36 -6.77 29.11
C LEU A 512 -31.66 -6.04 28.82
N LEU A 513 -32.78 -6.71 29.09
CA LEU A 513 -34.09 -6.10 28.87
C LEU A 513 -34.29 -4.90 29.80
N VAL A 514 -33.75 -5.00 31.01
CA VAL A 514 -33.76 -3.87 31.93
C VAL A 514 -32.87 -2.76 31.42
N GLU A 515 -31.78 -3.14 30.74
CA GLU A 515 -30.87 -2.16 30.16
C GLU A 515 -31.57 -1.40 29.04
N SER A 516 -32.46 -2.08 28.33
CA SER A 516 -33.27 -1.45 27.30
C SER A 516 -34.41 -0.66 27.93
N GLY A 517 -34.65 -0.93 29.21
CA GLY A 517 -35.68 -0.25 29.98
C GLY A 517 -35.14 1.03 30.59
N ALA A 518 -33.86 1.29 30.34
CA ALA A 518 -33.19 2.45 30.92
C ALA A 518 -33.67 3.76 30.30
N MET A 519 -32.73 4.52 29.75
CA MET A 519 -33.06 5.85 29.23
C MET A 519 -32.06 6.30 28.18
N THR A 520 -32.27 7.50 27.66
CA THR A 520 -31.40 8.10 26.67
C THR A 520 -30.01 8.37 27.24
N PRO A 521 -29.92 8.45 28.56
CA PRO A 521 -28.65 8.70 29.23
C PRO A 521 -27.64 7.59 28.93
N LEU A 522 -26.38 7.96 28.74
CA LEU A 522 -25.95 9.35 28.84
C LEU A 522 -25.19 9.82 27.60
N GLY A 523 -24.11 10.57 27.83
CA GLY A 523 -23.33 11.16 26.75
C GLY A 523 -22.63 10.11 25.88
N ILE A 524 -22.41 8.92 26.45
CA ILE A 524 -21.79 7.83 25.71
C ILE A 524 -22.81 7.18 24.78
N SER A 525 -22.78 7.59 23.52
CA SER A 525 -23.71 7.08 22.52
C SER A 525 -23.50 5.60 22.26
N VAL A 526 -22.31 5.11 22.62
CA VAL A 526 -22.00 3.70 22.48
C VAL A 526 -22.92 2.85 23.37
N LEU A 527 -23.40 3.44 24.46
CA LEU A 527 -24.39 2.77 25.29
C LEU A 527 -25.70 2.58 24.52
N ARG A 528 -26.03 3.55 23.68
CA ARG A 528 -27.17 3.42 22.78
C ARG A 528 -26.83 2.38 21.73
N CYS A 529 -25.55 2.26 21.43
CA CYS A 529 -25.06 1.32 20.45
C CYS A 529 -25.09 -0.09 20.98
N ILE A 530 -25.21 -0.22 22.30
CA ILE A 530 -25.29 -1.51 22.96
C ILE A 530 -26.62 -2.17 22.65
N ARG A 531 -27.56 -1.39 22.15
CA ARG A 531 -28.82 -1.93 21.69
C ARG A 531 -28.56 -2.91 20.55
N LEU A 532 -27.51 -2.67 19.78
CA LEU A 532 -27.11 -3.62 18.77
C LEU A 532 -26.65 -4.91 19.42
N LEU A 533 -26.03 -4.78 20.60
CA LEU A 533 -25.63 -5.95 21.35
C LEU A 533 -26.86 -6.67 21.88
N ARG A 534 -27.94 -5.91 22.07
CA ARG A 534 -29.19 -6.49 22.55
C ARG A 534 -29.78 -7.41 21.50
N LEU A 535 -29.38 -7.19 20.25
CA LEU A 535 -29.86 -8.01 19.14
C LEU A 535 -29.33 -9.44 19.24
N PHE A 536 -28.26 -9.62 20.01
CA PHE A 536 -27.65 -10.93 20.20
C PHE A 536 -28.63 -11.88 20.87
N LYS A 537 -29.60 -11.33 21.59
CA LYS A 537 -30.61 -12.13 22.28
C LYS A 537 -31.45 -12.92 21.28
N ILE A 538 -31.52 -12.42 20.05
CA ILE A 538 -32.26 -13.09 18.99
C ILE A 538 -31.54 -14.34 18.51
N THR A 539 -30.27 -14.48 18.90
CA THR A 539 -29.47 -15.62 18.52
C THR A 539 -29.77 -16.83 19.40
N LYS A 540 -30.66 -16.64 20.36
CA LYS A 540 -31.01 -17.67 21.33
C LYS A 540 -31.60 -18.91 20.67
N TYR A 541 -32.18 -18.73 19.49
CA TYR A 541 -32.79 -19.84 18.76
C TYR A 541 -31.73 -20.76 18.14
N TRP A 542 -32.05 -21.30 16.97
CA TRP A 542 -31.18 -22.24 16.27
C TRP A 542 -30.80 -23.41 17.16
N THR A 543 -31.71 -24.38 17.27
CA THR A 543 -31.53 -25.52 18.15
C THR A 543 -30.30 -26.33 17.76
N SER A 544 -29.62 -26.86 18.78
CA SER A 544 -28.46 -27.74 18.63
C SER A 544 -27.22 -27.04 18.07
N LEU A 545 -27.43 -26.02 17.24
CA LEU A 545 -26.31 -25.30 16.65
C LEU A 545 -25.47 -24.64 17.72
N SER A 546 -26.14 -24.19 18.79
CA SER A 546 -25.44 -23.57 19.90
C SER A 546 -24.52 -24.56 20.59
N ASN A 547 -24.93 -25.83 20.61
CA ASN A 547 -24.11 -26.86 21.23
C ASN A 547 -22.84 -27.07 20.43
N LEU A 548 -22.99 -27.05 19.10
CA LEU A 548 -21.84 -27.18 18.23
C LEU A 548 -20.93 -25.98 18.42
N VAL A 549 -21.54 -24.81 18.63
CA VAL A 549 -20.77 -23.60 18.86
C VAL A 549 -19.99 -23.71 20.16
N ALA A 550 -20.59 -24.38 21.15
CA ALA A 550 -19.91 -24.61 22.41
C ALA A 550 -18.75 -25.56 22.20
N SER A 551 -18.94 -26.53 21.31
CA SER A 551 -17.87 -27.46 20.97
C SER A 551 -16.74 -26.70 20.30
N LEU A 552 -17.09 -25.64 19.59
CA LEU A 552 -16.10 -24.82 18.90
C LEU A 552 -15.31 -23.98 19.90
N LEU A 553 -16.03 -23.33 20.81
CA LEU A 553 -15.40 -22.46 21.79
C LEU A 553 -14.55 -23.26 22.76
N ASN A 554 -14.90 -24.53 22.95
CA ASN A 554 -14.18 -25.37 23.90
C ASN A 554 -12.73 -25.56 23.49
N SER A 555 -12.49 -25.50 22.18
CA SER A 555 -11.14 -25.64 21.65
C SER A 555 -10.25 -24.47 22.03
N ILE A 556 -10.88 -23.32 22.21
CA ILE A 556 -10.14 -22.09 22.50
C ILE A 556 -9.39 -22.22 23.80
N ARG A 557 -9.96 -22.95 24.75
CA ARG A 557 -9.32 -23.17 26.03
C ARG A 557 -8.04 -23.97 25.85
N SER A 558 -8.01 -24.80 24.82
CA SER A 558 -6.82 -25.59 24.52
C SER A 558 -5.78 -24.77 23.78
N ILE A 559 -6.22 -24.00 22.79
CA ILE A 559 -5.29 -23.26 21.94
C ILE A 559 -4.79 -21.96 22.56
N ALA A 560 -5.41 -21.55 23.65
CA ALA A 560 -5.17 -20.21 24.21
C ALA A 560 -3.73 -19.99 24.64
N SER A 561 -3.10 -21.04 25.16
CA SER A 561 -1.74 -20.90 25.64
C SER A 561 -0.80 -20.62 24.48
N LEU A 562 -0.98 -21.38 23.42
CA LEU A 562 -0.17 -21.20 22.24
C LEU A 562 -0.43 -19.82 21.67
N LEU A 563 -1.68 -19.37 21.77
CA LEU A 563 -2.01 -18.03 21.31
C LEU A 563 -1.24 -17.01 22.11
N LEU A 564 -1.05 -17.31 23.38
CA LEU A 564 -0.32 -16.42 24.27
C LEU A 564 1.15 -16.39 23.91
N LEU A 565 1.68 -17.54 23.51
CA LEU A 565 3.07 -17.60 23.05
C LEU A 565 3.20 -16.78 21.78
N LEU A 566 2.14 -16.77 20.98
CA LEU A 566 2.11 -15.97 19.77
C LEU A 566 2.12 -14.52 20.15
N PHE A 567 1.42 -14.20 21.23
CA PHE A 567 1.38 -12.83 21.73
C PHE A 567 2.76 -12.43 22.20
N LEU A 568 3.49 -13.40 22.72
CA LEU A 568 4.83 -13.16 23.24
C LEU A 568 5.79 -12.90 22.09
N PHE A 569 5.68 -13.71 21.04
CA PHE A 569 6.53 -13.55 19.89
C PHE A 569 6.24 -12.21 19.27
N ILE A 570 4.97 -11.85 19.30
CA ILE A 570 4.54 -10.56 18.79
C ILE A 570 5.19 -9.49 19.62
N ILE A 571 5.33 -9.76 20.92
CA ILE A 571 5.82 -8.74 21.84
C ILE A 571 7.31 -8.49 21.65
N ILE A 572 8.09 -9.57 21.64
CA ILE A 572 9.52 -9.43 21.51
C ILE A 572 9.86 -8.86 20.15
N PHE A 573 9.22 -9.39 19.13
CA PHE A 573 9.50 -8.93 17.78
C PHE A 573 9.12 -7.47 17.66
N ALA A 574 8.05 -7.08 18.34
CA ALA A 574 7.58 -5.72 18.23
C ALA A 574 8.55 -4.77 18.89
N LEU A 575 8.99 -5.12 20.09
CA LEU A 575 9.87 -4.24 20.84
C LEU A 575 11.19 -4.10 20.12
N LEU A 576 11.76 -5.22 19.70
CA LEU A 576 13.03 -5.20 18.99
C LEU A 576 12.89 -4.41 17.73
N GLY A 577 11.73 -4.52 17.10
CA GLY A 577 11.49 -3.78 15.88
C GLY A 577 11.53 -2.30 16.19
N MET A 578 10.92 -1.95 17.31
CA MET A 578 10.79 -0.56 17.70
C MET A 578 12.17 -0.01 17.92
N GLN A 579 13.06 -0.86 18.41
CA GLN A 579 14.39 -0.40 18.74
C GLN A 579 15.32 -0.55 17.54
N LEU A 580 14.76 -1.10 16.47
CA LEU A 580 15.50 -1.23 15.22
C LEU A 580 15.05 -0.20 14.19
N PHE A 581 14.02 -0.55 13.44
CA PHE A 581 13.54 0.30 12.37
C PHE A 581 13.15 1.63 12.95
N GLY A 582 12.27 1.57 13.94
CA GLY A 582 11.77 2.76 14.60
C GLY A 582 12.86 3.23 15.52
N GLY A 583 13.86 2.37 15.68
CA GLY A 583 15.04 2.70 16.47
C GLY A 583 15.84 3.67 15.63
N ARG A 584 15.41 3.87 14.39
CA ARG A 584 15.88 4.99 13.62
C ARG A 584 14.68 5.74 13.06
N TYR A 585 13.69 4.99 12.58
CA TYR A 585 12.39 5.56 12.22
C TYR A 585 12.42 6.63 11.13
N ASP A 586 13.28 7.63 11.31
CA ASP A 586 13.28 8.83 10.49
C ASP A 586 13.45 8.53 9.01
N PHE A 587 12.71 9.27 8.19
CA PHE A 587 12.84 9.16 6.75
C PHE A 587 12.33 10.44 6.11
N GLU A 588 13.24 11.38 5.86
CA GLU A 588 12.85 12.66 5.29
C GLU A 588 12.23 12.46 3.93
N ASP A 589 11.10 13.13 3.71
CA ASP A 589 10.28 12.98 2.51
C ASP A 589 9.72 11.56 2.36
N THR A 590 8.45 11.42 2.01
CA THR A 590 7.53 12.53 1.80
C THR A 590 6.11 12.06 2.08
N GLU A 591 5.92 11.31 3.16
CA GLU A 591 4.63 10.75 3.54
C GLU A 591 4.17 9.69 2.52
N VAL A 592 3.20 8.84 2.84
CA VAL A 592 2.51 8.81 4.13
C VAL A 592 3.28 8.05 5.18
N ARG A 593 4.34 7.37 4.76
CA ARG A 593 5.19 6.60 5.67
C ARG A 593 4.43 5.48 6.38
N ARG A 594 3.14 5.71 6.64
CA ARG A 594 2.31 4.74 7.33
C ARG A 594 2.94 4.35 8.66
N SER A 595 2.67 3.13 9.09
CA SER A 595 3.27 2.64 10.31
C SER A 595 4.77 2.57 10.16
N ASN A 596 5.51 3.04 11.15
CA ASN A 596 6.96 2.91 11.09
C ASN A 596 7.58 2.93 12.49
N PHE A 597 6.91 2.27 13.42
CA PHE A 597 7.46 1.96 14.74
C PHE A 597 7.87 3.21 15.50
N ASP A 598 7.15 4.30 15.30
CA ASP A 598 7.48 5.56 15.93
C ASP A 598 7.06 5.54 17.40
N ASN A 599 6.29 4.52 17.74
CA ASN A 599 5.69 4.40 19.05
C ASN A 599 5.27 2.98 19.27
N PHE A 600 5.20 2.52 20.51
CA PHE A 600 4.92 1.10 20.75
C PHE A 600 3.63 0.58 20.12
N PRO A 601 2.50 1.28 20.31
CA PRO A 601 1.30 0.75 19.66
C PRO A 601 1.47 0.64 18.15
N GLN A 602 2.22 1.59 17.60
CA GLN A 602 2.44 1.66 16.17
C GLN A 602 3.13 0.40 15.71
N ALA A 603 4.13 0.00 16.47
CA ALA A 603 4.85 -1.22 16.18
C ALA A 603 3.94 -2.40 16.37
N LEU A 604 2.99 -2.32 17.29
CA LEU A 604 2.07 -3.43 17.44
C LEU A 604 1.28 -3.62 16.17
N ILE A 605 0.67 -2.54 15.71
CA ILE A 605 -0.22 -2.65 14.57
C ILE A 605 0.57 -3.04 13.34
N SER A 606 1.84 -2.64 13.28
CA SER A 606 2.62 -2.93 12.07
C SER A 606 3.21 -4.34 12.05
N VAL A 607 3.65 -4.82 13.20
CA VAL A 607 4.05 -6.21 13.28
C VAL A 607 2.87 -7.08 12.96
N PHE A 608 1.72 -6.70 13.49
CA PHE A 608 0.53 -7.47 13.17
C PHE A 608 0.20 -7.33 11.70
N GLN A 609 0.61 -6.21 11.11
CA GLN A 609 0.43 -6.02 9.68
C GLN A 609 1.20 -7.06 8.89
N VAL A 610 2.52 -7.01 8.98
CA VAL A 610 3.33 -7.86 8.12
C VAL A 610 3.01 -9.30 8.46
N LEU A 611 2.52 -9.51 9.68
CA LEU A 611 2.15 -10.84 10.07
C LEU A 611 1.01 -11.38 9.21
N THR A 612 0.12 -10.49 8.77
CA THR A 612 -0.95 -10.90 7.86
C THR A 612 -0.39 -11.27 6.52
N GLY A 613 0.76 -10.69 6.20
CA GLY A 613 1.31 -10.79 4.88
C GLY A 613 0.77 -9.71 3.97
N GLU A 614 -0.08 -8.84 4.52
CA GLU A 614 -0.56 -7.72 3.73
C GLU A 614 0.43 -6.58 3.57
N ASP A 615 0.82 -6.36 2.32
CA ASP A 615 1.60 -5.20 1.89
C ASP A 615 2.77 -4.96 2.84
N TRP A 616 3.32 -6.03 3.38
CA TRP A 616 4.47 -5.92 4.26
C TRP A 616 5.62 -5.35 3.46
N ASN A 617 5.52 -5.57 2.16
CA ASN A 617 6.52 -5.14 1.23
C ASN A 617 6.95 -3.70 1.39
N SER A 618 5.98 -2.79 1.41
CA SER A 618 6.28 -1.38 1.51
C SER A 618 6.92 -1.06 2.85
N VAL A 619 6.53 -1.81 3.87
CA VAL A 619 7.16 -1.65 5.17
C VAL A 619 8.62 -1.92 5.05
N MET A 620 8.93 -3.02 4.38
CA MET A 620 10.30 -3.44 4.23
C MET A 620 11.08 -2.44 3.43
N TYR A 621 10.44 -1.81 2.45
CA TYR A 621 11.19 -0.86 1.64
C TYR A 621 11.22 0.51 2.29
N ASN A 622 10.55 0.65 3.41
CA ASN A 622 10.93 1.73 4.30
C ASN A 622 12.06 1.27 5.19
N GLY A 623 12.12 -0.05 5.41
CA GLY A 623 13.13 -0.61 6.28
C GLY A 623 14.52 -0.41 5.73
N ILE A 624 14.80 -1.03 4.59
CA ILE A 624 16.13 -0.92 4.02
C ILE A 624 16.44 0.51 3.66
N MET A 625 15.43 1.25 3.22
CA MET A 625 15.64 2.63 2.84
C MET A 625 16.02 3.46 4.05
N ALA A 626 15.62 3.01 5.23
CA ALA A 626 15.92 3.72 6.47
C ALA A 626 17.42 3.75 6.77
N TYR A 627 18.13 2.71 6.36
CA TYR A 627 19.56 2.67 6.57
C TYR A 627 20.33 3.09 5.33
N GLY A 628 19.89 4.17 4.71
CA GLY A 628 20.68 4.81 3.68
C GLY A 628 20.68 4.05 2.36
N GLY A 629 19.76 3.10 2.24
CA GLY A 629 19.67 2.30 1.04
C GLY A 629 20.58 1.10 1.05
N PRO A 630 20.48 0.26 0.02
CA PRO A 630 21.26 -0.98 -0.08
C PRO A 630 22.76 -0.73 -0.15
N SER A 631 23.55 -1.62 0.46
CA SER A 631 25.00 -1.52 0.43
C SER A 631 25.62 -2.83 0.87
N TYR A 632 25.87 -2.94 2.17
CA TYR A 632 26.41 -4.17 2.73
C TYR A 632 25.92 -4.42 4.16
N PRO A 633 25.95 -3.39 5.02
CA PRO A 633 25.37 -3.68 6.33
C PRO A 633 23.85 -3.48 6.37
N GLY A 634 23.35 -2.49 5.63
CA GLY A 634 21.94 -2.15 5.70
C GLY A 634 21.04 -3.20 5.10
N VAL A 635 21.51 -3.84 4.05
CA VAL A 635 20.70 -4.84 3.39
C VAL A 635 20.47 -6.01 4.35
N LEU A 636 21.38 -6.15 5.30
CA LEU A 636 21.27 -7.24 6.26
C LEU A 636 19.97 -7.11 7.06
N VAL A 637 19.45 -5.89 7.16
CA VAL A 637 18.23 -5.62 7.90
C VAL A 637 17.06 -6.43 7.34
N CYS A 638 17.16 -6.76 6.05
CA CYS A 638 16.11 -7.48 5.38
C CYS A 638 15.80 -8.75 6.11
N ILE A 639 16.86 -9.29 6.72
CA ILE A 639 16.81 -10.62 7.28
C ILE A 639 15.70 -10.70 8.31
N TYR A 640 15.42 -9.57 8.97
CA TYR A 640 14.42 -9.59 10.01
C TYR A 640 13.08 -10.07 9.48
N PHE A 641 12.65 -9.50 8.35
CA PHE A 641 11.34 -9.86 7.83
C PHE A 641 11.37 -11.32 7.44
N ILE A 642 12.52 -11.73 6.95
CA ILE A 642 12.71 -13.09 6.53
C ILE A 642 12.71 -14.00 7.74
N ILE A 643 13.26 -13.52 8.85
CA ILE A 643 13.17 -14.27 10.09
C ILE A 643 11.71 -14.29 10.52
N LEU A 644 11.02 -13.22 10.17
CA LEU A 644 9.80 -12.87 10.86
C LEU A 644 8.62 -13.74 10.44
N PHE A 645 7.88 -13.31 9.44
CA PHE A 645 6.64 -14.00 9.10
C PHE A 645 6.94 -15.37 8.56
N VAL A 646 8.13 -15.55 8.01
CA VAL A 646 8.50 -16.86 7.51
C VAL A 646 8.47 -17.84 8.67
N CYS A 647 8.84 -17.35 9.85
CA CYS A 647 8.59 -18.07 11.09
C CYS A 647 7.23 -17.69 11.66
N GLY A 648 6.88 -16.41 11.54
CA GLY A 648 5.65 -15.92 12.12
C GLY A 648 4.45 -16.59 11.51
N ASN A 649 4.40 -16.59 10.17
CA ASN A 649 3.33 -17.29 9.50
C ASN A 649 3.47 -18.75 9.85
N TYR A 650 4.71 -19.19 10.03
CA TYR A 650 4.93 -20.56 10.41
C TYR A 650 4.28 -20.82 11.74
N ILE A 651 4.38 -19.86 12.64
CA ILE A 651 3.77 -20.02 13.95
C ILE A 651 2.26 -20.13 13.75
N LEU A 652 1.74 -19.33 12.82
CA LEU A 652 0.34 -19.39 12.49
C LEU A 652 0.00 -20.74 11.92
N LEU A 653 0.91 -21.26 11.12
CA LEU A 653 0.67 -22.55 10.50
C LEU A 653 0.61 -23.55 11.64
N ASN A 654 1.44 -23.31 12.65
CA ASN A 654 1.50 -24.21 13.78
C ASN A 654 0.16 -24.24 14.46
N VAL A 655 -0.49 -23.07 14.46
CA VAL A 655 -1.76 -22.91 15.14
C VAL A 655 -2.79 -23.84 14.53
N PHE A 656 -2.67 -24.05 13.23
CA PHE A 656 -3.60 -24.94 12.54
C PHE A 656 -3.64 -26.28 13.24
N LEU A 657 -2.46 -26.80 13.57
CA LEU A 657 -2.38 -28.16 14.09
C LEU A 657 -3.20 -28.26 15.37
N ALA A 658 -3.17 -27.18 16.15
CA ALA A 658 -3.87 -27.20 17.41
C ALA A 658 -5.33 -27.43 17.12
N ILE A 659 -5.86 -26.57 16.24
CA ILE A 659 -7.26 -26.65 15.90
C ILE A 659 -7.49 -27.98 15.23
N ALA A 660 -6.48 -28.41 14.47
CA ALA A 660 -6.62 -29.60 13.67
C ALA A 660 -6.87 -30.76 14.59
N VAL A 661 -6.28 -30.71 15.79
CA VAL A 661 -6.52 -31.75 16.76
C VAL A 661 -7.87 -31.55 17.41
N ASP A 662 -8.11 -30.33 17.86
CA ASP A 662 -9.28 -30.08 18.68
C ASP A 662 -10.52 -30.38 17.87
N ASN A 663 -10.52 -29.93 16.63
CA ASN A 663 -11.67 -30.14 15.79
C ASN A 663 -11.86 -31.63 15.52
N LEU A 664 -10.76 -32.35 15.35
CA LEU A 664 -10.90 -33.78 15.07
C LEU A 664 -11.39 -34.47 16.33
N ALA A 665 -11.13 -33.85 17.47
CA ALA A 665 -11.61 -34.42 18.72
C ALA A 665 -13.13 -34.40 18.72
N GLU A 666 -13.70 -33.40 18.06
CA GLU A 666 -15.14 -33.36 17.89
C GLU A 666 -15.54 -34.43 16.90
N ALA A 667 -14.73 -34.59 15.87
CA ALA A 667 -14.95 -35.64 14.88
C ALA A 667 -14.78 -37.01 15.52
N GLU A 668 -13.87 -37.07 16.49
CA GLU A 668 -13.71 -38.28 17.29
C GLU A 668 -14.95 -38.50 18.14
N SER A 669 -15.67 -37.42 18.42
CA SER A 669 -16.95 -37.49 19.10
C SER A 669 -18.07 -37.67 18.09
N ALA A 798 -44.89 -45.30 -33.10
CA ALA A 798 -43.58 -45.91 -33.33
C ALA A 798 -42.48 -45.12 -32.62
N THR A 799 -42.74 -44.74 -31.38
CA THR A 799 -41.76 -44.01 -30.57
C THR A 799 -40.55 -44.89 -30.23
N TRP A 800 -40.75 -46.20 -30.27
CA TRP A 800 -39.71 -47.15 -29.93
C TRP A 800 -38.52 -47.05 -30.89
N PHE A 801 -38.79 -46.69 -32.14
CA PHE A 801 -37.72 -46.52 -33.12
C PHE A 801 -36.84 -45.32 -32.77
N THR A 802 -37.47 -44.24 -32.34
CA THR A 802 -36.73 -43.06 -31.88
C THR A 802 -35.98 -43.38 -30.60
N ASN A 803 -36.56 -44.26 -29.78
CA ASN A 803 -35.89 -44.73 -28.58
C ASN A 803 -34.64 -45.52 -28.95
N PHE A 804 -34.73 -46.26 -30.05
CA PHE A 804 -33.58 -46.96 -30.60
C PHE A 804 -32.55 -45.98 -31.16
N ILE A 805 -33.03 -44.82 -31.61
CA ILE A 805 -32.16 -43.83 -32.21
C ILE A 805 -31.34 -43.07 -31.18
N LEU A 806 -32.02 -42.58 -30.14
CA LEU A 806 -31.35 -41.82 -29.09
C LEU A 806 -30.39 -42.69 -28.27
N LEU A 807 -30.75 -43.96 -28.12
CA LEU A 807 -29.94 -44.89 -27.32
C LEU A 807 -28.83 -45.55 -28.13
N PHE A 808 -28.85 -45.34 -29.45
CA PHE A 808 -27.86 -45.96 -30.31
C PHE A 808 -26.45 -45.46 -30.02
N ILE A 809 -25.50 -46.38 -29.94
CA ILE A 809 -24.11 -46.03 -29.71
C ILE A 809 -23.52 -45.26 -30.88
N LEU A 810 -23.97 -45.58 -32.09
CA LEU A 810 -23.52 -44.88 -33.28
C LEU A 810 -23.95 -43.42 -33.24
N LEU A 811 -25.13 -43.18 -32.68
CA LEU A 811 -25.63 -41.82 -32.51
C LEU A 811 -24.75 -41.08 -31.50
N SER A 812 -24.26 -41.81 -30.51
CA SER A 812 -23.33 -41.26 -29.53
C SER A 812 -21.95 -41.01 -30.15
N SER A 813 -21.64 -41.74 -31.21
CA SER A 813 -20.37 -41.58 -31.91
C SER A 813 -20.41 -40.35 -32.81
N ALA A 814 -21.54 -40.17 -33.49
CA ALA A 814 -21.77 -38.95 -34.26
C ALA A 814 -21.83 -37.77 -33.30
N ALA A 815 -22.33 -38.03 -32.10
CA ALA A 815 -22.32 -37.05 -31.02
C ALA A 815 -20.91 -36.78 -30.53
N LEU A 816 -20.02 -37.76 -30.72
CA LEU A 816 -18.63 -37.60 -30.30
C LEU A 816 -17.85 -36.78 -31.32
N ALA A 817 -18.05 -37.05 -32.60
CA ALA A 817 -17.45 -36.23 -33.65
C ALA A 817 -18.03 -34.82 -33.57
N ALA A 818 -19.31 -34.75 -33.21
CA ALA A 818 -19.96 -33.47 -32.97
C ALA A 818 -19.37 -32.80 -31.74
N GLU A 819 -18.87 -33.61 -30.82
CA GLU A 819 -18.27 -33.08 -29.61
C GLU A 819 -16.93 -32.44 -29.93
N ASP A 820 -16.10 -33.14 -30.69
CA ASP A 820 -14.81 -32.59 -31.10
C ASP A 820 -15.00 -31.37 -32.00
N PRO A 821 -16.04 -31.42 -32.82
CA PRO A 821 -16.29 -30.33 -33.76
C PRO A 821 -16.79 -29.08 -33.04
N ILE A 822 -17.76 -29.26 -32.15
CA ILE A 822 -18.29 -28.15 -31.37
C ILE A 822 -17.26 -27.59 -30.41
N ARG A 823 -16.37 -28.47 -29.93
CA ARG A 823 -15.30 -28.03 -29.05
C ARG A 823 -14.29 -27.20 -29.84
N ALA A 824 -13.99 -27.65 -31.05
CA ALA A 824 -13.08 -26.90 -31.92
C ALA A 824 -13.69 -25.56 -32.30
N GLU A 825 -15.01 -25.54 -32.43
CA GLU A 825 -15.72 -24.33 -32.83
C GLU A 825 -15.78 -23.32 -31.70
N SER A 826 -16.10 -23.81 -30.51
CA SER A 826 -16.13 -22.94 -29.34
C SER A 826 -14.73 -22.42 -29.02
N VAL A 827 -13.74 -23.28 -29.25
CA VAL A 827 -12.35 -22.87 -29.06
C VAL A 827 -11.98 -21.82 -30.09
N ARG A 828 -12.57 -21.94 -31.28
CA ARG A 828 -12.40 -20.92 -32.31
C ARG A 828 -13.06 -19.62 -31.86
N ASN A 829 -14.13 -19.75 -31.08
CA ASN A 829 -14.88 -18.61 -30.59
C ASN A 829 -14.25 -18.02 -29.33
N GLN A 830 -13.25 -18.70 -28.79
CA GLN A 830 -12.59 -18.25 -27.57
C GLN A 830 -11.95 -16.89 -27.76
N ILE A 831 -11.48 -16.61 -28.97
CA ILE A 831 -11.04 -15.27 -29.32
C ILE A 831 -12.26 -14.36 -29.48
N LEU A 832 -12.11 -13.10 -29.09
CA LEU A 832 -13.22 -12.15 -29.14
C LEU A 832 -13.66 -11.84 -30.57
N GLY A 833 -12.73 -11.92 -31.51
CA GLY A 833 -12.98 -11.47 -32.88
C GLY A 833 -13.68 -12.51 -33.76
N TYR A 834 -13.84 -13.73 -33.24
CA TYR A 834 -14.35 -14.84 -34.04
C TYR A 834 -15.78 -14.61 -34.55
N PHE A 835 -16.56 -13.88 -33.76
CA PHE A 835 -17.95 -13.58 -34.13
C PHE A 835 -18.02 -12.67 -35.34
N ASP A 836 -16.96 -11.89 -35.57
CA ASP A 836 -16.91 -10.96 -36.69
C ASP A 836 -16.95 -11.71 -38.02
N ILE A 837 -16.51 -12.96 -38.00
CA ILE A 837 -16.53 -13.80 -39.19
C ILE A 837 -17.81 -14.63 -39.27
N ALA A 838 -17.73 -15.79 -39.91
CA ALA A 838 -18.86 -16.68 -40.07
C ALA A 838 -18.95 -17.73 -38.96
N PHE A 839 -19.40 -17.31 -37.79
CA PHE A 839 -19.53 -18.22 -36.64
C PHE A 839 -20.84 -18.99 -36.66
N THR A 840 -21.69 -18.69 -37.65
CA THR A 840 -23.04 -19.23 -37.69
C THR A 840 -23.09 -20.77 -37.80
N SER A 841 -22.13 -21.36 -38.50
CA SER A 841 -22.09 -22.81 -38.63
C SER A 841 -21.86 -23.46 -37.27
N VAL A 842 -21.05 -22.81 -36.45
CA VAL A 842 -20.81 -23.27 -35.09
C VAL A 842 -22.08 -23.15 -34.26
N PHE A 843 -22.88 -22.14 -34.55
CA PHE A 843 -24.18 -21.99 -33.90
C PHE A 843 -25.12 -23.10 -34.30
N THR A 844 -25.02 -23.54 -35.56
CA THR A 844 -25.80 -24.68 -36.02
C THR A 844 -25.36 -25.96 -35.34
N VAL A 845 -24.06 -26.05 -35.07
CA VAL A 845 -23.51 -27.22 -34.40
C VAL A 845 -23.97 -27.29 -32.94
N GLU A 846 -23.86 -26.16 -32.24
CA GLU A 846 -24.29 -26.09 -30.85
C GLU A 846 -25.80 -26.29 -30.75
N ILE A 847 -26.51 -25.87 -31.79
CA ILE A 847 -27.94 -26.12 -31.86
C ILE A 847 -28.22 -27.61 -32.02
N VAL A 848 -27.36 -28.30 -32.77
CA VAL A 848 -27.51 -29.74 -32.96
C VAL A 848 -27.23 -30.49 -31.66
N LEU A 849 -26.21 -30.05 -30.93
CA LEU A 849 -25.86 -30.69 -29.66
C LEU A 849 -26.92 -30.43 -28.59
N LYS A 850 -27.43 -29.20 -28.57
CA LYS A 850 -28.51 -28.84 -27.65
C LYS A 850 -29.77 -29.62 -28.00
N MET A 851 -29.94 -29.91 -29.28
CA MET A 851 -31.08 -30.67 -29.77
C MET A 851 -30.99 -32.13 -29.32
N THR A 852 -29.81 -32.73 -29.49
CA THR A 852 -29.61 -34.11 -29.08
C THR A 852 -29.66 -34.27 -27.56
N THR A 853 -29.23 -33.24 -26.84
CA THR A 853 -29.23 -33.28 -25.38
C THR A 853 -30.64 -33.11 -24.82
N TYR A 854 -31.38 -32.16 -25.38
CA TYR A 854 -32.76 -31.95 -24.98
C TYR A 854 -33.59 -33.16 -25.37
N GLY A 855 -33.22 -33.79 -26.48
CA GLY A 855 -33.85 -35.04 -26.89
C GLY A 855 -33.53 -36.17 -25.92
N ALA A 856 -32.33 -36.13 -25.35
CA ALA A 856 -31.96 -37.11 -24.33
C ALA A 856 -32.81 -36.89 -23.08
N PHE A 857 -33.07 -35.64 -22.76
CA PHE A 857 -33.96 -35.31 -21.65
C PHE A 857 -35.38 -35.78 -21.95
N LEU A 858 -35.77 -35.67 -23.22
CA LEU A 858 -37.08 -36.12 -23.66
C LEU A 858 -37.20 -37.64 -23.58
N HIS A 859 -36.07 -38.31 -23.73
CA HIS A 859 -36.03 -39.76 -23.68
C HIS A 859 -36.10 -40.24 -22.24
N LYS A 860 -35.31 -39.62 -21.37
CA LYS A 860 -35.33 -39.98 -19.95
C LYS A 860 -36.65 -39.59 -19.28
N GLY A 861 -37.30 -38.54 -19.78
CA GLY A 861 -38.53 -38.04 -19.18
C GLY A 861 -39.69 -39.03 -19.30
N SER A 862 -39.68 -39.84 -20.35
CA SER A 862 -40.76 -40.78 -20.61
C SER A 862 -40.64 -42.05 -19.76
N PHE A 863 -39.50 -42.21 -19.09
CA PHE A 863 -39.24 -43.43 -18.32
C PHE A 863 -39.12 -43.15 -16.82
N CYS A 864 -40.26 -42.87 -16.20
CA CYS A 864 -40.34 -42.65 -14.76
C CYS A 864 -39.41 -41.55 -14.26
N ARG A 865 -39.40 -40.42 -14.94
CA ARG A 865 -38.65 -39.25 -14.48
C ARG A 865 -39.58 -38.29 -13.76
N ASN A 866 -39.78 -37.11 -14.36
CA ASN A 866 -40.69 -36.09 -13.83
C ASN A 866 -40.44 -35.78 -12.36
N TYR A 867 -41.19 -36.42 -11.48
CA TYR A 867 -41.00 -36.25 -10.05
C TYR A 867 -39.64 -36.80 -9.64
N PHE A 868 -39.24 -37.91 -10.25
CA PHE A 868 -37.91 -38.44 -10.05
C PHE A 868 -36.90 -37.49 -10.64
N ASN A 869 -37.26 -36.88 -11.76
CA ASN A 869 -36.43 -35.85 -12.39
C ASN A 869 -36.37 -34.61 -11.51
N ILE A 870 -37.46 -34.34 -10.79
CA ILE A 870 -37.48 -33.25 -9.83
C ILE A 870 -36.55 -33.57 -8.67
N LEU A 871 -36.41 -34.85 -8.38
CA LEU A 871 -35.46 -35.30 -7.36
C LEU A 871 -34.04 -35.43 -7.92
N ASP A 872 -33.92 -36.08 -9.08
CA ASP A 872 -32.62 -36.32 -9.69
C ASP A 872 -31.96 -35.04 -10.19
N LEU A 873 -30.66 -34.92 -9.94
CA LEU A 873 -29.89 -33.77 -10.41
C LEU A 873 -29.75 -33.72 -11.92
N LEU A 874 -29.67 -34.88 -12.56
CA LEU A 874 -29.28 -34.94 -13.98
C LEU A 874 -30.41 -34.56 -14.94
N VAL A 875 -31.57 -35.19 -14.77
CA VAL A 875 -32.70 -34.91 -15.63
C VAL A 875 -33.21 -33.48 -15.38
N VAL A 876 -33.09 -33.04 -14.13
CA VAL A 876 -33.39 -31.66 -13.80
C VAL A 876 -32.37 -30.73 -14.45
N ALA A 877 -31.14 -31.18 -14.57
CA ALA A 877 -30.10 -30.38 -15.22
C ALA A 877 -30.37 -30.23 -16.71
N VAL A 878 -30.94 -31.28 -17.30
CA VAL A 878 -31.24 -31.25 -18.72
C VAL A 878 -32.50 -30.46 -19.02
N SER A 879 -33.50 -30.58 -18.15
CA SER A 879 -34.73 -29.79 -18.29
C SER A 879 -34.44 -28.31 -18.05
N LEU A 880 -33.58 -28.03 -17.07
CA LEU A 880 -33.13 -26.66 -16.82
C LEU A 880 -32.30 -26.18 -17.99
N ILE A 881 -31.60 -27.12 -18.64
CA ILE A 881 -30.87 -26.80 -19.86
C ILE A 881 -31.83 -26.44 -20.98
N SER A 882 -33.03 -27.02 -20.92
CA SER A 882 -34.04 -26.78 -21.94
C SER A 882 -34.74 -25.44 -21.74
N MET A 883 -35.03 -25.10 -20.48
CA MET A 883 -35.76 -23.87 -20.20
C MET A 883 -34.88 -22.62 -20.20
N GLY A 884 -33.72 -22.70 -19.57
CA GLY A 884 -32.84 -21.54 -19.42
C GLY A 884 -32.31 -21.04 -20.77
N LEU A 885 -32.08 -21.97 -21.69
CA LEU A 885 -31.64 -21.61 -23.03
C LEU A 885 -32.74 -20.92 -23.81
N GLU A 886 -33.98 -21.16 -23.40
CA GLU A 886 -35.14 -20.60 -24.07
C GLU A 886 -35.41 -19.16 -23.63
N SER A 887 -34.67 -18.70 -22.63
CA SER A 887 -34.85 -17.33 -22.13
C SER A 887 -34.54 -16.30 -23.20
N SER A 888 -35.42 -15.31 -23.32
CA SER A 888 -35.30 -14.29 -24.37
C SER A 888 -34.16 -13.31 -24.12
N THR A 889 -33.54 -12.84 -25.20
CA THR A 889 -32.52 -11.79 -25.11
C THR A 889 -33.14 -10.48 -24.63
N ILE A 890 -34.39 -10.25 -25.00
CA ILE A 890 -35.15 -9.11 -24.49
C ILE A 890 -35.60 -9.39 -23.07
N SER A 891 -35.71 -8.33 -22.25
CA SER A 891 -36.14 -8.43 -20.86
C SER A 891 -35.25 -9.37 -20.04
N VAL A 892 -34.41 -8.77 -19.19
CA VAL A 892 -33.39 -9.47 -18.41
C VAL A 892 -32.35 -10.09 -19.33
N VAL A 893 -31.10 -9.68 -19.14
CA VAL A 893 -30.02 -9.98 -20.08
C VAL A 893 -29.72 -11.48 -20.19
N LYS A 894 -29.35 -11.89 -21.41
CA LYS A 894 -28.94 -13.26 -21.69
C LYS A 894 -28.12 -13.32 -22.98
N ILE A 895 -27.29 -14.36 -23.11
CA ILE A 895 -26.48 -14.56 -24.32
C ILE A 895 -26.33 -16.04 -24.63
N LEU A 896 -27.06 -16.51 -25.63
CA LEU A 896 -27.15 -17.95 -25.92
C LEU A 896 -25.81 -18.57 -26.34
N ARG A 897 -24.98 -17.81 -27.03
CA ARG A 897 -23.74 -18.36 -27.57
C ARG A 897 -22.81 -18.82 -26.44
N VAL A 898 -22.87 -18.13 -25.31
CA VAL A 898 -22.04 -18.46 -24.16
C VAL A 898 -22.42 -19.84 -23.63
N LEU A 899 -23.65 -20.25 -23.89
CA LEU A 899 -24.13 -21.55 -23.44
C LEU A 899 -23.63 -22.67 -24.33
N ARG A 900 -23.04 -22.32 -25.48
CA ARG A 900 -22.61 -23.33 -26.42
C ARG A 900 -21.53 -24.22 -25.84
N VAL A 901 -20.72 -23.66 -24.94
CA VAL A 901 -19.69 -24.43 -24.26
C VAL A 901 -20.28 -25.47 -23.32
N LEU A 902 -21.46 -25.18 -22.79
CA LEU A 902 -22.08 -26.01 -21.76
C LEU A 902 -22.49 -27.40 -22.23
N ARG A 903 -22.82 -27.53 -23.51
CA ARG A 903 -23.45 -28.75 -24.01
C ARG A 903 -22.60 -30.00 -23.85
N PRO A 904 -21.28 -29.85 -23.98
CA PRO A 904 -20.38 -30.98 -23.84
C PRO A 904 -20.01 -31.24 -22.38
N LEU A 905 -20.35 -30.29 -21.50
CA LEU A 905 -19.93 -30.38 -20.10
C LEU A 905 -20.54 -31.61 -19.44
N ARG A 906 -21.69 -32.05 -19.95
CA ARG A 906 -22.36 -33.22 -19.40
C ARG A 906 -21.47 -34.46 -19.51
N ALA A 907 -20.61 -34.48 -20.52
CA ALA A 907 -19.71 -35.62 -20.72
C ALA A 907 -18.77 -35.77 -19.53
N ILE A 908 -18.52 -34.66 -18.84
CA ILE A 908 -17.63 -34.68 -17.68
C ILE A 908 -18.22 -35.56 -16.58
N ASN A 909 -19.54 -35.72 -16.58
CA ASN A 909 -20.19 -36.60 -15.61
C ASN A 909 -19.79 -38.06 -15.82
N ARG A 910 -19.45 -38.42 -17.06
CA ARG A 910 -19.07 -39.79 -17.36
C ARG A 910 -17.80 -40.17 -16.61
N ALA A 911 -16.95 -39.19 -16.37
CA ALA A 911 -15.83 -39.38 -15.48
C ALA A 911 -16.37 -39.59 -14.07
N LYS A 912 -15.80 -40.55 -13.35
CA LYS A 912 -16.29 -40.87 -12.02
C LYS A 912 -15.44 -40.23 -10.93
N GLY A 913 -14.17 -39.97 -11.25
CA GLY A 913 -13.23 -39.50 -10.24
C GLY A 913 -13.65 -38.15 -9.67
N LEU A 914 -14.24 -37.31 -10.50
CA LEU A 914 -14.71 -36.02 -10.06
C LEU A 914 -15.88 -36.19 -9.10
N LYS A 915 -16.64 -37.24 -9.28
CA LYS A 915 -17.83 -37.47 -8.49
C LYS A 915 -17.51 -37.72 -7.03
N HIS A 916 -16.34 -38.28 -6.75
CA HIS A 916 -15.97 -38.57 -5.37
C HIS A 916 -15.69 -37.27 -4.62
N VAL A 917 -14.86 -36.42 -5.22
CA VAL A 917 -14.55 -35.13 -4.62
C VAL A 917 -15.77 -34.24 -4.56
N VAL A 918 -16.65 -34.38 -5.55
CA VAL A 918 -17.84 -33.56 -5.62
C VAL A 918 -18.83 -33.95 -4.55
N GLN A 919 -19.02 -35.26 -4.38
CA GLN A 919 -19.89 -35.77 -3.35
C GLN A 919 -19.31 -35.39 -2.00
N CYS A 920 -17.98 -35.34 -1.94
CA CYS A 920 -17.31 -34.89 -0.74
C CYS A 920 -17.62 -33.42 -0.47
N VAL A 921 -17.75 -32.64 -1.53
CA VAL A 921 -18.00 -31.22 -1.38
C VAL A 921 -19.44 -30.95 -0.94
N PHE A 922 -20.38 -31.63 -1.58
CA PHE A 922 -21.78 -31.48 -1.21
C PHE A 922 -22.00 -31.99 0.21
N VAL A 923 -21.24 -33.01 0.59
CA VAL A 923 -21.26 -33.47 1.97
C VAL A 923 -20.63 -32.44 2.88
N ALA A 924 -19.72 -31.65 2.33
CA ALA A 924 -18.97 -30.70 3.12
C ALA A 924 -19.77 -29.45 3.47
N ILE A 925 -20.46 -28.90 2.48
CA ILE A 925 -21.20 -27.67 2.70
C ILE A 925 -22.31 -27.86 3.74
N ARG A 926 -22.90 -29.05 3.74
CA ARG A 926 -23.90 -29.40 4.74
C ARG A 926 -23.25 -29.52 6.11
N THR A 927 -22.00 -29.95 6.12
CA THR A 927 -21.29 -30.27 7.35
C THR A 927 -20.97 -29.03 8.19
N ILE A 928 -20.88 -27.87 7.56
CA ILE A 928 -20.44 -26.67 8.28
C ILE A 928 -21.19 -25.41 7.84
N GLY A 929 -22.44 -25.58 7.40
CA GLY A 929 -23.24 -24.44 6.98
C GLY A 929 -23.52 -23.49 8.14
N ASN A 930 -23.67 -24.05 9.33
CA ASN A 930 -24.01 -23.24 10.49
C ASN A 930 -22.90 -22.26 10.78
N ILE A 931 -21.66 -22.68 10.55
CA ILE A 931 -20.52 -21.82 10.76
C ILE A 931 -20.59 -20.66 9.80
N VAL A 932 -21.03 -20.96 8.59
CA VAL A 932 -21.12 -19.94 7.57
C VAL A 932 -22.13 -18.91 8.01
N LEU A 933 -23.22 -19.41 8.60
CA LEU A 933 -24.23 -18.51 9.11
C LEU A 933 -23.67 -17.65 10.23
N VAL A 934 -22.80 -18.25 11.03
CA VAL A 934 -22.22 -17.52 12.15
C VAL A 934 -21.35 -16.39 11.62
N THR A 935 -20.63 -16.68 10.55
CA THR A 935 -19.74 -15.69 9.96
C THR A 935 -20.54 -14.54 9.41
N THR A 936 -21.62 -14.88 8.72
CA THR A 936 -22.45 -13.85 8.15
C THR A 936 -23.06 -13.00 9.25
N LEU A 937 -23.42 -13.64 10.35
CA LEU A 937 -23.97 -12.89 11.46
C LEU A 937 -22.92 -11.99 12.07
N LEU A 938 -21.66 -12.42 12.02
CA LEU A 938 -20.59 -11.56 12.47
C LEU A 938 -20.51 -10.36 11.56
N GLN A 939 -20.81 -10.60 10.28
CA GLN A 939 -20.80 -9.51 9.33
C GLN A 939 -21.84 -8.52 9.79
N PHE A 940 -22.99 -9.03 10.21
CA PHE A 940 -24.03 -8.15 10.73
C PHE A 940 -23.60 -7.42 11.99
N MET A 941 -22.89 -8.12 12.87
CA MET A 941 -22.58 -7.56 14.17
C MET A 941 -21.62 -6.40 14.02
N PHE A 942 -20.53 -6.67 13.35
CA PHE A 942 -19.53 -5.65 13.15
C PHE A 942 -20.10 -4.57 12.25
N ALA A 943 -21.08 -4.94 11.43
CA ALA A 943 -21.74 -3.93 10.63
C ALA A 943 -22.40 -2.94 11.57
N CYS A 944 -23.20 -3.46 12.49
CA CYS A 944 -23.96 -2.60 13.39
C CYS A 944 -23.01 -1.80 14.24
N ILE A 945 -21.86 -2.39 14.54
CA ILE A 945 -20.86 -1.71 15.33
C ILE A 945 -20.29 -0.52 14.59
N GLY A 946 -19.89 -0.74 13.35
CA GLY A 946 -19.21 0.28 12.60
C GLY A 946 -20.13 1.40 12.23
N VAL A 947 -21.36 1.06 11.89
CA VAL A 947 -22.27 2.05 11.38
C VAL A 947 -22.56 3.11 12.43
N GLN A 948 -22.91 2.66 13.62
CA GLN A 948 -23.30 3.57 14.69
C GLN A 948 -22.07 3.97 15.47
N LEU A 949 -21.01 4.28 14.73
CA LEU A 949 -19.73 4.63 15.31
C LEU A 949 -18.82 5.29 14.26
N PHE A 950 -19.15 5.10 12.99
CA PHE A 950 -18.33 5.59 11.90
C PHE A 950 -19.08 6.38 10.83
N LYS A 951 -20.41 6.40 10.91
CA LYS A 951 -21.22 6.82 9.79
C LYS A 951 -20.91 8.25 9.34
N GLY A 952 -20.58 9.10 10.29
CA GLY A 952 -20.30 10.48 9.95
C GLY A 952 -18.90 10.66 9.42
N LYS A 953 -18.07 9.63 9.62
CA LYS A 953 -16.66 9.73 9.32
C LYS A 953 -16.38 9.46 7.84
N PHE A 954 -15.10 9.46 7.49
CA PHE A 954 -14.60 9.03 6.19
C PHE A 954 -14.90 9.99 5.04
N PHE A 955 -15.81 10.93 5.23
CA PHE A 955 -16.09 11.87 4.17
C PHE A 955 -14.90 12.79 4.01
N SER A 956 -13.80 12.21 3.54
CA SER A 956 -12.49 12.83 3.58
C SER A 956 -12.31 14.05 2.70
N CYS A 957 -11.39 14.93 3.11
CA CYS A 957 -11.06 16.11 2.35
C CYS A 957 -9.67 15.98 1.77
N ASN A 958 -9.15 17.07 1.22
CA ASN A 958 -7.80 17.07 0.67
C ASN A 958 -7.02 18.32 1.10
N ASP A 959 -6.02 18.15 1.96
CA ASP A 959 -5.78 16.91 2.66
C ASP A 959 -6.57 16.96 3.95
N LEU A 960 -5.86 16.93 5.07
CA LEU A 960 -6.49 17.22 6.34
C LEU A 960 -6.87 18.69 6.40
N SER A 961 -6.21 19.49 5.58
CA SER A 961 -6.34 20.95 5.64
C SER A 961 -7.65 21.43 5.03
N LYS A 962 -8.76 21.04 5.65
CA LYS A 962 -10.08 21.43 5.23
C LYS A 962 -11.09 20.88 6.22
N MET A 963 -10.80 19.69 6.74
CA MET A 963 -11.57 19.07 7.80
C MET A 963 -13.06 18.93 7.47
N THR A 964 -13.79 20.04 7.50
CA THR A 964 -15.22 19.99 7.31
C THR A 964 -15.58 19.72 5.86
N GLU A 965 -16.12 18.53 5.59
CA GLU A 965 -16.42 18.11 4.24
C GLU A 965 -17.61 18.89 3.71
N GLU A 966 -17.44 20.21 3.69
CA GLU A 966 -18.46 21.15 3.30
C GLU A 966 -17.77 22.48 3.26
N GLU A 967 -16.81 22.64 4.16
CA GLU A 967 -15.87 23.75 4.09
C GLU A 967 -15.01 23.55 2.86
N CYS A 968 -14.92 22.30 2.41
CA CYS A 968 -14.17 21.96 1.22
C CYS A 968 -14.74 22.66 0.02
N ARG A 969 -13.88 23.28 -0.79
CA ARG A 969 -14.32 23.87 -2.04
C ARG A 969 -13.14 24.41 -2.84
N GLY A 970 -13.24 24.34 -4.16
CA GLY A 970 -12.24 24.93 -5.02
C GLY A 970 -10.92 24.18 -5.10
N TYR A 971 -9.91 24.87 -5.58
CA TYR A 971 -8.60 24.28 -5.82
C TYR A 971 -7.82 24.00 -4.54
N TYR A 972 -6.58 23.55 -4.71
CA TYR A 972 -5.80 22.94 -3.63
C TYR A 972 -4.41 22.53 -4.12
N TYR A 973 -3.36 23.12 -3.54
CA TYR A 973 -1.99 22.82 -4.00
C TYR A 973 -1.52 21.40 -3.77
N VAL A 974 -0.71 20.93 -4.72
CA VAL A 974 0.09 19.74 -4.50
C VAL A 974 1.51 20.02 -4.90
N TYR A 975 2.41 19.93 -3.92
CA TYR A 975 3.83 20.09 -4.15
C TYR A 975 4.47 18.75 -4.42
N LYS A 976 4.97 18.58 -5.63
CA LYS A 976 5.65 17.35 -5.98
C LYS A 976 6.85 17.14 -5.09
N ASP A 977 7.09 15.89 -4.73
CA ASP A 977 8.23 15.52 -3.91
C ASP A 977 8.16 16.17 -2.54
N GLY A 978 8.81 17.31 -2.39
CA GLY A 978 8.85 18.01 -1.13
C GLY A 978 9.22 19.46 -1.30
N ASP A 979 9.92 19.76 -2.38
CA ASP A 979 10.41 21.09 -2.62
C ASP A 979 9.29 22.07 -2.91
N PRO A 980 9.25 23.16 -2.14
CA PRO A 980 8.25 24.22 -2.30
C PRO A 980 8.57 25.12 -3.47
N THR A 981 8.98 24.52 -4.58
CA THR A 981 9.12 25.26 -5.83
C THR A 981 8.57 24.44 -6.98
N GLN A 982 7.70 23.49 -6.66
CA GLN A 982 7.06 22.67 -7.68
C GLN A 982 5.58 22.46 -7.39
N MET A 983 4.84 23.56 -7.42
CA MET A 983 3.41 23.58 -7.21
C MET A 983 2.61 23.03 -8.38
N GLU A 984 1.49 22.38 -8.07
CA GLU A 984 0.55 21.94 -9.09
C GLU A 984 -0.85 22.02 -8.55
N LEU A 985 -1.71 22.80 -9.20
CA LEU A 985 -3.08 23.02 -8.74
C LEU A 985 -3.95 21.79 -8.89
N ARG A 986 -4.99 21.73 -8.08
CA ARG A 986 -5.92 20.63 -8.16
C ARG A 986 -7.29 21.03 -7.63
N PRO A 987 -8.33 20.77 -8.40
CA PRO A 987 -9.66 21.04 -7.92
C PRO A 987 -10.03 19.91 -6.98
N ARG A 988 -9.42 19.91 -5.81
CA ARG A 988 -9.52 18.77 -4.92
C ARG A 988 -10.72 18.86 -4.00
N GLN A 989 -10.95 17.75 -3.29
CA GLN A 989 -12.04 17.58 -2.34
C GLN A 989 -13.37 17.48 -3.07
N TRP A 990 -14.32 16.73 -2.51
CA TRP A 990 -14.12 15.95 -1.28
C TRP A 990 -13.72 14.52 -1.64
N ILE A 991 -13.90 13.62 -0.70
CA ILE A 991 -13.64 12.22 -0.98
C ILE A 991 -14.64 11.32 -0.27
N HIS A 992 -15.09 10.30 -0.98
CA HIS A 992 -16.09 9.36 -0.47
C HIS A 992 -15.43 8.19 0.25
N ASN A 993 -14.10 8.16 0.23
CA ASN A 993 -13.31 7.12 0.87
C ASN A 993 -13.66 5.72 0.40
N ASP A 994 -14.18 5.61 -0.82
CA ASP A 994 -14.35 4.33 -1.49
C ASP A 994 -15.25 3.31 -0.78
N PHE A 995 -15.26 3.33 0.55
CA PHE A 995 -16.05 2.36 1.32
C PHE A 995 -16.73 2.95 2.54
N HIS A 996 -17.80 3.69 2.30
CA HIS A 996 -18.58 4.29 3.38
C HIS A 996 -19.11 3.22 4.30
N PHE A 997 -19.22 3.54 5.59
CA PHE A 997 -20.08 2.76 6.46
C PHE A 997 -21.38 3.49 6.68
N ASP A 998 -21.82 4.17 5.64
CA ASP A 998 -23.10 4.86 5.69
C ASP A 998 -24.24 3.86 5.69
N ASN A 999 -23.96 2.65 5.27
CA ASN A 999 -25.01 1.65 5.09
C ASN A 999 -24.54 0.27 5.47
N VAL A 1000 -25.42 -0.50 6.10
CA VAL A 1000 -25.06 -1.84 6.52
C VAL A 1000 -24.77 -2.72 5.31
N LEU A 1001 -25.38 -2.40 4.19
CA LEU A 1001 -25.02 -3.08 2.96
C LEU A 1001 -23.58 -2.73 2.61
N SER A 1002 -23.26 -1.44 2.72
CA SER A 1002 -21.91 -0.98 2.46
C SER A 1002 -20.96 -1.58 3.50
N ALA A 1003 -21.52 -1.89 4.66
CA ALA A 1003 -20.74 -2.57 5.68
C ALA A 1003 -20.39 -3.98 5.23
N MET A 1004 -21.35 -4.70 4.66
CA MET A 1004 -21.05 -6.00 4.10
C MET A 1004 -19.98 -5.84 3.05
N MET A 1005 -20.06 -4.72 2.33
CA MET A 1005 -19.12 -4.42 1.28
C MET A 1005 -17.70 -4.39 1.82
N SER A 1006 -17.38 -3.31 2.53
CA SER A 1006 -16.00 -3.08 2.96
C SER A 1006 -15.48 -4.15 3.91
N LEU A 1007 -16.36 -4.66 4.75
CA LEU A 1007 -15.94 -5.64 5.75
C LEU A 1007 -15.50 -6.91 5.05
N PHE A 1008 -16.07 -7.15 3.88
CA PHE A 1008 -15.61 -8.27 3.09
C PHE A 1008 -14.20 -8.00 2.59
N THR A 1009 -13.89 -6.73 2.32
CA THR A 1009 -12.57 -6.41 1.80
C THR A 1009 -11.54 -6.68 2.84
N VAL A 1010 -11.80 -6.28 4.07
CA VAL A 1010 -10.82 -6.60 5.10
C VAL A 1010 -10.86 -8.10 5.33
N SER A 1011 -11.99 -8.73 5.02
CA SER A 1011 -12.07 -10.17 5.16
C SER A 1011 -11.12 -10.85 4.19
N THR A 1012 -10.79 -10.15 3.10
CA THR A 1012 -9.88 -10.70 2.11
C THR A 1012 -8.42 -10.62 2.51
N PHE A 1013 -8.13 -9.94 3.62
CA PHE A 1013 -6.75 -9.64 4.03
C PHE A 1013 -6.06 -8.83 2.97
N GLU A 1014 -6.78 -7.91 2.39
CA GLU A 1014 -6.28 -7.24 1.23
C GLU A 1014 -6.71 -5.79 1.17
N GLY A 1015 -5.75 -4.89 1.39
CA GLY A 1015 -5.98 -3.46 1.28
C GLY A 1015 -6.51 -2.79 2.53
N TRP A 1016 -6.79 -3.60 3.55
CA TRP A 1016 -7.38 -3.08 4.78
C TRP A 1016 -6.60 -2.00 5.51
N PRO A 1017 -5.28 -2.14 5.64
CA PRO A 1017 -4.60 -1.19 6.52
C PRO A 1017 -4.83 0.24 6.10
N GLN A 1018 -4.96 0.46 4.79
CA GLN A 1018 -5.32 1.78 4.32
C GLN A 1018 -6.63 2.22 4.94
N LEU A 1019 -7.63 1.35 4.88
CA LEU A 1019 -8.91 1.60 5.53
C LEU A 1019 -8.76 1.75 7.03
N LEU A 1020 -7.88 0.93 7.60
CA LEU A 1020 -7.59 1.04 9.01
C LEU A 1020 -7.09 2.43 9.34
N TYR A 1021 -6.10 2.87 8.57
CA TYR A 1021 -5.41 4.09 8.90
C TYR A 1021 -6.39 5.25 8.79
N ARG A 1022 -7.15 5.28 7.70
CA ARG A 1022 -8.07 6.40 7.54
C ARG A 1022 -9.17 6.30 8.59
N ALA A 1023 -9.45 5.10 9.04
CA ALA A 1023 -10.38 4.94 10.15
C ALA A 1023 -9.80 5.56 11.41
N ILE A 1024 -8.47 5.58 11.51
CA ILE A 1024 -7.85 6.17 12.67
C ILE A 1024 -7.81 7.68 12.54
N ASP A 1025 -8.00 8.18 11.33
CA ASP A 1025 -8.07 9.65 11.21
C ASP A 1025 -9.44 10.21 11.57
N SER A 1026 -10.34 9.34 11.98
CA SER A 1026 -11.73 9.72 12.24
C SER A 1026 -11.95 10.66 13.43
N ASN A 1027 -12.93 11.55 13.28
CA ASN A 1027 -13.41 12.38 14.38
C ASN A 1027 -14.75 13.04 14.05
N GLU A 1028 -15.73 12.85 14.93
CA GLU A 1028 -17.06 13.43 14.79
C GLU A 1028 -17.68 13.16 13.44
N GLU A 1029 -18.30 14.18 12.85
CA GLU A 1029 -18.95 14.06 11.56
C GLU A 1029 -17.99 14.36 10.43
N ASP A 1030 -18.17 15.50 9.78
CA ASP A 1030 -17.35 15.82 8.62
C ASP A 1030 -15.97 16.33 9.02
N MET A 1031 -15.07 15.39 9.29
CA MET A 1031 -13.67 15.74 9.56
C MET A 1031 -12.76 14.53 9.49
N GLY A 1032 -11.53 14.74 9.05
CA GLY A 1032 -10.50 13.71 9.11
C GLY A 1032 -9.49 14.13 10.16
N PRO A 1033 -8.23 13.73 9.98
CA PRO A 1033 -7.11 14.24 10.78
C PRO A 1033 -7.13 13.77 12.24
N VAL A 1034 -5.96 13.48 12.81
CA VAL A 1034 -4.67 13.64 12.13
C VAL A 1034 -3.64 12.66 12.67
N TYR A 1035 -2.61 12.43 11.87
CA TYR A 1035 -1.41 11.76 12.32
C TYR A 1035 -1.69 10.47 13.05
N ASN A 1036 -2.16 10.60 14.29
CA ASN A 1036 -2.49 9.43 15.09
C ASN A 1036 -3.65 9.75 16.02
N ASN A 1037 -4.59 10.56 15.55
CA ASN A 1037 -5.76 10.90 16.35
C ASN A 1037 -6.58 9.65 16.65
N ARG A 1038 -7.19 9.61 17.83
CA ARG A 1038 -8.15 8.56 18.16
C ARG A 1038 -7.62 7.15 17.94
N VAL A 1039 -6.47 6.84 18.52
CA VAL A 1039 -5.79 5.56 18.27
C VAL A 1039 -6.60 4.35 18.73
N GLU A 1040 -7.50 4.57 19.68
CA GLU A 1040 -8.25 3.48 20.27
C GLU A 1040 -9.06 2.75 19.22
N MET A 1041 -9.49 3.48 18.20
CA MET A 1041 -10.33 2.91 17.15
C MET A 1041 -9.61 1.78 16.42
N ALA A 1042 -8.28 1.82 16.46
CA ALA A 1042 -7.49 0.82 15.75
C ALA A 1042 -7.73 -0.55 16.33
N ILE A 1043 -8.15 -0.58 17.59
CA ILE A 1043 -8.30 -1.84 18.27
C ILE A 1043 -9.33 -2.71 17.56
N PHE A 1044 -10.30 -2.04 16.92
CA PHE A 1044 -11.44 -2.74 16.32
C PHE A 1044 -11.14 -3.65 15.13
N PHE A 1045 -10.50 -3.10 14.11
CA PHE A 1045 -10.12 -3.88 12.93
C PHE A 1045 -9.43 -5.16 13.34
N ILE A 1046 -8.49 -5.03 14.26
CA ILE A 1046 -7.71 -6.17 14.70
C ILE A 1046 -8.64 -7.21 15.28
N ILE A 1047 -9.55 -6.76 16.12
CA ILE A 1047 -10.43 -7.67 16.84
C ILE A 1047 -11.20 -8.55 15.88
N TYR A 1048 -11.83 -7.91 14.90
CA TYR A 1048 -12.58 -8.63 13.90
C TYR A 1048 -11.68 -9.57 13.13
N ILE A 1049 -10.48 -9.10 12.81
CA ILE A 1049 -9.56 -9.92 12.05
C ILE A 1049 -9.23 -11.15 12.86
N ILE A 1050 -9.18 -10.97 14.17
CA ILE A 1050 -8.84 -12.10 15.02
C ILE A 1050 -9.92 -13.17 14.88
N LEU A 1051 -11.17 -12.75 14.80
CA LEU A 1051 -12.24 -13.71 14.65
C LEU A 1051 -12.18 -14.39 13.29
N ILE A 1052 -11.69 -13.65 12.31
CA ILE A 1052 -11.52 -14.22 10.99
C ILE A 1052 -10.47 -15.31 11.09
N ALA A 1053 -9.53 -15.10 11.98
CA ALA A 1053 -8.47 -16.07 12.18
C ALA A 1053 -9.04 -17.35 12.77
N PHE A 1054 -10.20 -17.25 13.40
CA PHE A 1054 -10.83 -18.44 13.93
C PHE A 1054 -11.58 -19.23 12.86
N PHE A 1055 -12.79 -18.76 12.56
CA PHE A 1055 -13.74 -19.58 11.84
C PHE A 1055 -13.26 -19.95 10.45
N MET A 1056 -12.58 -19.01 9.78
CA MET A 1056 -12.04 -19.28 8.47
C MET A 1056 -11.09 -20.44 8.59
N MET A 1057 -10.21 -20.35 9.59
CA MET A 1057 -9.23 -21.37 9.82
C MET A 1057 -9.94 -22.67 10.17
N ASN A 1058 -11.08 -22.55 10.83
CA ASN A 1058 -11.87 -23.72 11.15
C ASN A 1058 -12.44 -24.35 9.89
N ILE A 1059 -12.86 -23.48 8.97
CA ILE A 1059 -13.55 -23.91 7.77
C ILE A 1059 -12.72 -24.90 7.00
N PHE A 1060 -11.48 -24.52 6.73
CA PHE A 1060 -10.61 -25.35 5.95
C PHE A 1060 -10.35 -26.65 6.66
N VAL A 1061 -10.32 -26.58 7.99
CA VAL A 1061 -10.07 -27.79 8.76
C VAL A 1061 -11.22 -28.75 8.56
N GLY A 1062 -12.43 -28.21 8.46
CA GLY A 1062 -13.62 -29.04 8.43
C GLY A 1062 -13.58 -29.98 7.25
N PHE A 1063 -13.26 -29.44 6.09
CA PHE A 1063 -13.23 -30.23 4.87
C PHE A 1063 -12.34 -31.40 5.12
N VAL A 1064 -11.18 -31.10 5.70
CA VAL A 1064 -10.12 -32.06 5.79
C VAL A 1064 -10.62 -33.27 6.55
N ILE A 1065 -11.40 -33.01 7.58
CA ILE A 1065 -11.81 -34.09 8.44
C ILE A 1065 -12.72 -35.05 7.71
N VAL A 1066 -13.60 -34.50 6.88
CA VAL A 1066 -14.50 -35.34 6.13
C VAL A 1066 -13.67 -36.17 5.18
N THR A 1067 -12.64 -35.54 4.63
CA THR A 1067 -11.77 -36.23 3.70
C THR A 1067 -11.07 -37.33 4.45
N PHE A 1068 -10.74 -37.05 5.70
CA PHE A 1068 -10.04 -38.02 6.52
C PHE A 1068 -10.96 -39.21 6.73
N GLN A 1069 -12.25 -38.93 6.78
CA GLN A 1069 -13.23 -40.01 6.84
C GLN A 1069 -13.45 -40.55 5.44
N GLU A 1070 -13.37 -39.66 4.45
CA GLU A 1070 -13.47 -40.05 3.06
C GLU A 1070 -12.30 -40.96 2.72
N GLN A 1071 -11.12 -40.65 3.27
CA GLN A 1071 -9.96 -41.49 3.08
C GLN A 1071 -10.26 -42.82 3.75
N GLY A 1072 -10.98 -42.76 4.85
CA GLY A 1072 -11.41 -43.96 5.53
C GLY A 1072 -12.43 -44.65 4.66
N GLU A 1073 -13.26 -43.85 3.99
CA GLU A 1073 -14.16 -44.39 2.98
C GLU A 1073 -13.35 -44.90 1.79
N THR A 1074 -12.22 -44.24 1.52
CA THR A 1074 -11.33 -44.69 0.47
C THR A 1074 -10.65 -45.99 0.88
N GLU A 1075 -10.44 -46.15 2.18
CA GLU A 1075 -9.83 -47.35 2.74
C GLU A 1075 -10.79 -48.55 2.66
N TYR A 1076 -12.08 -48.26 2.58
CA TYR A 1076 -13.10 -49.30 2.55
C TYR A 1076 -13.03 -50.09 1.25
N PRO A 1103 26.62 -56.35 -18.18
CA PRO A 1103 27.81 -57.13 -18.52
C PRO A 1103 28.96 -56.23 -18.90
N LYS A 1104 30.11 -56.83 -19.19
CA LYS A 1104 31.29 -56.08 -19.61
C LYS A 1104 32.30 -57.01 -20.27
N ASN A 1105 33.18 -56.45 -21.10
CA ASN A 1105 34.18 -57.23 -21.80
C ASN A 1105 35.38 -56.38 -22.22
N PRO A 1106 36.54 -57.01 -22.36
CA PRO A 1106 37.76 -56.36 -22.83
C PRO A 1106 38.12 -55.12 -22.01
N TYR A 1107 38.69 -54.12 -22.67
CA TYR A 1107 39.06 -52.87 -22.02
C TYR A 1107 37.81 -52.17 -21.51
N GLN A 1108 36.70 -52.42 -22.20
CA GLN A 1108 35.41 -51.88 -21.78
C GLN A 1108 35.02 -52.45 -20.42
N TYR A 1109 35.44 -53.68 -20.13
CA TYR A 1109 35.20 -54.25 -18.81
C TYR A 1109 35.98 -53.50 -17.75
N GLN A 1110 37.11 -52.95 -18.16
CA GLN A 1110 37.97 -52.21 -17.24
C GLN A 1110 37.41 -50.81 -16.97
N VAL A 1111 37.05 -50.09 -18.03
CA VAL A 1111 36.53 -48.74 -17.85
C VAL A 1111 35.19 -48.76 -17.12
N TRP A 1112 34.39 -49.78 -17.40
CA TRP A 1112 33.10 -49.92 -16.74
C TRP A 1112 33.27 -50.14 -15.26
N TYR A 1113 34.31 -50.87 -14.89
CA TYR A 1113 34.58 -51.12 -13.48
C TYR A 1113 34.97 -49.83 -12.79
N VAL A 1114 35.76 -49.02 -13.48
CA VAL A 1114 36.23 -47.77 -12.93
C VAL A 1114 35.10 -46.76 -12.75
N VAL A 1115 34.17 -46.74 -13.70
CA VAL A 1115 33.10 -45.76 -13.65
C VAL A 1115 31.96 -46.21 -12.74
N THR A 1116 31.67 -47.51 -12.74
CA THR A 1116 30.58 -48.05 -11.94
C THR A 1116 30.86 -47.93 -10.46
N SER A 1117 32.14 -47.83 -10.12
CA SER A 1117 32.55 -47.71 -8.73
C SER A 1117 31.98 -46.44 -8.11
N SER A 1118 31.68 -45.47 -8.98
CA SER A 1118 31.06 -44.21 -8.60
C SER A 1118 31.87 -43.42 -7.59
N TYR A 1119 33.18 -43.56 -7.65
CA TYR A 1119 34.05 -42.63 -6.97
C TYR A 1119 33.88 -41.28 -7.65
N PHE A 1120 33.58 -41.35 -8.94
CA PHE A 1120 33.33 -40.17 -9.77
C PHE A 1120 32.07 -39.44 -9.30
N GLU A 1121 31.18 -40.16 -8.64
CA GLU A 1121 29.90 -39.60 -8.24
C GLU A 1121 30.08 -38.39 -7.33
N TYR A 1122 30.89 -38.54 -6.29
CA TYR A 1122 31.20 -37.40 -5.45
C TYR A 1122 31.96 -36.37 -6.28
N LEU A 1123 32.77 -36.86 -7.20
CA LEU A 1123 33.60 -35.99 -8.00
C LEU A 1123 32.73 -35.13 -8.90
N MET A 1124 31.86 -35.79 -9.65
CA MET A 1124 30.98 -35.10 -10.56
C MET A 1124 30.04 -34.18 -9.78
N PHE A 1125 29.68 -34.61 -8.57
CA PHE A 1125 28.81 -33.81 -7.73
C PHE A 1125 29.49 -32.50 -7.39
N ALA A 1126 30.75 -32.60 -7.02
CA ALA A 1126 31.53 -31.42 -6.69
C ALA A 1126 31.68 -30.55 -7.93
N LEU A 1127 31.78 -31.19 -9.09
CA LEU A 1127 31.91 -30.45 -10.33
C LEU A 1127 30.66 -29.63 -10.56
N ILE A 1128 29.52 -30.22 -10.24
CA ILE A 1128 28.25 -29.54 -10.47
C ILE A 1128 28.14 -28.38 -9.51
N MET A 1129 28.51 -28.61 -8.26
CA MET A 1129 28.38 -27.55 -7.27
C MET A 1129 29.30 -26.40 -7.61
N LEU A 1130 30.47 -26.73 -8.13
CA LEU A 1130 31.39 -25.69 -8.54
C LEU A 1130 30.81 -24.95 -9.73
N ASN A 1131 30.06 -25.66 -10.56
CA ASN A 1131 29.38 -24.97 -11.64
C ASN A 1131 28.35 -24.02 -11.08
N THR A 1132 27.76 -24.41 -9.94
CA THR A 1132 26.76 -23.60 -9.31
C THR A 1132 27.38 -22.30 -8.86
N ILE A 1133 28.52 -22.42 -8.21
CA ILE A 1133 29.20 -21.25 -7.71
C ILE A 1133 29.64 -20.39 -8.88
N CYS A 1134 29.99 -21.04 -9.98
CA CYS A 1134 30.35 -20.30 -11.17
C CYS A 1134 29.16 -19.53 -11.70
N LEU A 1135 27.97 -20.08 -11.48
CA LEU A 1135 26.74 -19.38 -11.83
C LEU A 1135 26.50 -18.22 -10.87
N GLY A 1136 26.99 -18.37 -9.64
CA GLY A 1136 26.83 -17.34 -8.64
C GLY A 1136 27.61 -16.13 -9.09
N MET A 1137 28.69 -16.38 -9.81
CA MET A 1137 29.34 -15.32 -10.55
C MET A 1137 28.38 -14.91 -11.63
N GLN A 1138 27.90 -13.67 -11.55
CA GLN A 1138 26.94 -13.17 -12.52
C GLN A 1138 26.68 -11.70 -12.30
N HIS A 1139 27.51 -11.06 -11.47
CA HIS A 1139 27.30 -9.65 -11.20
C HIS A 1139 27.38 -8.87 -12.50
N TYR A 1140 26.42 -7.98 -12.71
CA TYR A 1140 26.35 -7.24 -13.97
C TYR A 1140 26.62 -5.77 -13.74
N HIS A 1141 27.62 -5.50 -12.92
CA HIS A 1141 28.03 -4.12 -12.67
C HIS A 1141 28.79 -3.59 -13.88
N GLN A 1142 30.12 -3.55 -13.76
CA GLN A 1142 30.98 -3.12 -14.85
C GLN A 1142 32.41 -3.59 -14.60
N SER A 1143 33.11 -3.99 -15.67
CA SER A 1143 32.57 -4.02 -17.02
C SER A 1143 32.68 -5.41 -17.63
N GLU A 1144 33.91 -5.83 -17.94
CA GLU A 1144 34.14 -7.11 -18.60
C GLU A 1144 35.10 -8.00 -17.82
N GLU A 1145 36.17 -8.41 -18.49
CA GLU A 1145 37.21 -9.26 -17.91
C GLU A 1145 36.64 -10.58 -17.41
N MET A 1146 35.88 -10.52 -16.33
CA MET A 1146 35.32 -11.71 -15.69
C MET A 1146 34.36 -12.45 -16.61
N ASN A 1147 33.79 -11.73 -17.58
CA ASN A 1147 32.86 -12.34 -18.51
C ASN A 1147 33.56 -13.43 -19.32
N HIS A 1148 34.76 -13.12 -19.81
CA HIS A 1148 35.53 -14.09 -20.57
C HIS A 1148 35.87 -15.29 -19.70
N ILE A 1149 36.11 -15.01 -18.42
CA ILE A 1149 36.42 -16.06 -17.47
C ILE A 1149 35.22 -16.99 -17.36
N SER A 1150 34.05 -16.39 -17.31
CA SER A 1150 32.82 -17.15 -17.20
C SER A 1150 32.62 -18.00 -18.44
N ASP A 1151 33.06 -17.47 -19.58
CA ASP A 1151 32.97 -18.22 -20.81
C ASP A 1151 33.85 -19.45 -20.69
N ILE A 1152 35.05 -19.23 -20.20
CA ILE A 1152 36.02 -20.30 -20.07
C ILE A 1152 35.49 -21.37 -19.15
N LEU A 1153 34.78 -20.94 -18.11
CA LEU A 1153 34.27 -21.86 -17.13
C LEU A 1153 33.16 -22.69 -17.71
N ASN A 1154 32.25 -22.06 -18.43
CA ASN A 1154 31.16 -22.79 -19.03
C ASN A 1154 31.69 -23.80 -20.03
N VAL A 1155 32.76 -23.41 -20.72
CA VAL A 1155 33.41 -24.32 -21.63
C VAL A 1155 33.98 -25.49 -20.86
N ALA A 1156 34.49 -25.18 -19.67
CA ALA A 1156 35.15 -26.19 -18.87
C ALA A 1156 34.17 -27.24 -18.43
N PHE A 1157 33.08 -26.79 -17.81
CA PHE A 1157 32.08 -27.73 -17.33
C PHE A 1157 31.43 -28.46 -18.48
N THR A 1158 31.19 -27.78 -19.58
CA THR A 1158 30.49 -28.46 -20.67
C THR A 1158 31.38 -29.56 -21.22
N ILE A 1159 32.68 -29.31 -21.25
CA ILE A 1159 33.60 -30.32 -21.74
C ILE A 1159 33.71 -31.46 -20.77
N ILE A 1160 33.77 -31.15 -19.48
CA ILE A 1160 33.88 -32.19 -18.48
C ILE A 1160 32.66 -33.09 -18.51
N PHE A 1161 31.51 -32.46 -18.67
CA PHE A 1161 30.26 -33.17 -18.61
C PHE A 1161 30.07 -34.03 -19.85
N THR A 1162 30.33 -33.44 -21.01
CA THR A 1162 30.17 -34.20 -22.24
C THR A 1162 31.17 -35.34 -22.25
N LEU A 1163 32.31 -35.10 -21.62
CA LEU A 1163 33.34 -36.10 -21.53
C LEU A 1163 32.80 -37.26 -20.73
N GLU A 1164 32.17 -36.90 -19.62
CA GLU A 1164 31.65 -37.88 -18.70
C GLU A 1164 30.54 -38.70 -19.33
N MET A 1165 29.73 -38.03 -20.15
CA MET A 1165 28.68 -38.72 -20.88
C MET A 1165 29.30 -39.66 -21.90
N ILE A 1166 30.45 -39.28 -22.44
CA ILE A 1166 31.15 -40.17 -23.33
C ILE A 1166 31.60 -41.39 -22.55
N LEU A 1167 31.96 -41.16 -21.29
CA LEU A 1167 32.47 -42.24 -20.46
C LEU A 1167 31.35 -43.23 -20.23
N LYS A 1168 30.19 -42.70 -19.92
CA LYS A 1168 29.01 -43.51 -19.67
C LYS A 1168 28.58 -44.20 -20.96
N LEU A 1169 28.87 -43.53 -22.07
CA LEU A 1169 28.59 -44.04 -23.39
C LEU A 1169 29.42 -45.27 -23.62
N LEU A 1170 30.60 -45.27 -23.02
CA LEU A 1170 31.48 -46.41 -23.09
C LEU A 1170 31.06 -47.42 -22.05
N ALA A 1171 29.85 -47.93 -22.20
CA ALA A 1171 29.31 -48.91 -21.28
C ALA A 1171 28.25 -49.76 -21.97
N PHE A 1172 27.05 -49.77 -21.40
CA PHE A 1172 25.95 -50.55 -21.96
C PHE A 1172 25.59 -50.03 -23.35
N LYS A 1173 25.86 -48.74 -23.58
CA LYS A 1173 25.63 -48.10 -24.87
C LYS A 1173 24.18 -48.25 -25.31
N ALA A 1174 23.80 -49.50 -25.64
CA ALA A 1174 22.44 -49.82 -26.01
C ALA A 1174 21.50 -49.58 -24.83
N ARG A 1175 22.05 -49.64 -23.63
CA ARG A 1175 21.28 -49.36 -22.42
C ARG A 1175 21.82 -48.14 -21.67
N GLY A 1176 23.08 -47.79 -21.91
CA GLY A 1176 23.64 -46.58 -21.30
C GLY A 1176 23.00 -45.32 -21.88
N TYR A 1177 22.55 -45.42 -23.13
CA TYR A 1177 21.92 -44.30 -23.80
C TYR A 1177 20.49 -44.19 -23.32
N PHE A 1178 20.06 -45.18 -22.55
CA PHE A 1178 18.73 -45.16 -21.96
C PHE A 1178 18.77 -45.90 -20.63
N GLY A 1179 18.08 -47.04 -20.57
CA GLY A 1179 18.05 -47.84 -19.36
C GLY A 1179 17.45 -47.05 -18.22
N ASP A 1180 18.30 -46.25 -17.57
CA ASP A 1180 17.85 -45.37 -16.51
C ASP A 1180 17.71 -43.95 -17.06
N PRO A 1181 16.48 -43.42 -17.02
CA PRO A 1181 16.02 -42.27 -17.82
C PRO A 1181 16.79 -40.98 -17.63
N TRP A 1182 17.29 -40.72 -16.43
CA TRP A 1182 17.92 -39.44 -16.14
C TRP A 1182 19.14 -39.27 -17.02
N ASN A 1183 19.75 -40.38 -17.38
CA ASN A 1183 20.94 -40.37 -18.20
C ASN A 1183 20.61 -39.76 -19.56
N VAL A 1184 19.40 -40.05 -20.02
CA VAL A 1184 18.94 -39.51 -21.28
C VAL A 1184 18.76 -38.02 -21.16
N PHE A 1185 18.25 -37.62 -20.00
CA PHE A 1185 18.04 -36.23 -19.71
C PHE A 1185 19.38 -35.53 -19.71
N ASP A 1186 20.38 -36.25 -19.21
CA ASP A 1186 21.74 -35.75 -19.18
C ASP A 1186 22.26 -35.57 -20.58
N PHE A 1187 21.85 -36.48 -21.46
CA PHE A 1187 22.26 -36.44 -22.84
C PHE A 1187 21.69 -35.18 -23.46
N LEU A 1188 20.47 -34.85 -23.05
CA LEU A 1188 19.81 -33.65 -23.50
C LEU A 1188 20.62 -32.45 -23.05
N ILE A 1189 21.12 -32.56 -21.84
CA ILE A 1189 21.87 -31.48 -21.24
C ILE A 1189 23.13 -31.23 -22.04
N VAL A 1190 23.81 -32.33 -22.38
CA VAL A 1190 25.06 -32.23 -23.11
C VAL A 1190 24.79 -31.61 -24.46
N ILE A 1191 23.67 -31.98 -25.06
CA ILE A 1191 23.33 -31.48 -26.37
C ILE A 1191 23.15 -29.97 -26.36
N GLY A 1192 22.32 -29.50 -25.42
CA GLY A 1192 21.99 -28.10 -25.39
C GLY A 1192 23.21 -27.33 -24.98
N SER A 1193 24.05 -27.98 -24.19
CA SER A 1193 25.25 -27.36 -23.71
C SER A 1193 26.15 -27.05 -24.89
N ILE A 1194 26.43 -28.09 -25.67
CA ILE A 1194 27.35 -27.97 -26.78
C ILE A 1194 26.81 -26.99 -27.81
N ILE A 1195 25.50 -27.05 -28.01
CA ILE A 1195 24.87 -26.19 -28.98
C ILE A 1195 25.05 -24.75 -28.58
N ASP A 1196 24.79 -24.48 -27.31
CA ASP A 1196 24.92 -23.13 -26.79
C ASP A 1196 26.35 -22.65 -26.89
N VAL A 1197 27.29 -23.58 -26.70
CA VAL A 1197 28.69 -23.22 -26.77
C VAL A 1197 29.02 -22.77 -28.18
N ILE A 1198 28.51 -23.51 -29.15
CA ILE A 1198 28.76 -23.17 -30.54
C ILE A 1198 28.13 -21.83 -30.84
N LEU A 1199 27.00 -21.57 -30.19
CA LEU A 1199 26.33 -20.30 -30.36
C LEU A 1199 27.20 -19.19 -29.82
N SER A 1200 27.94 -19.50 -28.77
CA SER A 1200 28.90 -18.56 -28.23
C SER A 1200 30.02 -18.32 -29.22
N GLU A 1201 30.42 -19.37 -29.93
CA GLU A 1201 31.47 -19.25 -30.93
C GLU A 1201 31.01 -18.39 -32.10
N ILE A 1202 29.71 -18.44 -32.35
CA ILE A 1202 29.12 -17.70 -33.46
C ILE A 1202 28.84 -16.26 -33.08
N ASP A 1203 29.01 -15.94 -31.80
CA ASP A 1203 28.72 -14.61 -31.30
C ASP A 1203 29.66 -13.58 -31.92
N THR A 1204 30.83 -14.02 -32.35
CA THR A 1204 31.81 -13.13 -32.97
C THR A 1204 31.27 -12.56 -34.28
N ARG A 1229 20.40 -14.74 -31.90
CA ARG A 1229 21.33 -14.58 -30.80
C ARG A 1229 20.60 -14.43 -29.49
N ILE A 1230 19.42 -13.82 -29.54
CA ILE A 1230 18.61 -13.62 -28.34
C ILE A 1230 18.15 -14.96 -27.74
N SER A 1231 17.92 -15.94 -28.61
CA SER A 1231 17.45 -17.25 -28.18
C SER A 1231 18.52 -17.98 -27.39
N SER A 1232 19.76 -17.55 -27.58
CA SER A 1232 20.89 -18.21 -26.95
C SER A 1232 20.75 -18.14 -25.43
N ALA A 1233 20.05 -17.11 -24.96
CA ALA A 1233 19.72 -17.04 -23.54
C ALA A 1233 18.84 -18.20 -23.15
N PHE A 1234 17.84 -18.46 -24.00
CA PHE A 1234 16.91 -19.55 -23.74
C PHE A 1234 17.66 -20.87 -23.76
N PHE A 1235 18.75 -20.92 -24.51
CA PHE A 1235 19.60 -22.10 -24.47
C PHE A 1235 20.46 -22.15 -23.22
N ARG A 1236 20.93 -21.00 -22.75
CA ARG A 1236 21.78 -20.98 -21.56
C ARG A 1236 20.98 -21.42 -20.37
N LEU A 1237 19.67 -21.26 -20.48
CA LEU A 1237 18.77 -21.87 -19.55
C LEU A 1237 19.12 -23.33 -19.36
N PHE A 1238 19.40 -24.02 -20.46
CA PHE A 1238 19.70 -25.44 -20.43
C PHE A 1238 20.95 -25.68 -19.62
N ARG A 1239 21.87 -24.72 -19.72
CA ARG A 1239 23.09 -24.77 -18.94
C ARG A 1239 22.74 -24.62 -17.47
N VAL A 1240 21.72 -23.84 -17.18
CA VAL A 1240 21.31 -23.68 -15.80
C VAL A 1240 20.58 -24.93 -15.34
N MET A 1241 20.04 -25.68 -16.29
CA MET A 1241 19.17 -26.80 -15.95
C MET A 1241 19.97 -27.92 -15.30
N ARG A 1242 21.28 -27.79 -15.37
CA ARG A 1242 22.18 -28.80 -14.85
C ARG A 1242 21.93 -29.04 -13.37
N LEU A 1243 21.47 -28.00 -12.69
CA LEU A 1243 21.34 -28.03 -11.24
C LEU A 1243 20.43 -29.15 -10.82
N ILE A 1244 19.50 -29.46 -11.71
CA ILE A 1244 18.49 -30.45 -11.45
C ILE A 1244 19.16 -31.79 -11.20
N LYS A 1245 20.34 -31.96 -11.78
CA LYS A 1245 21.08 -33.19 -11.57
C LYS A 1245 21.44 -33.36 -10.10
N LEU A 1246 21.55 -32.24 -9.38
CA LEU A 1246 21.77 -32.32 -7.95
C LEU A 1246 20.58 -33.00 -7.32
N LEU A 1247 19.40 -32.68 -7.84
CA LEU A 1247 18.18 -33.26 -7.35
C LEU A 1247 18.19 -34.74 -7.71
N SER A 1248 18.87 -35.06 -8.81
CA SER A 1248 18.99 -36.45 -9.21
C SER A 1248 19.76 -37.23 -8.15
N ARG A 1249 20.69 -36.54 -7.49
CA ARG A 1249 21.45 -37.15 -6.42
C ARG A 1249 20.69 -37.10 -5.11
N ALA A 1250 19.60 -36.35 -5.08
CA ALA A 1250 18.86 -36.11 -3.85
C ALA A 1250 17.90 -37.24 -3.53
N GLU A 1251 18.46 -38.40 -3.18
CA GLU A 1251 17.68 -39.57 -2.82
C GLU A 1251 16.92 -39.33 -1.52
N GLY A 1252 15.79 -40.03 -1.37
CA GLY A 1252 14.91 -39.87 -0.22
C GLY A 1252 14.48 -38.42 -0.09
N VAL A 1253 14.33 -37.76 -1.23
CA VAL A 1253 13.88 -36.38 -1.31
C VAL A 1253 13.13 -36.21 -2.61
N ARG A 1254 13.80 -36.58 -3.70
CA ARG A 1254 13.18 -36.61 -5.00
C ARG A 1254 12.05 -37.64 -5.01
N THR A 1255 12.18 -38.65 -4.17
CA THR A 1255 11.15 -39.68 -4.07
C THR A 1255 9.83 -39.07 -3.63
N LEU A 1256 9.91 -38.04 -2.79
CA LEU A 1256 8.71 -37.32 -2.39
C LEU A 1256 8.11 -36.62 -3.60
N LEU A 1257 8.96 -36.12 -4.48
CA LEU A 1257 8.48 -35.51 -5.70
C LEU A 1257 7.83 -36.57 -6.58
N TRP A 1258 8.32 -37.81 -6.49
CA TRP A 1258 7.70 -38.89 -7.22
C TRP A 1258 6.32 -39.17 -6.65
N THR A 1259 6.18 -38.96 -5.35
CA THR A 1259 4.87 -39.09 -4.72
C THR A 1259 3.96 -37.99 -5.26
N PHE A 1260 4.55 -36.83 -5.51
CA PHE A 1260 3.80 -35.74 -6.11
C PHE A 1260 3.42 -36.09 -7.54
N ILE A 1261 4.25 -36.92 -8.17
CA ILE A 1261 4.03 -37.29 -9.56
C ILE A 1261 2.88 -38.26 -9.67
N LYS A 1262 2.89 -39.29 -8.84
CA LYS A 1262 1.81 -40.26 -8.84
C LYS A 1262 0.53 -39.55 -8.41
N SER A 1263 0.68 -38.56 -7.54
CA SER A 1263 -0.46 -37.76 -7.12
C SER A 1263 -1.00 -36.85 -8.22
N PHE A 1264 -0.14 -36.47 -9.16
CA PHE A 1264 -0.44 -35.38 -10.06
C PHE A 1264 -1.62 -35.62 -11.01
N GLN A 1265 -1.82 -36.86 -11.40
CA GLN A 1265 -2.72 -37.14 -12.52
C GLN A 1265 -4.20 -36.96 -12.24
N ALA A 1266 -4.69 -37.59 -11.17
CA ALA A 1266 -6.13 -37.73 -10.97
C ALA A 1266 -6.86 -36.41 -10.75
N LEU A 1267 -6.18 -35.46 -10.11
CA LEU A 1267 -6.83 -34.19 -9.77
C LEU A 1267 -6.95 -33.28 -10.98
N PRO A 1268 -6.23 -33.61 -12.04
CA PRO A 1268 -6.11 -32.73 -13.19
C PRO A 1268 -7.46 -32.48 -13.85
N TYR A 1269 -8.37 -33.42 -13.69
CA TYR A 1269 -9.69 -33.28 -14.28
C TYR A 1269 -10.41 -32.06 -13.73
N VAL A 1270 -10.18 -31.77 -12.46
CA VAL A 1270 -10.77 -30.60 -11.83
C VAL A 1270 -10.20 -29.33 -12.44
N ALA A 1271 -8.95 -29.40 -12.87
CA ALA A 1271 -8.25 -28.24 -13.35
C ALA A 1271 -8.91 -27.68 -14.61
N LEU A 1272 -9.55 -28.55 -15.37
CA LEU A 1272 -10.25 -28.11 -16.56
C LEU A 1272 -11.36 -27.17 -16.13
N LEU A 1273 -12.07 -27.56 -15.09
CA LEU A 1273 -13.10 -26.70 -14.53
C LEU A 1273 -12.42 -25.46 -13.97
N ILE A 1274 -11.22 -25.65 -13.42
CA ILE A 1274 -10.47 -24.55 -12.91
C ILE A 1274 -10.10 -23.63 -14.05
N VAL A 1275 -9.92 -24.20 -15.23
CA VAL A 1275 -9.78 -23.38 -16.40
C VAL A 1275 -11.14 -22.84 -16.79
N MET A 1276 -12.12 -23.74 -16.78
CA MET A 1276 -13.45 -23.41 -17.30
C MET A 1276 -14.11 -22.30 -16.50
N LEU A 1277 -13.87 -22.29 -15.20
CA LEU A 1277 -14.47 -21.28 -14.33
C LEU A 1277 -13.95 -19.93 -14.74
N PHE A 1278 -12.71 -19.92 -15.19
CA PHE A 1278 -12.16 -18.72 -15.77
C PHE A 1278 -12.69 -18.61 -17.18
N PHE A 1279 -12.61 -19.72 -17.91
CA PHE A 1279 -12.88 -19.72 -19.34
C PHE A 1279 -14.27 -19.22 -19.64
N ILE A 1280 -15.18 -19.47 -18.71
CA ILE A 1280 -16.50 -18.90 -18.84
C ILE A 1280 -16.44 -17.42 -18.51
N TYR A 1281 -16.10 -17.14 -17.25
CA TYR A 1281 -16.28 -15.82 -16.71
C TYR A 1281 -15.47 -14.80 -17.48
N ALA A 1282 -14.29 -15.23 -17.93
CA ALA A 1282 -13.42 -14.34 -18.68
C ALA A 1282 -14.16 -13.84 -19.89
N VAL A 1283 -14.67 -14.78 -20.68
CA VAL A 1283 -15.41 -14.41 -21.87
C VAL A 1283 -16.65 -13.66 -21.45
N ILE A 1284 -17.21 -14.09 -20.32
CA ILE A 1284 -18.45 -13.50 -19.83
C ILE A 1284 -18.17 -12.05 -19.49
N GLY A 1285 -16.93 -11.78 -19.11
CA GLY A 1285 -16.56 -10.43 -18.79
C GLY A 1285 -15.98 -9.73 -20.00
N MET A 1286 -15.48 -10.51 -20.95
CA MET A 1286 -14.57 -9.97 -21.95
C MET A 1286 -15.19 -8.82 -22.72
N GLN A 1287 -16.49 -8.89 -22.93
CA GLN A 1287 -17.21 -7.81 -23.57
C GLN A 1287 -17.79 -6.84 -22.54
N MET A 1288 -18.28 -7.39 -21.43
CA MET A 1288 -19.01 -6.60 -20.46
C MET A 1288 -18.11 -5.56 -19.79
N PHE A 1289 -17.00 -6.01 -19.24
CA PHE A 1289 -16.04 -5.10 -18.63
C PHE A 1289 -15.09 -4.59 -19.69
N GLY A 1290 -15.29 -5.06 -20.92
CA GLY A 1290 -14.43 -4.67 -22.01
C GLY A 1290 -14.67 -3.21 -22.36
N LYS A 1291 -13.74 -2.64 -23.12
CA LYS A 1291 -13.77 -1.24 -23.48
C LYS A 1291 -13.82 -0.37 -22.23
N ILE A 1292 -12.90 -0.63 -21.30
CA ILE A 1292 -12.79 0.16 -20.08
C ILE A 1292 -11.68 1.21 -20.17
N ALA A 1293 -11.01 1.29 -21.32
CA ALA A 1293 -9.93 2.24 -21.59
C ALA A 1293 -8.68 2.03 -20.76
N LEU A 1294 -7.53 1.92 -21.44
CA LEU A 1294 -6.25 1.92 -20.78
C LEU A 1294 -5.98 3.28 -20.14
N VAL A 1295 -5.33 3.29 -18.98
CA VAL A 1295 -5.02 4.53 -18.28
C VAL A 1295 -3.86 4.36 -17.33
N ASP A 1296 -4.13 4.52 -16.04
CA ASP A 1296 -3.10 4.40 -15.01
C ASP A 1296 -3.70 4.04 -13.67
N GLY A 1297 -4.92 3.52 -13.68
CA GLY A 1297 -5.60 3.16 -12.46
C GLY A 1297 -5.10 1.83 -11.95
N THR A 1298 -5.94 1.13 -11.20
CA THR A 1298 -5.59 -0.16 -10.65
C THR A 1298 -5.13 -1.13 -11.72
N ASN A 1301 -5.26 -1.53 -15.34
CA ASN A 1301 -5.89 -0.92 -16.50
C ASN A 1301 -4.87 -0.08 -17.27
N ARG A 1302 -3.79 -0.73 -17.70
CA ARG A 1302 -2.77 -0.07 -18.51
C ARG A 1302 -1.92 -1.14 -19.17
N ASN A 1303 -0.90 -1.60 -18.47
CA ASN A 1303 -0.23 -2.82 -18.85
C ASN A 1303 -1.07 -3.97 -18.32
N ASN A 1304 -2.04 -3.62 -17.48
CA ASN A 1304 -2.98 -4.55 -16.91
C ASN A 1304 -4.35 -4.40 -17.55
N ASN A 1305 -4.35 -4.15 -18.85
CA ASN A 1305 -5.60 -3.94 -19.57
C ASN A 1305 -6.45 -5.17 -19.70
N PHE A 1306 -7.75 -4.93 -19.84
CA PHE A 1306 -8.76 -5.98 -19.87
C PHE A 1306 -9.03 -6.44 -21.30
N GLN A 1307 -8.35 -5.81 -22.24
CA GLN A 1307 -8.62 -5.94 -23.69
C GLN A 1307 -8.68 -7.36 -24.22
N THR A 1308 -7.56 -7.85 -24.73
CA THR A 1308 -7.50 -9.17 -25.35
C THR A 1308 -7.80 -10.21 -24.30
N PHE A 1309 -8.31 -11.34 -24.74
CA PHE A 1309 -8.67 -12.41 -23.84
C PHE A 1309 -7.57 -12.86 -22.88
N PRO A 1310 -6.36 -13.14 -23.38
CA PRO A 1310 -5.38 -13.63 -22.41
C PRO A 1310 -5.12 -12.66 -21.26
N GLN A 1311 -5.11 -11.36 -21.53
CA GLN A 1311 -4.87 -10.41 -20.45
C GLN A 1311 -6.00 -10.48 -19.48
N ALA A 1312 -7.20 -10.77 -19.98
CA ALA A 1312 -8.33 -10.96 -19.10
C ALA A 1312 -8.08 -12.18 -18.24
N VAL A 1313 -7.42 -13.18 -18.80
CA VAL A 1313 -7.12 -14.35 -18.00
C VAL A 1313 -6.24 -13.93 -16.86
N LEU A 1314 -5.33 -13.00 -17.14
CA LEU A 1314 -4.46 -12.53 -16.07
C LEU A 1314 -5.20 -11.73 -15.01
N LEU A 1315 -6.02 -10.79 -15.44
CA LEU A 1315 -6.67 -9.91 -14.49
C LEU A 1315 -7.62 -10.71 -13.62
N LEU A 1316 -8.14 -11.80 -14.16
CA LEU A 1316 -8.86 -12.76 -13.33
C LEU A 1316 -7.92 -13.73 -12.64
N PHE A 1317 -6.64 -13.64 -12.94
CA PHE A 1317 -5.74 -14.53 -12.24
C PHE A 1317 -5.24 -13.84 -10.98
N ARG A 1318 -5.14 -12.51 -11.02
CA ARG A 1318 -4.72 -11.76 -9.85
C ARG A 1318 -5.70 -11.97 -8.73
N CYS A 1319 -6.97 -12.00 -9.10
CA CYS A 1319 -8.03 -12.14 -8.12
C CYS A 1319 -7.94 -13.48 -7.44
N ALA A 1320 -7.40 -14.46 -8.15
CA ALA A 1320 -7.16 -15.76 -7.55
C ALA A 1320 -6.12 -15.64 -6.45
N THR A 1321 -5.20 -14.71 -6.63
CA THR A 1321 -4.10 -14.55 -5.69
C THR A 1321 -4.34 -13.58 -4.56
N GLY A 1322 -5.48 -12.89 -4.56
CA GLY A 1322 -5.72 -11.89 -3.55
C GLY A 1322 -4.84 -10.67 -3.76
N GLU A 1323 -4.63 -10.33 -5.02
CA GLU A 1323 -3.72 -9.25 -5.38
C GLU A 1323 -4.44 -7.94 -5.73
N ALA A 1324 -4.78 -7.16 -4.71
CA ALA A 1324 -5.29 -5.80 -4.90
C ALA A 1324 -6.48 -5.69 -5.86
N TRP A 1325 -7.34 -6.70 -5.86
CA TRP A 1325 -8.47 -6.76 -6.79
C TRP A 1325 -9.48 -5.65 -6.56
N GLN A 1326 -9.62 -5.26 -5.31
CA GLN A 1326 -10.66 -4.35 -4.90
C GLN A 1326 -10.49 -3.01 -5.57
N GLU A 1327 -9.25 -2.64 -5.84
CA GLU A 1327 -8.98 -1.40 -6.52
C GLU A 1327 -9.51 -1.53 -7.94
N ILE A 1328 -9.30 -2.71 -8.51
CA ILE A 1328 -9.74 -2.98 -9.85
C ILE A 1328 -11.25 -2.96 -9.88
N LEU A 1329 -11.84 -3.49 -8.82
CA LEU A 1329 -13.27 -3.49 -8.69
C LEU A 1329 -13.78 -2.06 -8.67
N LEU A 1330 -13.04 -1.23 -7.97
CA LEU A 1330 -13.42 0.15 -7.79
C LEU A 1330 -13.35 0.88 -9.12
N ALA A 1331 -12.42 0.47 -9.96
CA ALA A 1331 -12.32 1.08 -11.28
C ALA A 1331 -13.53 0.74 -12.14
N CYS A 1332 -14.10 -0.43 -11.91
CA CYS A 1332 -15.14 -0.97 -12.80
C CYS A 1332 -16.56 -0.52 -12.50
N SER A 1333 -16.76 0.18 -11.40
CA SER A 1333 -18.11 0.62 -11.03
C SER A 1333 -18.68 1.61 -12.02
N TYR A 1334 -17.80 2.34 -12.70
CA TYR A 1334 -18.23 3.32 -13.66
C TYR A 1334 -17.17 3.55 -14.72
N GLY A 1335 -15.91 3.39 -14.34
CA GLY A 1335 -14.85 3.27 -15.32
C GLY A 1335 -14.58 4.52 -16.12
N LYS A 1336 -14.03 4.32 -17.31
CA LYS A 1336 -13.69 5.40 -18.21
C LYS A 1336 -14.49 5.33 -19.51
N LEU A 1337 -14.01 6.05 -20.52
CA LEU A 1337 -14.72 6.14 -21.78
C LEU A 1337 -14.19 5.15 -22.82
N CYS A 1338 -14.95 4.09 -23.02
CA CYS A 1338 -14.66 3.08 -24.04
C CYS A 1338 -13.25 2.55 -23.93
N ASP A 1339 -12.64 2.28 -25.06
CA ASP A 1339 -11.21 2.05 -25.14
C ASP A 1339 -10.55 3.33 -25.62
N PRO A 1340 -11.36 4.39 -25.69
CA PRO A 1340 -10.94 5.70 -26.16
C PRO A 1340 -10.40 5.68 -27.58
N GLU A 1341 -10.84 4.69 -28.35
CA GLU A 1341 -10.43 4.55 -29.75
C GLU A 1341 -11.33 3.54 -30.44
N SER A 1342 -12.22 2.93 -29.66
CA SER A 1342 -13.17 1.97 -30.20
C SER A 1342 -14.40 2.68 -30.73
N ASP A 1343 -15.49 1.95 -30.84
CA ASP A 1343 -16.74 2.50 -31.35
C ASP A 1343 -17.36 3.46 -30.35
N TYR A 1344 -16.87 3.40 -29.11
CA TYR A 1344 -17.33 4.26 -28.03
C TYR A 1344 -18.84 4.13 -27.84
N ALA A 1345 -19.56 5.17 -28.19
CA ALA A 1345 -21.02 5.16 -28.12
C ALA A 1345 -21.58 6.17 -29.11
N PRO A 1346 -21.29 7.44 -28.86
CA PRO A 1346 -21.68 8.52 -29.76
C PRO A 1346 -20.89 9.77 -29.37
N GLY A 1347 -21.60 10.87 -29.19
CA GLY A 1347 -21.01 12.05 -28.58
C GLY A 1347 -20.70 11.74 -27.12
N GLU A 1348 -21.40 10.74 -26.58
CA GLU A 1348 -21.24 10.35 -25.19
C GLU A 1348 -19.83 9.84 -24.92
N GLU A 1349 -19.31 10.19 -23.76
CA GLU A 1349 -17.98 9.78 -23.32
C GLU A 1349 -17.95 9.82 -21.81
N TYR A 1350 -17.22 10.81 -21.27
CA TYR A 1350 -17.32 11.19 -19.87
C TYR A 1350 -17.24 10.01 -18.93
N THR A 1351 -16.41 9.04 -19.30
CA THR A 1351 -16.23 7.84 -18.52
C THR A 1351 -17.51 7.05 -18.31
N CYS A 1352 -18.49 7.26 -19.18
CA CYS A 1352 -19.81 6.68 -19.00
C CYS A 1352 -19.87 5.25 -19.47
N GLY A 1353 -18.79 4.77 -20.06
CA GLY A 1353 -18.79 3.52 -20.79
C GLY A 1353 -18.77 2.28 -19.90
N THR A 1354 -18.62 2.47 -18.60
CA THR A 1354 -18.66 1.34 -17.70
C THR A 1354 -19.65 1.61 -16.60
N ASN A 1355 -20.19 0.55 -16.01
CA ASN A 1355 -21.26 0.69 -15.04
C ASN A 1355 -21.10 -0.32 -13.93
N PHE A 1356 -22.03 -0.31 -12.99
CA PHE A 1356 -21.98 -1.22 -11.87
C PHE A 1356 -21.99 -2.66 -12.34
N ALA A 1357 -21.19 -3.48 -11.69
CA ALA A 1357 -21.09 -4.90 -11.97
C ALA A 1357 -20.25 -5.55 -10.89
N TYR A 1358 -20.51 -5.18 -9.65
CA TYR A 1358 -19.76 -5.71 -8.52
C TYR A 1358 -19.91 -7.21 -8.44
N TYR A 1359 -21.06 -7.69 -8.91
CA TYR A 1359 -21.45 -9.06 -8.70
C TYR A 1359 -20.44 -9.99 -9.31
N TYR A 1360 -19.82 -9.54 -10.40
CA TYR A 1360 -18.94 -10.39 -11.13
C TYR A 1360 -17.71 -10.71 -10.31
N PHE A 1361 -17.04 -9.68 -9.81
CA PHE A 1361 -15.84 -9.92 -9.03
C PHE A 1361 -16.19 -10.57 -7.71
N ILE A 1362 -17.27 -10.11 -7.10
CA ILE A 1362 -17.62 -10.57 -5.78
C ILE A 1362 -17.92 -12.05 -5.79
N SER A 1363 -18.78 -12.44 -6.72
CA SER A 1363 -19.12 -13.82 -6.87
C SER A 1363 -17.92 -14.61 -7.31
N PHE A 1364 -17.09 -14.01 -8.15
CA PHE A 1364 -15.95 -14.75 -8.67
C PHE A 1364 -14.94 -15.08 -7.59
N TYR A 1365 -14.80 -14.20 -6.60
CA TYR A 1365 -13.83 -14.48 -5.58
C TYR A 1365 -14.28 -15.72 -4.84
N MET A 1366 -15.59 -15.85 -4.70
CA MET A 1366 -16.14 -16.95 -3.94
C MET A 1366 -16.08 -18.23 -4.75
N LEU A 1367 -16.39 -18.14 -6.03
CA LEU A 1367 -16.36 -19.31 -6.88
C LEU A 1367 -14.95 -19.81 -6.96
N CYS A 1368 -14.02 -18.87 -7.04
CA CYS A 1368 -12.61 -19.20 -7.07
C CYS A 1368 -12.23 -19.83 -5.76
N ALA A 1369 -12.86 -19.36 -4.70
CA ALA A 1369 -12.53 -19.84 -3.37
C ALA A 1369 -12.94 -21.30 -3.24
N PHE A 1370 -14.19 -21.58 -3.55
CA PHE A 1370 -14.72 -22.92 -3.46
C PHE A 1370 -14.02 -23.88 -4.40
N LEU A 1371 -13.71 -23.38 -5.59
CA LEU A 1371 -13.04 -24.19 -6.58
C LEU A 1371 -11.66 -24.56 -6.08
N ILE A 1372 -11.00 -23.60 -5.45
CA ILE A 1372 -9.70 -23.86 -4.87
C ILE A 1372 -9.84 -24.79 -3.68
N ILE A 1373 -10.98 -24.75 -3.00
CA ILE A 1373 -11.20 -25.64 -1.88
C ILE A 1373 -11.19 -27.04 -2.43
N ASN A 1374 -11.80 -27.15 -3.60
CA ASN A 1374 -11.86 -28.40 -4.29
C ASN A 1374 -10.45 -28.79 -4.68
N LEU A 1375 -9.63 -27.81 -4.97
CA LEU A 1375 -8.25 -28.11 -5.34
C LEU A 1375 -7.53 -28.69 -4.13
N PHE A 1376 -7.84 -28.17 -2.95
CA PHE A 1376 -7.21 -28.66 -1.75
C PHE A 1376 -7.55 -30.11 -1.63
N VAL A 1377 -8.85 -30.37 -1.56
CA VAL A 1377 -9.31 -31.73 -1.26
C VAL A 1377 -8.85 -32.70 -2.33
N ALA A 1378 -8.76 -32.23 -3.56
CA ALA A 1378 -8.30 -33.07 -4.65
C ALA A 1378 -6.87 -33.46 -4.43
N VAL A 1379 -6.04 -32.46 -4.12
CA VAL A 1379 -4.63 -32.72 -3.93
C VAL A 1379 -4.45 -33.66 -2.75
N ILE A 1380 -5.28 -33.46 -1.75
CA ILE A 1380 -5.17 -34.21 -0.52
C ILE A 1380 -5.49 -35.67 -0.76
N MET A 1381 -6.63 -35.92 -1.38
CA MET A 1381 -7.11 -37.27 -1.59
C MET A 1381 -6.18 -38.02 -2.53
N ASP A 1382 -5.62 -37.31 -3.51
CA ASP A 1382 -4.76 -37.95 -4.49
C ASP A 1382 -3.33 -38.11 -4.01
N ASN A 1383 -3.02 -37.49 -2.87
CA ASN A 1383 -1.66 -37.52 -2.37
C ASN A 1383 -1.58 -37.95 -0.92
N PHE A 1384 -1.80 -37.00 -0.03
CA PHE A 1384 -1.56 -37.20 1.40
C PHE A 1384 -2.47 -38.28 1.96
N ASP A 1385 -3.59 -38.52 1.28
CA ASP A 1385 -4.47 -39.61 1.68
C ASP A 1385 -3.69 -40.90 1.58
N TYR A 1386 -2.69 -40.90 0.71
CA TYR A 1386 -1.69 -41.94 0.69
C TYR A 1386 -0.37 -41.40 1.23
N LEU A 1387 0.03 -40.22 0.78
CA LEU A 1387 1.36 -39.69 1.06
C LEU A 1387 1.62 -39.41 2.53
N THR A 1388 0.60 -39.03 3.29
CA THR A 1388 0.79 -38.83 4.72
C THR A 1388 1.11 -40.16 5.37
N ARG A 1389 0.42 -41.19 4.90
CA ARG A 1389 0.68 -42.54 5.36
C ARG A 1389 2.09 -42.96 4.94
N ASP A 1390 2.51 -42.45 3.80
CA ASP A 1390 3.86 -42.70 3.30
C ASP A 1390 4.89 -42.03 4.20
N TRP A 1391 4.51 -40.91 4.79
CA TRP A 1391 5.36 -40.25 5.76
C TRP A 1391 5.42 -41.08 7.02
N SER A 1392 4.28 -41.62 7.42
CA SER A 1392 4.21 -42.45 8.63
C SER A 1392 5.02 -43.73 8.48
N ILE A 1393 5.10 -44.24 7.26
CA ILE A 1393 5.83 -45.47 7.00
C ILE A 1393 7.32 -45.18 6.85
N LEU A 1394 7.65 -44.12 6.12
CA LEU A 1394 9.04 -43.75 5.89
C LEU A 1394 9.70 -43.30 7.18
N GLY A 1395 8.89 -42.79 8.11
CA GLY A 1395 9.41 -42.39 9.40
C GLY A 1395 9.57 -43.56 10.35
N UNK A 1396 9.03 -44.73 9.98
CA UNK A 1396 9.06 -45.86 10.92
C UNK A 1396 9.47 -47.18 10.28
N UNK A 1397 8.71 -47.64 9.30
CA UNK A 1397 8.97 -48.94 8.68
C UNK A 1397 10.15 -48.90 7.73
N UNK A 1398 10.05 -49.65 6.64
CA UNK A 1398 11.12 -49.71 5.65
C UNK A 1398 10.60 -50.10 4.28
N UNK A 1399 9.38 -49.63 3.96
CA UNK A 1399 8.78 -49.90 2.66
C UNK A 1399 9.61 -49.26 1.55
N UNK A 1400 10.26 -48.15 1.86
CA UNK A 1400 11.10 -47.45 0.89
C UNK A 1400 12.47 -48.11 0.77
N UNK A 1401 13.03 -48.49 1.90
CA UNK A 1401 14.34 -49.14 1.93
C UNK A 1401 14.30 -50.49 1.23
N UNK A 1402 13.13 -51.10 1.23
CA UNK A 1402 12.96 -52.43 0.63
C UNK A 1402 13.27 -52.39 -0.86
N UNK A 1403 12.96 -51.26 -1.49
CA UNK A 1403 13.30 -51.08 -2.90
C UNK A 1403 14.82 -51.07 -3.08
N UNK A 1404 15.52 -50.47 -2.12
CA UNK A 1404 16.97 -50.48 -2.15
C UNK A 1404 17.49 -51.89 -1.95
N UNK A 1405 16.76 -52.67 -1.17
CA UNK A 1405 17.11 -54.07 -0.96
C UNK A 1405 16.95 -54.83 -2.27
N UNK A 1406 15.94 -54.46 -3.04
CA UNK A 1406 15.77 -55.03 -4.37
C UNK A 1406 16.91 -54.59 -5.28
N UNK A 1407 17.40 -53.38 -5.07
CA UNK A 1407 18.56 -52.91 -5.82
C UNK A 1407 19.78 -53.75 -5.47
N UNK A 1408 19.86 -54.19 -4.22
CA UNK A 1408 20.89 -55.15 -3.84
C UNK A 1408 20.63 -56.49 -4.52
N UNK A 1409 19.35 -56.81 -4.71
CA UNK A 1409 18.95 -58.05 -5.36
C UNK A 1409 19.33 -58.03 -6.83
N UNK A 1410 19.52 -56.83 -7.38
CA UNK A 1410 19.96 -56.70 -8.76
C UNK A 1410 21.27 -57.42 -9.00
N UNK A 1411 22.25 -57.23 -8.09
CA UNK A 1411 23.54 -57.91 -8.24
C UNK A 1411 23.42 -59.41 -8.01
N UNK A 1412 22.63 -60.07 -8.85
CA UNK A 1412 22.38 -61.50 -8.74
C UNK A 1412 21.76 -62.04 -10.02
N UNK A 1413 21.15 -63.23 -9.92
CA UNK A 1413 20.50 -63.85 -11.07
C UNK A 1413 19.07 -64.23 -10.73
N UNK A 1414 18.79 -65.52 -10.78
CA UNK A 1414 17.46 -66.04 -10.44
C UNK A 1414 17.55 -67.49 -10.00
N UNK A 1415 18.08 -67.72 -8.80
CA UNK A 1415 18.26 -69.05 -8.29
C UNK A 1415 19.57 -69.64 -8.78
N UNK A 1416 19.90 -70.85 -8.32
CA UNK A 1416 19.08 -71.59 -7.36
C UNK A 1416 19.63 -71.42 -5.95
N UNK A 1417 19.96 -72.53 -5.31
CA UNK A 1417 20.52 -72.50 -3.98
C UNK A 1417 21.87 -71.78 -3.97
N UNK A 1418 22.59 -71.90 -5.09
CA UNK A 1418 23.87 -71.23 -5.24
C UNK A 1418 23.69 -69.72 -5.24
N UNK A 1419 22.59 -69.26 -5.81
CA UNK A 1419 22.26 -67.84 -5.76
C UNK A 1419 21.96 -67.41 -4.33
N UNK A 1420 21.35 -68.31 -3.57
CA UNK A 1420 21.06 -68.05 -2.17
C UNK A 1420 22.35 -67.96 -1.36
N UNK A 1421 23.35 -68.72 -1.78
CA UNK A 1421 24.64 -68.73 -1.10
C UNK A 1421 25.46 -67.50 -1.45
N UNK A 1422 25.48 -67.14 -2.72
CA UNK A 1422 26.18 -65.94 -3.16
C UNK A 1422 25.53 -64.69 -2.57
N UNK A 1423 24.21 -64.74 -2.44
CA UNK A 1423 23.47 -63.61 -1.88
C UNK A 1423 23.40 -63.68 -0.36
N UNK A 1424 23.90 -64.77 0.21
CA UNK A 1424 23.84 -64.96 1.66
C UNK A 1424 24.61 -63.89 2.42
N UNK A 1425 25.70 -63.41 1.83
CA UNK A 1425 26.51 -62.39 2.48
C UNK A 1425 25.79 -61.05 2.52
N UNK A 1426 25.25 -60.66 1.38
CA UNK A 1426 24.49 -59.41 1.28
C UNK A 1426 23.22 -59.49 2.11
N UNK A 1427 22.70 -60.71 2.26
CA UNK A 1427 21.50 -60.94 3.05
C UNK A 1427 21.81 -60.86 4.53
N UNK A 1428 22.91 -61.49 4.94
CA UNK A 1428 23.33 -61.44 6.33
C UNK A 1428 23.68 -60.02 6.74
N UNK A 1429 24.17 -59.24 5.77
CA UNK A 1429 24.50 -57.85 6.01
C UNK A 1429 23.24 -56.98 6.09
N UNK A 1430 22.32 -57.19 5.16
CA UNK A 1430 21.10 -56.39 5.06
C UNK A 1430 20.25 -56.44 6.33
N UNK A 1431 20.02 -57.65 6.87
CA UNK A 1431 19.15 -57.84 8.03
C UNK A 1431 19.61 -57.04 9.24
N UNK A 1432 20.93 -56.89 9.42
CA UNK A 1432 21.44 -56.04 10.50
C UNK A 1432 20.98 -54.60 10.36
N UNK A 1433 20.79 -54.14 9.13
CA UNK A 1433 20.21 -52.82 8.88
C UNK A 1433 18.69 -52.89 8.94
N UNK A 1434 18.17 -54.11 8.86
CA UNK A 1434 16.74 -54.34 8.95
C UNK A 1434 16.27 -54.50 10.39
N UNK A 1435 17.20 -54.49 11.33
CA UNK A 1435 16.86 -54.68 12.74
C UNK A 1435 17.73 -53.85 13.67
N UNK A 1436 19.04 -54.04 13.59
CA UNK A 1436 19.98 -53.36 14.46
C UNK A 1436 20.38 -54.24 15.63
N UNK A 1437 21.62 -54.08 16.09
CA UNK A 1437 22.20 -54.94 17.13
C UNK A 1437 22.07 -56.42 16.77
N UNK A 1438 22.29 -57.28 17.76
CA UNK A 1438 22.08 -58.73 17.62
C UNK A 1438 22.85 -59.34 16.45
N UNK A 1439 24.03 -59.88 16.74
CA UNK A 1439 24.84 -60.58 15.74
C UNK A 1439 24.05 -61.71 15.09
N UNK A 1440 23.36 -62.52 15.92
CA UNK A 1440 22.49 -63.68 15.75
C UNK A 1440 22.44 -64.25 14.33
N UNK A 1441 23.60 -64.50 13.75
CA UNK A 1441 23.69 -65.11 12.43
C UNK A 1441 23.14 -66.53 12.43
N UNK A 1442 23.21 -67.19 13.59
CA UNK A 1442 22.76 -68.57 13.72
C UNK A 1442 21.24 -68.71 13.60
N UNK A 1443 20.50 -67.79 14.20
CA UNK A 1443 19.05 -67.81 14.10
C UNK A 1443 18.66 -67.56 12.65
N UNK A 1444 19.43 -66.73 11.98
CA UNK A 1444 19.25 -66.50 10.55
C UNK A 1444 19.58 -67.76 9.78
N UNK A 1445 20.52 -68.55 10.28
CA UNK A 1445 20.86 -69.82 9.66
C UNK A 1445 19.69 -70.78 9.80
N UNK A 1446 18.97 -70.68 10.92
CA UNK A 1446 17.74 -71.42 11.09
C UNK A 1446 16.68 -70.93 10.11
N UNK A 1447 16.73 -69.62 9.82
CA UNK A 1447 15.77 -69.02 8.92
C UNK A 1447 15.96 -69.49 7.48
N UNK A 1448 17.22 -69.49 7.03
CA UNK A 1448 17.58 -70.00 5.72
C UNK A 1448 17.37 -71.50 5.68
N UNK A 1449 17.50 -72.15 6.83
CA UNK A 1449 17.20 -73.57 6.95
C UNK A 1449 15.70 -73.78 6.72
N UNK A 1450 14.91 -72.77 7.08
CA UNK A 1450 13.49 -72.81 6.80
C UNK A 1450 13.19 -72.49 5.34
N UNK A 1451 14.02 -71.64 4.75
CA UNK A 1451 13.90 -71.33 3.34
C UNK A 1451 14.22 -72.55 2.49
N UNK A 1452 15.09 -73.40 3.01
CA UNK A 1452 15.46 -74.63 2.33
C UNK A 1452 14.45 -75.73 2.61
N UNK A 1453 13.91 -75.73 3.83
CA UNK A 1453 12.91 -76.69 4.25
C UNK A 1453 11.66 -76.66 3.35
N UNK A 1454 11.16 -75.46 3.07
CA UNK A 1454 9.94 -75.07 2.34
C UNK A 1454 8.68 -75.67 2.97
N UNK A 1455 7.84 -74.80 3.54
CA UNK A 1455 6.67 -75.22 4.30
C UNK A 1455 5.39 -74.64 3.70
N UNK A 1456 4.25 -75.07 4.22
CA UNK A 1456 2.96 -74.59 3.70
C UNK A 1456 1.84 -74.58 4.75
N UNK A 1457 2.16 -74.13 5.95
CA UNK A 1457 1.17 -74.04 7.02
C UNK A 1457 1.62 -73.10 8.12
N UNK A 1458 0.68 -72.70 8.97
CA UNK A 1458 0.96 -71.86 10.14
C UNK A 1458 1.59 -70.53 9.79
N UNK A 1459 0.76 -69.51 9.60
CA UNK A 1459 1.23 -68.19 9.23
C UNK A 1459 1.37 -68.05 7.73
N UNK A 1460 2.08 -68.99 7.12
CA UNK A 1460 2.17 -69.03 5.66
C UNK A 1460 0.79 -69.29 5.06
N UNK A 1461 -0.03 -70.06 5.78
CA UNK A 1461 -1.40 -70.29 5.36
C UNK A 1461 -2.23 -69.00 5.45
N UNK A 1462 -1.91 -68.16 6.43
CA UNK A 1462 -2.59 -66.87 6.55
C UNK A 1462 -2.21 -65.99 5.38
N UNK A 1463 -0.95 -66.10 4.96
CA UNK A 1463 -0.46 -65.41 3.78
C UNK A 1463 -1.12 -65.96 2.53
N UNK A 1464 -1.52 -67.24 2.59
CA UNK A 1464 -2.19 -67.89 1.47
C UNK A 1464 -3.62 -67.38 1.32
N UNK A 1465 -4.38 -67.38 2.42
CA UNK A 1465 -5.74 -66.89 2.38
C UNK A 1465 -5.75 -65.40 2.07
N UNK A 1466 -4.74 -64.70 2.58
CA UNK A 1466 -4.56 -63.30 2.27
C UNK A 1466 -4.19 -63.14 0.81
N UNK A 1467 -3.60 -64.18 0.24
CA UNK A 1467 -3.28 -64.18 -1.17
C UNK A 1467 -4.55 -64.35 -2.01
N UNK A 1468 -5.49 -65.16 -1.53
CA UNK A 1468 -6.77 -65.28 -2.21
C UNK A 1468 -7.54 -63.98 -2.12
N UNK A 1469 -7.47 -63.33 -0.95
CA UNK A 1469 -8.12 -62.04 -0.77
C UNK A 1469 -7.46 -60.99 -1.65
N UNK A 1470 -6.15 -61.13 -1.85
CA UNK A 1470 -5.40 -60.22 -2.68
C UNK A 1470 -5.78 -60.40 -4.14
N UNK A 1471 -5.99 -61.65 -4.53
CA UNK A 1471 -6.36 -61.99 -5.90
C UNK A 1471 -7.81 -61.68 -6.15
N UNK A 1472 -8.55 -61.46 -5.07
CA UNK A 1472 -9.97 -61.13 -5.18
C UNK A 1472 -10.17 -59.79 -5.87
N UNK A 1473 -9.15 -58.94 -5.80
CA UNK A 1473 -9.21 -57.61 -6.41
C UNK A 1473 -8.09 -57.40 -7.42
N UNK A 1474 -6.88 -57.78 -7.03
CA UNK A 1474 -5.70 -57.57 -7.85
C UNK A 1474 -5.52 -58.67 -8.90
N UNK A 1475 -6.39 -59.68 -8.83
CA UNK A 1475 -6.40 -60.82 -9.74
C UNK A 1475 -5.16 -61.71 -9.57
N UNK A 1476 -5.38 -63.02 -9.68
CA UNK A 1476 -4.32 -64.00 -9.45
C UNK A 1476 -3.38 -64.11 -10.65
N UNK A 1477 -3.30 -65.31 -11.21
CA UNK A 1477 -2.52 -65.59 -12.41
C UNK A 1477 -1.04 -65.27 -12.21
N UNK A 1478 -0.71 -63.99 -12.19
CA UNK A 1478 0.68 -63.54 -12.15
C UNK A 1478 1.29 -63.60 -10.76
N UNK A 1479 0.46 -63.86 -9.75
CA UNK A 1479 0.95 -63.82 -8.37
C UNK A 1479 0.59 -65.04 -7.53
N UNK A 1480 -0.69 -65.41 -7.52
CA UNK A 1480 -1.18 -66.40 -6.57
C UNK A 1480 -0.53 -67.77 -6.71
N UNK A 1481 -0.17 -68.14 -7.93
CA UNK A 1481 0.47 -69.43 -8.15
C UNK A 1481 1.93 -69.39 -7.74
N UNK A 1482 2.49 -68.19 -7.70
CA UNK A 1482 3.89 -68.02 -7.36
C UNK A 1482 4.19 -68.38 -5.91
N UNK A 1483 3.19 -68.27 -5.05
CA UNK A 1483 3.38 -68.57 -3.64
C UNK A 1483 3.67 -70.04 -3.42
N UNK A 1484 3.12 -70.90 -4.27
CA UNK A 1484 3.49 -72.31 -4.27
C UNK A 1484 4.78 -72.49 -5.06
N UNK A 1485 5.19 -71.43 -5.76
CA UNK A 1485 6.34 -71.50 -6.64
C UNK A 1485 7.52 -70.69 -6.09
N UNK A 1486 8.52 -70.46 -6.93
CA UNK A 1486 9.75 -69.80 -6.53
C UNK A 1486 9.73 -68.30 -6.74
N UNK A 1487 10.43 -67.85 -7.78
CA UNK A 1487 10.71 -66.43 -8.03
C UNK A 1487 11.48 -65.81 -6.87
N UNK A 1488 12.72 -65.42 -7.14
CA UNK A 1488 13.65 -65.05 -6.07
C UNK A 1488 13.18 -63.87 -5.24
N UNK A 1489 12.51 -62.92 -5.88
CA UNK A 1489 11.96 -61.79 -5.14
C UNK A 1489 10.68 -62.19 -4.42
N UNK A 1490 9.92 -63.09 -5.03
CA UNK A 1490 8.77 -63.67 -4.35
C UNK A 1490 9.25 -64.54 -3.20
N UNK A 1491 10.41 -65.16 -3.38
CA UNK A 1491 11.05 -65.90 -2.30
C UNK A 1491 11.45 -64.94 -1.18
N UNK A 1492 11.84 -63.73 -1.57
CA UNK A 1492 12.10 -62.67 -0.61
C UNK A 1492 10.81 -62.26 0.08
N UNK A 1493 9.69 -62.39 -0.63
CA UNK A 1493 8.39 -62.12 -0.04
C UNK A 1493 8.03 -63.18 0.99
N UNK A 1494 8.44 -64.41 0.72
CA UNK A 1494 8.29 -65.47 1.71
C UNK A 1494 9.19 -65.17 2.90
N UNK A 1495 10.33 -64.54 2.61
CA UNK A 1495 11.24 -64.10 3.65
C UNK A 1495 10.60 -62.98 4.47
N UNK A 1496 9.72 -62.21 3.83
CA UNK A 1496 9.06 -61.09 4.48
C UNK A 1496 8.16 -61.57 5.60
N UNK A 1497 7.61 -62.76 5.46
CA UNK A 1497 6.83 -63.36 6.54
C UNK A 1497 7.76 -63.63 7.72
N UNK A 1498 9.01 -63.96 7.40
CA UNK A 1498 10.04 -64.16 8.40
C UNK A 1498 10.78 -62.85 8.71
N UNK A 1499 10.45 -61.80 7.97
CA UNK A 1499 11.12 -60.52 8.15
C UNK A 1499 10.14 -59.42 8.53
N UNK A 1500 9.21 -59.14 7.63
CA UNK A 1500 8.31 -58.01 7.80
C UNK A 1500 7.10 -58.35 8.68
N UNK A 1501 6.18 -59.14 8.12
CA UNK A 1501 4.87 -59.36 8.72
C UNK A 1501 4.18 -58.02 8.96
N UNK A 1502 4.23 -57.16 7.94
CA UNK A 1502 3.71 -55.80 8.02
C UNK A 1502 2.19 -55.72 8.02
N UNK A 1503 1.68 -54.63 8.56
CA UNK A 1503 0.23 -54.45 8.72
C UNK A 1503 -0.46 -54.08 7.40
N UNK A 1504 -0.55 -55.06 6.50
CA UNK A 1504 -1.27 -54.92 5.25
C UNK A 1504 -0.89 -53.66 4.48
N UNK A 1505 -1.89 -53.06 3.85
CA UNK A 1505 -1.73 -51.80 3.13
C UNK A 1505 -0.65 -51.88 2.05
N UNK A 1506 0.19 -50.85 2.01
CA UNK A 1506 1.15 -50.67 0.94
C UNK A 1506 2.15 -51.82 0.88
N UNK A 1507 2.36 -52.47 2.02
CA UNK A 1507 3.28 -53.59 2.06
C UNK A 1507 2.84 -54.71 1.13
N UNK A 1508 1.53 -54.87 0.98
CA UNK A 1508 1.00 -55.87 0.08
C UNK A 1508 1.40 -55.58 -1.35
N UNK A 1509 1.47 -54.28 -1.68
CA UNK A 1509 1.96 -53.88 -2.99
C UNK A 1509 3.44 -54.14 -3.15
N UNK A 1510 4.18 -54.08 -2.05
CA UNK A 1510 5.63 -54.26 -2.10
C UNK A 1510 5.98 -55.64 -2.66
N UNK A 1511 5.32 -56.68 -2.14
CA UNK A 1511 5.47 -58.07 -2.60
C UNK A 1511 5.09 -58.22 -4.08
N UNK A 1512 4.12 -57.43 -4.54
CA UNK A 1512 3.64 -57.54 -5.92
C UNK A 1512 4.63 -56.97 -6.92
N UNK A 1513 4.86 -55.66 -6.86
CA UNK A 1513 5.77 -55.00 -7.80
C UNK A 1513 7.20 -55.48 -7.62
N UNK A 1514 7.55 -55.89 -6.40
CA UNK A 1514 8.90 -56.35 -6.12
C UNK A 1514 9.22 -57.72 -6.69
N UNK A 1515 8.24 -58.61 -6.73
CA UNK A 1515 8.46 -59.96 -7.24
C UNK A 1515 8.73 -59.93 -8.73
N UNK A 1516 7.84 -59.27 -9.45
CA UNK A 1516 7.94 -59.16 -10.90
C UNK A 1516 9.19 -58.41 -11.29
N UNK A 1517 9.67 -57.55 -10.40
CA UNK A 1517 10.88 -56.79 -10.63
C UNK A 1517 12.09 -57.71 -10.80
N UNK A 1518 12.06 -58.85 -10.11
CA UNK A 1518 13.13 -59.83 -10.28
C UNK A 1518 13.10 -60.44 -11.68
N UNK A 1519 11.91 -60.54 -12.25
CA UNK A 1519 11.75 -61.15 -13.57
C UNK A 1519 12.26 -60.25 -14.70
N UNK A 1520 12.36 -58.95 -14.43
CA UNK A 1520 12.74 -57.99 -15.46
C UNK A 1520 14.25 -57.76 -15.51
N ARG B 28 -74.27 -73.45 0.93
CA ARG B 28 -73.95 -72.62 -0.22
C ARG B 28 -73.02 -71.48 0.18
N ARG B 29 -72.78 -70.56 -0.77
CA ARG B 29 -71.88 -69.43 -0.53
C ARG B 29 -72.55 -68.30 0.25
N GLU B 30 -73.86 -68.40 0.42
CA GLU B 30 -74.62 -67.37 1.13
C GLU B 30 -74.22 -67.27 2.60
N ALA B 31 -73.75 -68.37 3.18
CA ALA B 31 -73.35 -68.38 4.58
C ALA B 31 -72.18 -67.44 4.84
N GLU B 32 -71.27 -67.35 3.87
CA GLU B 32 -70.16 -66.41 3.97
C GLU B 32 -70.67 -64.97 3.93
N ARG B 33 -71.75 -64.73 3.18
CA ARG B 33 -72.34 -63.41 3.09
C ARG B 33 -73.01 -63.03 4.40
N GLN B 34 -73.69 -63.99 5.01
CA GLN B 34 -74.30 -63.78 6.31
C GLN B 34 -73.22 -63.56 7.36
N ALA B 35 -72.08 -64.21 7.16
CA ALA B 35 -70.94 -64.02 8.05
C ALA B 35 -70.39 -62.61 7.93
N GLN B 36 -70.28 -62.12 6.70
CA GLN B 36 -69.81 -60.77 6.45
C GLN B 36 -70.78 -59.75 7.02
N ALA B 37 -72.07 -60.05 6.96
CA ALA B 37 -73.08 -59.17 7.55
C ALA B 37 -72.95 -59.16 9.07
N GLN B 38 -72.64 -60.34 9.64
CA GLN B 38 -72.44 -60.46 11.07
C GLN B 38 -71.19 -59.68 11.49
N LEU B 39 -70.22 -59.61 10.59
CA LEU B 39 -69.00 -58.87 10.84
C LEU B 39 -69.24 -57.37 10.80
N GLU B 40 -69.98 -56.93 9.78
CA GLU B 40 -70.29 -55.51 9.64
C GLU B 40 -71.15 -55.04 10.81
N LYS B 41 -72.02 -55.92 11.30
CA LYS B 41 -72.77 -55.63 12.52
C LYS B 41 -71.85 -55.62 13.74
N ALA B 42 -70.85 -56.49 13.71
CA ALA B 42 -69.91 -56.62 14.83
C ALA B 42 -69.00 -55.41 14.99
N LYS B 43 -68.72 -54.71 13.89
CA LYS B 43 -67.75 -53.63 13.92
C LYS B 43 -68.18 -52.45 14.81
N THR B 44 -69.47 -52.21 14.90
CA THR B 44 -69.99 -51.12 15.74
C THR B 44 -70.27 -51.57 17.17
N LYS B 45 -70.24 -52.88 17.41
CA LYS B 45 -70.58 -53.42 18.72
C LYS B 45 -69.50 -53.16 19.77
N PRO B 46 -69.93 -52.90 21.02
CA PRO B 46 -69.05 -52.75 22.18
C PRO B 46 -68.25 -54.01 22.49
N VAL B 47 -67.03 -53.85 22.99
CA VAL B 47 -66.15 -54.97 23.31
C VAL B 47 -66.74 -55.86 24.41
N ALA B 48 -66.64 -57.17 24.25
CA ALA B 48 -67.04 -58.09 25.32
C ALA B 48 -65.91 -58.26 26.31
N PHE B 49 -64.77 -58.77 25.85
CA PHE B 49 -63.62 -58.93 26.73
C PHE B 49 -62.28 -59.06 25.99
N ALA B 50 -61.26 -58.40 26.51
CA ALA B 50 -59.91 -58.55 25.98
C ALA B 50 -59.26 -59.84 26.49
N VAL B 51 -58.33 -60.38 25.69
CA VAL B 51 -57.58 -61.58 26.09
C VAL B 51 -56.12 -61.48 25.66
N ARG B 52 -55.24 -62.16 26.40
CA ARG B 52 -53.83 -62.17 26.07
C ARG B 52 -53.38 -63.52 25.51
N THR B 53 -52.86 -63.49 24.29
CA THR B 53 -52.36 -64.70 23.63
C THR B 53 -51.07 -65.18 24.27
N ASN B 54 -50.85 -66.50 24.21
CA ASN B 54 -49.59 -67.06 24.70
C ASN B 54 -48.76 -67.68 23.59
N VAL B 55 -49.24 -67.61 22.35
CA VAL B 55 -48.56 -68.20 21.21
C VAL B 55 -48.67 -67.34 19.95
N ARG B 56 -47.69 -67.49 19.05
CA ARG B 56 -47.74 -66.88 17.73
C ARG B 56 -48.74 -67.62 16.84
N TYR B 57 -49.35 -66.90 15.90
CA TYR B 57 -50.30 -67.52 14.98
C TYR B 57 -50.42 -66.75 13.67
N SER B 58 -49.99 -67.37 12.59
CA SER B 58 -50.14 -66.79 11.25
C SER B 58 -51.35 -67.40 10.53
N ALA B 59 -51.98 -66.60 9.67
CA ALA B 59 -53.13 -67.06 8.90
C ALA B 59 -52.71 -68.03 7.78
N ALA B 60 -53.63 -68.91 7.40
CA ALA B 60 -53.39 -69.86 6.31
C ALA B 60 -54.69 -70.25 5.64
N GLN B 61 -54.61 -70.62 4.36
CA GLN B 61 -55.81 -71.01 3.60
C GLN B 61 -56.40 -72.32 4.09
N GLU B 62 -55.57 -73.14 4.75
CA GLU B 62 -56.00 -74.43 5.25
C GLU B 62 -56.81 -74.28 6.54
N ASP B 63 -56.85 -73.06 7.07
CA ASP B 63 -57.56 -72.77 8.30
C ASP B 63 -59.08 -72.75 8.08
N ASP B 64 -59.47 -72.73 6.80
CA ASP B 64 -60.88 -72.70 6.41
C ASP B 64 -61.60 -71.50 7.02
N VAL B 65 -61.02 -70.32 6.86
CA VAL B 65 -61.61 -69.10 7.36
C VAL B 65 -62.94 -68.85 6.66
N PRO B 66 -64.01 -68.59 7.43
CA PRO B 66 -65.34 -68.34 6.84
C PRO B 66 -65.33 -67.16 5.89
N VAL B 67 -64.51 -66.16 6.18
CA VAL B 67 -64.36 -64.99 5.32
C VAL B 67 -62.87 -64.75 5.09
N PRO B 68 -62.27 -65.51 4.15
CA PRO B 68 -60.82 -65.53 3.95
C PRO B 68 -60.23 -64.18 3.57
N GLY B 69 -59.02 -63.91 4.05
CA GLY B 69 -58.33 -62.66 3.81
C GLY B 69 -58.69 -61.59 4.81
N MET B 70 -59.61 -61.91 5.72
CA MET B 70 -59.99 -61.00 6.79
C MET B 70 -59.40 -61.44 8.12
N ALA B 71 -58.73 -62.58 8.12
CA ALA B 71 -58.20 -63.17 9.35
C ALA B 71 -57.14 -62.27 9.99
N ILE B 72 -57.20 -62.17 11.32
CA ILE B 72 -56.24 -61.36 12.06
C ILE B 72 -55.18 -62.22 12.72
N SER B 73 -54.02 -62.32 12.09
CA SER B 73 -52.89 -63.07 12.65
C SER B 73 -52.29 -62.33 13.83
N PHE B 74 -51.68 -63.07 14.75
CA PHE B 74 -51.06 -62.44 15.92
C PHE B 74 -49.76 -63.12 16.36
N GLU B 75 -48.83 -62.30 16.82
CA GLU B 75 -47.59 -62.78 17.43
C GLU B 75 -47.80 -63.12 18.90
N ALA B 76 -46.76 -63.66 19.53
CA ALA B 76 -46.82 -64.04 20.93
C ALA B 76 -47.10 -62.85 21.85
N LYS B 77 -47.90 -63.11 22.89
CA LYS B 77 -48.29 -62.10 23.87
C LYS B 77 -49.04 -60.92 23.28
N ASP B 78 -49.66 -61.11 22.12
CA ASP B 78 -50.53 -60.08 21.55
C ASP B 78 -51.84 -59.96 22.32
N PHE B 79 -52.33 -58.74 22.42
CA PHE B 79 -53.59 -58.46 23.09
C PHE B 79 -54.72 -58.43 22.06
N LEU B 80 -55.88 -58.96 22.44
CA LEU B 80 -56.98 -59.08 21.51
C LEU B 80 -58.33 -58.75 22.15
N HIS B 81 -58.92 -57.63 21.74
CA HIS B 81 -60.30 -57.33 22.12
C HIS B 81 -61.21 -58.37 21.49
N VAL B 82 -62.23 -58.81 22.22
CA VAL B 82 -63.20 -59.73 21.67
C VAL B 82 -64.61 -59.16 21.81
N LYS B 83 -65.31 -59.05 20.68
CA LYS B 83 -66.64 -58.45 20.63
C LYS B 83 -67.75 -59.44 20.93
N GLU B 84 -67.76 -60.56 20.19
CA GLU B 84 -68.82 -61.55 20.32
C GLU B 84 -68.38 -62.89 19.75
N LYS B 85 -69.10 -63.95 20.11
CA LYS B 85 -68.77 -65.29 19.64
C LYS B 85 -69.45 -65.56 18.30
N PHE B 86 -68.68 -65.49 17.23
CA PHE B 86 -69.17 -65.76 15.88
C PHE B 86 -69.63 -67.21 15.73
N ASN B 87 -68.79 -68.13 16.16
CA ASN B 87 -69.10 -69.55 16.16
C ASN B 87 -68.08 -70.31 17.02
N ASN B 88 -68.26 -71.62 17.14
CA ASN B 88 -67.35 -72.43 17.95
C ASN B 88 -65.93 -72.42 17.41
N ASP B 89 -65.77 -72.28 16.11
CA ASP B 89 -64.45 -72.32 15.47
C ASP B 89 -63.76 -70.96 15.40
N TRP B 90 -64.52 -69.88 15.57
CA TRP B 90 -63.96 -68.53 15.43
C TRP B 90 -64.69 -67.51 16.30
N TRP B 91 -63.93 -66.65 16.96
CA TRP B 91 -64.47 -65.52 17.70
C TRP B 91 -64.33 -64.22 16.89
N ILE B 92 -65.21 -63.27 17.13
CA ILE B 92 -65.06 -61.93 16.54
C ILE B 92 -64.26 -61.02 17.48
N GLY B 93 -63.31 -60.28 16.93
CA GLY B 93 -62.52 -59.35 17.72
C GLY B 93 -61.45 -58.63 16.93
N ARG B 94 -60.62 -57.84 17.62
CA ARG B 94 -59.57 -57.08 16.95
C ARG B 94 -58.26 -57.02 17.74
N LEU B 95 -57.16 -56.93 17.00
CA LEU B 95 -55.84 -56.76 17.60
C LEU B 95 -55.66 -55.35 18.14
N VAL B 96 -54.86 -55.22 19.20
CA VAL B 96 -54.59 -53.92 19.79
C VAL B 96 -53.38 -53.25 19.12
N LYS B 97 -53.63 -52.55 18.02
CA LYS B 97 -52.59 -51.80 17.31
C LYS B 97 -53.24 -50.79 16.37
N GLU B 98 -52.48 -49.77 15.96
CA GLU B 98 -52.99 -48.77 15.01
C GLU B 98 -53.32 -49.40 13.67
N GLY B 99 -54.44 -49.00 13.08
CA GLY B 99 -54.84 -49.45 11.76
C GLY B 99 -55.59 -50.77 11.74
N CYS B 100 -55.79 -51.36 12.92
CA CYS B 100 -56.49 -52.64 13.02
C CYS B 100 -58.00 -52.49 12.78
N GLU B 101 -58.61 -53.57 12.31
CA GLU B 101 -60.05 -53.62 12.08
C GLU B 101 -60.64 -54.92 12.60
N ILE B 102 -61.95 -54.94 12.79
CA ILE B 102 -62.63 -56.11 13.34
C ILE B 102 -62.49 -57.31 12.41
N GLY B 103 -62.27 -58.48 13.00
CA GLY B 103 -62.06 -59.70 12.22
C GLY B 103 -62.19 -60.97 13.02
N PHE B 104 -61.87 -62.09 12.37
CA PHE B 104 -62.02 -63.41 12.96
C PHE B 104 -60.79 -63.87 13.75
N ILE B 105 -60.77 -63.56 15.04
CA ILE B 105 -59.77 -64.11 15.96
C ILE B 105 -60.05 -65.59 16.21
N PRO B 106 -59.04 -66.46 16.03
CA PRO B 106 -59.27 -67.90 16.20
C PRO B 106 -59.69 -68.30 17.61
N SER B 107 -60.59 -69.28 17.70
CA SER B 107 -61.00 -69.83 18.99
C SER B 107 -59.93 -70.78 19.52
N PRO B 108 -59.83 -70.91 20.86
CA PRO B 108 -58.85 -71.82 21.46
C PRO B 108 -59.03 -73.27 21.02
N VAL B 109 -60.28 -73.69 20.82
CA VAL B 109 -60.56 -75.06 20.40
C VAL B 109 -60.03 -75.30 19.00
N LYS B 110 -60.13 -74.28 18.16
CA LYS B 110 -59.64 -74.38 16.79
C LYS B 110 -58.12 -74.44 16.77
N LEU B 111 -57.49 -73.65 17.63
CA LEU B 111 -56.03 -73.64 17.73
C LEU B 111 -55.51 -74.98 18.24
N GLU B 112 -56.26 -75.57 19.16
CA GLU B 112 -55.90 -76.87 19.72
C GLU B 112 -56.09 -77.97 18.69
N ASN B 113 -57.16 -77.87 17.91
CA ASN B 113 -57.42 -78.84 16.86
C ASN B 113 -56.37 -78.79 15.75
N MET B 114 -55.95 -77.57 15.40
CA MET B 114 -54.87 -77.40 14.42
C MET B 114 -53.54 -77.86 15.00
N ARG B 115 -53.40 -77.76 16.32
CA ARG B 115 -52.19 -78.23 16.98
C ARG B 115 -52.10 -79.75 16.91
N LEU B 116 -53.21 -80.42 17.23
CA LEU B 116 -53.29 -81.87 17.15
C LEU B 116 -53.14 -82.34 15.70
N GLN B 117 -53.66 -81.54 14.77
CA GLN B 117 -53.57 -81.89 13.36
C GLN B 117 -52.13 -81.81 12.87
N HIS B 118 -51.43 -80.73 13.21
CA HIS B 118 -50.04 -80.61 12.83
C HIS B 118 -49.16 -81.65 13.51
N GLU B 119 -49.48 -81.98 14.76
CA GLU B 119 -48.74 -83.04 15.45
C GLU B 119 -48.99 -84.40 14.79
N GLN B 120 -50.19 -84.59 14.27
CA GLN B 120 -50.50 -85.83 13.55
C GLN B 120 -49.77 -85.88 12.22
N ARG B 121 -49.68 -84.73 11.55
CA ARG B 121 -48.97 -84.62 10.29
C ARG B 121 -47.46 -84.74 10.48
N ALA B 122 -47.00 -84.48 11.70
CA ALA B 122 -45.59 -84.57 12.02
C ALA B 122 -45.08 -86.00 11.92
N LYS B 123 -45.98 -86.96 12.11
CA LYS B 123 -45.62 -88.37 12.03
C LYS B 123 -46.27 -89.04 10.82
N PHE B 142 -68.70 -65.15 27.60
CA PHE B 142 -69.81 -64.62 26.80
C PHE B 142 -71.14 -64.76 27.55
N THR B 148 -51.18 -72.75 30.24
CA THR B 148 -51.49 -73.70 29.17
C THR B 148 -52.49 -73.15 28.15
N PRO B 149 -53.66 -72.64 28.60
CA PRO B 149 -54.59 -72.13 27.58
C PRO B 149 -54.01 -70.94 26.81
N PRO B 150 -54.32 -70.84 25.51
CA PRO B 150 -53.81 -69.79 24.63
C PRO B 150 -54.15 -68.37 25.08
N TYR B 151 -55.31 -68.16 25.70
CA TYR B 151 -55.76 -66.81 26.00
C TYR B 151 -55.83 -66.51 27.50
N ASP B 152 -54.98 -65.59 27.95
CA ASP B 152 -55.07 -65.05 29.31
C ASP B 152 -56.00 -63.85 29.31
N VAL B 153 -56.95 -63.82 30.23
CA VAL B 153 -57.88 -62.69 30.32
C VAL B 153 -57.15 -61.42 30.73
N VAL B 154 -57.45 -60.32 30.04
CA VAL B 154 -56.92 -59.01 30.42
C VAL B 154 -58.03 -57.95 30.37
N PRO B 155 -57.88 -56.89 31.18
CA PRO B 155 -58.82 -55.76 31.15
C PRO B 155 -58.81 -55.04 29.79
N SER B 156 -59.96 -54.53 29.38
CA SER B 156 -60.07 -53.83 28.09
C SER B 156 -59.15 -52.62 28.03
N MET B 157 -58.89 -52.04 29.20
CA MET B 157 -57.93 -50.95 29.32
C MET B 157 -56.87 -51.32 30.35
N ARG B 158 -55.62 -51.37 29.90
CA ARG B 158 -54.51 -51.74 30.76
C ARG B 158 -54.21 -50.65 31.79
N PRO B 159 -54.03 -51.06 33.05
CA PRO B 159 -53.57 -50.17 34.13
C PRO B 159 -52.17 -49.63 33.86
N VAL B 160 -51.90 -48.39 34.28
CA VAL B 160 -50.57 -47.81 34.10
C VAL B 160 -49.90 -47.56 35.43
N VAL B 161 -48.77 -48.23 35.65
CA VAL B 161 -48.02 -48.08 36.90
C VAL B 161 -46.66 -47.44 36.67
N LEU B 162 -46.48 -46.25 37.22
CA LEU B 162 -45.24 -45.50 37.04
C LEU B 162 -44.21 -45.88 38.10
N VAL B 163 -43.58 -47.04 37.94
CA VAL B 163 -42.60 -47.53 38.91
C VAL B 163 -41.32 -46.70 38.88
N GLY B 164 -40.62 -46.64 40.01
CA GLY B 164 -39.36 -45.93 40.10
C GLY B 164 -39.48 -44.45 40.42
N PRO B 165 -38.34 -43.75 40.54
CA PRO B 165 -36.94 -44.20 40.45
C PRO B 165 -36.57 -45.28 41.46
N SER B 166 -37.18 -45.22 42.64
CA SER B 166 -36.90 -46.19 43.69
C SER B 166 -38.15 -46.52 44.51
N LEU B 167 -37.96 -46.63 45.82
CA LEU B 167 -39.04 -47.01 46.72
C LEU B 167 -40.13 -45.96 46.79
N LYS B 168 -41.37 -46.42 46.77
CA LYS B 168 -42.53 -45.57 47.04
C LYS B 168 -42.73 -45.38 48.53
N GLY B 169 -43.41 -44.29 48.90
CA GLY B 169 -43.66 -43.99 50.30
C GLY B 169 -42.72 -42.95 50.86
N TYR B 170 -41.76 -42.51 50.04
CA TYR B 170 -40.84 -41.45 50.44
C TYR B 170 -41.04 -40.22 49.56
N GLU B 171 -40.92 -39.04 50.18
CA GLU B 171 -41.42 -37.80 49.59
C GLU B 171 -40.78 -37.37 48.27
N VAL B 172 -39.54 -37.80 48.03
CA VAL B 172 -38.89 -37.49 46.76
C VAL B 172 -39.67 -38.14 45.61
N THR B 173 -39.64 -39.47 45.58
CA THR B 173 -40.32 -40.24 44.55
C THR B 173 -41.82 -39.98 44.57
N ASP B 174 -42.35 -39.67 45.75
CA ASP B 174 -43.76 -39.34 45.88
C ASP B 174 -44.13 -38.05 45.18
N MET B 175 -43.34 -36.99 45.38
CA MET B 175 -43.57 -35.74 44.66
C MET B 175 -43.33 -35.92 43.17
N MET B 176 -42.41 -36.84 42.84
CA MET B 176 -42.10 -37.13 41.44
C MET B 176 -43.34 -37.69 40.74
N GLN B 177 -43.75 -38.87 41.19
CA GLN B 177 -44.87 -39.55 40.58
C GLN B 177 -46.13 -38.71 40.71
N LYS B 178 -46.28 -37.99 41.82
CA LYS B 178 -47.49 -37.18 42.01
C LYS B 178 -47.57 -36.03 41.03
N ALA B 179 -46.43 -35.41 40.74
CA ALA B 179 -46.40 -34.36 39.70
C ALA B 179 -46.73 -34.99 38.36
N LEU B 180 -46.28 -36.23 38.17
CA LEU B 180 -46.59 -36.96 36.94
C LEU B 180 -48.10 -37.22 36.80
N PHE B 181 -48.74 -37.67 37.88
CA PHE B 181 -50.18 -37.90 37.88
C PHE B 181 -50.94 -36.59 37.72
N ASP B 182 -50.33 -35.50 38.20
CA ASP B 182 -50.93 -34.19 38.00
C ASP B 182 -50.95 -33.86 36.51
N PHE B 183 -49.84 -34.13 35.81
CA PHE B 183 -49.82 -33.86 34.38
C PHE B 183 -50.80 -34.76 33.63
N LEU B 184 -50.81 -36.03 34.00
CA LEU B 184 -51.66 -37.00 33.33
C LEU B 184 -53.13 -36.69 33.58
N LYS B 185 -53.42 -36.06 34.71
CA LYS B 185 -54.80 -35.72 35.03
C LYS B 185 -55.25 -34.44 34.33
N HIS B 186 -54.46 -33.37 34.42
CA HIS B 186 -54.92 -32.11 33.83
C HIS B 186 -54.89 -32.19 32.30
N ARG B 187 -54.01 -33.02 31.73
CA ARG B 187 -53.97 -33.15 30.29
C ARG B 187 -55.02 -34.11 29.74
N PHE B 188 -55.16 -35.26 30.38
CA PHE B 188 -56.06 -36.28 29.88
C PHE B 188 -57.42 -36.18 30.57
N GLU B 189 -57.82 -34.94 30.84
CA GLU B 189 -59.11 -34.66 31.47
C GLU B 189 -60.26 -35.17 30.60
N GLY B 190 -61.24 -35.78 31.24
CA GLY B 190 -62.39 -36.32 30.53
C GLY B 190 -62.14 -37.69 29.93
N ARG B 191 -60.94 -38.22 30.15
CA ARG B 191 -60.58 -39.54 29.63
C ARG B 191 -59.90 -40.40 30.68
N ILE B 192 -58.82 -39.90 31.25
CA ILE B 192 -58.01 -40.68 32.19
C ILE B 192 -58.80 -40.94 33.48
N SER B 193 -58.55 -42.10 34.09
CA SER B 193 -59.24 -42.46 35.33
C SER B 193 -58.27 -43.01 36.35
N ILE B 194 -57.38 -42.15 36.83
CA ILE B 194 -56.40 -42.52 37.85
C ILE B 194 -57.10 -42.92 39.14
N THR B 195 -56.66 -44.01 39.76
CA THR B 195 -57.24 -44.45 41.02
C THR B 195 -56.23 -45.22 41.88
N ARG B 196 -56.31 -45.01 43.18
CA ARG B 196 -55.43 -45.66 44.14
C ARG B 196 -55.84 -47.12 44.33
N VAL B 197 -54.88 -47.97 44.66
CA VAL B 197 -55.15 -49.38 44.96
C VAL B 197 -54.47 -49.78 46.26
N THR B 198 -55.23 -49.78 47.35
CA THR B 198 -54.69 -50.10 48.67
C THR B 198 -54.19 -51.53 48.75
N ALA B 199 -54.86 -52.43 48.02
CA ALA B 199 -54.45 -53.83 47.96
C ALA B 199 -53.21 -54.01 47.09
N ASP B 200 -52.43 -55.04 47.37
CA ASP B 200 -51.26 -55.34 46.56
C ASP B 200 -51.68 -56.26 45.41
N ILE B 201 -51.82 -55.68 44.23
CA ILE B 201 -52.28 -56.41 43.06
C ILE B 201 -51.28 -57.47 42.58
N SER B 202 -50.02 -57.30 42.97
CA SER B 202 -48.98 -58.29 42.64
C SER B 202 -49.25 -59.62 43.31
N LEU B 203 -49.97 -59.59 44.43
CA LEU B 203 -50.34 -60.81 45.16
C LEU B 203 -51.33 -61.67 44.38
N ALA B 204 -52.08 -61.05 43.48
CA ALA B 204 -53.06 -61.77 42.66
C ALA B 204 -52.38 -62.76 41.73
N LYS B 205 -53.02 -63.92 41.55
CA LYS B 205 -52.47 -64.97 40.70
C LYS B 205 -53.37 -65.25 39.50
N ALA B 216 -55.27 -79.80 49.04
CA ALA B 216 -55.91 -78.70 48.34
C ALA B 216 -56.19 -77.54 49.28
N ILE B 217 -55.19 -77.18 50.09
CA ILE B 217 -55.33 -76.07 51.03
C ILE B 217 -55.53 -74.75 50.28
N ILE B 218 -56.48 -73.95 50.75
CA ILE B 218 -56.76 -72.66 50.15
C ILE B 218 -55.60 -71.70 50.37
N GLU B 219 -55.22 -70.96 49.34
CA GLU B 219 -54.18 -69.95 49.47
C GLU B 219 -54.65 -68.78 50.33
N ARG B 220 -53.76 -68.30 51.19
CA ARG B 220 -54.06 -67.12 52.02
C ARG B 220 -52.82 -66.27 52.20
N SER B 221 -52.97 -64.96 52.05
CA SER B 221 -51.88 -64.04 52.34
C SER B 221 -51.57 -64.00 53.83
N ASN B 222 -50.28 -64.00 54.17
CA ASN B 222 -49.87 -63.77 55.56
C ASN B 222 -49.82 -62.28 55.85
N THR B 223 -49.83 -61.49 54.77
CA THR B 223 -49.83 -60.04 54.85
C THR B 223 -51.22 -59.52 55.18
N ARG B 224 -51.29 -58.30 55.73
CA ARG B 224 -52.57 -57.68 56.05
C ARG B 224 -53.43 -57.49 54.80
N SER B 225 -52.79 -57.40 53.65
CA SER B 225 -53.48 -57.27 52.38
C SER B 225 -54.09 -58.60 51.96
N SER B 226 -55.32 -58.85 52.40
CA SER B 226 -56.00 -60.11 52.12
C SER B 226 -56.21 -60.32 50.63
N LEU B 227 -56.05 -61.56 50.20
CA LEU B 227 -56.16 -61.91 48.78
C LEU B 227 -57.57 -61.70 48.23
N ALA B 228 -58.58 -61.87 49.07
CA ALA B 228 -59.96 -61.64 48.65
C ALA B 228 -60.21 -60.17 48.33
N GLU B 229 -59.61 -59.30 49.14
CA GLU B 229 -59.69 -57.86 48.88
C GLU B 229 -58.96 -57.56 47.58
N VAL B 230 -57.90 -58.30 47.32
CA VAL B 230 -57.15 -58.14 46.09
C VAL B 230 -58.01 -58.54 44.91
N GLN B 231 -58.81 -59.61 45.09
CA GLN B 231 -59.71 -60.08 44.05
C GLN B 231 -60.78 -59.04 43.79
N SER B 232 -61.19 -58.36 44.85
CA SER B 232 -62.19 -57.31 44.74
C SER B 232 -61.64 -56.11 43.96
N GLU B 233 -60.40 -55.75 44.25
CA GLU B 233 -59.75 -54.66 43.53
C GLU B 233 -59.51 -55.02 42.06
N ILE B 234 -59.21 -56.29 41.79
CA ILE B 234 -59.04 -56.75 40.42
C ILE B 234 -60.36 -56.69 39.66
N GLU B 235 -61.45 -57.04 40.33
CA GLU B 235 -62.76 -56.90 39.71
C GLU B 235 -63.11 -55.42 39.49
N ARG B 236 -62.63 -54.58 40.40
CA ARG B 236 -62.83 -53.14 40.25
C ARG B 236 -62.07 -52.62 39.04
N ILE B 237 -60.92 -53.23 38.75
CA ILE B 237 -60.15 -52.88 37.56
C ILE B 237 -60.83 -53.39 36.30
N PHE B 238 -61.42 -54.58 36.40
CA PHE B 238 -62.18 -55.16 35.29
C PHE B 238 -63.41 -54.34 34.95
N GLU B 239 -63.99 -53.70 35.97
CA GLU B 239 -65.14 -52.83 35.75
C GLU B 239 -64.70 -51.47 35.23
N LEU B 240 -63.62 -50.95 35.78
CA LEU B 240 -63.12 -49.64 35.37
C LEU B 240 -62.61 -49.64 33.93
N ALA B 241 -62.08 -50.78 33.49
CA ALA B 241 -61.56 -50.90 32.13
C ALA B 241 -62.66 -51.14 31.10
N ARG B 242 -63.85 -51.48 31.58
CA ARG B 242 -64.98 -51.78 30.71
C ARG B 242 -65.50 -50.53 30.00
N THR B 243 -65.24 -49.37 30.59
CA THR B 243 -65.72 -48.09 30.05
C THR B 243 -64.82 -47.58 28.92
N LEU B 244 -63.72 -48.29 28.69
CA LEU B 244 -62.72 -47.94 27.68
C LEU B 244 -62.08 -46.57 27.94
N GLN B 245 -62.13 -46.14 29.19
CA GLN B 245 -61.42 -44.95 29.65
C GLN B 245 -59.97 -45.28 30.02
N LEU B 246 -59.08 -44.31 29.90
CA LEU B 246 -57.69 -44.51 30.31
C LEU B 246 -57.57 -44.75 31.80
N VAL B 247 -56.67 -45.65 32.18
CA VAL B 247 -56.47 -45.99 33.59
C VAL B 247 -54.98 -45.93 33.94
N VAL B 248 -54.66 -45.25 35.04
CA VAL B 248 -53.29 -45.18 35.51
C VAL B 248 -53.23 -45.37 37.02
N LEU B 249 -52.81 -46.56 37.44
CA LEU B 249 -52.80 -46.90 38.85
C LEU B 249 -51.72 -46.19 39.64
N ASP B 250 -51.99 -46.01 40.93
CA ASP B 250 -51.03 -45.42 41.86
C ASP B 250 -50.73 -46.43 42.97
N ALA B 251 -50.36 -47.65 42.56
CA ALA B 251 -50.05 -48.71 43.50
C ALA B 251 -48.84 -48.34 44.36
N ASP B 252 -48.90 -48.69 45.64
CA ASP B 252 -47.86 -48.28 46.59
C ASP B 252 -46.69 -49.26 46.67
N THR B 253 -46.99 -50.56 46.67
CA THR B 253 -46.00 -51.60 46.92
C THR B 253 -45.19 -51.98 45.69
N ILE B 254 -45.63 -51.54 44.51
CA ILE B 254 -45.03 -52.00 43.26
C ILE B 254 -43.76 -51.20 42.94
N ASN B 255 -42.66 -51.55 43.59
CA ASN B 255 -41.38 -50.90 43.34
C ASN B 255 -40.67 -51.47 42.11
N HIS B 256 -41.11 -52.62 41.64
CA HIS B 256 -40.46 -53.25 40.51
C HIS B 256 -41.51 -53.83 39.55
N PRO B 257 -41.27 -53.73 38.23
CA PRO B 257 -42.17 -54.29 37.21
C PRO B 257 -42.41 -55.79 37.32
N ALA B 258 -41.41 -56.56 37.75
CA ALA B 258 -41.50 -58.02 37.74
C ALA B 258 -42.61 -58.55 38.63
N GLN B 259 -42.98 -57.78 39.65
CA GLN B 259 -44.01 -58.20 40.59
C GLN B 259 -45.37 -58.36 39.90
N LEU B 260 -45.60 -57.56 38.87
CA LEU B 260 -46.87 -57.56 38.17
C LEU B 260 -46.92 -58.57 37.01
N SER B 261 -45.83 -59.29 36.82
CA SER B 261 -45.74 -60.26 35.73
C SER B 261 -46.75 -61.40 35.85
N LYS B 262 -47.07 -61.78 37.09
CA LYS B 262 -48.04 -62.85 37.33
C LYS B 262 -49.47 -62.36 37.22
N THR B 263 -49.66 -61.04 37.24
CA THR B 263 -50.98 -60.45 37.16
C THR B 263 -51.60 -60.62 35.77
N SER B 264 -52.91 -60.85 35.74
CA SER B 264 -53.65 -60.92 34.49
C SER B 264 -54.02 -59.52 34.01
N LEU B 265 -53.70 -58.53 34.84
CA LEU B 265 -54.04 -57.14 34.55
C LEU B 265 -53.30 -56.59 33.33
N ALA B 266 -52.12 -57.15 33.06
CA ALA B 266 -51.23 -56.67 32.00
C ALA B 266 -51.01 -55.15 32.08
N PRO B 267 -50.36 -54.69 33.15
CA PRO B 267 -50.12 -53.26 33.40
C PRO B 267 -49.22 -52.57 32.37
N ILE B 268 -49.48 -51.30 32.10
CA ILE B 268 -48.58 -50.48 31.27
C ILE B 268 -47.55 -49.83 32.17
N ILE B 269 -46.45 -50.54 32.43
CA ILE B 269 -45.42 -50.07 33.35
C ILE B 269 -44.69 -48.85 32.78
N VAL B 270 -44.35 -47.91 33.65
CA VAL B 270 -43.61 -46.72 33.24
C VAL B 270 -42.31 -46.63 34.04
N TYR B 271 -41.24 -46.19 33.39
CA TYR B 271 -39.91 -46.23 33.99
C TYR B 271 -39.29 -44.83 34.05
N VAL B 272 -39.40 -44.18 35.21
CA VAL B 272 -38.85 -42.84 35.38
C VAL B 272 -37.36 -42.95 35.75
N LYS B 273 -36.51 -43.10 34.74
CA LYS B 273 -35.12 -43.49 34.93
C LYS B 273 -34.23 -42.44 35.60
N ILE B 274 -33.34 -42.91 36.47
CA ILE B 274 -32.22 -42.12 36.97
C ILE B 274 -30.98 -43.00 36.91
N SER B 275 -30.22 -42.88 35.82
CA SER B 275 -29.10 -43.77 35.54
C SER B 275 -27.97 -43.67 36.58
N SER B 276 -27.83 -42.49 37.17
CA SER B 276 -26.76 -42.27 38.15
C SER B 276 -27.26 -42.35 39.58
N PRO B 277 -26.79 -43.36 40.32
CA PRO B 277 -27.15 -43.50 41.74
C PRO B 277 -26.76 -42.29 42.59
N LYS B 278 -25.63 -41.66 42.27
CA LYS B 278 -25.14 -40.52 43.04
C LYS B 278 -26.08 -39.33 42.94
N VAL B 279 -26.71 -39.19 41.79
CA VAL B 279 -27.68 -38.12 41.59
C VAL B 279 -28.83 -38.27 42.57
N LEU B 280 -29.39 -39.47 42.63
CA LEU B 280 -30.52 -39.72 43.51
C LEU B 280 -30.08 -39.67 44.97
N GLN B 281 -28.79 -39.94 45.21
CA GLN B 281 -28.24 -39.75 46.55
C GLN B 281 -28.38 -38.30 46.94
N ARG B 282 -27.89 -37.42 46.07
CA ARG B 282 -27.91 -36.00 46.35
C ARG B 282 -29.34 -35.44 46.36
N LEU B 283 -30.22 -36.10 45.62
CA LEU B 283 -31.62 -35.71 45.57
C LEU B 283 -32.32 -36.00 46.90
N ILE B 284 -32.18 -37.24 47.36
CA ILE B 284 -32.80 -37.66 48.60
C ILE B 284 -32.16 -36.94 49.80
N LYS B 285 -30.87 -36.65 49.70
CA LYS B 285 -30.18 -35.83 50.71
C LYS B 285 -30.61 -34.36 50.68
N SER B 286 -31.03 -33.89 49.52
CA SER B 286 -31.35 -32.46 49.33
C SER B 286 -32.52 -32.00 50.19
N ARG B 287 -33.44 -32.91 50.48
CA ARG B 287 -34.63 -32.57 51.27
C ARG B 287 -34.26 -32.21 52.70
N HIS B 294 -33.08 -43.26 54.97
CA HIS B 294 -33.74 -44.32 54.20
C HIS B 294 -33.12 -44.41 52.81
N LEU B 295 -32.02 -43.69 52.63
CA LEU B 295 -31.34 -43.58 51.34
C LEU B 295 -30.72 -44.88 50.80
N ASN B 296 -30.24 -45.77 51.68
CA ASN B 296 -29.45 -46.92 51.22
C ASN B 296 -30.31 -47.99 50.54
N VAL B 297 -31.44 -48.33 51.16
CA VAL B 297 -32.37 -49.28 50.56
C VAL B 297 -32.94 -48.69 49.28
N GLN B 298 -33.06 -47.37 49.26
CA GLN B 298 -33.46 -46.64 48.05
C GLN B 298 -32.40 -46.79 46.96
N MET B 299 -31.14 -46.89 47.38
CA MET B 299 -30.05 -47.13 46.43
C MET B 299 -30.06 -48.55 45.88
N VAL B 300 -30.30 -49.53 46.74
CA VAL B 300 -30.38 -50.92 46.28
C VAL B 300 -31.57 -51.10 45.35
N ALA B 301 -32.66 -50.39 45.63
CA ALA B 301 -33.86 -50.49 44.82
C ALA B 301 -33.69 -49.80 43.48
N ALA B 302 -33.14 -48.59 43.50
CA ALA B 302 -32.93 -47.84 42.26
C ALA B 302 -31.89 -48.51 41.37
N ASP B 303 -30.86 -49.06 42.02
CA ASP B 303 -29.83 -49.80 41.30
C ASP B 303 -30.46 -51.08 40.73
N LYS B 304 -31.45 -51.60 41.45
CA LYS B 304 -32.18 -52.79 40.99
C LYS B 304 -33.01 -52.48 39.75
N LEU B 305 -33.70 -51.34 39.75
CA LEU B 305 -34.49 -50.91 38.60
C LEU B 305 -33.60 -50.53 37.42
N ALA B 306 -32.37 -50.12 37.72
CA ALA B 306 -31.39 -49.86 36.67
C ALA B 306 -30.99 -51.15 35.94
N GLN B 307 -31.02 -52.27 36.66
CA GLN B 307 -30.63 -53.57 36.11
C GLN B 307 -31.61 -54.11 35.06
N CYS B 308 -32.86 -53.69 35.15
CA CYS B 308 -33.95 -54.30 34.39
C CYS B 308 -33.82 -54.07 32.88
N PRO B 309 -34.25 -55.06 32.08
CA PRO B 309 -34.25 -54.96 30.61
C PRO B 309 -35.33 -54.01 30.10
N PRO B 310 -34.93 -52.83 29.59
CA PRO B 310 -35.83 -51.79 29.09
C PRO B 310 -36.73 -52.26 27.95
N GLN B 311 -36.22 -53.16 27.12
CA GLN B 311 -36.92 -53.57 25.91
C GLN B 311 -38.23 -54.30 26.18
N GLU B 312 -38.32 -54.98 27.32
CA GLU B 312 -39.48 -55.80 27.63
C GLU B 312 -40.15 -55.41 28.94
N SER B 313 -39.34 -55.22 29.97
CA SER B 313 -39.86 -54.91 31.30
C SER B 313 -40.58 -53.57 31.38
N PHE B 314 -40.19 -52.62 30.54
CA PHE B 314 -40.81 -51.29 30.56
C PHE B 314 -41.24 -50.88 29.16
N ASP B 315 -42.37 -50.19 29.07
CA ASP B 315 -42.84 -49.65 27.79
C ASP B 315 -42.31 -48.24 27.53
N VAL B 316 -42.07 -47.49 28.61
CA VAL B 316 -41.66 -46.09 28.49
C VAL B 316 -40.57 -45.75 29.52
N ILE B 317 -39.56 -45.01 29.07
CA ILE B 317 -38.48 -44.59 29.96
C ILE B 317 -38.49 -43.06 30.13
N LEU B 318 -38.96 -42.60 31.29
CA LEU B 318 -38.98 -41.18 31.57
C LEU B 318 -37.65 -40.71 32.13
N ASP B 319 -36.60 -40.84 31.31
CA ASP B 319 -35.25 -40.47 31.73
C ASP B 319 -35.02 -38.97 31.63
N GLU B 320 -35.97 -38.27 31.02
CA GLU B 320 -35.89 -36.83 30.86
C GLU B 320 -35.93 -36.12 32.22
N ASN B 321 -35.12 -35.09 32.37
CA ASN B 321 -35.02 -34.37 33.64
C ASN B 321 -36.11 -33.31 33.87
N GLN B 322 -36.35 -32.48 32.88
CA GLN B 322 -37.37 -31.44 32.99
C GLN B 322 -38.78 -32.01 32.85
N LEU B 323 -39.73 -31.35 33.48
CA LEU B 323 -41.13 -31.78 33.46
C LEU B 323 -41.72 -31.74 32.06
N GLU B 324 -41.31 -30.74 31.28
CA GLU B 324 -41.98 -30.44 30.02
C GLU B 324 -41.79 -31.54 28.99
N ASP B 325 -40.53 -31.86 28.70
CA ASP B 325 -40.22 -32.82 27.64
C ASP B 325 -40.68 -34.24 28.01
N ALA B 326 -40.48 -34.60 29.27
CA ALA B 326 -40.87 -35.92 29.74
C ALA B 326 -42.38 -36.09 29.67
N CYS B 327 -43.09 -35.04 30.08
CA CYS B 327 -44.53 -35.06 30.01
C CYS B 327 -44.99 -35.11 28.57
N GLU B 328 -44.26 -34.46 27.67
CA GLU B 328 -44.60 -34.54 26.25
C GLU B 328 -44.43 -35.96 25.73
N HIS B 329 -43.40 -36.66 26.21
CA HIS B 329 -43.16 -38.01 25.73
C HIS B 329 -44.22 -38.97 26.22
N LEU B 330 -44.48 -38.95 27.53
CA LEU B 330 -45.44 -39.89 28.09
C LEU B 330 -46.86 -39.57 27.60
N ALA B 331 -47.14 -38.30 27.38
CA ALA B 331 -48.44 -37.90 26.85
C ALA B 331 -48.61 -38.35 25.40
N ASP B 332 -47.55 -38.21 24.61
CA ASP B 332 -47.59 -38.67 23.22
C ASP B 332 -47.74 -40.18 23.17
N TYR B 333 -47.15 -40.85 24.16
CA TYR B 333 -47.26 -42.29 24.25
C TYR B 333 -48.69 -42.70 24.56
N LEU B 334 -49.29 -42.05 25.54
CA LEU B 334 -50.66 -42.37 25.92
C LEU B 334 -51.65 -42.00 24.82
N GLU B 335 -51.35 -40.97 24.05
CA GLU B 335 -52.13 -40.66 22.85
C GLU B 335 -51.96 -41.72 21.77
N ALA B 336 -50.78 -42.32 21.69
CA ALA B 336 -50.55 -43.39 20.74
C ALA B 336 -51.38 -44.61 21.12
N TYR B 337 -51.36 -44.95 22.41
CA TYR B 337 -52.15 -46.07 22.91
C TYR B 337 -53.64 -45.77 22.78
N TRP B 338 -54.00 -44.50 22.93
CA TRP B 338 -55.39 -44.08 22.81
C TRP B 338 -55.87 -44.24 21.38
N LYS B 339 -55.01 -43.93 20.42
CA LYS B 339 -55.33 -44.18 19.02
C LYS B 339 -55.40 -45.68 18.74
N ALA B 340 -54.57 -46.45 19.44
CA ALA B 340 -54.56 -47.90 19.26
C ALA B 340 -55.82 -48.59 19.76
N THR B 341 -56.37 -48.10 20.88
CA THR B 341 -57.51 -48.75 21.51
C THR B 341 -58.88 -48.30 20.99
N HIS B 342 -58.90 -47.26 20.16
CA HIS B 342 -60.16 -46.70 19.68
C HIS B 342 -60.21 -46.51 18.17
N PRO B 343 -60.38 -47.61 17.41
CA PRO B 343 -60.56 -47.57 15.96
C PRO B 343 -61.83 -46.83 15.56
N PRO B 344 -61.81 -46.14 14.40
CA PRO B 344 -62.96 -45.40 13.90
C PRO B 344 -64.20 -46.26 13.68
N SER B 345 -63.99 -47.52 13.30
CA SER B 345 -65.08 -48.43 12.98
C SER B 345 -65.96 -48.75 14.20
N SER B 346 -65.38 -48.62 15.39
CA SER B 346 -66.11 -48.92 16.62
C SER B 346 -67.30 -47.97 16.82
N ASN B 347 -67.19 -46.78 16.25
CA ASN B 347 -68.26 -45.79 16.33
C ASN B 347 -68.78 -45.39 14.95
N MET C 1 9.66 -54.01 -26.62
CA MET C 1 8.83 -52.80 -26.67
C MET C 1 7.35 -53.17 -26.61
N SER C 2 6.51 -52.28 -27.12
CA SER C 2 5.08 -52.52 -27.18
C SER C 2 4.55 -52.23 -28.58
N PRO C 3 3.47 -52.92 -28.98
CA PRO C 3 2.84 -52.64 -30.27
C PRO C 3 2.35 -51.20 -30.39
N THR C 4 1.88 -50.64 -29.27
CA THR C 4 1.41 -49.26 -29.25
C THR C 4 2.58 -48.32 -29.49
N GLU C 5 3.77 -48.75 -29.08
CA GLU C 5 4.98 -47.97 -29.32
C GLU C 5 5.24 -47.87 -30.80
N ALA C 6 4.72 -48.84 -31.56
CA ALA C 6 4.78 -48.76 -33.00
C ALA C 6 3.61 -47.93 -33.53
N PRO C 7 2.39 -48.31 -33.15
CA PRO C 7 1.15 -47.64 -33.58
C PRO C 7 1.06 -46.15 -33.26
N LYS C 8 1.57 -45.74 -32.10
CA LYS C 8 1.47 -44.34 -31.71
C LYS C 8 2.53 -43.53 -32.42
N VAL C 9 3.73 -44.09 -32.44
CA VAL C 9 4.84 -43.47 -33.15
C VAL C 9 4.55 -43.45 -34.63
N ARG C 10 3.69 -44.38 -35.07
CA ARG C 10 3.29 -44.43 -36.46
C ARG C 10 2.57 -43.15 -36.83
N VAL C 11 1.89 -42.57 -35.85
CA VAL C 11 1.19 -41.30 -36.07
C VAL C 11 2.15 -40.12 -36.02
N THR C 12 3.01 -40.10 -35.01
CA THR C 12 3.91 -38.98 -34.79
C THR C 12 4.94 -38.84 -35.90
N LEU C 13 5.34 -39.97 -36.47
CA LEU C 13 6.40 -39.98 -37.48
C LEU C 13 5.97 -39.24 -38.72
N PHE C 14 4.67 -39.28 -39.00
CA PHE C 14 4.13 -38.60 -40.16
C PHE C 14 4.30 -37.10 -40.02
N CYS C 15 4.00 -36.60 -38.84
CA CYS C 15 4.18 -35.19 -38.55
C CYS C 15 5.65 -34.85 -38.56
N ILE C 16 6.47 -35.82 -38.17
CA ILE C 16 7.90 -35.61 -38.10
C ILE C 16 8.49 -35.39 -39.48
N LEU C 17 8.18 -36.33 -40.38
CA LEU C 17 8.64 -36.22 -41.75
C LEU C 17 8.01 -35.02 -42.44
N VAL C 18 6.77 -34.70 -42.02
CA VAL C 18 6.05 -33.60 -42.62
C VAL C 18 6.75 -32.29 -42.31
N GLY C 19 7.14 -32.13 -41.05
CA GLY C 19 7.80 -30.91 -40.64
C GLY C 19 9.22 -30.93 -41.14
N ILE C 20 9.72 -32.12 -41.43
CA ILE C 20 11.06 -32.25 -41.98
C ILE C 20 11.08 -31.68 -43.38
N VAL C 21 10.12 -32.10 -44.18
CA VAL C 21 9.98 -31.58 -45.53
C VAL C 21 9.65 -30.10 -45.50
N LEU C 22 8.86 -29.71 -44.49
CA LEU C 22 8.45 -28.33 -44.35
C LEU C 22 9.67 -27.47 -44.07
N ALA C 23 10.63 -28.06 -43.36
CA ALA C 23 11.86 -27.38 -43.02
C ALA C 23 12.77 -27.31 -44.23
N MET C 24 12.82 -28.40 -44.98
CA MET C 24 13.66 -28.46 -46.16
C MET C 24 13.21 -27.40 -47.15
N THR C 25 11.90 -27.28 -47.30
CA THR C 25 11.33 -26.24 -48.12
C THR C 25 11.58 -24.86 -47.50
N ALA C 26 11.59 -24.82 -46.18
CA ALA C 26 11.74 -23.56 -45.46
C ALA C 26 13.10 -22.96 -45.73
N VAL C 27 14.10 -23.82 -45.86
CA VAL C 27 15.43 -23.35 -46.21
C VAL C 27 15.52 -23.11 -47.71
N VAL C 28 14.95 -24.03 -48.47
CA VAL C 28 15.04 -23.99 -49.92
C VAL C 28 14.30 -22.81 -50.53
N SER C 29 13.29 -22.30 -49.83
CA SER C 29 12.43 -21.29 -50.41
C SER C 29 13.18 -20.00 -50.74
N ASP C 30 12.95 -19.49 -51.94
CA ASP C 30 13.47 -18.18 -52.34
C ASP C 30 12.53 -17.10 -51.83
N HIS C 31 11.33 -17.52 -51.44
CA HIS C 31 10.34 -16.61 -50.89
C HIS C 31 10.45 -16.64 -49.38
N TRP C 32 11.66 -16.43 -48.87
CA TRP C 32 11.87 -16.30 -47.44
C TRP C 32 11.19 -15.05 -46.92
N ALA C 33 11.17 -14.01 -47.75
CA ALA C 33 10.51 -12.76 -47.41
C ALA C 33 10.31 -11.88 -48.65
N VAL C 34 9.18 -11.18 -48.69
CA VAL C 34 8.93 -10.20 -49.74
C VAL C 34 9.85 -9.01 -49.61
N LEU C 35 10.37 -8.54 -50.74
CA LEU C 35 11.32 -7.44 -50.76
C LEU C 35 10.87 -6.34 -51.71
N SER C 36 10.12 -5.37 -51.18
CA SER C 36 9.61 -4.27 -51.98
C SER C 36 10.73 -3.36 -52.46
N GLU C 96 25.17 -10.47 -41.27
CA GLU C 96 26.04 -11.35 -40.52
C GLU C 96 25.24 -12.27 -39.61
N PHE C 97 24.36 -11.68 -38.80
CA PHE C 97 23.50 -12.45 -37.92
C PHE C 97 22.58 -13.34 -38.73
N THR C 98 22.27 -12.90 -39.95
CA THR C 98 21.48 -13.70 -40.86
C THR C 98 22.27 -14.96 -41.24
N THR C 99 23.54 -14.77 -41.55
CA THR C 99 24.42 -15.88 -41.88
C THR C 99 24.62 -16.81 -40.68
N GLN C 100 24.67 -16.22 -39.49
CA GLN C 100 24.88 -16.99 -38.28
C GLN C 100 23.67 -17.85 -37.99
N LYS C 101 22.50 -17.26 -38.14
CA LYS C 101 21.26 -17.98 -37.94
C LYS C 101 21.12 -19.06 -39.00
N GLU C 102 21.64 -18.78 -40.18
CA GLU C 102 21.65 -19.77 -41.25
C GLU C 102 22.53 -20.94 -40.86
N TYR C 103 23.63 -20.65 -40.18
CA TYR C 103 24.52 -21.71 -39.70
C TYR C 103 23.82 -22.52 -38.62
N SER C 104 23.02 -21.84 -37.81
CA SER C 104 22.25 -22.51 -36.78
C SER C 104 21.24 -23.43 -37.45
N ILE C 105 20.72 -22.99 -38.58
CA ILE C 105 19.80 -23.80 -39.36
C ILE C 105 20.52 -25.00 -39.91
N SER C 106 21.80 -24.82 -40.21
CA SER C 106 22.59 -25.90 -40.76
C SER C 106 22.82 -26.98 -39.71
N ALA C 107 23.20 -26.56 -38.51
CA ALA C 107 23.40 -27.51 -37.42
C ALA C 107 22.07 -28.15 -37.06
N ALA C 108 21.01 -27.40 -37.24
CA ALA C 108 19.67 -27.90 -36.94
C ALA C 108 19.31 -29.04 -37.88
N ALA C 109 19.44 -28.78 -39.17
CA ALA C 109 19.11 -29.76 -40.19
C ALA C 109 20.02 -30.97 -40.11
N ILE C 110 21.26 -30.72 -39.73
CA ILE C 110 22.22 -31.80 -39.59
C ILE C 110 21.80 -32.69 -38.43
N SER C 111 21.37 -32.06 -37.34
CA SER C 111 20.90 -32.79 -36.19
C SER C 111 19.67 -33.57 -36.56
N VAL C 112 18.88 -33.01 -37.46
CA VAL C 112 17.63 -33.61 -37.88
C VAL C 112 17.89 -34.87 -38.68
N PHE C 113 18.77 -34.76 -39.68
CA PHE C 113 19.10 -35.90 -40.51
C PHE C 113 19.77 -36.98 -39.68
N SER C 114 20.57 -36.55 -38.70
CA SER C 114 21.22 -37.51 -37.83
C SER C 114 20.17 -38.24 -37.01
N LEU C 115 19.13 -37.49 -36.64
CA LEU C 115 18.03 -38.07 -35.90
C LEU C 115 17.26 -39.05 -36.76
N GLY C 116 17.19 -38.77 -38.06
CA GLY C 116 16.46 -39.65 -38.96
C GLY C 116 17.23 -40.93 -39.12
N PHE C 117 18.56 -40.81 -39.16
CA PHE C 117 19.41 -41.98 -39.22
C PHE C 117 19.23 -42.79 -37.96
N LEU C 118 19.03 -42.07 -36.85
CA LEU C 118 18.80 -42.70 -35.56
C LEU C 118 17.46 -43.42 -35.57
N ILE C 119 16.52 -42.92 -36.35
CA ILE C 119 15.18 -43.46 -36.39
C ILE C 119 15.12 -44.73 -37.23
N MET C 120 15.68 -44.66 -38.43
CA MET C 120 15.71 -45.83 -39.29
C MET C 120 16.58 -46.88 -38.63
N GLY C 121 17.60 -46.42 -37.92
CA GLY C 121 18.48 -47.32 -37.20
C GLY C 121 17.69 -47.97 -36.07
N THR C 122 16.79 -47.21 -35.48
CA THR C 122 15.94 -47.73 -34.42
C THR C 122 14.98 -48.77 -34.96
N ILE C 123 14.56 -48.59 -36.20
CA ILE C 123 13.63 -49.52 -36.83
C ILE C 123 14.33 -50.83 -37.14
N CYS C 124 15.51 -50.73 -37.74
CA CYS C 124 16.29 -51.91 -38.05
C CYS C 124 16.71 -52.64 -36.77
N ALA C 125 16.92 -51.87 -35.71
CA ALA C 125 17.33 -52.44 -34.44
C ALA C 125 16.18 -53.20 -33.81
N LEU C 126 15.01 -52.56 -33.73
CA LEU C 126 13.85 -53.18 -33.11
C LEU C 126 13.46 -54.41 -33.91
N MET C 127 13.71 -54.35 -35.21
CA MET C 127 13.47 -55.49 -36.08
C MET C 127 14.41 -56.65 -35.77
N ALA C 128 15.59 -56.34 -35.24
CA ALA C 128 16.62 -57.36 -35.06
C ALA C 128 17.38 -57.22 -33.74
N PHE C 129 16.70 -56.74 -32.71
CA PHE C 129 17.29 -56.60 -31.39
C PHE C 129 16.20 -56.53 -30.34
N ARG C 130 16.59 -56.51 -29.07
CA ARG C 130 15.63 -56.47 -27.96
C ARG C 130 14.66 -55.31 -28.08
N LYS C 131 15.01 -54.17 -27.46
CA LYS C 131 14.15 -53.00 -27.48
C LYS C 131 14.85 -51.77 -26.93
N LYS C 132 15.43 -51.92 -25.74
CA LYS C 132 16.06 -50.80 -25.05
C LYS C 132 17.19 -50.23 -25.88
N ARG C 133 17.79 -51.08 -26.71
CA ARG C 133 18.74 -50.61 -27.70
C ARG C 133 18.04 -49.76 -28.75
N ASP C 134 17.00 -50.34 -29.36
CA ASP C 134 16.25 -49.64 -30.39
C ASP C 134 15.53 -48.44 -29.81
N TYR C 135 15.02 -48.59 -28.60
CA TYR C 135 14.35 -47.49 -27.94
C TYR C 135 15.37 -46.41 -27.67
N LEU C 136 16.59 -46.82 -27.37
CA LEU C 136 17.66 -45.87 -27.13
C LEU C 136 17.96 -45.10 -28.39
N LEU C 137 17.84 -45.78 -29.53
CA LEU C 137 18.07 -45.11 -30.79
C LEU C 137 16.97 -44.10 -31.02
N ARG C 138 15.74 -44.52 -30.75
CA ARG C 138 14.60 -43.62 -30.90
C ARG C 138 14.68 -42.39 -30.01
N PRO C 139 14.91 -42.61 -28.70
CA PRO C 139 14.92 -41.46 -27.79
C PRO C 139 15.95 -40.41 -28.15
N ALA C 140 17.10 -40.88 -28.62
CA ALA C 140 18.15 -39.99 -29.05
C ALA C 140 17.73 -39.27 -30.31
N SER C 141 16.88 -39.93 -31.09
CA SER C 141 16.42 -39.36 -32.35
C SER C 141 15.44 -38.23 -32.07
N MET C 142 14.53 -38.49 -31.15
CA MET C 142 13.56 -37.49 -30.75
C MET C 142 14.32 -36.34 -30.13
N PHE C 143 15.41 -36.68 -29.48
CA PHE C 143 16.22 -35.68 -28.82
C PHE C 143 16.88 -34.76 -29.84
N TYR C 144 17.61 -35.35 -30.79
CA TYR C 144 18.36 -34.59 -31.76
C TYR C 144 17.42 -33.79 -32.65
N VAL C 145 16.29 -34.39 -32.97
CA VAL C 145 15.29 -33.71 -33.78
C VAL C 145 14.72 -32.56 -32.98
N PHE C 146 14.64 -32.74 -31.67
CA PHE C 146 14.06 -31.72 -30.82
C PHE C 146 14.99 -30.52 -30.76
N ALA C 147 16.25 -30.78 -30.48
CA ALA C 147 17.21 -29.70 -30.35
C ALA C 147 17.40 -29.01 -31.68
N GLY C 148 17.28 -29.78 -32.77
CA GLY C 148 17.40 -29.22 -34.09
C GLY C 148 16.19 -28.34 -34.34
N LEU C 149 15.07 -28.75 -33.77
CA LEU C 149 13.83 -28.02 -33.94
C LEU C 149 13.92 -26.69 -33.23
N CYS C 150 14.38 -26.73 -31.98
CA CYS C 150 14.52 -25.53 -31.19
C CYS C 150 15.52 -24.61 -31.85
N LEU C 151 16.54 -25.21 -32.46
CA LEU C 151 17.54 -24.45 -33.18
C LEU C 151 16.91 -23.76 -34.37
N PHE C 152 15.95 -24.45 -34.99
CA PHE C 152 15.21 -23.85 -36.09
C PHE C 152 14.39 -22.70 -35.57
N VAL C 153 13.87 -22.83 -34.36
CA VAL C 153 13.11 -21.76 -33.74
C VAL C 153 14.01 -20.57 -33.52
N SER C 154 15.27 -20.88 -33.20
CA SER C 154 16.25 -19.85 -32.92
C SER C 154 16.58 -19.09 -34.19
N LEU C 155 16.80 -19.83 -35.26
CA LEU C 155 17.11 -19.22 -36.54
C LEU C 155 15.92 -18.41 -37.03
N GLU C 156 14.73 -18.87 -36.66
CA GLU C 156 13.52 -18.21 -37.08
C GLU C 156 13.40 -16.87 -36.39
N VAL C 157 13.55 -16.88 -35.06
CA VAL C 157 13.45 -15.66 -34.28
C VAL C 157 14.57 -14.70 -34.63
N MET C 158 15.73 -15.25 -34.94
CA MET C 158 16.89 -14.46 -35.29
C MET C 158 16.66 -13.76 -36.60
N ARG C 159 16.14 -14.51 -37.57
CA ARG C 159 15.83 -13.94 -38.88
C ARG C 159 14.73 -12.90 -38.76
N GLN C 160 13.84 -13.11 -37.79
CA GLN C 160 12.75 -12.18 -37.55
C GLN C 160 13.30 -10.86 -37.03
N SER C 161 14.20 -10.95 -36.06
CA SER C 161 14.84 -9.77 -35.51
C SER C 161 15.73 -9.06 -36.53
N VAL C 162 16.37 -9.84 -37.40
CA VAL C 162 17.18 -9.26 -38.47
C VAL C 162 16.26 -8.54 -39.44
N LYS C 163 15.05 -9.08 -39.60
CA LYS C 163 14.07 -8.44 -40.45
C LYS C 163 13.67 -7.09 -39.85
N ARG C 164 13.65 -7.03 -38.52
CA ARG C 164 13.36 -5.79 -37.83
C ARG C 164 14.50 -4.80 -38.06
N MET C 165 15.71 -5.32 -38.21
CA MET C 165 16.88 -4.49 -38.43
C MET C 165 16.81 -3.79 -39.78
N ILE C 166 16.07 -4.39 -40.72
CA ILE C 166 15.95 -3.84 -42.06
C ILE C 166 15.14 -2.55 -42.05
N TYR C 176 10.60 -1.28 -49.15
CA TYR C 176 10.01 -1.93 -47.98
C TYR C 176 10.18 -3.44 -48.05
N TYR C 177 9.42 -4.15 -47.23
CA TYR C 177 9.48 -5.61 -47.19
C TYR C 177 8.25 -6.18 -46.50
N TYR C 178 8.05 -7.49 -46.64
CA TYR C 178 6.90 -8.13 -46.00
C TYR C 178 7.19 -9.58 -45.63
N SER C 179 6.46 -10.09 -44.65
CA SER C 179 6.61 -11.47 -44.21
C SER C 179 6.16 -12.44 -45.30
N TRP C 180 6.85 -13.56 -45.42
CA TRP C 180 6.51 -14.56 -46.42
C TRP C 180 6.02 -15.86 -45.78
N SER C 181 5.25 -16.63 -46.54
CA SER C 181 4.61 -17.83 -46.05
C SER C 181 5.60 -18.90 -45.61
N PHE C 182 6.78 -18.89 -46.23
CA PHE C 182 7.80 -19.90 -45.92
C PHE C 182 8.24 -19.78 -44.48
N ALA C 183 8.23 -18.55 -43.96
CA ALA C 183 8.66 -18.29 -42.60
C ALA C 183 7.71 -18.90 -41.58
N CYS C 184 6.43 -18.59 -41.72
CA CYS C 184 5.43 -19.13 -40.81
C CYS C 184 5.33 -20.64 -40.98
N ALA C 185 5.53 -21.10 -42.20
CA ALA C 185 5.50 -22.54 -42.46
C ALA C 185 6.64 -23.20 -41.71
N CYS C 186 7.77 -22.51 -41.66
CA CYS C 186 8.90 -22.99 -40.88
C CYS C 186 8.54 -22.98 -39.41
N ALA C 187 7.74 -22.00 -39.00
CA ALA C 187 7.40 -21.85 -37.60
C ALA C 187 6.49 -22.99 -37.15
N ALA C 188 5.48 -23.26 -37.97
CA ALA C 188 4.59 -24.37 -37.69
C ALA C 188 5.35 -25.68 -37.77
N PHE C 189 6.36 -25.72 -38.63
CA PHE C 189 7.18 -26.91 -38.77
C PHE C 189 7.91 -27.18 -37.48
N VAL C 190 8.56 -26.14 -36.96
CA VAL C 190 9.31 -26.26 -35.72
C VAL C 190 8.39 -26.56 -34.56
N LEU C 191 7.16 -26.07 -34.64
CA LEU C 191 6.18 -26.33 -33.60
C LEU C 191 5.83 -27.80 -33.60
N LEU C 192 5.52 -28.30 -34.78
CA LEU C 192 5.11 -29.69 -34.93
C LEU C 192 6.24 -30.61 -34.52
N PHE C 193 7.46 -30.20 -34.84
CA PHE C 193 8.62 -30.95 -34.46
C PHE C 193 8.77 -30.91 -32.95
N LEU C 194 8.36 -29.80 -32.35
CA LEU C 194 8.55 -29.61 -30.93
C LEU C 194 7.63 -30.52 -30.15
N GLY C 195 6.35 -30.48 -30.50
CA GLY C 195 5.39 -31.29 -29.79
C GLY C 195 5.61 -32.75 -30.10
N GLY C 196 5.98 -33.02 -31.34
CA GLY C 196 6.13 -34.39 -31.77
C GLY C 196 7.31 -35.03 -31.06
N ILE C 197 8.44 -34.33 -31.08
CA ILE C 197 9.63 -34.84 -30.43
C ILE C 197 9.40 -34.93 -28.94
N SER C 198 8.63 -34.00 -28.41
CA SER C 198 8.33 -34.03 -26.99
C SER C 198 7.53 -35.28 -26.68
N LEU C 199 6.72 -35.71 -27.64
CA LEU C 199 5.91 -36.90 -27.44
C LEU C 199 6.74 -38.16 -27.52
N LEU C 200 7.59 -38.23 -28.54
CA LEU C 200 8.42 -39.41 -28.74
C LEU C 200 9.38 -39.56 -27.58
N LEU C 201 9.81 -38.42 -27.05
CA LEU C 201 10.64 -38.43 -25.85
C LEU C 201 9.80 -38.92 -24.70
N PHE C 202 8.57 -38.45 -24.65
CA PHE C 202 7.64 -38.87 -23.62
C PHE C 202 7.34 -40.35 -23.79
N SER C 203 7.37 -40.82 -25.03
CA SER C 203 7.06 -42.20 -25.32
C SER C 203 8.10 -43.12 -24.70
N LEU C 204 9.34 -42.65 -24.64
CA LEU C 204 10.44 -43.43 -24.11
C LEU C 204 10.19 -43.87 -22.67
N PRO C 205 9.75 -42.94 -21.83
CA PRO C 205 9.53 -43.34 -20.44
C PRO C 205 8.34 -44.28 -20.29
N ARG C 206 7.14 -43.72 -20.25
CA ARG C 206 5.91 -44.48 -20.07
C ARG C 206 5.95 -45.33 -18.79
N UNK D 40 31.01 66.01 -27.23
CA UNK D 40 30.50 67.37 -27.33
C UNK D 40 29.47 67.63 -26.25
N UNK D 41 29.20 68.90 -25.96
CA UNK D 41 28.29 69.27 -24.88
C UNK D 41 27.83 70.71 -24.94
N UNK D 42 27.40 71.23 -23.80
CA UNK D 42 26.95 72.62 -23.69
C UNK D 42 27.06 73.10 -22.25
N UNK D 43 27.96 72.49 -21.51
CA UNK D 43 28.10 72.74 -20.08
C UNK D 43 28.44 74.18 -19.77
N UNK D 44 27.81 74.71 -18.74
CA UNK D 44 28.02 76.09 -18.33
C UNK D 44 29.33 76.27 -17.57
N UNK D 45 29.86 77.49 -17.62
CA UNK D 45 31.00 77.85 -16.80
C UNK D 45 30.76 79.21 -16.15
N UNK D 46 30.25 79.17 -14.92
CA UNK D 46 30.03 80.37 -14.12
C UNK D 46 29.09 81.37 -14.79
N UNK D 47 29.30 82.64 -14.45
CA UNK D 47 28.38 83.71 -14.81
C UNK D 47 28.25 83.95 -16.31
N UNK D 48 29.31 83.66 -17.06
CA UNK D 48 29.31 84.00 -18.47
C UNK D 48 30.04 82.98 -19.34
N UNK D 49 31.08 82.36 -18.77
CA UNK D 49 31.89 81.42 -19.53
C UNK D 49 31.10 80.15 -19.80
N UNK D 50 31.53 79.39 -20.81
CA UNK D 50 30.87 78.14 -21.14
C UNK D 50 31.84 77.17 -21.80
N UNK D 51 31.40 75.94 -21.98
CA UNK D 51 32.22 74.91 -22.61
C UNK D 51 31.34 73.83 -23.23
N UNK D 52 31.92 73.05 -24.12
CA UNK D 52 31.21 71.95 -24.76
C UNK D 52 32.11 70.73 -24.79
N UNK D 53 32.93 70.60 -23.75
CA UNK D 53 33.88 69.50 -23.61
C UNK D 53 34.80 69.37 -24.82
N UNK D 54 34.69 68.24 -25.51
CA UNK D 54 35.59 67.94 -26.63
C UNK D 54 35.18 68.64 -27.92
N UNK D 55 34.04 69.32 -27.91
CA UNK D 55 33.50 69.94 -29.12
C UNK D 55 34.41 71.06 -29.64
N VAL D 56 35.29 71.56 -28.77
CA VAL D 56 36.34 72.48 -29.16
C VAL D 56 35.84 73.85 -29.61
N HIS D 57 36.74 74.62 -30.21
CA HIS D 57 36.51 76.05 -30.47
C HIS D 57 35.36 76.31 -31.41
N GLN D 58 35.07 75.36 -32.29
CA GLN D 58 33.97 75.52 -33.21
C GLN D 58 32.66 75.64 -32.44
N LEU D 59 32.60 74.97 -31.30
CA LEU D 59 31.43 75.04 -30.44
C LEU D 59 31.26 76.41 -29.81
N VAL D 60 32.36 77.15 -29.68
CA VAL D 60 32.31 78.43 -28.99
C VAL D 60 31.41 79.41 -29.74
N ASP D 61 31.35 79.27 -31.05
CA ASP D 61 30.51 80.12 -31.86
C ASP D 61 29.04 79.93 -31.51
N ILE D 62 28.69 78.71 -31.10
CA ILE D 62 27.34 78.45 -30.66
C ILE D 62 27.07 79.25 -29.41
N TYR D 63 28.07 79.32 -28.54
CA TYR D 63 27.96 80.18 -27.38
C TYR D 63 27.89 81.63 -27.84
N GLU D 64 28.61 81.94 -28.92
CA GLU D 64 28.51 83.25 -29.49
C GLU D 64 27.11 83.42 -30.07
N LYS D 65 26.59 82.34 -30.65
CA LYS D 65 25.22 82.36 -31.09
C LYS D 65 24.32 82.45 -29.87
N TYR D 66 24.76 81.81 -28.79
CA TYR D 66 24.06 81.94 -27.51
C TYR D 66 24.22 83.36 -26.98
N GLN D 67 25.35 83.98 -27.32
CA GLN D 67 25.57 85.39 -26.96
C GLN D 67 24.60 86.23 -27.75
N ASP D 68 24.24 85.74 -28.93
CA ASP D 68 23.22 86.37 -29.75
C ASP D 68 21.83 85.94 -29.30
N LEU D 69 21.77 84.97 -28.40
CA LEU D 69 20.49 84.39 -27.98
C LEU D 69 20.20 84.63 -26.50
N TYR D 70 19.63 83.61 -25.85
CA TYR D 70 19.20 83.73 -24.46
C TYR D 70 19.55 82.48 -23.67
N THR D 71 19.50 82.60 -22.35
CA THR D 71 19.83 81.49 -21.46
C THR D 71 18.77 81.34 -20.38
N VAL D 72 19.21 80.95 -19.19
CA VAL D 72 18.32 80.85 -18.04
C VAL D 72 19.09 80.75 -16.73
N GLU D 73 20.19 80.01 -16.75
CA GLU D 73 21.02 79.80 -15.56
C GLU D 73 20.25 79.15 -14.41
N PRO D 74 19.83 79.98 -13.45
CA PRO D 74 19.07 79.52 -12.30
C PRO D 74 19.81 78.47 -11.47
N ASN D 75 19.17 77.33 -11.26
CA ASN D 75 19.69 76.25 -10.42
C ASN D 75 20.00 76.73 -9.00
N ASN D 76 18.98 76.77 -8.16
CA ASN D 76 19.10 77.26 -6.79
C ASN D 76 19.64 76.22 -5.82
N ALA D 77 19.74 74.99 -6.30
CA ALA D 77 20.25 73.88 -5.50
C ALA D 77 19.46 73.70 -4.21
N ARG D 78 19.71 74.59 -3.25
CA ARG D 78 19.09 74.50 -1.93
C ARG D 78 17.59 74.53 -2.04
N GLN D 79 17.10 75.56 -2.69
CA GLN D 79 15.67 75.76 -2.82
C GLN D 79 15.07 74.67 -3.67
N LEU D 80 15.86 74.09 -4.56
CA LEU D 80 15.37 73.00 -5.38
C LEU D 80 15.03 71.85 -4.47
N VAL D 81 15.85 71.68 -3.44
CA VAL D 81 15.69 70.62 -2.49
C VAL D 81 14.51 70.88 -1.60
N GLU D 82 14.42 72.10 -1.11
CA GLU D 82 13.35 72.47 -0.21
C GLU D 82 12.02 72.28 -0.91
N ILE D 83 11.97 72.78 -2.13
CA ILE D 83 10.75 72.75 -2.91
C ILE D 83 10.36 71.33 -3.25
N ALA D 84 11.29 70.54 -3.77
CA ALA D 84 10.93 69.20 -4.19
C ALA D 84 10.51 68.38 -2.98
N ALA D 85 11.17 68.60 -1.86
CA ALA D 85 10.85 67.85 -0.67
C ALA D 85 9.44 68.20 -0.23
N ARG D 86 9.17 69.49 -0.24
CA ARG D 86 7.87 69.99 0.19
C ARG D 86 6.76 69.51 -0.74
N ASP D 87 7.10 69.37 -2.01
CA ASP D 87 6.15 68.94 -3.02
C ASP D 87 5.80 67.49 -2.77
N ILE D 88 6.82 66.72 -2.45
CA ILE D 88 6.59 65.33 -2.13
C ILE D 88 5.73 65.29 -0.90
N GLU D 89 5.95 66.22 0.01
CA GLU D 89 5.16 66.28 1.22
C GLU D 89 3.72 66.54 0.85
N LYS D 90 3.52 67.29 -0.23
CA LYS D 90 2.18 67.62 -0.66
C LYS D 90 1.49 66.42 -1.26
N LEU D 91 2.22 65.63 -2.03
CA LEU D 91 1.62 64.42 -2.59
C LEU D 91 1.25 63.48 -1.47
N LEU D 92 2.22 63.24 -0.60
CA LEU D 92 2.08 62.29 0.47
C LEU D 92 0.95 62.75 1.37
N SER D 93 0.76 64.06 1.42
CA SER D 93 -0.33 64.60 2.21
C SER D 93 -1.65 64.30 1.55
N ASN D 94 -1.72 64.49 0.23
CA ASN D 94 -2.98 64.29 -0.47
C ASN D 94 -3.41 62.86 -0.34
N ARG D 95 -2.51 61.96 -0.68
CA ARG D 95 -2.82 60.56 -0.59
C ARG D 95 -2.93 60.05 0.84
N SER D 96 -2.30 60.72 1.80
CA SER D 96 -2.53 60.34 3.18
C SER D 96 -3.95 60.67 3.59
N LYS D 97 -4.37 61.88 3.26
CA LYS D 97 -5.70 62.33 3.59
C LYS D 97 -6.71 61.46 2.91
N ALA D 98 -6.36 61.02 1.71
CA ALA D 98 -7.21 60.13 0.97
C ALA D 98 -7.30 58.83 1.73
N LEU D 99 -6.16 58.38 2.25
CA LEU D 99 -6.11 57.15 3.01
C LEU D 99 -6.99 57.21 4.24
N VAL D 100 -7.11 58.40 4.79
CA VAL D 100 -7.89 58.59 6.01
C VAL D 100 -9.35 58.19 5.78
N ARG D 101 -9.81 58.42 4.56
CA ARG D 101 -11.21 58.24 4.25
C ARG D 101 -11.62 56.79 4.44
N LEU D 102 -10.77 55.87 4.00
CA LEU D 102 -11.06 54.46 4.16
C LEU D 102 -11.10 54.07 5.62
N ALA D 103 -10.31 54.74 6.43
CA ALA D 103 -10.36 54.47 7.84
C ALA D 103 -11.75 54.86 8.32
N LEU D 104 -12.05 56.14 8.17
CA LEU D 104 -13.24 56.73 8.77
C LEU D 104 -14.51 56.05 8.26
N GLU D 105 -14.45 55.49 7.07
CA GLU D 105 -15.64 54.96 6.43
C GLU D 105 -15.77 53.46 6.58
N ALA D 106 -14.68 52.73 6.37
CA ALA D 106 -14.72 51.30 6.52
C ALA D 106 -14.96 50.93 7.97
N GLU D 107 -14.59 51.82 8.87
CA GLU D 107 -14.91 51.58 10.27
C GLU D 107 -16.42 51.54 10.48
N LYS D 108 -17.14 52.35 9.71
CA LYS D 108 -18.57 52.48 9.91
C LYS D 108 -19.37 51.32 9.38
N VAL D 109 -19.12 50.96 8.13
CA VAL D 109 -19.92 49.94 7.48
C VAL D 109 -19.71 48.62 8.17
N GLN D 110 -18.48 48.38 8.59
CA GLN D 110 -18.14 47.17 9.31
C GLN D 110 -18.88 47.18 10.62
N ALA D 111 -19.10 48.36 11.16
CA ALA D 111 -19.83 48.50 12.41
C ALA D 111 -21.31 48.18 12.19
N ALA D 112 -21.76 48.27 10.94
CA ALA D 112 -23.16 48.06 10.63
C ALA D 112 -23.36 47.06 9.50
N HIS D 113 -22.44 46.11 9.37
CA HIS D 113 -22.48 45.16 8.28
C HIS D 113 -23.45 44.01 8.52
N GLN D 114 -24.01 43.95 9.73
CA GLN D 114 -24.97 42.92 10.12
C GLN D 114 -24.39 41.51 10.07
N TRP D 115 -23.62 41.24 9.01
CA TRP D 115 -22.88 39.99 8.88
C TRP D 115 -23.76 38.76 8.91
N ARG D 116 -25.00 38.91 8.47
CA ARG D 116 -25.93 37.79 8.38
C ARG D 116 -25.47 36.79 7.34
N GLU D 117 -25.67 35.51 7.63
CA GLU D 117 -25.29 34.45 6.70
C GLU D 117 -26.25 34.42 5.51
N ASP D 118 -26.98 33.33 5.38
CA ASP D 118 -27.96 33.14 4.31
C ASP D 118 -27.31 33.30 2.93
N PHE D 119 -27.14 34.55 2.51
CA PHE D 119 -26.45 34.88 1.28
C PHE D 119 -27.04 34.17 0.08
N ALA D 120 -26.18 33.45 -0.65
CA ALA D 120 -26.57 32.64 -1.80
C ALA D 120 -27.16 33.43 -2.96
N SER D 121 -28.07 34.35 -2.65
CA SER D 121 -28.82 35.06 -3.67
C SER D 121 -27.95 35.99 -4.50
N ASN D 122 -27.91 37.27 -4.13
CA ASN D 122 -27.24 38.28 -4.93
C ASN D 122 -25.98 38.84 -4.30
N GLU D 123 -24.85 38.20 -4.59
CA GLU D 123 -23.54 38.70 -4.17
C GLU D 123 -22.45 37.95 -4.92
N VAL D 124 -21.59 38.67 -5.64
CA VAL D 124 -21.74 40.10 -5.86
C VAL D 124 -22.77 40.53 -6.94
N VAL D 125 -22.83 39.86 -8.11
CA VAL D 125 -21.97 38.77 -8.53
C VAL D 125 -21.53 38.94 -9.98
N TYR D 126 -21.73 37.88 -10.77
CA TYR D 126 -21.42 37.88 -12.19
C TYR D 126 -19.97 38.27 -12.42
N TYR D 127 -19.73 38.96 -13.54
CA TYR D 127 -18.39 39.38 -13.89
C TYR D 127 -18.42 40.52 -14.90
N ASN D 128 -18.18 41.73 -14.41
CA ASN D 128 -18.16 42.91 -15.27
C ASN D 128 -17.03 42.82 -16.27
N ALA D 129 -17.20 43.46 -17.41
CA ALA D 129 -16.19 43.41 -18.46
C ALA D 129 -16.27 44.60 -19.40
N LYS D 130 -15.55 45.66 -19.06
CA LYS D 130 -15.54 46.84 -19.91
C LYS D 130 -14.12 47.20 -20.32
N ASP D 131 -13.80 46.98 -21.59
CA ASP D 131 -12.45 47.19 -22.09
C ASP D 131 -12.05 48.66 -22.04
N ASP D 132 -10.76 48.89 -21.81
CA ASP D 132 -10.18 50.23 -21.84
C ASP D 132 -8.67 50.10 -21.91
N LEU D 133 -8.00 51.21 -22.22
CA LEU D 133 -6.55 51.29 -22.10
C LEU D 133 -6.16 52.74 -21.93
N ASP D 134 -5.15 52.99 -21.09
CA ASP D 134 -4.74 54.36 -20.80
C ASP D 134 -3.40 54.45 -20.09
N PRO D 135 -3.23 55.52 -19.32
CA PRO D 135 -2.02 55.75 -18.55
C PRO D 135 -1.93 54.74 -17.41
N GLU D 136 -0.80 54.75 -16.72
CA GLU D 136 -0.50 53.78 -15.67
C GLU D 136 -0.51 52.38 -16.25
N LYS D 137 -0.18 52.30 -17.53
CA LYS D 137 -0.08 51.03 -18.24
C LYS D 137 -1.36 50.21 -18.14
N ASN D 138 -1.30 48.99 -18.66
CA ASN D 138 -2.36 48.00 -18.51
C ASN D 138 -3.69 48.40 -19.16
N ASP D 139 -4.27 47.45 -19.89
CA ASP D 139 -5.57 47.65 -20.50
C ASP D 139 -6.69 47.19 -19.59
N SER D 140 -7.31 48.13 -18.86
CA SER D 140 -8.46 47.79 -18.02
C SER D 140 -9.58 47.25 -18.90
N GLU D 141 -10.20 46.16 -18.45
CA GLU D 141 -11.15 45.47 -19.32
C GLU D 141 -12.11 44.59 -18.54
N PRO D 142 -11.60 43.44 -18.09
CA PRO D 142 -12.43 42.49 -17.36
C PRO D 142 -11.72 42.04 -16.09
N GLY D 143 -12.41 42.16 -14.97
CA GLY D 143 -11.78 41.91 -13.68
C GLY D 143 -12.79 41.60 -12.58
N SER D 144 -13.07 40.32 -12.40
CA SER D 144 -13.86 39.88 -11.27
C SER D 144 -13.65 38.39 -11.05
N GLN D 145 -12.70 38.05 -10.20
CA GLN D 145 -12.56 36.67 -9.75
C GLN D 145 -13.78 36.32 -8.91
N ARG D 146 -14.46 37.35 -8.41
CA ARG D 146 -15.78 37.23 -7.80
C ARG D 146 -16.42 38.61 -7.59
N SER D 162 -9.58 54.96 -14.34
CA SER D 162 -10.75 54.26 -14.85
C SER D 162 -11.82 54.17 -13.80
N TYR D 163 -12.78 53.28 -14.02
CA TYR D 163 -13.89 53.10 -13.08
C TYR D 163 -14.48 51.71 -13.23
N GLN D 164 -15.79 51.66 -13.45
CA GLN D 164 -16.50 50.42 -13.77
C GLN D 164 -16.25 49.30 -12.78
N HIS D 165 -17.11 49.19 -11.77
CA HIS D 165 -17.03 48.14 -10.77
C HIS D 165 -15.64 48.08 -10.14
N ALA D 166 -15.28 46.93 -9.57
CA ALA D 166 -13.98 46.77 -8.93
C ALA D 166 -13.49 45.34 -8.96
N ALA D 167 -12.19 45.17 -9.14
CA ALA D 167 -11.56 43.85 -9.08
C ALA D 167 -11.47 43.38 -7.63
N VAL D 168 -11.58 42.07 -7.43
CA VAL D 168 -11.55 41.53 -6.08
C VAL D 168 -10.75 40.23 -6.04
N HIS D 169 -9.45 40.35 -5.80
CA HIS D 169 -8.53 39.21 -5.86
C HIS D 169 -8.81 38.29 -4.70
N ILE D 170 -8.51 37.00 -4.86
CA ILE D 170 -8.59 36.08 -3.74
C ILE D 170 -7.36 35.21 -3.74
N PRO D 171 -6.96 34.74 -2.57
CA PRO D 171 -5.90 33.76 -2.50
C PRO D 171 -6.34 32.53 -3.29
N THR D 172 -5.43 32.00 -4.11
CA THR D 172 -5.79 30.91 -5.02
C THR D 172 -6.19 29.67 -4.25
N ASP D 173 -5.72 29.54 -3.02
CA ASP D 173 -6.14 28.43 -2.19
C ASP D 173 -7.44 28.73 -1.48
N ILE D 174 -7.65 30.00 -1.12
CA ILE D 174 -8.92 30.42 -0.54
C ILE D 174 -10.02 30.31 -1.58
N TYR D 175 -11.17 29.76 -1.20
CA TYR D 175 -12.23 29.51 -2.16
C TYR D 175 -13.42 30.44 -1.99
N GLU D 176 -13.89 31.00 -3.09
CA GLU D 176 -15.02 31.91 -3.02
C GLU D 176 -16.27 31.12 -2.73
N GLY D 177 -16.39 30.67 -1.49
CA GLY D 177 -17.49 29.83 -1.08
C GLY D 177 -17.43 29.62 0.41
N SER D 178 -17.69 30.67 1.16
CA SER D 178 -17.63 30.62 2.61
C SER D 178 -18.46 31.69 3.26
N THR D 179 -18.85 31.44 4.50
CA THR D 179 -19.65 32.38 5.24
C THR D 179 -18.87 33.66 5.44
N ILE D 180 -17.55 33.50 5.56
CA ILE D 180 -16.67 34.60 5.88
C ILE D 180 -16.41 35.46 4.67
N VAL D 181 -16.13 34.80 3.57
CA VAL D 181 -15.67 35.47 2.37
C VAL D 181 -16.68 36.48 1.88
N LEU D 182 -17.82 35.96 1.44
CA LEU D 182 -18.83 36.78 0.83
C LEU D 182 -19.29 37.84 1.82
N ASN D 183 -19.31 37.46 3.10
CA ASN D 183 -19.78 38.36 4.12
C ASN D 183 -18.91 39.58 4.14
N GLU D 184 -17.63 39.38 3.90
CA GLU D 184 -16.73 40.51 3.78
C GLU D 184 -17.06 41.24 2.51
N LEU D 185 -17.31 40.45 1.47
CA LEU D 185 -17.39 40.95 0.11
C LEU D 185 -18.49 41.97 -0.04
N ASN D 186 -19.54 41.77 0.73
CA ASN D 186 -20.62 42.72 0.74
C ASN D 186 -20.12 44.08 1.16
N TRP D 187 -19.93 44.19 2.47
CA TRP D 187 -19.71 45.48 3.08
C TRP D 187 -18.48 46.17 2.55
N THR D 188 -17.49 45.40 2.14
CA THR D 188 -16.27 46.04 1.69
C THR D 188 -16.58 46.89 0.46
N SER D 189 -16.88 46.26 -0.65
CA SER D 189 -17.05 46.98 -1.90
C SER D 189 -18.24 47.92 -1.77
N ALA D 190 -19.19 47.51 -0.93
CA ALA D 190 -20.50 48.14 -0.92
C ALA D 190 -20.40 49.63 -0.64
N LEU D 191 -19.37 50.03 0.09
CA LEU D 191 -19.14 51.45 0.27
C LEU D 191 -17.79 51.85 -0.28
N ASP D 192 -16.84 50.92 -0.26
CA ASP D 192 -15.48 51.27 -0.63
C ASP D 192 -15.47 51.79 -2.05
N ASP D 193 -16.31 51.20 -2.90
CA ASP D 193 -16.26 51.50 -4.32
C ASP D 193 -16.52 52.97 -4.53
N VAL D 194 -17.48 53.47 -3.77
CA VAL D 194 -17.97 54.82 -3.97
C VAL D 194 -16.88 55.81 -3.65
N PHE D 195 -16.46 55.84 -2.39
CA PHE D 195 -15.50 56.83 -1.98
C PHE D 195 -14.13 56.65 -2.60
N LYS D 196 -13.76 55.43 -2.93
CA LYS D 196 -12.50 55.30 -3.63
C LYS D 196 -12.64 55.93 -5.00
N LYS D 197 -13.83 55.82 -5.57
CA LYS D 197 -14.09 56.47 -6.84
C LYS D 197 -14.07 57.99 -6.63
N ASN D 198 -14.49 58.42 -5.46
CA ASN D 198 -14.44 59.82 -5.11
C ASN D 198 -13.01 60.27 -5.01
N ARG D 199 -12.14 59.33 -4.67
CA ARG D 199 -10.73 59.60 -4.60
C ARG D 199 -10.15 59.63 -5.99
N GLU D 200 -10.86 58.98 -6.92
CA GLU D 200 -10.46 59.06 -8.32
C GLU D 200 -10.87 60.41 -8.90
N GLU D 201 -11.71 61.13 -8.19
CA GLU D 201 -12.11 62.47 -8.61
C GLU D 201 -10.88 63.37 -8.62
N ASP D 202 -9.83 62.91 -7.95
CA ASP D 202 -8.61 63.66 -7.81
C ASP D 202 -7.45 62.84 -8.34
N PRO D 203 -7.26 62.85 -9.67
CA PRO D 203 -6.24 62.08 -10.36
C PRO D 203 -4.85 62.52 -9.92
N SER D 204 -3.90 61.59 -9.89
CA SER D 204 -4.16 60.24 -10.36
C SER D 204 -3.70 59.21 -9.36
N LEU D 205 -4.63 58.67 -8.57
CA LEU D 205 -4.29 57.58 -7.69
C LEU D 205 -3.85 56.44 -8.58
N LEU D 206 -2.63 55.99 -8.36
CA LEU D 206 -2.02 55.07 -9.31
C LEU D 206 -2.56 53.68 -9.14
N TRP D 207 -2.58 53.19 -7.91
CA TRP D 207 -3.27 51.96 -7.59
C TRP D 207 -3.73 52.04 -6.17
N GLN D 208 -4.94 52.53 -5.98
CA GLN D 208 -5.58 52.40 -4.69
C GLN D 208 -5.80 50.92 -4.46
N VAL D 209 -5.49 50.44 -3.26
CA VAL D 209 -5.62 49.01 -3.02
C VAL D 209 -6.11 48.75 -1.63
N PHE D 210 -7.09 47.85 -1.49
CA PHE D 210 -7.45 47.42 -0.16
C PHE D 210 -6.93 46.01 0.05
N GLY D 211 -6.49 45.74 1.27
CA GLY D 211 -6.08 44.41 1.65
C GLY D 211 -6.69 44.01 2.96
N SER D 212 -7.48 42.94 2.93
CA SER D 212 -8.09 42.41 4.12
C SER D 212 -7.38 41.20 4.65
N ALA D 213 -8.10 40.42 5.42
CA ALA D 213 -7.60 39.16 5.92
C ALA D 213 -7.32 38.18 4.78
N THR D 214 -8.00 38.36 3.66
CA THR D 214 -7.85 37.45 2.52
C THR D 214 -7.80 38.16 1.18
N GLY D 215 -8.97 38.56 0.71
CA GLY D 215 -9.10 39.06 -0.65
C GLY D 215 -8.75 40.50 -0.88
N LEU D 216 -8.10 40.77 -2.01
CA LEU D 216 -7.81 42.14 -2.42
C LEU D 216 -9.00 42.87 -2.97
N ALA D 217 -8.98 44.18 -2.81
CA ALA D 217 -9.90 45.02 -3.55
C ALA D 217 -9.10 45.98 -4.41
N ARG D 218 -9.00 45.68 -5.69
CA ARG D 218 -8.34 46.59 -6.61
C ARG D 218 -9.37 47.48 -7.25
N TYR D 219 -9.22 48.80 -7.10
CA TYR D 219 -10.15 49.69 -7.77
C TYR D 219 -9.83 49.72 -9.26
N TYR D 220 -10.87 49.93 -10.06
CA TYR D 220 -10.85 49.87 -11.54
C TYR D 220 -10.37 48.52 -12.09
N PRO D 221 -10.90 48.12 -13.26
CA PRO D 221 -10.79 46.71 -13.65
C PRO D 221 -9.51 46.32 -14.37
N ALA D 222 -8.36 46.45 -13.72
CA ALA D 222 -7.16 45.84 -14.29
C ALA D 222 -7.39 44.35 -14.24
N SER D 223 -7.07 43.64 -15.31
CA SER D 223 -7.44 42.25 -15.36
C SER D 223 -6.47 41.40 -14.58
N PRO D 224 -6.98 40.69 -13.56
CA PRO D 224 -6.12 39.64 -13.05
C PRO D 224 -5.90 38.63 -14.15
N TRP D 225 -4.72 38.03 -14.22
CA TRP D 225 -3.74 38.24 -13.17
C TRP D 225 -2.31 38.16 -13.68
N ASN D 233 -0.26 29.70 -17.91
CA ASN D 233 -0.28 28.44 -17.17
C ASN D 233 0.43 28.58 -15.84
N LYS D 234 0.86 29.79 -15.51
CA LYS D 234 1.52 30.06 -14.24
C LYS D 234 0.54 29.89 -13.09
N ILE D 235 1.04 29.42 -11.95
CA ILE D 235 0.22 29.37 -10.75
C ILE D 235 0.38 30.64 -9.92
N ASP D 236 -0.75 31.22 -9.55
CA ASP D 236 -0.78 32.39 -8.67
C ASP D 236 -0.68 31.99 -7.21
N LEU D 237 0.54 31.86 -6.73
CA LEU D 237 0.78 31.49 -5.33
C LEU D 237 0.67 32.72 -4.45
N TYR D 238 0.53 33.87 -5.10
CA TYR D 238 0.47 35.16 -4.44
C TYR D 238 -0.63 35.26 -3.39
N ASP D 239 -0.29 35.80 -2.23
CA ASP D 239 -1.27 36.01 -1.17
C ASP D 239 -1.34 37.50 -0.92
N VAL D 240 -1.72 37.88 0.29
CA VAL D 240 -1.65 39.28 0.70
C VAL D 240 -1.17 39.40 2.12
N ARG D 241 -1.51 38.42 2.94
CA ARG D 241 -1.05 38.41 4.31
C ARG D 241 0.47 38.42 4.33
N ARG D 242 1.05 37.80 3.32
CA ARG D 242 2.49 37.63 3.22
C ARG D 242 3.16 38.84 2.60
N ARG D 243 2.48 39.45 1.66
CA ARG D 243 3.09 40.49 0.84
C ARG D 243 3.43 41.68 1.72
N PRO D 244 4.69 42.16 1.67
CA PRO D 244 5.28 42.92 2.77
C PRO D 244 4.57 44.19 3.18
N TRP D 245 3.96 44.91 2.25
CA TRP D 245 3.40 46.19 2.63
C TRP D 245 2.35 45.95 3.67
N TYR D 246 1.65 44.83 3.52
CA TYR D 246 0.65 44.48 4.51
C TYR D 246 1.28 44.12 5.84
N ILE D 247 2.46 43.52 5.80
CA ILE D 247 3.12 43.15 7.04
C ILE D 247 3.49 44.39 7.82
N GLN D 248 3.84 45.45 7.10
CA GLN D 248 4.17 46.71 7.74
C GLN D 248 2.98 47.32 8.45
N GLY D 249 1.78 46.97 8.01
CA GLY D 249 0.58 47.61 8.48
C GLY D 249 0.09 47.04 9.80
N ALA D 250 0.84 46.09 10.35
CA ALA D 250 0.43 45.46 11.59
C ALA D 250 1.58 45.23 12.56
N ALA D 251 1.64 46.07 13.59
CA ALA D 251 2.59 45.91 14.70
C ALA D 251 4.05 46.01 14.29
N SER D 252 4.65 47.16 14.55
CA SER D 252 6.06 47.36 14.27
C SER D 252 6.76 48.04 15.44
N PRO D 253 8.06 47.80 15.60
CA PRO D 253 8.90 46.80 14.93
C PRO D 253 8.91 45.51 15.72
N LYS D 254 9.93 44.67 15.59
CA LYS D 254 9.95 43.35 16.21
C LYS D 254 11.35 42.87 16.54
N ASP D 255 11.68 42.74 17.81
CA ASP D 255 12.94 42.12 18.16
C ASP D 255 12.73 40.61 18.19
N MET D 256 13.42 39.92 17.30
CA MET D 256 13.15 38.51 17.07
C MET D 256 14.28 37.60 17.44
N LEU D 257 13.99 36.56 18.19
CA LEU D 257 15.02 35.57 18.45
C LEU D 257 14.45 34.17 18.31
N ILE D 258 14.79 33.54 17.20
CA ILE D 258 14.40 32.17 16.93
C ILE D 258 15.12 31.14 17.78
N LEU D 259 14.39 30.14 18.23
CA LEU D 259 15.00 28.90 18.69
C LEU D 259 14.44 27.73 17.91
N VAL D 260 15.17 27.33 16.89
CA VAL D 260 15.00 26.05 16.29
C VAL D 260 15.31 25.00 17.34
N ASP D 261 14.54 23.93 17.41
CA ASP D 261 14.99 22.80 18.22
C ASP D 261 15.66 21.74 17.36
N VAL D 262 16.97 21.76 17.30
CA VAL D 262 17.70 20.81 16.49
C VAL D 262 17.93 19.52 17.23
N SER D 263 17.23 19.34 18.34
CA SER D 263 17.53 18.25 19.24
C SER D 263 17.45 16.93 18.53
N GLY D 264 18.44 16.08 18.80
CA GLY D 264 18.45 14.76 18.22
C GLY D 264 17.15 14.11 18.63
N SER D 265 16.12 14.37 17.84
CA SER D 265 14.76 14.06 18.20
C SER D 265 13.86 14.32 17.01
N VAL D 266 13.94 15.52 16.46
CA VAL D 266 13.26 15.76 15.20
C VAL D 266 13.92 14.87 14.18
N SER D 267 13.13 14.29 13.29
CA SER D 267 13.69 13.50 12.21
C SER D 267 14.37 14.44 11.24
N GLY D 268 14.74 13.93 10.09
CA GLY D 268 15.17 14.79 9.00
C GLY D 268 13.97 15.32 8.24
N LEU D 269 12.81 14.72 8.51
CA LEU D 269 11.57 15.09 7.85
C LEU D 269 11.09 16.44 8.34
N THR D 270 10.66 16.46 9.59
CA THR D 270 10.22 17.69 10.20
C THR D 270 11.38 18.67 10.22
N LEU D 271 12.59 18.15 10.15
CA LEU D 271 13.73 19.02 9.98
C LEU D 271 13.66 19.72 8.63
N LYS D 272 13.25 19.00 7.59
CA LYS D 272 13.15 19.62 6.29
C LYS D 272 12.08 20.66 6.32
N LEU D 273 11.01 20.32 7.02
CA LEU D 273 9.86 21.18 7.05
C LEU D 273 10.23 22.46 7.77
N ILE D 274 10.83 22.30 8.93
CA ILE D 274 11.18 23.41 9.79
C ILE D 274 12.22 24.27 9.12
N ARG D 275 13.04 23.63 8.31
CA ARG D 275 14.10 24.28 7.58
C ARG D 275 13.45 25.22 6.59
N THR D 276 12.47 24.69 5.88
CA THR D 276 11.72 25.51 4.94
C THR D 276 11.00 26.61 5.71
N SER D 277 10.67 26.28 6.95
CA SER D 277 9.79 27.12 7.74
C SER D 277 10.50 28.40 8.10
N VAL D 278 11.70 28.27 8.63
CA VAL D 278 12.50 29.43 8.93
C VAL D 278 12.83 30.11 7.63
N SER D 279 13.06 29.27 6.62
CA SER D 279 13.56 29.74 5.35
C SER D 279 12.61 30.74 4.74
N GLU D 280 11.32 30.53 4.98
CA GLU D 280 10.37 31.45 4.45
C GLU D 280 10.01 32.50 5.47
N MET D 281 9.99 32.11 6.74
CA MET D 281 9.48 33.02 7.76
C MET D 281 10.32 34.25 7.84
N LEU D 282 11.61 34.10 7.64
CA LEU D 282 12.44 35.29 7.68
C LEU D 282 12.06 36.22 6.55
N GLU D 283 11.67 35.65 5.41
CA GLU D 283 11.12 36.48 4.35
C GLU D 283 9.82 37.10 4.81
N THR D 284 9.06 36.33 5.58
CA THR D 284 7.81 36.82 6.14
C THR D 284 8.12 37.86 7.17
N LEU D 285 9.29 37.71 7.78
CA LEU D 285 9.69 38.61 8.84
C LEU D 285 9.97 39.96 8.23
N SER D 286 9.78 40.99 9.04
CA SER D 286 9.92 42.35 8.59
C SER D 286 11.32 42.59 8.11
N ASP D 287 11.48 43.50 7.18
CA ASP D 287 12.79 43.74 6.62
C ASP D 287 13.42 44.97 7.28
N ASP D 288 13.06 45.19 8.53
CA ASP D 288 13.76 46.11 9.40
C ASP D 288 13.54 45.69 10.85
N ASP D 289 13.93 44.45 11.16
CA ASP D 289 13.81 43.88 12.49
C ASP D 289 14.91 42.87 12.78
N PHE D 290 15.49 42.91 13.97
CA PHE D 290 16.70 42.15 14.24
C PHE D 290 16.39 40.70 14.54
N VAL D 291 17.30 39.80 14.18
CA VAL D 291 17.04 38.36 14.26
C VAL D 291 18.28 37.51 14.50
N ASN D 292 18.16 36.44 15.28
CA ASN D 292 19.18 35.40 15.33
C ASN D 292 18.60 34.03 15.06
N VAL D 293 19.45 33.01 15.17
CA VAL D 293 18.98 31.64 15.11
C VAL D 293 19.67 30.81 16.17
N ALA D 294 18.97 30.58 17.27
CA ALA D 294 19.56 29.89 18.39
C ALA D 294 19.31 28.39 18.33
N SER D 295 20.14 27.70 17.59
CA SER D 295 20.11 26.25 17.61
C SER D 295 20.49 25.74 18.98
N PHE D 296 19.82 24.71 19.47
CA PHE D 296 20.20 24.18 20.76
C PHE D 296 19.82 22.74 20.97
N ASN D 297 20.73 21.99 21.58
CA ASN D 297 20.50 20.65 22.11
C ASN D 297 21.77 20.14 22.75
N SER D 298 21.67 19.67 23.99
CA SER D 298 22.83 19.29 24.79
C SER D 298 23.78 20.48 24.96
N ASN D 299 23.50 21.56 24.25
CA ASN D 299 24.25 22.81 24.32
C ASN D 299 23.52 23.85 23.49
N ALA D 300 23.65 25.11 23.88
CA ALA D 300 23.11 26.20 23.07
C ALA D 300 24.19 26.74 22.16
N GLN D 301 23.78 27.28 21.03
CA GLN D 301 24.75 27.80 20.08
C GLN D 301 24.07 28.68 19.06
N ASP D 302 24.83 29.53 18.39
CA ASP D 302 24.25 30.46 17.45
C ASP D 302 24.91 30.28 16.11
N VAL D 303 24.19 30.54 15.04
CA VAL D 303 24.83 30.77 13.76
C VAL D 303 25.59 32.08 13.85
N SER D 304 26.78 32.12 13.26
CA SER D 304 27.72 33.22 13.44
C SER D 304 27.16 34.58 13.02
N CYS D 305 27.35 35.56 13.92
CA CYS D 305 26.96 36.96 13.79
C CYS D 305 27.09 37.63 15.18
N PHE D 306 26.27 37.17 16.12
CA PHE D 306 26.31 37.62 17.52
C PHE D 306 26.02 39.10 17.73
N GLN D 307 25.06 39.65 17.00
CA GLN D 307 24.73 41.06 17.19
C GLN D 307 23.31 41.37 16.74
N HIS D 308 23.03 41.13 15.47
CA HIS D 308 21.69 41.11 14.87
C HIS D 308 20.86 42.40 14.96
N LEU D 309 20.44 42.96 13.82
CA LEU D 309 20.91 42.66 12.47
C LEU D 309 20.74 43.86 11.57
N VAL D 310 19.65 44.59 11.79
CA VAL D 310 19.13 45.63 10.88
C VAL D 310 18.66 45.00 9.59
N GLN D 311 19.43 44.03 9.13
CA GLN D 311 19.11 43.23 7.97
C GLN D 311 19.22 44.04 6.70
N ALA D 312 20.09 43.60 5.82
CA ALA D 312 20.10 44.11 4.48
C ALA D 312 19.03 43.36 3.72
N ASN D 313 18.38 42.44 4.45
CA ASN D 313 17.41 41.51 3.87
C ASN D 313 18.07 40.63 2.85
N VAL D 314 18.59 41.25 1.81
CA VAL D 314 19.38 40.56 0.84
C VAL D 314 20.44 39.74 1.55
N ARG D 315 21.52 40.39 1.95
CA ARG D 315 22.68 39.64 2.37
C ARG D 315 22.47 38.94 3.71
N ASN D 316 22.06 39.68 4.72
CA ASN D 316 22.02 39.13 6.07
C ASN D 316 21.09 37.95 6.18
N LYS D 317 19.87 38.14 5.70
CA LYS D 317 18.89 37.10 5.79
C LYS D 317 19.36 35.92 4.98
N LYS D 318 20.05 36.19 3.87
CA LYS D 318 20.58 35.10 3.08
C LYS D 318 21.61 34.29 3.84
N VAL D 319 22.46 34.99 4.59
CA VAL D 319 23.50 34.31 5.33
C VAL D 319 22.85 33.38 6.30
N LEU D 320 21.93 33.96 7.04
CA LEU D 320 21.32 33.21 8.12
C LEU D 320 20.53 32.04 7.56
N LYS D 321 19.95 32.26 6.39
CA LYS D 321 19.11 31.28 5.75
C LYS D 321 19.90 30.09 5.27
N ASP D 322 20.99 30.38 4.56
CA ASP D 322 21.82 29.32 4.03
C ASP D 322 22.47 28.61 5.19
N ALA D 323 22.70 29.32 6.27
CA ALA D 323 23.22 28.69 7.46
C ALA D 323 22.19 27.70 7.97
N VAL D 324 20.92 28.07 7.84
CA VAL D 324 19.86 27.18 8.23
C VAL D 324 19.85 25.97 7.33
N ASN D 325 20.31 26.16 6.10
CA ASN D 325 20.22 25.09 5.13
C ASN D 325 20.97 23.86 5.60
N ASN D 326 22.00 24.07 6.40
CA ASN D 326 22.71 22.97 7.00
C ASN D 326 22.46 22.96 8.48
N ILE D 327 21.56 22.10 8.92
CA ILE D 327 21.15 22.14 10.32
C ILE D 327 20.78 20.74 10.81
N THR D 328 21.74 19.85 10.76
CA THR D 328 21.51 18.45 11.12
C THR D 328 21.11 18.29 12.57
N ALA D 329 20.09 17.48 12.82
CA ALA D 329 19.70 17.13 14.18
C ALA D 329 20.73 16.23 14.81
N LYS D 330 21.03 16.46 16.08
CA LYS D 330 22.12 15.78 16.77
C LYS D 330 22.24 16.21 18.22
N GLY D 331 21.70 15.42 19.14
CA GLY D 331 21.86 15.72 20.55
C GLY D 331 20.60 15.91 21.39
N ILE D 332 20.75 15.67 22.69
CA ILE D 332 19.64 15.72 23.63
C ILE D 332 19.18 17.12 23.94
N THR D 333 17.94 17.24 24.40
CA THR D 333 17.31 18.53 24.64
C THR D 333 17.72 19.18 25.97
N ASP D 334 18.62 20.18 25.92
CA ASP D 334 18.90 20.98 27.11
C ASP D 334 17.71 21.80 27.55
N TYR D 335 16.90 22.19 26.57
CA TYR D 335 15.67 22.89 26.84
C TYR D 335 15.99 24.21 27.55
N LYS D 336 16.11 24.14 28.88
CA LYS D 336 16.27 25.35 29.68
C LYS D 336 17.51 26.14 29.31
N LYS D 337 18.60 25.44 29.01
CA LYS D 337 19.83 26.14 28.71
C LYS D 337 19.66 26.98 27.47
N GLY D 338 18.85 26.51 26.53
CA GLY D 338 18.69 27.25 25.30
C GLY D 338 17.94 28.50 25.63
N PHE D 339 17.01 28.34 26.56
CA PHE D 339 16.21 29.43 27.03
C PHE D 339 17.10 30.38 27.78
N SER D 340 18.11 29.81 28.42
CA SER D 340 18.98 30.55 29.31
C SER D 340 19.73 31.60 28.50
N PHE D 341 20.04 31.24 27.26
CA PHE D 341 20.67 32.17 26.35
C PHE D 341 19.58 32.92 25.61
N ALA D 342 18.44 32.28 25.44
CA ALA D 342 17.37 32.87 24.66
C ALA D 342 16.98 34.21 25.24
N PHE D 343 16.63 34.24 26.53
CA PHE D 343 16.36 35.52 27.18
C PHE D 343 17.60 36.37 27.18
N GLU D 344 18.75 35.72 27.32
CA GLU D 344 19.99 36.46 27.44
C GLU D 344 20.43 37.08 26.14
N GLN D 345 20.42 36.28 25.08
CA GLN D 345 20.79 36.81 23.79
C GLN D 345 19.75 37.83 23.42
N LEU D 346 18.52 37.60 23.86
CA LEU D 346 17.47 38.61 23.73
C LEU D 346 17.75 39.79 24.62
N LEU D 347 18.43 39.55 25.74
CA LEU D 347 18.62 40.60 26.72
C LEU D 347 19.56 41.65 26.16
N ASN D 348 20.85 41.49 26.40
CA ASN D 348 21.86 42.41 25.90
C ASN D 348 21.55 43.85 26.22
N TYR D 349 22.27 44.74 25.53
CA TYR D 349 22.05 46.17 25.61
C TYR D 349 23.04 46.84 24.69
N ASN D 350 24.20 46.21 24.53
CA ASN D 350 25.28 46.80 23.77
C ASN D 350 24.92 46.98 22.31
N VAL D 351 24.59 48.22 21.99
CA VAL D 351 24.35 48.77 20.65
C VAL D 351 23.31 48.04 19.80
N SER D 352 22.87 48.71 18.74
CA SER D 352 21.84 48.19 17.85
C SER D 352 20.55 47.81 18.60
N ARG D 353 20.26 46.52 18.66
CA ARG D 353 19.09 45.98 19.36
C ARG D 353 17.73 46.54 18.92
N ALA D 354 17.64 47.85 18.73
CA ALA D 354 16.38 48.50 18.36
C ALA D 354 15.28 48.13 19.33
N ASN D 355 15.21 48.85 20.45
CA ASN D 355 14.29 48.50 21.51
C ASN D 355 12.83 48.52 21.06
N CYS D 356 12.08 47.49 21.44
CA CYS D 356 10.64 47.45 21.27
C CYS D 356 10.05 46.19 21.87
N ASN D 357 9.13 45.59 21.15
CA ASN D 357 8.64 44.26 21.48
C ASN D 357 9.76 43.24 21.40
N LYS D 358 9.75 42.29 22.31
CA LYS D 358 10.92 41.45 22.53
C LYS D 358 10.51 40.00 22.59
N ILE D 359 10.61 39.30 21.46
CA ILE D 359 9.90 38.03 21.39
C ILE D 359 10.78 36.92 20.81
N ILE D 360 10.47 35.71 21.23
CA ILE D 360 11.22 34.57 20.75
C ILE D 360 10.29 33.53 20.19
N MET D 361 10.81 32.73 19.27
CA MET D 361 9.94 31.79 18.55
C MET D 361 10.51 30.39 18.59
N LEU D 362 9.85 29.50 19.31
CA LEU D 362 10.31 28.11 19.28
C LEU D 362 9.70 27.36 18.13
N PHE D 363 10.54 26.70 17.34
CA PHE D 363 9.93 25.74 16.44
C PHE D 363 10.40 24.41 16.96
N THR D 364 9.48 23.58 17.41
CA THR D 364 9.86 22.34 18.04
C THR D 364 8.81 21.24 18.01
N ASP D 365 9.29 20.02 18.18
CA ASP D 365 8.45 18.83 18.20
C ASP D 365 7.48 18.80 19.38
N GLY D 366 7.88 19.44 20.48
CA GLY D 366 7.10 19.40 21.69
C GLY D 366 7.94 19.30 22.95
N GLY D 367 7.87 20.34 23.77
CA GLY D 367 8.67 20.41 24.98
C GLY D 367 8.26 19.40 26.03
N GLU D 368 9.20 19.05 26.89
CA GLU D 368 8.99 18.00 27.87
C GLU D 368 8.77 18.59 29.26
N GLU D 369 8.96 19.90 29.36
CA GLU D 369 8.89 20.57 30.66
C GLU D 369 8.33 21.98 30.57
N ARG D 370 7.89 22.50 31.69
CA ARG D 370 7.77 23.94 31.90
C ARG D 370 9.16 24.49 32.16
N ALA D 371 9.36 25.78 31.91
CA ALA D 371 10.60 26.43 32.26
C ALA D 371 10.33 27.74 32.98
N GLN D 372 9.37 27.70 33.90
CA GLN D 372 8.92 28.90 34.58
C GLN D 372 10.01 29.52 35.42
N GLU D 373 10.95 28.68 35.82
CA GLU D 373 12.06 29.11 36.65
C GLU D 373 12.82 30.23 35.97
N ILE D 374 13.24 29.96 34.73
CA ILE D 374 14.00 30.94 33.98
C ILE D 374 13.13 32.14 33.69
N PHE D 375 11.83 31.87 33.53
CA PHE D 375 10.92 32.92 33.15
C PHE D 375 10.91 33.97 34.24
N ALA D 376 10.65 33.53 35.46
CA ALA D 376 10.65 34.46 36.59
C ALA D 376 12.05 35.01 36.82
N LYS D 377 13.04 34.22 36.46
CA LYS D 377 14.43 34.64 36.59
C LYS D 377 14.77 35.81 35.68
N TYR D 378 14.12 35.87 34.53
CA TYR D 378 14.42 36.94 33.58
C TYR D 378 13.21 37.72 33.11
N ASN D 379 12.01 37.19 33.35
CA ASN D 379 10.83 37.91 32.93
C ASN D 379 9.79 38.04 34.01
N LYS D 380 9.17 39.22 34.06
CA LYS D 380 8.04 39.48 34.91
C LYS D 380 7.40 40.74 34.39
N ASP D 381 8.21 41.52 33.69
CA ASP D 381 7.74 42.69 32.97
C ASP D 381 6.94 42.23 31.78
N LYS D 382 7.12 40.96 31.43
CA LYS D 382 6.38 40.30 30.37
C LYS D 382 6.52 41.02 29.04
N LYS D 383 7.62 41.73 28.86
CA LYS D 383 7.90 42.32 27.57
C LYS D 383 8.33 41.22 26.62
N VAL D 384 8.73 40.10 27.21
CA VAL D 384 9.03 38.92 26.43
C VAL D 384 7.78 38.28 25.83
N ARG D 385 7.86 37.81 24.60
CA ARG D 385 6.78 36.99 24.07
C ARG D 385 7.29 35.62 23.63
N VAL D 386 6.35 34.69 23.52
CA VAL D 386 6.68 33.35 23.08
C VAL D 386 5.73 32.90 22.00
N PHE D 387 6.25 32.65 20.81
CA PHE D 387 5.46 32.02 19.77
C PHE D 387 5.99 30.64 19.51
N THR D 388 5.22 29.63 19.91
CA THR D 388 5.70 28.28 19.76
C THR D 388 5.03 27.59 18.61
N PHE D 389 5.80 26.97 17.74
CA PHE D 389 5.22 26.38 16.56
C PHE D 389 5.51 24.89 16.47
N SER D 390 4.63 24.07 17.04
CA SER D 390 4.74 22.64 16.85
C SER D 390 4.46 22.32 15.40
N VAL D 391 5.19 21.39 14.80
CA VAL D 391 5.02 21.14 13.38
C VAL D 391 4.95 19.66 13.05
N GLY D 392 4.47 19.36 11.85
CA GLY D 392 4.44 17.98 11.38
C GLY D 392 3.45 17.19 12.20
N GLN D 393 3.68 15.89 12.28
CA GLN D 393 2.79 15.01 13.02
C GLN D 393 3.26 14.77 14.44
N HIS D 394 4.32 13.99 14.57
CA HIS D 394 4.81 13.49 15.86
C HIS D 394 3.65 13.05 16.74
N ASN D 395 3.82 13.16 18.06
CA ASN D 395 2.79 12.74 18.99
C ASN D 395 2.98 13.36 20.35
N TYR D 396 4.04 14.13 20.49
CA TYR D 396 4.43 14.70 21.77
C TYR D 396 3.36 15.70 22.20
N ASP D 397 3.10 15.77 23.50
CA ASP D 397 2.06 16.64 24.00
C ASP D 397 2.30 18.11 23.70
N ARG D 398 1.23 18.81 23.32
CA ARG D 398 1.27 20.23 23.09
C ARG D 398 1.27 20.97 24.41
N GLY D 399 0.97 20.24 25.47
CA GLY D 399 0.78 20.79 26.81
C GLY D 399 1.80 21.82 27.26
N PRO D 400 3.03 21.36 27.55
CA PRO D 400 4.04 22.24 28.14
C PRO D 400 4.28 23.46 27.27
N ILE D 401 4.18 23.25 25.98
CA ILE D 401 4.22 24.35 25.04
C ILE D 401 3.00 25.24 25.12
N GLN D 402 1.82 24.65 25.11
CA GLN D 402 0.61 25.44 25.09
C GLN D 402 0.51 26.19 26.40
N TRP D 403 1.11 25.60 27.43
CA TRP D 403 1.26 26.27 28.70
C TRP D 403 2.07 27.52 28.57
N MET D 404 3.07 27.47 27.71
CA MET D 404 4.14 28.43 27.73
C MET D 404 3.75 29.76 27.11
N ALA D 405 3.26 29.73 25.89
CA ALA D 405 2.93 30.96 25.19
C ALA D 405 1.80 31.68 25.90
N CYS D 406 0.85 30.91 26.40
CA CYS D 406 -0.24 31.50 27.17
C CYS D 406 0.30 32.00 28.49
N GLU D 407 1.36 31.36 28.97
CA GLU D 407 1.92 31.72 30.26
C GLU D 407 2.53 33.10 30.21
N ASN D 408 2.97 33.49 29.02
CA ASN D 408 3.92 34.56 28.93
C ASN D 408 3.49 35.63 27.97
N LYS D 409 2.18 35.69 27.70
CA LYS D 409 1.66 36.42 26.55
C LYS D 409 2.31 35.88 25.30
N GLY D 410 1.53 35.22 24.46
CA GLY D 410 2.08 34.61 23.27
C GLY D 410 1.09 33.62 22.72
N TYR D 411 1.15 33.39 21.42
CA TYR D 411 0.06 32.68 20.80
C TYR D 411 0.61 31.50 20.01
N TYR D 412 0.53 30.33 20.63
CA TYR D 412 0.90 29.07 20.01
C TYR D 412 0.02 28.61 18.86
N TYR D 413 0.64 28.12 17.78
CA TYR D 413 -0.09 27.45 16.70
C TYR D 413 0.79 26.73 15.67
N GLU D 414 0.21 25.68 15.08
CA GLU D 414 0.96 24.66 14.32
C GLU D 414 1.08 24.81 12.81
N ILE D 415 2.00 24.04 12.25
CA ILE D 415 2.22 23.95 10.81
C ILE D 415 2.33 22.48 10.40
N PRO D 416 1.18 21.82 10.25
CA PRO D 416 1.17 20.36 10.06
C PRO D 416 1.94 19.85 8.85
N SER D 417 1.97 20.58 7.76
CA SER D 417 2.59 20.06 6.54
C SER D 417 3.16 21.18 5.72
N ILE D 418 2.53 21.44 4.58
CA ILE D 418 2.89 22.62 3.82
C ILE D 418 1.67 23.55 3.78
N GLY D 419 1.06 23.71 4.94
CA GLY D 419 0.08 24.75 5.15
C GLY D 419 0.85 25.95 5.66
N ALA D 420 2.16 25.86 5.50
CA ALA D 420 3.11 26.76 6.14
C ALA D 420 2.93 28.22 5.75
N ILE D 421 2.44 28.46 4.55
CA ILE D 421 2.39 29.84 4.08
C ILE D 421 1.43 30.66 4.93
N ARG D 422 0.14 30.39 4.79
CA ARG D 422 -0.88 31.20 5.44
C ARG D 422 -0.86 31.13 6.95
N ILE D 423 -0.50 29.97 7.49
CA ILE D 423 -0.44 29.81 8.94
C ILE D 423 0.65 30.66 9.55
N ASN D 424 1.72 30.85 8.80
CA ASN D 424 2.82 31.63 9.30
C ASN D 424 2.36 33.05 9.57
N THR D 425 1.76 33.66 8.56
CA THR D 425 1.27 35.02 8.69
C THR D 425 0.12 35.20 9.66
N GLN D 426 -0.64 34.14 9.89
CA GLN D 426 -2.00 34.29 10.41
C GLN D 426 -2.07 34.99 11.75
N GLU D 427 -1.09 34.76 12.60
CA GLU D 427 -1.09 35.41 13.90
C GLU D 427 0.30 35.83 14.30
N TYR D 428 1.22 35.74 13.36
CA TYR D 428 2.54 36.26 13.59
C TYR D 428 2.50 37.75 13.75
N LEU D 429 1.48 38.37 13.18
CA LEU D 429 1.38 39.81 13.22
C LEU D 429 0.25 40.25 14.12
N ASP D 430 -0.91 39.63 13.95
CA ASP D 430 -2.10 40.07 14.63
C ASP D 430 -1.97 39.96 16.14
N VAL D 431 -1.29 38.91 16.60
CA VAL D 431 -1.07 38.74 18.03
C VAL D 431 -0.21 39.87 18.53
N LEU D 432 0.66 40.37 17.66
CA LEU D 432 1.42 41.55 17.99
C LEU D 432 0.61 42.80 17.76
N GLY D 433 -0.57 42.64 17.19
CA GLY D 433 -1.42 43.78 16.94
C GLY D 433 -2.18 44.22 18.17
N ARG D 434 -2.11 43.42 19.23
CA ARG D 434 -2.87 43.70 20.44
C ARG D 434 -2.63 45.10 20.99
N PRO D 435 -1.36 45.49 21.22
CA PRO D 435 -1.21 46.85 21.72
C PRO D 435 -1.78 47.90 20.79
N MET D 436 -1.66 47.64 19.49
CA MET D 436 -2.13 48.61 18.52
C MET D 436 -3.64 48.72 18.57
N VAL D 437 -4.29 47.60 18.87
CA VAL D 437 -5.75 47.60 18.98
C VAL D 437 -6.19 48.48 20.14
N LEU D 438 -5.37 48.51 21.18
CA LEU D 438 -5.75 49.16 22.42
C LEU D 438 -5.61 50.66 22.33
N ALA D 439 -4.62 51.18 23.05
CA ALA D 439 -4.38 52.61 23.13
C ALA D 439 -4.06 53.15 21.75
N GLY D 440 -3.52 52.29 20.89
CA GLY D 440 -3.27 52.67 19.53
C GLY D 440 -4.57 53.07 18.88
N ASP D 441 -4.58 54.28 18.33
CA ASP D 441 -5.71 54.81 17.58
C ASP D 441 -5.29 56.13 16.99
N LYS D 442 -4.57 56.89 17.78
CA LYS D 442 -3.97 58.13 17.32
C LYS D 442 -2.69 57.78 16.58
N ALA D 443 -2.31 56.51 16.67
CA ALA D 443 -1.11 56.01 16.05
C ALA D 443 -1.31 55.71 14.58
N LYS D 444 -2.56 55.80 14.11
CA LYS D 444 -2.86 55.41 12.75
C LYS D 444 -2.32 56.38 11.72
N GLN D 445 -1.14 56.94 11.97
CA GLN D 445 -0.46 57.71 10.95
C GLN D 445 0.02 56.75 9.88
N VAL D 446 0.06 57.22 8.65
CA VAL D 446 0.45 56.39 7.53
C VAL D 446 1.87 55.88 7.71
N GLN D 447 2.10 54.65 7.31
CA GLN D 447 3.36 53.98 7.58
C GLN D 447 4.02 53.53 6.29
N TRP D 448 4.80 54.41 5.68
CA TRP D 448 5.33 54.20 4.35
C TRP D 448 6.31 53.04 4.24
N THR D 449 6.33 52.37 3.10
CA THR D 449 7.21 51.21 2.91
C THR D 449 8.44 51.47 2.06
N ASN D 450 9.38 50.53 2.12
CA ASN D 450 10.53 50.51 1.25
C ASN D 450 10.16 50.06 -0.16
N VAL D 451 10.95 50.49 -1.13
CA VAL D 451 10.66 50.26 -2.54
C VAL D 451 10.53 48.80 -2.91
N TYR D 452 9.57 48.48 -3.79
CA TYR D 452 9.47 47.13 -4.31
C TYR D 452 8.62 47.05 -5.57
N LEU D 453 8.84 46.00 -6.36
CA LEU D 453 8.13 45.76 -7.60
C LEU D 453 6.67 45.37 -7.41
N ASP D 454 5.80 45.84 -8.29
CA ASP D 454 4.38 45.50 -8.20
C ASP D 454 4.10 44.08 -8.66
N ALA D 455 3.09 43.44 -8.08
CA ALA D 455 2.74 42.08 -8.45
C ALA D 455 2.29 42.02 -9.89
N LEU D 456 1.62 43.08 -10.32
CA LEU D 456 1.33 43.27 -11.73
C LEU D 456 2.47 44.05 -12.33
N GLU D 457 2.71 43.86 -13.61
CA GLU D 457 3.80 44.57 -14.27
C GLU D 457 3.54 46.06 -14.16
N LEU D 458 4.56 46.81 -13.76
CA LEU D 458 4.40 48.24 -13.51
C LEU D 458 5.73 48.89 -13.19
N GLY D 459 6.63 48.12 -12.61
CA GLY D 459 7.90 48.65 -12.13
C GLY D 459 7.76 49.02 -10.67
N LEU D 460 8.90 49.24 -10.01
CA LEU D 460 8.93 49.42 -8.57
C LEU D 460 8.16 50.64 -8.05
N VAL D 461 7.50 50.44 -6.91
CA VAL D 461 6.46 51.35 -6.41
C VAL D 461 6.32 51.33 -4.90
N ILE D 462 6.53 52.48 -4.26
CA ILE D 462 6.37 52.57 -2.80
C ILE D 462 4.90 52.52 -2.43
N THR D 463 4.56 51.88 -1.32
CA THR D 463 3.15 51.78 -0.94
C THR D 463 2.85 52.21 0.50
N GLY D 464 2.17 53.34 0.64
CA GLY D 464 1.79 53.82 1.96
C GLY D 464 0.60 53.08 2.53
N THR D 465 0.74 52.54 3.74
CA THR D 465 -0.32 51.75 4.36
C THR D 465 -0.94 52.41 5.57
N LEU D 466 -2.20 52.08 5.85
CA LEU D 466 -2.74 52.31 7.18
C LEU D 466 -3.62 51.16 7.63
N PRO D 467 -3.59 50.86 8.93
CA PRO D 467 -4.47 49.92 9.63
C PRO D 467 -5.91 50.42 9.70
N VAL D 468 -6.88 49.51 9.74
CA VAL D 468 -8.27 49.85 10.05
C VAL D 468 -8.82 48.91 11.11
N PHE D 469 -9.41 49.50 12.15
CA PHE D 469 -9.89 48.78 13.32
C PHE D 469 -11.29 48.19 13.20
N ASN D 470 -11.57 47.21 14.04
CA ASN D 470 -12.87 46.55 14.10
C ASN D 470 -13.89 47.44 14.81
N ILE D 471 -14.44 46.92 15.91
CA ILE D 471 -15.34 47.68 16.77
C ILE D 471 -15.13 47.26 18.22
N THR D 472 -14.91 45.97 18.43
CA THR D 472 -14.61 45.42 19.76
C THR D 472 -13.58 44.32 19.64
N GLY D 473 -13.31 43.90 18.41
CA GLY D 473 -12.48 42.74 18.14
C GLY D 473 -11.01 43.00 17.93
N GLN D 474 -10.37 42.06 17.24
CA GLN D 474 -8.93 42.09 17.00
C GLN D 474 -8.57 42.65 15.62
N PHE D 475 -8.83 43.95 15.43
CA PHE D 475 -8.42 44.67 14.23
C PHE D 475 -9.05 44.19 12.92
N GLU D 476 -9.36 45.14 12.04
CA GLU D 476 -9.93 44.78 10.75
C GLU D 476 -8.84 44.54 9.71
N ASN D 477 -8.50 45.58 8.94
CA ASN D 477 -7.67 45.33 7.76
C ASN D 477 -6.87 46.52 7.25
N LYS D 478 -5.87 46.26 6.42
CA LYS D 478 -4.87 47.28 6.15
C LYS D 478 -4.89 47.86 4.73
N THR D 479 -5.44 49.06 4.59
CA THR D 479 -5.54 49.70 3.27
C THR D 479 -4.19 50.24 2.83
N ASN D 480 -4.01 50.42 1.52
CA ASN D 480 -2.83 51.14 1.06
C ASN D 480 -2.93 51.81 -0.30
N LEU D 481 -1.99 52.71 -0.56
CA LEU D 481 -1.85 53.32 -1.87
C LEU D 481 -0.52 53.01 -2.49
N LYS D 482 -0.57 52.55 -3.73
CA LYS D 482 0.62 52.47 -4.56
C LYS D 482 1.02 53.86 -4.99
N ASN D 483 2.33 54.07 -5.05
CA ASN D 483 2.91 55.30 -5.54
C ASN D 483 4.07 54.98 -6.46
N GLN D 484 3.87 55.27 -7.74
CA GLN D 484 4.88 55.02 -8.73
C GLN D 484 6.07 55.86 -8.40
N LEU D 485 7.23 55.24 -8.43
CA LEU D 485 8.44 55.97 -8.18
C LEU D 485 8.75 56.71 -9.46
N ILE D 486 8.02 56.34 -10.50
CA ILE D 486 8.08 57.03 -11.76
C ILE D 486 7.61 58.46 -11.59
N LEU D 487 6.44 58.62 -11.00
CA LEU D 487 5.93 59.96 -10.79
C LEU D 487 6.57 60.57 -9.56
N GLY D 488 7.20 59.73 -8.76
CA GLY D 488 7.96 60.26 -7.63
C GLY D 488 9.09 61.01 -8.28
N VAL D 489 9.58 60.45 -9.39
CA VAL D 489 10.55 61.12 -10.23
C VAL D 489 9.91 62.28 -10.99
N MET D 490 8.60 62.23 -11.21
CA MET D 490 7.96 63.35 -11.91
C MET D 490 8.09 64.63 -11.09
N GLY D 491 8.12 64.48 -9.77
CA GLY D 491 8.39 65.61 -8.90
C GLY D 491 9.88 65.88 -8.88
N VAL D 492 10.66 64.90 -9.32
CA VAL D 492 12.10 65.04 -9.39
C VAL D 492 12.52 65.59 -10.74
N ASP D 493 12.69 66.90 -10.80
CA ASP D 493 13.06 67.56 -12.04
C ASP D 493 14.44 67.13 -12.48
N VAL D 494 14.61 66.92 -13.79
CA VAL D 494 15.91 66.57 -14.33
C VAL D 494 16.14 67.36 -15.61
N SER D 495 16.65 68.59 -15.46
CA SER D 495 16.87 69.46 -16.62
C SER D 495 17.82 70.61 -16.31
N LEU D 496 17.84 71.04 -15.06
CA LEU D 496 18.74 72.12 -14.67
C LEU D 496 20.15 71.57 -14.58
N GLU D 497 20.23 70.25 -14.61
CA GLU D 497 21.45 69.53 -14.33
C GLU D 497 21.60 68.37 -15.30
N ASP D 498 22.61 67.53 -15.07
CA ASP D 498 22.80 66.34 -15.89
C ASP D 498 23.71 65.30 -15.25
N ILE D 499 23.51 65.01 -13.96
CA ILE D 499 24.24 63.92 -13.32
C ILE D 499 23.33 63.07 -12.42
N LYS D 500 23.09 63.42 -11.16
CA LYS D 500 22.24 62.53 -10.36
C LYS D 500 21.51 63.11 -9.13
N ARG D 501 20.27 62.69 -8.93
CA ARG D 501 19.55 62.76 -7.67
C ARG D 501 19.74 61.49 -6.87
N LEU D 502 19.33 61.50 -5.62
CA LEU D 502 19.50 60.33 -4.79
C LEU D 502 18.73 60.59 -3.53
N THR D 503 17.90 59.67 -3.06
CA THR D 503 17.01 60.04 -1.97
C THR D 503 16.91 59.03 -0.84
N PRO D 504 17.94 58.92 0.00
CA PRO D 504 18.04 57.81 0.94
C PRO D 504 16.89 57.75 1.93
N ARG D 505 16.52 56.53 2.27
CA ARG D 505 15.41 56.28 3.18
C ARG D 505 15.90 56.50 4.60
N PHE D 506 14.96 56.46 5.52
CA PHE D 506 15.22 56.61 6.94
C PHE D 506 16.21 55.57 7.45
N THR D 507 16.29 54.44 6.76
CA THR D 507 17.44 53.56 6.91
C THR D 507 18.04 53.25 5.55
N LEU D 508 18.07 51.98 5.19
CA LEU D 508 18.65 51.54 3.91
C LEU D 508 17.83 52.03 2.74
N CYS D 509 18.47 52.12 1.58
CA CYS D 509 17.85 52.53 0.32
C CYS D 509 17.48 53.99 0.19
N PRO D 510 17.36 54.42 -1.07
CA PRO D 510 16.74 55.64 -1.59
C PRO D 510 15.62 55.36 -2.57
N ASN D 511 15.73 56.05 -3.69
CA ASN D 511 15.10 55.70 -4.95
C ASN D 511 16.02 56.29 -6.01
N GLY D 512 17.28 56.47 -5.62
CA GLY D 512 18.21 57.25 -6.39
C GLY D 512 18.46 56.73 -7.78
N TYR D 513 18.47 57.65 -8.75
CA TYR D 513 18.70 57.25 -10.13
C TYR D 513 20.14 56.81 -10.32
N TYR D 514 20.57 55.90 -9.45
CA TYR D 514 21.89 55.35 -9.50
C TYR D 514 21.81 53.88 -9.90
N PHE D 515 20.60 53.42 -10.17
CA PHE D 515 20.39 52.00 -10.44
C PHE D 515 19.08 51.74 -11.17
N ALA D 516 18.93 50.51 -11.68
CA ALA D 516 17.74 50.16 -12.46
C ALA D 516 16.73 49.32 -11.67
N ILE D 517 16.17 48.28 -12.29
CA ILE D 517 14.96 47.67 -11.77
C ILE D 517 15.01 46.13 -11.68
N ASP D 518 15.87 45.60 -10.80
CA ASP D 518 15.94 44.16 -10.60
C ASP D 518 16.14 43.81 -9.13
N PRO D 519 15.69 42.62 -8.70
CA PRO D 519 15.68 42.28 -7.28
C PRO D 519 17.02 41.91 -6.65
N ASN D 520 18.02 42.80 -6.72
CA ASN D 520 19.29 42.62 -6.01
C ASN D 520 19.89 41.24 -6.08
N GLY D 521 19.45 40.37 -5.18
CA GLY D 521 19.89 39.00 -5.17
C GLY D 521 21.06 38.76 -4.23
N TYR D 522 21.19 37.53 -3.77
CA TYR D 522 22.20 37.20 -2.80
C TYR D 522 23.58 37.19 -3.43
N VAL D 523 24.06 36.02 -3.84
CA VAL D 523 25.45 35.88 -4.29
C VAL D 523 25.61 35.22 -5.67
N LEU D 524 25.45 33.91 -5.72
CA LEU D 524 25.73 33.16 -6.94
C LEU D 524 24.71 32.07 -7.23
N LEU D 525 25.22 30.85 -7.25
CA LEU D 525 24.42 29.65 -7.43
C LEU D 525 23.67 29.61 -8.74
N HIS D 526 24.22 28.84 -9.68
CA HIS D 526 23.43 28.34 -10.78
C HIS D 526 22.64 27.16 -10.22
N PRO D 527 21.31 27.18 -10.36
CA PRO D 527 20.48 26.09 -9.86
C PRO D 527 20.80 24.79 -10.58
N ASN D 528 20.74 23.69 -9.86
CA ASN D 528 20.96 22.40 -10.49
C ASN D 528 19.87 22.16 -11.51
N LEU D 529 20.26 22.10 -12.77
CA LEU D 529 19.30 21.94 -13.85
C LEU D 529 18.62 20.58 -13.79
N GLN D 530 19.34 19.59 -13.25
CA GLN D 530 18.86 18.22 -13.23
C GLN D 530 17.51 18.05 -12.51
N PRO D 531 17.35 18.60 -11.29
CA PRO D 531 16.03 18.41 -10.68
C PRO D 531 14.92 19.25 -11.31
N LYS D 532 15.24 20.44 -11.78
CA LYS D 532 14.23 21.34 -12.33
C LYS D 532 13.75 20.90 -13.71
N PRO D 533 12.43 20.78 -13.88
CA PRO D 533 11.85 20.38 -15.17
C PRO D 533 11.83 21.51 -16.18
N PRO D 553 7.56 31.06 -5.76
CA PRO D 553 8.82 30.66 -6.36
C PRO D 553 9.09 31.47 -7.62
N LYS D 554 8.86 32.77 -7.55
CA LYS D 554 9.13 33.68 -8.65
C LYS D 554 9.14 35.12 -8.18
N SER D 555 10.33 35.64 -7.90
CA SER D 555 10.53 37.00 -7.36
C SER D 555 9.90 37.18 -5.99
N GLN D 556 10.58 37.91 -5.11
CA GLN D 556 10.10 38.06 -3.75
C GLN D 556 10.19 39.48 -3.22
N GLU D 557 11.15 40.27 -3.72
CA GLU D 557 11.33 41.65 -3.29
C GLU D 557 11.59 41.73 -1.78
N PRO D 558 11.76 42.93 -1.21
CA PRO D 558 11.99 44.29 -1.68
C PRO D 558 13.40 44.48 -2.21
N VAL D 559 13.59 45.51 -3.02
CA VAL D 559 14.92 45.88 -3.47
C VAL D 559 15.61 46.73 -2.41
N THR D 560 16.02 46.09 -1.32
CA THR D 560 16.80 46.77 -0.29
C THR D 560 18.22 47.07 -0.77
N LEU D 561 18.73 48.25 -0.39
CA LEU D 561 20.09 48.63 -0.74
C LEU D 561 20.75 49.51 0.30
N ASP D 562 22.05 49.31 0.49
CA ASP D 562 22.84 50.28 1.23
C ASP D 562 22.95 51.53 0.40
N PHE D 563 22.85 52.67 1.05
CA PHE D 563 23.27 53.90 0.42
C PHE D 563 24.76 53.78 0.17
N LEU D 564 25.40 53.14 1.13
CA LEU D 564 26.84 52.98 1.14
C LEU D 564 27.31 52.16 -0.04
N ASP D 565 26.48 51.24 -0.49
CA ASP D 565 26.87 50.33 -1.54
C ASP D 565 26.32 50.74 -2.89
N ALA D 566 25.28 51.57 -2.84
CA ALA D 566 24.68 52.07 -4.05
C ALA D 566 25.69 52.93 -4.78
N GLU D 567 26.62 53.49 -4.02
CA GLU D 567 27.57 54.43 -4.56
C GLU D 567 28.86 54.39 -3.74
N LEU D 568 29.94 54.88 -4.32
CA LEU D 568 31.28 54.65 -3.80
C LEU D 568 31.51 55.19 -2.39
N GLU D 569 32.21 54.41 -1.58
CA GLU D 569 32.54 54.77 -0.21
C GLU D 569 33.62 55.86 -0.12
N ASN D 570 33.50 56.74 0.87
CA ASN D 570 34.46 57.83 1.10
C ASN D 570 34.75 58.12 2.56
N ASP D 571 34.30 57.26 3.47
CA ASP D 571 34.36 57.55 4.90
C ASP D 571 33.67 58.85 5.25
N ILE D 572 34.15 59.94 4.70
CA ILE D 572 33.53 61.23 4.93
C ILE D 572 32.10 61.19 4.43
N LYS D 573 31.93 60.57 3.28
CA LYS D 573 30.59 60.38 2.76
C LYS D 573 29.85 59.40 3.66
N VAL D 574 30.56 58.44 4.24
CA VAL D 574 29.93 57.54 5.19
C VAL D 574 29.49 58.33 6.41
N GLU D 575 30.27 59.35 6.75
CA GLU D 575 29.89 60.22 7.85
C GLU D 575 28.59 60.88 7.50
N ILE D 576 28.47 61.17 6.21
CA ILE D 576 27.33 61.93 5.74
C ILE D 576 26.07 61.09 5.75
N ARG D 577 26.15 59.87 5.26
CA ARG D 577 24.98 59.01 5.32
C ARG D 577 24.65 58.63 6.74
N ASN D 578 25.66 58.55 7.61
CA ASN D 578 25.35 58.21 8.99
C ASN D 578 24.81 59.41 9.71
N LYS D 579 25.01 60.57 9.09
CA LYS D 579 24.46 61.80 9.61
C LYS D 579 23.00 61.95 9.22
N MET D 580 22.74 61.74 7.93
CA MET D 580 21.40 61.84 7.39
C MET D 580 20.51 60.70 7.83
N ILE D 581 21.08 59.55 8.13
CA ILE D 581 20.24 58.42 8.51
C ILE D 581 19.55 58.69 9.83
N ASP D 582 20.22 59.43 10.71
CA ASP D 582 19.56 59.93 11.90
C ASP D 582 18.58 61.02 11.51
N GLY D 583 18.87 61.68 10.40
CA GLY D 583 17.98 62.70 9.86
C GLY D 583 18.17 64.03 10.53
N GLU D 584 19.11 64.09 11.47
CA GLU D 584 19.24 65.28 12.28
C GLU D 584 19.55 66.52 11.47
N SER D 585 20.61 66.43 10.68
CA SER D 585 21.12 67.59 9.99
C SER D 585 20.18 68.02 8.88
N GLY D 586 20.15 69.33 8.62
CA GLY D 586 19.26 69.87 7.61
C GLY D 586 20.02 70.20 6.34
N GLU D 587 20.31 71.48 6.17
CA GLU D 587 20.96 71.99 4.96
C GLU D 587 22.46 71.72 4.94
N LYS D 588 22.96 70.93 5.90
CA LYS D 588 24.40 70.73 5.98
C LYS D 588 24.92 70.10 4.70
N THR D 589 25.97 70.69 4.16
CA THR D 589 26.44 70.34 2.82
C THR D 589 27.90 70.66 2.65
N PHE D 590 28.60 69.84 1.88
CA PHE D 590 29.98 70.13 1.49
C PHE D 590 30.47 69.17 0.44
N ARG D 591 31.47 69.59 -0.31
CA ARG D 591 32.06 68.70 -1.30
C ARG D 591 32.93 67.66 -0.63
N THR D 592 33.07 66.52 -1.28
CA THR D 592 34.12 65.57 -0.97
C THR D 592 34.79 65.28 -2.30
N LEU D 593 36.06 65.63 -2.44
CA LEU D 593 36.77 65.29 -3.66
C LEU D 593 36.74 63.78 -3.76
N VAL D 594 36.36 63.24 -4.91
CA VAL D 594 36.14 61.81 -4.96
C VAL D 594 36.11 61.23 -6.38
N LYS D 595 36.74 60.06 -6.52
CA LYS D 595 36.61 59.29 -7.73
C LYS D 595 35.20 58.74 -7.86
N SER D 596 34.65 58.73 -9.06
CA SER D 596 33.27 58.27 -9.23
C SER D 596 33.09 57.28 -10.38
N GLN D 597 32.45 56.16 -10.08
CA GLN D 597 32.18 55.13 -11.08
C GLN D 597 31.20 55.63 -12.12
N ASP D 598 31.39 55.21 -13.36
CA ASP D 598 30.54 55.68 -14.43
C ASP D 598 29.88 54.50 -15.14
N GLU D 599 30.34 54.21 -16.36
CA GLU D 599 29.90 53.00 -17.01
C GLU D 599 30.80 51.88 -16.53
N ARG D 600 32.04 51.82 -17.03
CA ARG D 600 33.00 50.82 -16.57
C ARG D 600 34.40 51.34 -16.30
N TYR D 601 34.58 52.65 -16.23
CA TYR D 601 35.82 53.17 -15.65
C TYR D 601 35.71 54.57 -15.04
N ILE D 602 36.31 54.69 -13.86
CA ILE D 602 36.06 55.77 -12.90
C ILE D 602 36.66 57.11 -13.26
N ASP D 603 35.99 58.19 -12.85
CA ASP D 603 36.51 59.55 -12.96
C ASP D 603 36.92 60.05 -11.58
N LYS D 604 37.10 61.36 -11.45
CA LYS D 604 37.40 61.94 -10.14
C LYS D 604 37.05 63.42 -10.12
N GLY D 605 36.58 63.92 -8.98
CA GLY D 605 36.30 65.33 -8.85
C GLY D 605 35.49 65.73 -7.63
N ASN D 606 35.40 67.04 -7.40
CA ASN D 606 34.57 67.59 -6.35
C ASN D 606 33.09 67.49 -6.70
N ARG D 607 32.25 67.36 -5.69
CA ARG D 607 30.80 67.41 -5.87
C ARG D 607 30.10 68.01 -4.68
N THR D 608 30.03 69.33 -4.63
CA THR D 608 29.23 70.00 -3.63
C THR D 608 27.81 69.55 -3.85
N TYR D 609 27.08 69.28 -2.77
CA TYR D 609 25.73 68.81 -2.97
C TYR D 609 24.77 69.10 -1.84
N THR D 610 23.58 69.53 -2.22
CA THR D 610 22.55 69.90 -1.25
C THR D 610 21.82 68.68 -0.73
N TRP D 611 21.21 68.80 0.45
CA TRP D 611 20.23 67.80 0.89
C TRP D 611 19.48 68.27 2.13
N THR D 612 18.24 67.82 2.29
CA THR D 612 17.46 68.10 3.50
C THR D 612 16.62 66.91 3.93
N PRO D 613 16.38 66.76 5.24
CA PRO D 613 15.35 65.85 5.72
C PRO D 613 13.97 66.33 5.28
N VAL D 614 13.06 65.40 5.01
CA VAL D 614 11.66 65.75 4.81
C VAL D 614 11.08 66.26 6.12
N ASN D 615 10.33 67.36 6.08
CA ASN D 615 9.73 67.89 7.29
C ASN D 615 8.67 66.95 7.83
N GLY D 616 8.06 66.22 6.93
CA GLY D 616 7.06 65.24 7.30
C GLY D 616 7.71 63.94 7.66
N THR D 617 7.15 62.84 7.19
CA THR D 617 7.66 61.52 7.52
C THR D 617 9.08 61.34 7.02
N ASP D 618 9.99 61.06 7.95
CA ASP D 618 11.40 60.72 7.72
C ASP D 618 12.01 61.09 6.37
N TYR D 619 12.78 60.15 5.81
CA TYR D 619 13.42 60.29 4.51
C TYR D 619 14.34 61.49 4.42
N SER D 620 14.94 61.67 3.26
CA SER D 620 15.78 62.83 3.01
C SER D 620 16.01 63.03 1.54
N SER D 621 15.58 64.19 1.05
CA SER D 621 15.88 64.61 -0.30
C SER D 621 17.32 65.04 -0.41
N LEU D 622 17.86 64.96 -1.62
CA LEU D 622 19.28 65.11 -1.86
C LEU D 622 19.55 65.50 -3.31
N ALA D 623 20.67 66.19 -3.53
CA ALA D 623 21.01 66.66 -4.85
C ALA D 623 22.52 66.75 -4.99
N LEU D 624 23.10 65.64 -5.45
CA LEU D 624 24.50 65.58 -5.83
C LEU D 624 24.71 66.47 -7.02
N VAL D 625 25.79 67.22 -7.04
CA VAL D 625 26.00 68.18 -8.11
C VAL D 625 27.45 68.28 -8.52
N LEU D 626 27.68 68.16 -9.82
CA LEU D 626 28.99 68.40 -10.39
C LEU D 626 29.33 69.84 -10.07
N PRO D 627 30.20 70.03 -8.99
CA PRO D 627 30.46 71.45 -8.70
C PRO D 627 30.97 72.20 -9.93
N THR D 628 30.13 72.29 -10.96
CA THR D 628 30.50 73.01 -12.17
C THR D 628 30.03 74.46 -12.02
N TYR D 629 29.05 74.65 -11.16
CA TYR D 629 28.49 75.96 -10.88
C TYR D 629 27.16 75.78 -10.15
N SER D 630 26.05 75.95 -10.87
CA SER D 630 24.71 75.76 -10.33
C SER D 630 23.70 76.44 -11.25
N PHE D 631 23.98 76.42 -12.56
CA PHE D 631 23.13 77.13 -13.50
C PHE D 631 22.62 76.21 -14.60
N TYR D 632 21.63 76.67 -15.36
CA TYR D 632 21.05 75.90 -16.45
C TYR D 632 20.49 76.80 -17.53
N TYR D 633 21.23 76.93 -18.63
CA TYR D 633 20.82 77.76 -19.75
C TYR D 633 19.56 77.23 -20.41
N ILE D 634 18.70 78.14 -20.84
CA ILE D 634 17.54 77.78 -21.65
C ILE D 634 17.34 78.81 -22.75
N LYS D 635 16.10 79.00 -23.16
CA LYS D 635 15.80 79.98 -24.20
C LYS D 635 14.34 80.38 -24.24
N ALA D 636 14.12 81.65 -24.55
CA ALA D 636 12.79 82.21 -24.74
C ALA D 636 12.91 83.56 -25.44
N LYS D 637 11.94 83.94 -26.27
CA LYS D 637 10.80 83.12 -26.64
C LYS D 637 10.44 83.38 -28.10
N ILE D 638 9.15 83.58 -28.34
CA ILE D 638 8.60 83.99 -29.64
C ILE D 638 8.78 82.96 -30.75
N GLU D 639 7.85 82.96 -31.69
CA GLU D 639 7.97 82.13 -32.88
C GLU D 639 9.00 82.74 -33.81
N GLU D 640 8.54 83.36 -34.88
CA GLU D 640 9.39 84.13 -35.79
C GLU D 640 10.65 83.36 -36.22
N THR D 641 11.80 83.87 -35.83
CA THR D 641 13.06 83.20 -36.13
C THR D 641 13.17 81.85 -35.42
N ILE D 642 12.63 81.77 -34.21
CA ILE D 642 12.59 80.50 -33.49
C ILE D 642 11.67 79.53 -34.20
N THR D 643 10.62 80.06 -34.81
CA THR D 643 9.76 79.25 -35.66
C THR D 643 10.51 78.82 -36.91
N GLN D 644 11.48 79.63 -37.32
CA GLN D 644 12.30 79.28 -38.48
C GLN D 644 13.28 78.18 -38.13
N ALA D 645 13.79 78.20 -36.90
CA ALA D 645 14.60 77.10 -36.42
C ALA D 645 13.73 75.87 -36.24
N ARG D 646 12.46 76.09 -35.92
CA ARG D 646 11.51 75.01 -35.85
C ARG D 646 11.34 74.44 -37.25
N TYR D 647 11.47 75.31 -38.24
CA TYR D 647 11.46 74.88 -39.63
C TYR D 647 12.75 74.14 -39.96
N SER D 648 13.81 74.46 -39.24
CA SER D 648 15.04 73.70 -39.36
C SER D 648 14.80 72.30 -38.80
N GLU D 649 13.96 72.21 -37.78
CA GLU D 649 13.52 70.92 -37.27
C GLU D 649 12.63 70.23 -38.28
N THR D 650 11.90 71.02 -39.06
CA THR D 650 11.09 70.48 -40.14
C THR D 650 12.00 69.89 -41.20
N LEU D 651 13.16 70.51 -41.39
CA LEU D 651 14.19 69.96 -42.25
C LEU D 651 14.76 68.72 -41.57
N LYS D 652 14.68 68.70 -40.25
CA LYS D 652 15.22 67.61 -39.47
C LYS D 652 14.29 66.41 -39.50
N PRO D 653 13.07 66.63 -40.00
CA PRO D 653 12.12 65.54 -40.15
C PRO D 653 12.63 64.49 -41.12
N ASP D 654 13.44 64.92 -42.08
CA ASP D 654 14.00 64.01 -43.07
C ASP D 654 15.51 64.20 -43.21
N UNK D 662 -2.60 73.94 -34.27
CA UNK D 662 -2.18 73.61 -35.63
C UNK D 662 -0.66 73.55 -35.72
N UNK D 663 0.00 74.69 -35.50
CA UNK D 663 1.45 74.72 -35.48
C UNK D 663 1.99 73.87 -34.35
N UNK D 664 1.27 73.86 -33.24
CA UNK D 664 1.57 72.96 -32.14
C UNK D 664 1.27 71.53 -32.58
N UNK D 665 0.19 71.37 -33.33
CA UNK D 665 -0.12 70.07 -33.91
C UNK D 665 0.89 69.71 -34.99
N UNK D 666 1.45 70.73 -35.63
CA UNK D 666 2.54 70.49 -36.58
C UNK D 666 3.76 70.00 -35.82
N UNK D 667 3.93 70.48 -34.61
CA UNK D 667 5.02 70.06 -33.76
C UNK D 667 4.80 68.62 -33.30
N UNK D 668 3.56 68.29 -32.99
CA UNK D 668 3.23 66.93 -32.60
C UNK D 668 3.41 65.99 -33.77
N UNK D 669 3.15 66.49 -34.96
CA UNK D 669 3.40 65.74 -36.18
C UNK D 669 4.90 65.54 -36.35
N UNK D 670 5.67 66.54 -35.93
CA UNK D 670 7.11 66.41 -35.95
C UNK D 670 7.55 65.35 -34.95
N UNK D 671 6.81 65.24 -33.85
CA UNK D 671 7.07 64.19 -32.87
C UNK D 671 6.74 62.85 -33.50
N UNK D 672 5.75 62.86 -34.38
CA UNK D 672 5.41 61.68 -35.14
C UNK D 672 6.52 61.39 -36.14
N UNK D 673 7.29 62.42 -36.47
CA UNK D 673 8.42 62.24 -37.38
C UNK D 673 9.62 61.67 -36.65
N UNK D 674 9.85 62.12 -35.42
CA UNK D 674 10.91 61.54 -34.61
C UNK D 674 10.55 60.12 -34.27
N UNK D 675 9.24 59.87 -34.15
CA UNK D 675 8.76 58.51 -34.03
C UNK D 675 9.01 57.78 -35.33
N UNK D 676 8.92 58.51 -36.43
CA UNK D 676 9.16 57.96 -37.76
C UNK D 676 10.65 57.95 -38.02
N UNK D 677 11.40 58.61 -37.13
CA UNK D 677 12.84 58.47 -37.12
C UNK D 677 13.14 57.10 -36.56
N UNK D 678 12.08 56.51 -35.99
CA UNK D 678 12.04 55.10 -35.63
C UNK D 678 12.88 54.79 -34.41
N UNK D 679 12.24 54.19 -33.42
CA UNK D 679 12.92 53.69 -32.25
C UNK D 679 12.03 52.68 -31.56
N UNK D 680 12.63 51.66 -30.96
CA UNK D 680 11.85 50.76 -30.14
C UNK D 680 11.32 51.58 -28.98
N UNK D 681 10.03 51.40 -28.68
CA UNK D 681 9.38 52.12 -27.59
C UNK D 681 9.46 53.64 -27.74
N UNK D 682 10.68 54.14 -27.87
CA UNK D 682 10.94 55.58 -27.83
C UNK D 682 10.27 56.36 -28.95
N UNK D 683 9.99 55.69 -30.06
CA UNK D 683 9.22 56.33 -31.11
C UNK D 683 7.80 56.57 -30.61
N UNK D 684 7.17 55.50 -30.12
CA UNK D 684 5.83 55.57 -29.58
C UNK D 684 5.80 56.43 -28.31
N UNK D 685 6.89 56.37 -27.56
CA UNK D 685 7.02 57.21 -26.38
C UNK D 685 7.07 58.67 -26.80
N UNK D 686 7.69 58.92 -27.96
CA UNK D 686 7.72 60.26 -28.53
C UNK D 686 6.33 60.69 -28.97
N UNK D 687 5.52 59.74 -29.42
CA UNK D 687 4.15 60.08 -29.79
C UNK D 687 3.34 60.45 -28.55
N UNK D 688 3.52 59.67 -27.50
CA UNK D 688 2.85 59.94 -26.25
C UNK D 688 3.32 61.28 -25.73
N UNK D 689 4.58 61.59 -26.02
CA UNK D 689 5.16 62.88 -25.70
C UNK D 689 4.51 63.99 -26.51
N UNK D 690 4.09 63.67 -27.73
CA UNK D 690 3.35 64.65 -28.53
C UNK D 690 2.01 64.90 -27.87
N UNK D 691 1.47 63.86 -27.24
CA UNK D 691 0.21 64.01 -26.53
C UNK D 691 0.37 64.89 -25.30
N UNK D 692 1.38 64.59 -24.50
CA UNK D 692 1.64 65.34 -23.29
C UNK D 692 2.01 66.79 -23.61
N UNK D 693 2.67 66.97 -24.75
CA UNK D 693 3.00 68.30 -25.23
C UNK D 693 1.75 69.03 -25.69
N UNK D 694 0.80 68.29 -26.23
CA UNK D 694 -0.48 68.87 -26.60
C UNK D 694 -1.19 69.34 -25.34
N UNK D 695 -1.00 68.59 -24.26
CA UNK D 695 -1.50 69.03 -22.96
C UNK D 695 -0.73 70.26 -22.51
N UNK D 696 0.52 70.35 -22.95
CA UNK D 696 1.36 71.50 -22.64
C UNK D 696 1.09 72.66 -23.59
N UNK D 697 0.30 72.41 -24.62
CA UNK D 697 -0.05 73.45 -25.59
C UNK D 697 -1.14 74.36 -25.02
N UNK D 719 21.32 68.44 -44.21
CA UNK D 719 20.62 67.79 -45.29
C UNK D 719 20.76 66.27 -45.20
N UNK D 720 19.78 65.56 -45.75
CA UNK D 720 19.75 64.09 -45.73
C UNK D 720 19.90 63.62 -44.29
N UNK D 721 19.09 64.18 -43.41
CA UNK D 721 19.30 64.07 -41.98
C UNK D 721 19.26 62.64 -41.48
N UNK D 722 20.17 62.33 -40.56
CA UNK D 722 20.20 61.05 -39.88
C UNK D 722 20.69 61.27 -38.46
N UNK D 723 19.90 60.82 -37.49
CA UNK D 723 20.22 61.03 -36.09
C UNK D 723 19.44 60.06 -35.22
N UNK D 724 19.88 59.89 -33.98
CA UNK D 724 19.13 59.09 -33.03
C UNK D 724 18.03 59.95 -32.42
N UNK D 725 17.98 61.20 -32.85
CA UNK D 725 16.94 62.15 -32.47
C UNK D 725 16.92 62.44 -30.98
N UNK D 726 15.99 61.82 -30.26
CA UNK D 726 15.82 62.13 -28.84
C UNK D 726 15.17 61.01 -28.05
N UNK D 727 14.62 61.36 -26.90
CA UNK D 727 13.85 60.43 -26.08
C UNK D 727 13.01 61.20 -25.05
N UNK D 728 11.96 60.54 -24.55
CA UNK D 728 11.10 61.10 -23.53
C UNK D 728 10.59 62.50 -23.86
N UNK D 729 10.75 63.42 -22.93
CA UNK D 729 10.30 64.80 -23.08
C UNK D 729 8.81 64.87 -23.42
N UNK D 731 6.57 70.03 -21.00
CA UNK D 731 7.03 71.38 -20.77
C UNK D 731 7.39 72.06 -22.09
N UNK D 732 6.77 73.21 -22.33
CA UNK D 732 7.07 73.98 -23.52
C UNK D 732 8.52 74.45 -23.49
N UNK D 733 9.04 74.63 -22.29
CA UNK D 733 10.45 74.94 -22.12
C UNK D 733 11.34 73.76 -22.52
N UNK D 734 10.85 72.54 -22.31
CA UNK D 734 11.63 71.35 -22.65
C UNK D 734 11.68 71.19 -24.17
N UNK D 735 10.54 71.40 -24.82
CA UNK D 735 10.50 71.40 -26.26
C UNK D 735 11.32 72.55 -26.81
N UNK D 736 11.34 73.65 -26.06
CA UNK D 736 12.16 74.79 -26.43
C UNK D 736 13.62 74.40 -26.36
N UNK D 737 13.95 73.53 -25.42
CA UNK D 737 15.30 73.00 -25.32
C UNK D 737 15.59 72.13 -26.52
N UNK D 738 14.56 71.44 -27.01
CA UNK D 738 14.74 70.68 -28.22
C UNK D 738 15.02 71.64 -29.38
N UNK D 739 14.40 72.82 -29.33
CA UNK D 739 14.67 73.85 -30.34
C UNK D 739 16.10 74.35 -30.21
N UNK D 740 16.61 74.39 -28.99
CA UNK D 740 18.01 74.74 -28.77
C UNK D 740 18.89 73.69 -29.39
N UNK D 741 18.44 72.45 -29.32
CA UNK D 741 19.14 71.35 -29.96
C UNK D 741 19.13 71.58 -31.46
N UNK D 742 18.04 72.15 -31.94
CA UNK D 742 17.94 72.49 -33.35
C UNK D 742 18.98 73.55 -33.68
N UNK D 743 19.22 74.45 -32.73
CA UNK D 743 20.26 75.45 -32.92
C UNK D 743 21.61 74.77 -32.99
N UNK D 744 21.73 73.66 -32.29
CA UNK D 744 22.98 72.92 -32.30
C UNK D 744 23.23 72.25 -33.65
N UNK D 745 22.27 71.49 -34.13
CA UNK D 745 22.45 70.78 -35.39
C UNK D 745 22.59 71.79 -36.52
N UNK D 746 21.86 72.89 -36.41
CA UNK D 746 21.94 73.95 -37.41
C UNK D 746 23.31 74.60 -37.38
N UNK D 747 23.89 74.67 -36.19
CA UNK D 747 25.25 75.18 -36.08
C UNK D 747 26.23 74.21 -36.73
N UNK D 748 25.95 72.91 -36.61
CA UNK D 748 26.79 71.92 -37.25
C UNK D 748 26.70 72.07 -38.76
N UNK D 749 25.49 72.40 -39.23
CA UNK D 749 25.28 72.69 -40.64
C UNK D 749 26.00 73.96 -41.05
N UNK D 750 26.10 74.91 -40.12
CA UNK D 750 26.83 76.14 -40.35
C UNK D 750 28.30 75.83 -40.50
N UNK D 751 28.74 74.79 -39.79
CA UNK D 751 30.08 74.26 -39.98
C UNK D 751 30.11 73.50 -41.29
N UNK D 752 31.27 73.45 -41.92
CA UNK D 752 31.43 72.68 -43.15
C UNK D 752 31.94 71.29 -42.85
N UNK D 753 33.20 71.23 -42.41
CA UNK D 753 33.85 69.96 -42.11
C UNK D 753 33.22 69.20 -40.93
N UNK D 754 32.74 69.92 -39.93
CA UNK D 754 32.05 69.24 -38.83
C UNK D 754 30.79 68.61 -39.38
N UNK D 755 30.18 69.30 -40.34
CA UNK D 755 29.03 68.78 -41.06
C UNK D 755 29.46 67.64 -41.97
N UNK D 756 30.73 67.61 -42.34
CA UNK D 756 31.23 66.50 -43.12
C UNK D 756 31.32 65.26 -42.23
N UNK D 757 31.78 65.46 -41.00
CA UNK D 757 31.82 64.38 -40.03
C UNK D 757 30.40 63.94 -39.78
N UNK D 758 29.49 64.90 -39.86
CA UNK D 758 28.08 64.61 -39.73
C UNK D 758 27.58 63.78 -40.91
N UNK D 759 28.16 63.99 -42.09
CA UNK D 759 27.75 63.24 -43.26
C UNK D 759 28.20 61.81 -43.09
N UNK D 760 29.42 61.67 -42.56
CA UNK D 760 29.95 60.36 -42.29
C UNK D 760 29.07 59.69 -41.25
N UNK D 761 28.51 60.50 -40.35
CA UNK D 761 27.55 59.99 -39.39
C UNK D 761 26.27 59.54 -40.09
N UNK D 762 25.92 60.23 -41.17
CA UNK D 762 24.72 59.89 -41.92
C UNK D 762 24.93 58.53 -42.56
N UNK D 763 26.18 58.22 -42.86
CA UNK D 763 26.50 56.87 -43.30
C UNK D 763 26.69 55.90 -42.12
N UNK D 764 26.89 56.43 -40.92
CA UNK D 764 27.38 55.63 -39.80
C UNK D 764 26.39 54.58 -39.35
N UNK D 765 25.11 54.83 -39.58
CA UNK D 765 24.06 53.88 -39.24
C UNK D 765 24.10 53.51 -37.76
N UNK D 766 24.99 52.59 -37.40
CA UNK D 766 25.03 52.05 -36.04
C UNK D 766 25.84 52.93 -35.09
N UNK D 767 25.26 54.05 -34.67
CA UNK D 767 25.93 54.97 -33.75
C UNK D 767 25.96 54.45 -32.31
N UNK D 768 24.91 53.74 -31.93
CA UNK D 768 24.80 53.16 -30.58
C UNK D 768 25.06 54.18 -29.48
N UNK D 777 36.67 72.51 -34.83
CA UNK D 777 36.28 71.33 -34.08
C UNK D 777 37.24 70.17 -34.33
N UNK D 778 36.94 69.36 -35.35
CA UNK D 778 37.68 68.13 -35.59
C UNK D 778 39.14 68.38 -35.92
N UNK D 779 39.43 69.52 -36.54
CA UNK D 779 40.80 69.84 -36.90
C UNK D 779 41.64 69.97 -35.65
N UNK D 780 41.04 70.49 -34.59
CA UNK D 780 41.71 70.57 -33.30
C UNK D 780 41.95 69.18 -32.74
N UNK D 781 41.03 68.25 -32.99
CA UNK D 781 41.21 66.88 -32.54
C UNK D 781 42.37 66.24 -33.28
N UNK D 782 42.51 66.59 -34.55
CA UNK D 782 43.64 66.14 -35.33
C UNK D 782 44.91 66.72 -34.77
N UNK D 783 44.80 67.95 -34.28
CA UNK D 783 45.92 68.61 -33.64
C UNK D 783 46.26 67.89 -32.35
N UNK D 784 45.27 67.24 -31.77
CA UNK D 784 45.46 66.50 -30.53
C UNK D 784 46.17 65.19 -30.78
N UNK D 785 45.75 64.47 -31.81
CA UNK D 785 46.45 63.24 -32.17
C UNK D 785 47.87 63.57 -32.59
N UNK D 786 48.03 64.72 -33.24
CA UNK D 786 49.35 65.20 -33.60
C UNK D 786 50.16 65.55 -32.37
N UNK D 787 49.48 66.04 -31.34
CA UNK D 787 50.14 66.34 -30.09
C UNK D 787 50.63 65.04 -29.48
N UNK D 788 49.86 63.98 -29.68
CA UNK D 788 50.27 62.65 -29.25
C UNK D 788 51.46 62.20 -30.08
N UNK D 789 51.55 62.71 -31.30
CA UNK D 789 52.67 62.38 -32.18
C UNK D 789 53.96 63.03 -31.70
N UNK D 790 53.88 64.32 -31.39
CA UNK D 790 55.05 65.04 -30.88
C UNK D 790 55.43 64.49 -29.52
N UNK D 791 54.43 64.03 -28.76
CA UNK D 791 54.67 63.51 -27.43
C UNK D 791 55.36 62.17 -27.48
N UNK D 792 54.87 61.29 -28.33
CA UNK D 792 55.50 59.99 -28.50
C UNK D 792 56.89 60.17 -29.09
N UNK D 793 57.04 61.19 -29.93
CA UNK D 793 58.34 61.49 -30.52
C UNK D 793 59.32 61.96 -29.47
N UNK D 794 58.82 62.73 -28.51
CA UNK D 794 59.65 63.17 -27.40
C UNK D 794 60.00 61.98 -26.53
N UNK D 795 59.09 61.02 -26.46
CA UNK D 795 59.34 59.79 -25.72
C UNK D 795 60.45 58.99 -26.40
N UNK D 796 60.48 59.08 -27.72
CA UNK D 796 61.56 58.47 -28.49
C UNK D 796 62.87 59.20 -28.24
N UNK D 797 62.78 60.51 -28.06
CA UNK D 797 63.94 61.32 -27.77
C UNK D 797 64.47 61.03 -26.36
N UNK D 798 63.59 60.52 -25.51
CA UNK D 798 63.91 60.29 -24.11
C UNK D 798 64.98 59.20 -23.94
N UNK D 799 65.04 58.27 -24.89
CA UNK D 799 66.00 57.18 -24.81
C UNK D 799 66.23 56.54 -26.18
N UNK D 803 53.74 63.93 -15.96
CA UNK D 803 54.75 62.93 -15.64
C UNK D 803 54.98 61.98 -16.82
N UNK D 804 56.07 61.24 -16.76
CA UNK D 804 56.40 60.28 -17.80
C UNK D 804 57.36 59.23 -17.26
N UNK D 805 56.85 58.38 -16.37
CA UNK D 805 57.67 57.37 -15.72
C UNK D 805 58.24 56.37 -16.73
N UNK D 806 59.44 55.88 -16.44
CA UNK D 806 60.08 54.87 -17.28
C UNK D 806 60.80 53.87 -16.40
N UNK D 807 60.91 52.63 -16.86
CA UNK D 807 61.49 51.58 -16.04
C UNK D 807 61.97 50.40 -16.86
N UNK D 808 62.67 49.47 -16.20
CA UNK D 808 63.11 48.24 -16.85
C UNK D 808 62.50 47.04 -16.14
N UNK D 809 61.22 47.13 -15.85
CA UNK D 809 60.51 46.11 -15.10
C UNK D 809 60.51 44.77 -15.83
N UNK D 810 60.71 43.71 -15.07
CA UNK D 810 60.69 42.35 -15.59
C UNK D 810 60.78 41.35 -14.45
N UNK D 811 62.01 40.97 -14.11
CA UNK D 811 62.28 40.08 -12.99
C UNK D 811 61.52 38.76 -13.09
N UNK D 812 61.37 38.26 -14.31
CA UNK D 812 60.77 36.95 -14.53
C UNK D 812 61.82 36.05 -15.17
N UNK D 813 62.58 36.63 -16.09
CA UNK D 813 63.67 35.96 -16.76
C UNK D 813 64.58 36.98 -17.41
N UNK D 814 64.04 37.70 -18.39
CA UNK D 814 64.78 38.76 -19.07
C UNK D 814 64.68 40.06 -18.28
N UNK D 815 64.93 41.17 -18.97
CA UNK D 815 64.87 42.49 -18.35
C UNK D 815 64.48 43.52 -19.38
N UNK D 816 63.19 43.59 -19.69
CA UNK D 816 62.72 44.45 -20.77
C UNK D 816 62.97 45.92 -20.48
N UNK D 817 63.46 46.63 -21.49
CA UNK D 817 63.55 48.08 -21.44
C UNK D 817 62.16 48.66 -21.62
N UNK D 818 61.87 49.78 -20.96
CA UNK D 818 60.54 50.37 -21.07
C UNK D 818 60.53 51.86 -20.73
N UNK D 819 59.58 52.56 -21.33
CA UNK D 819 59.35 53.96 -21.04
C UNK D 819 57.87 54.27 -21.29
N UNK D 820 57.34 55.25 -20.59
CA UNK D 820 55.91 55.52 -20.69
C UNK D 820 55.62 57.01 -20.80
N UNK D 821 54.51 57.35 -21.43
CA UNK D 821 54.17 58.74 -21.68
C UNK D 821 52.66 58.96 -21.69
N UNK D 822 52.23 60.17 -21.32
CA UNK D 822 50.82 60.51 -21.32
C UNK D 822 50.64 61.99 -21.56
N UNK D 823 49.60 62.34 -22.31
CA UNK D 823 49.29 63.75 -22.58
C UNK D 823 48.03 64.14 -21.82
N UNK D 824 47.20 64.99 -22.44
CA UNK D 824 45.94 65.36 -21.84
C UNK D 824 45.02 64.14 -21.74
N UNK D 825 45.18 63.22 -22.69
CA UNK D 825 44.40 61.98 -22.71
C UNK D 825 44.89 60.98 -21.68
N UNK D 826 44.00 60.11 -21.21
CA UNK D 826 44.39 59.05 -20.29
C UNK D 826 44.95 57.86 -21.05
N UNK D 827 46.24 57.90 -21.35
CA UNK D 827 46.86 56.87 -22.18
C UNK D 827 48.31 56.64 -21.78
N UNK D 828 48.89 55.55 -22.27
CA UNK D 828 50.29 55.24 -22.00
C UNK D 828 50.99 54.74 -23.26
N UNK D 829 51.98 55.50 -23.72
CA UNK D 829 52.74 55.10 -24.91
C UNK D 829 53.77 54.05 -24.54
N UNK D 830 53.27 52.86 -24.19
CA UNK D 830 54.12 51.83 -23.64
C UNK D 830 55.04 51.20 -24.69
N UNK D 831 56.19 50.72 -24.24
CA UNK D 831 57.11 49.95 -25.08
C UNK D 831 57.90 48.98 -24.19
N UNK D 832 58.06 47.74 -24.65
CA UNK D 832 58.73 46.73 -23.85
C UNK D 832 59.22 45.55 -24.67
N UNK D 833 60.18 44.82 -24.13
CA UNK D 833 60.70 43.63 -24.77
C UNK D 833 60.61 42.45 -23.82
N UNK D 834 59.39 42.01 -23.56
CA UNK D 834 59.15 40.88 -22.66
C UNK D 834 59.52 39.58 -23.35
N UNK D 835 58.62 38.61 -23.32
CA UNK D 835 58.84 37.37 -24.06
C UNK D 835 58.88 37.72 -25.55
N UNK D 836 58.08 38.70 -25.94
CA UNK D 836 58.15 39.31 -27.25
C UNK D 836 59.26 40.36 -27.30
N UNK D 837 59.75 40.64 -28.50
CA UNK D 837 60.77 41.67 -28.68
C UNK D 837 60.21 43.06 -28.43
N UNK D 838 60.99 44.08 -28.78
CA UNK D 838 60.56 45.46 -28.58
C UNK D 838 59.32 45.75 -29.40
N UNK D 839 58.42 46.56 -28.85
CA UNK D 839 57.15 46.86 -29.50
C UNK D 839 56.64 48.21 -29.07
N UNK D 840 55.70 48.76 -29.84
CA UNK D 840 55.10 50.05 -29.51
C UNK D 840 53.58 49.95 -29.52
N UNK D 841 52.97 50.18 -28.35
CA UNK D 841 51.52 50.07 -28.21
C UNK D 841 50.98 51.03 -27.16
N UNK D 842 49.71 51.38 -27.31
CA UNK D 842 49.04 52.31 -26.40
C UNK D 842 47.93 51.64 -25.63
N UNK D 843 47.75 52.03 -24.38
CA UNK D 843 46.69 51.49 -23.55
C UNK D 843 46.06 52.58 -22.70
N UNK D 844 44.75 52.73 -22.83
CA UNK D 844 44.01 53.71 -22.03
C UNK D 844 44.00 53.33 -20.56
N UNK D 845 44.09 54.33 -19.70
CA UNK D 845 44.13 54.09 -18.26
C UNK D 845 42.74 53.77 -17.73
N UNK D 851 22.06 64.38 -34.12
CA UNK D 851 21.62 64.08 -32.76
C UNK D 851 21.29 65.35 -32.00
N UNK D 852 20.06 65.49 -31.56
CA UNK D 852 19.64 66.68 -30.85
C UNK D 852 20.39 66.85 -29.53
N UNK D 853 20.87 68.06 -29.29
CA UNK D 853 21.55 68.38 -28.04
C UNK D 853 20.60 68.34 -26.84
N UNK D 854 21.05 67.74 -25.75
CA UNK D 854 20.27 67.63 -24.53
C UNK D 854 21.08 66.93 -23.45
N UNK D 855 20.63 65.74 -23.06
CA UNK D 855 21.25 64.96 -22.00
C UNK D 855 20.94 63.47 -22.21
N UNK D 856 21.56 62.61 -21.42
CA UNK D 856 21.31 61.18 -21.55
C UNK D 856 21.51 60.45 -20.23
N UNK D 858 26.53 57.97 -24.19
CA UNK D 858 26.11 58.63 -22.97
C UNK D 858 27.24 58.65 -21.96
N UNK D 859 27.84 57.49 -21.72
CA UNK D 859 28.92 57.40 -20.76
C UNK D 859 30.05 58.26 -21.25
N UNK D 860 30.24 58.28 -22.57
CA UNK D 860 31.27 59.10 -23.16
C UNK D 860 30.99 60.56 -23.00
N UNK D 861 29.72 60.94 -23.10
CA UNK D 861 29.35 62.33 -22.87
C UNK D 861 29.60 62.71 -21.44
N UNK D 862 29.19 61.83 -20.54
CA UNK D 862 29.29 62.11 -19.12
C UNK D 862 30.73 62.37 -18.76
N UNK D 863 31.55 61.43 -19.18
CA UNK D 863 32.94 61.48 -18.83
C UNK D 863 33.58 62.68 -19.49
N UNK D 864 33.09 63.01 -20.69
CA UNK D 864 33.65 64.13 -21.42
C UNK D 864 33.39 65.45 -20.73
N UNK D 865 32.24 65.54 -20.06
CA UNK D 865 31.96 66.72 -19.28
C UNK D 865 32.63 66.60 -17.92
N UNK D 866 33.12 65.40 -17.64
CA UNK D 866 33.67 65.11 -16.32
C UNK D 866 35.16 65.36 -16.22
N UNK D 867 35.96 64.41 -16.71
CA UNK D 867 37.39 64.40 -16.42
C UNK D 867 38.11 65.64 -16.93
N UNK D 868 37.66 66.16 -18.06
CA UNK D 868 38.17 67.42 -18.62
C UNK D 868 39.70 67.49 -18.68
N UNK D 869 40.29 67.13 -19.82
CA UNK D 869 39.55 66.86 -21.05
C UNK D 869 40.21 65.77 -21.90
N UNK D 870 39.46 65.30 -22.89
CA UNK D 870 39.93 64.34 -23.88
C UNK D 870 40.24 62.97 -23.31
N UNK D 871 39.31 62.05 -23.56
CA UNK D 871 39.51 60.65 -23.24
C UNK D 871 38.92 59.83 -24.35
N UNK D 872 39.26 58.55 -24.39
CA UNK D 872 38.89 57.73 -25.52
C UNK D 872 38.25 56.43 -25.07
N UNK D 873 37.41 55.85 -25.91
CA UNK D 873 36.73 54.62 -25.59
C UNK D 873 36.45 53.79 -26.83
N UNK D 874 36.65 52.48 -26.71
CA UNK D 874 36.50 51.58 -27.84
C UNK D 874 36.22 50.18 -27.34
N UNK D 875 35.88 49.27 -28.24
CA UNK D 875 35.53 47.92 -27.86
C UNK D 875 34.03 47.71 -27.95
N UNK D 876 33.54 46.62 -27.37
CA UNK D 876 34.37 45.69 -26.61
C UNK D 876 35.07 44.65 -27.48
N UNK D 877 34.38 44.19 -28.52
CA UNK D 877 34.90 43.14 -29.40
C UNK D 877 35.39 41.92 -28.63
N UNK D 880 33.88 42.78 -32.63
CA UNK D 880 32.92 43.66 -33.27
C UNK D 880 33.61 44.91 -33.83
N UNK D 881 32.83 45.77 -34.49
CA UNK D 881 33.36 47.00 -35.07
C UNK D 881 33.90 47.91 -33.97
N UNK D 882 34.98 48.64 -34.28
CA UNK D 882 35.68 49.40 -33.26
C UNK D 882 35.67 50.91 -33.49
N UNK D 883 34.77 51.61 -32.81
CA UNK D 883 34.77 53.07 -32.84
C UNK D 883 35.98 53.63 -32.11
N UNK D 884 36.54 54.72 -32.63
CA UNK D 884 37.59 55.41 -31.93
C UNK D 884 37.07 56.77 -31.47
N UNK D 885 36.08 56.75 -30.60
CA UNK D 885 35.46 57.97 -30.10
C UNK D 885 36.46 58.81 -29.32
N UNK D 886 36.39 60.12 -29.50
CA UNK D 886 37.31 61.03 -28.82
C UNK D 886 36.67 62.38 -28.58
N UNK D 889 34.56 63.32 -31.94
CA UNK D 889 35.18 62.68 -33.09
C UNK D 889 35.36 61.19 -32.84
N UNK D 890 35.17 60.39 -33.88
CA UNK D 890 35.28 58.94 -33.76
C UNK D 890 35.83 58.30 -35.02
N UNK D 891 37.12 57.98 -35.02
CA UNK D 891 37.71 57.24 -36.12
C UNK D 891 37.17 55.82 -36.04
N UNK D 892 35.90 55.68 -36.39
CA UNK D 892 35.15 54.49 -36.05
C UNK D 892 35.46 53.33 -36.98
N UNK D 893 36.49 52.57 -36.63
CA UNK D 893 36.85 51.40 -37.40
C UNK D 893 35.72 50.38 -37.36
N UNK D 894 35.49 49.73 -38.49
CA UNK D 894 34.53 48.65 -38.55
C UNK D 894 35.19 47.37 -38.07
N UNK D 895 36.51 47.43 -37.87
CA UNK D 895 37.28 46.25 -37.55
C UNK D 895 38.61 46.55 -36.86
N UNK D 896 39.66 45.84 -37.29
CA UNK D 896 40.95 45.87 -36.63
C UNK D 896 41.68 47.22 -36.70
N UNK D 897 41.38 48.01 -37.72
CA UNK D 897 42.12 49.27 -37.94
C UNK D 897 41.82 50.32 -36.87
N UNK D 902 41.63 42.90 -30.55
CA UNK D 902 42.48 41.74 -30.38
C UNK D 902 43.36 41.51 -31.60
N UNK D 903 42.78 41.76 -32.78
CA UNK D 903 43.54 41.64 -34.03
C UNK D 903 44.69 42.63 -34.05
N UNK D 904 44.48 43.74 -33.36
CA UNK D 904 45.47 44.79 -33.28
C UNK D 904 46.69 44.32 -32.52
N UNK D 905 46.55 43.24 -31.75
CA UNK D 905 47.69 42.65 -31.07
C UNK D 905 48.60 41.93 -32.05
N UNK D 906 48.00 41.16 -32.95
CA UNK D 906 48.77 40.52 -34.01
C UNK D 906 49.35 41.60 -34.92
N UNK D 907 48.60 42.69 -35.06
CA UNK D 907 49.10 43.83 -35.80
C UNK D 907 50.30 44.42 -35.08
N UNK D 908 50.29 44.35 -33.75
CA UNK D 908 51.43 44.79 -32.97
C UNK D 908 52.58 43.84 -33.18
N UNK D 909 52.27 42.58 -33.48
CA UNK D 909 53.31 41.64 -33.85
C UNK D 909 53.92 42.06 -35.17
N UNK D 910 53.10 42.63 -36.05
CA UNK D 910 53.62 43.24 -37.27
C UNK D 910 54.42 44.49 -36.91
N UNK D 911 54.04 45.12 -35.81
CA UNK D 911 54.71 46.33 -35.33
C UNK D 911 56.08 46.00 -34.81
N UNK D 912 56.30 44.73 -34.45
CA UNK D 912 57.63 44.28 -34.10
C UNK D 912 58.51 44.49 -35.32
N UNK D 913 57.89 44.34 -36.50
CA UNK D 913 58.55 44.68 -37.75
C UNK D 913 58.35 46.15 -38.12
N UNK D 914 57.45 46.83 -37.41
CA UNK D 914 57.17 48.23 -37.73
C UNK D 914 57.66 49.19 -36.65
N UNK D 915 58.23 48.65 -35.57
CA UNK D 915 58.75 49.48 -34.48
C UNK D 915 59.71 48.71 -33.58
N UNK D 916 60.55 49.45 -32.86
CA UNK D 916 61.46 48.86 -31.88
C UNK D 916 61.96 49.93 -30.91
N UNK D 917 62.43 49.50 -29.74
CA UNK D 917 62.91 50.42 -28.72
C UNK D 917 63.97 49.78 -27.84
N UNK D 918 64.85 50.60 -27.27
CA UNK D 918 65.94 50.12 -26.43
C UNK D 918 65.93 50.82 -25.07
N UNK D 930 57.04 52.92 -35.90
CA UNK D 930 57.31 54.34 -35.75
C UNK D 930 56.19 55.16 -36.36
N UNK D 931 56.46 55.78 -37.51
CA UNK D 931 55.45 56.53 -38.22
C UNK D 931 54.33 55.59 -38.65
N UNK D 932 54.68 54.32 -38.77
CA UNK D 932 53.69 53.31 -39.09
C UNK D 932 52.63 53.25 -38.02
N UNK D 933 53.01 53.52 -36.77
CA UNK D 933 52.04 53.61 -35.70
C UNK D 933 51.14 54.81 -35.90
N UNK D 934 51.68 55.88 -36.47
CA UNK D 934 50.85 57.03 -36.81
C UNK D 934 49.88 56.65 -37.89
N UNK D 935 50.29 55.68 -38.70
CA UNK D 935 49.43 55.11 -39.72
C UNK D 935 48.49 54.06 -39.11
N UNK D 936 48.74 53.72 -37.86
CA UNK D 936 47.86 52.82 -37.13
C UNK D 936 46.74 53.63 -36.49
N UNK D 937 47.12 54.78 -35.94
CA UNK D 937 46.15 55.75 -35.47
C UNK D 937 45.37 56.26 -36.67
N UNK D 938 46.04 56.30 -37.81
CA UNK D 938 45.42 56.72 -39.06
C UNK D 938 44.70 55.56 -39.74
N UNK D 939 44.89 54.35 -39.21
CA UNK D 939 44.29 53.17 -39.81
C UNK D 939 42.76 53.24 -39.71
N UNK D 940 42.26 53.94 -38.70
CA UNK D 940 40.83 54.13 -38.53
C UNK D 940 40.41 55.57 -38.80
N UNK D 950 47.65 51.42 -32.19
CA UNK D 950 47.00 50.31 -31.49
C UNK D 950 46.55 50.75 -30.10
N UNK D 951 45.35 50.32 -29.72
CA UNK D 951 44.83 50.61 -28.39
C UNK D 951 44.41 49.30 -27.73
N UNK D 952 45.38 48.60 -27.20
CA UNK D 952 45.10 47.41 -26.42
C UNK D 952 44.57 47.83 -25.06
N UNK D 953 43.73 46.98 -24.46
CA UNK D 953 43.32 47.16 -23.09
C UNK D 953 42.80 45.84 -22.52
N UNK D 954 43.15 45.56 -21.27
CA UNK D 954 42.90 44.26 -20.67
C UNK D 954 42.05 44.40 -19.41
N CYS D 977 48.09 38.49 -19.09
CA CYS D 977 48.81 37.82 -18.01
C CYS D 977 50.19 38.43 -17.83
N ILE D 978 51.07 38.17 -18.79
CA ILE D 978 52.37 38.82 -18.80
C ILE D 978 52.15 40.31 -19.02
N THR D 979 51.15 40.62 -19.83
CA THR D 979 50.74 42.00 -19.99
C THR D 979 50.21 42.52 -18.67
N GLU D 980 49.61 41.62 -17.89
CA GLU D 980 49.11 41.96 -16.56
C GLU D 980 50.24 41.96 -15.55
N GLN D 981 51.39 41.44 -15.95
CA GLN D 981 52.58 41.52 -15.14
C GLN D 981 53.21 42.89 -15.33
N THR D 982 53.26 43.31 -16.59
CA THR D 982 53.71 44.66 -16.91
C THR D 982 52.74 45.63 -16.27
N GLN D 983 51.47 45.22 -16.22
CA GLN D 983 50.45 45.99 -15.55
C GLN D 983 50.68 45.95 -14.03
N TYR D 984 51.25 44.87 -13.55
CA TYR D 984 51.48 44.75 -12.12
C TYR D 984 52.56 45.76 -11.73
N PHE D 985 53.58 45.85 -12.58
CA PHE D 985 54.62 46.85 -12.39
C PHE D 985 54.05 48.24 -12.56
N PHE D 986 53.06 48.36 -13.45
CA PHE D 986 52.41 49.63 -13.67
C PHE D 986 51.64 50.05 -12.42
N ASP D 987 51.17 49.05 -11.69
CA ASP D 987 50.50 49.27 -10.43
C ASP D 987 51.53 49.67 -9.39
N ASN D 988 52.71 49.06 -9.49
CA ASN D 988 53.79 49.40 -8.61
C ASN D 988 54.21 50.83 -8.87
N ASP D 989 53.98 51.29 -10.09
CA ASP D 989 54.23 52.67 -10.47
C ASP D 989 52.92 53.41 -10.63
N ASP D 998 47.16 51.15 -12.41
CA ASP D 998 47.15 52.19 -11.39
C ASP D 998 46.30 51.81 -10.20
N CYS D 999 44.99 51.99 -10.33
CA CYS D 999 44.10 51.92 -9.19
C CYS D 999 43.27 50.63 -9.13
N GLY D 1000 43.85 49.59 -8.54
CA GLY D 1000 43.10 48.38 -8.29
C GLY D 1000 42.01 48.73 -7.30
N ASN D 1001 40.75 48.48 -7.67
CA ASN D 1001 39.63 48.90 -6.83
C ASN D 1001 38.44 47.97 -6.96
N CYS D 1002 38.24 47.12 -5.98
CA CYS D 1002 37.06 46.27 -5.99
C CYS D 1002 35.85 47.18 -5.91
N SER D 1003 34.81 46.84 -6.65
CA SER D 1003 33.61 47.65 -6.64
C SER D 1003 32.41 46.77 -6.92
N ARG D 1004 31.80 46.28 -5.85
CA ARG D 1004 30.66 45.41 -5.99
C ARG D 1004 29.46 46.13 -6.56
N ILE D 1005 28.71 45.41 -7.39
CA ILE D 1005 27.39 45.82 -7.83
C ILE D 1005 26.44 44.70 -7.51
N PHE D 1006 25.37 45.04 -6.82
CA PHE D 1006 24.42 44.04 -6.34
C PHE D 1006 23.42 43.73 -7.44
N HIS D 1007 23.46 44.54 -8.49
CA HIS D 1007 22.47 44.49 -9.55
C HIS D 1007 22.88 43.46 -10.58
N VAL D 1008 23.09 43.91 -11.82
CA VAL D 1008 23.60 43.10 -12.92
C VAL D 1008 22.70 41.86 -13.05
N GLU D 1009 23.15 40.80 -13.73
CA GLU D 1009 22.35 39.61 -13.86
C GLU D 1009 22.19 38.94 -12.50
N LYS D 1010 21.21 39.41 -11.73
CA LYS D 1010 20.86 38.82 -10.43
C LYS D 1010 22.03 38.75 -9.46
N LEU D 1011 23.15 38.19 -9.90
CA LEU D 1011 24.26 37.92 -9.01
C LEU D 1011 25.07 39.18 -8.70
N MET D 1012 25.70 39.16 -7.54
CA MET D 1012 26.28 40.34 -6.93
C MET D 1012 27.69 40.60 -7.44
N ASN D 1013 27.81 40.94 -8.72
CA ASN D 1013 29.12 40.93 -9.35
C ASN D 1013 30.11 41.97 -8.85
N THR D 1014 31.34 41.54 -8.59
CA THR D 1014 32.40 42.47 -8.24
C THR D 1014 32.97 43.10 -9.49
N ASN D 1015 33.48 44.31 -9.35
CA ASN D 1015 34.11 44.99 -10.47
C ASN D 1015 35.37 45.74 -10.07
N LEU D 1016 36.52 45.15 -10.32
CA LEU D 1016 37.74 45.92 -10.33
C LEU D 1016 37.65 46.86 -11.52
N ILE D 1017 38.14 48.07 -11.33
CA ILE D 1017 38.34 49.00 -12.43
C ILE D 1017 39.58 49.84 -12.09
N PHE D 1018 40.42 50.13 -13.08
CA PHE D 1018 41.67 50.81 -12.74
C PHE D 1018 41.70 52.25 -13.22
N ILE D 1019 42.29 53.13 -12.41
CA ILE D 1019 42.39 54.54 -12.77
C ILE D 1019 43.82 54.94 -13.08
N PRO D 1028 40.19 41.92 -14.61
CA PRO D 1028 40.16 42.85 -15.73
C PRO D 1028 38.74 43.09 -16.20
N CYS D 1029 37.87 42.12 -15.91
CA CYS D 1029 36.50 42.16 -16.38
C CYS D 1029 35.56 41.57 -15.34
N ASP D 1030 34.26 41.79 -15.54
CA ASP D 1030 33.27 41.37 -14.57
C ASP D 1030 33.33 39.87 -14.36
N THR D 1031 33.28 39.46 -13.10
CA THR D 1031 33.32 38.05 -12.77
C THR D 1031 32.12 37.71 -11.92
N ARG D 1032 32.26 36.68 -11.10
CA ARG D 1032 31.15 36.20 -10.30
C ARG D 1032 30.89 37.09 -9.11
N LEU D 1033 30.67 36.49 -7.96
CA LEU D 1033 30.29 37.23 -6.76
C LEU D 1033 30.71 36.50 -5.51
N LEU D 1034 30.95 37.25 -4.43
CA LEU D 1034 31.28 36.64 -3.16
C LEU D 1034 31.29 37.62 -1.99
N ILE D 1035 31.25 37.05 -0.80
CA ILE D 1035 31.71 37.68 0.44
C ILE D 1035 30.92 38.90 0.93
N GLN D 1036 30.90 39.01 2.26
CA GLN D 1036 30.27 40.08 3.02
C GLN D 1036 30.32 39.66 4.48
N ALA D 1037 29.19 39.15 4.98
CA ALA D 1037 29.12 38.59 6.34
C ALA D 1037 29.51 39.61 7.39
N GLU D 1038 30.78 40.01 7.34
CA GLU D 1038 31.37 41.01 8.23
C GLU D 1038 31.49 40.55 9.67
N GLN D 1039 32.39 41.20 10.40
CA GLN D 1039 32.53 40.98 11.83
C GLN D 1039 32.19 42.28 12.55
N THR D 1040 32.98 43.32 12.28
CA THR D 1040 32.68 44.64 12.77
C THR D 1040 31.42 45.18 12.09
N SER D 1041 30.53 45.77 12.88
CA SER D 1041 29.29 46.31 12.35
C SER D 1041 29.38 47.82 12.28
N ASP D 1042 28.53 48.42 11.45
CA ASP D 1042 28.53 49.86 11.28
C ASP D 1042 27.18 50.36 10.77
N GLY D 1043 27.16 51.63 10.39
CA GLY D 1043 25.96 52.29 9.90
C GLY D 1043 24.83 52.25 10.92
N PRO D 1044 24.70 53.32 11.70
CA PRO D 1044 23.71 53.35 12.76
C PRO D 1044 22.31 53.26 12.19
N ASP D 1045 21.49 52.40 12.78
CA ASP D 1045 20.09 52.31 12.42
C ASP D 1045 19.30 53.25 13.31
N PRO D 1046 18.03 53.48 12.97
CA PRO D 1046 17.21 54.37 13.77
C PRO D 1046 15.74 53.99 13.68
N CYS D 1047 14.92 54.58 14.55
CA CYS D 1047 13.48 54.39 14.54
C CYS D 1047 12.82 55.46 15.40
N ASP D 1048 12.89 55.26 16.71
CA ASP D 1048 12.45 56.25 17.70
C ASP D 1048 11.01 56.69 17.50
N MET D 1049 10.13 55.74 17.21
CA MET D 1049 8.73 56.08 17.00
C MET D 1049 7.82 54.89 17.26
N VAL D 1050 6.59 55.19 17.67
CA VAL D 1050 5.58 54.18 17.94
C VAL D 1050 6.10 53.09 18.89
N LYS D 1051 6.40 51.94 18.32
CA LYS D 1051 6.90 50.80 19.09
C LYS D 1051 5.97 50.45 20.24
N GLN D 1052 4.66 50.55 19.99
CA GLN D 1052 3.68 50.23 21.02
C GLN D 1052 3.80 48.77 21.41
N PRO D 1053 3.76 48.51 22.71
CA PRO D 1053 3.97 47.16 23.22
C PRO D 1053 3.40 47.03 24.63
N ARG D 1054 3.32 48.14 25.34
CA ARG D 1054 2.69 48.16 26.66
C ARG D 1054 1.21 47.90 26.50
N TYR D 1055 0.62 47.20 27.47
CA TYR D 1055 -0.77 46.81 27.37
C TYR D 1055 -1.45 46.78 28.73
N ARG D 1056 -2.78 46.72 28.72
CA ARG D 1056 -3.55 46.66 29.95
C ARG D 1056 -4.59 45.54 29.92
N LYS D 1057 -4.66 44.80 28.80
CA LYS D 1057 -5.64 43.74 28.67
C LYS D 1057 -5.26 42.71 27.61
N GLY D 1058 -4.22 41.94 27.89
CA GLY D 1058 -3.83 40.85 27.00
C GLY D 1058 -4.69 39.63 27.31
N PRO D 1059 -5.81 39.50 26.60
CA PRO D 1059 -6.77 38.45 26.88
C PRO D 1059 -6.11 37.09 26.75
N ASP D 1060 -6.39 36.21 27.70
CA ASP D 1060 -5.78 34.90 27.71
C ASP D 1060 -6.56 33.95 26.81
N VAL D 1061 -6.89 34.41 25.61
CA VAL D 1061 -7.60 33.56 24.67
C VAL D 1061 -6.74 32.36 24.31
N CYS D 1062 -5.43 32.58 24.23
CA CYS D 1062 -4.44 31.59 23.80
C CYS D 1062 -4.95 30.75 22.64
N PHE D 1063 -4.48 29.52 22.52
CA PHE D 1063 -5.06 28.61 21.55
C PHE D 1063 -5.03 27.16 22.06
N ASP D 1064 -6.15 26.46 21.93
CA ASP D 1064 -7.38 27.03 21.40
C ASP D 1064 -8.32 27.44 22.53
#